data_4FHN
#
_entry.id   4FHN
#
_cell.length_a   329.999
_cell.length_b   329.999
_cell.length_c   350.262
_cell.angle_alpha   90.000
_cell.angle_beta   90.000
_cell.angle_gamma   120.000
#
_symmetry.space_group_name_H-M   'P 63 2 2'
#
loop_
_entity.id
_entity.type
_entity.pdbx_description
1 polymer 'NUCLEOPORIN NUP37'
2 polymer 'Nucleoporin nup120'
3 polymer 'Glutamate dehydrogenase'
#
loop_
_entity_poly.entity_id
_entity_poly.type
_entity_poly.pdbx_seq_one_letter_code
_entity_poly.pdbx_strand_id
1 'polypeptide(L)'
;PGSMTLSSNQYQLPLNVRPYTTTWCSQSPSCSNLLAIGHDTGITIYCASEEQTPGSTGLTLQELFTIQTGLPTLHLSFSS
SCSYSENLHDGDGNVNSSPVYSLFLACVCQDNTVRLIITKNETIITQHVLGGKSGHHNFVNDIDIADVYSADNRLAEQVI
ASVGDDCTLIIWRLTDEGPILAGYPLSSPGISVQFRPSNPNQLIVGERNGNIRIFDWTLNLSAEENSQTELVKNPWLLTL
NTLPLVNTCHSSGIASSLANVRWIGSDGSGILAMCKSGAWLRWNLFANNDYNEISDSTMKLGPKNLLPNVQGISLFPSLL
GACPHPRYMDYFATAHSQHGLIQLINTYEKDSNSIPIQLGMPIVDFCWHQDGSHLAIATEGSVLLTRLMGFTRL
;
A,C
2 'polypeptide(L)'
;PGSMNELKHAVVPIDLQSFCLEGTLALWVPALENDSEDDSEAIETADDNEKLFKKECVAYDAGVYTSNKSKGSQTLRWSI
FQNRTLTIFDVSLNSKKEPLSKFNVKIHFPSNVMKDGVAFSFSEHSDTTIIYAITHARVLYYIRLSKTWFQLPDARLDDD
WCLCYRPISFLNQKPDLMAAISTSEICVSFFNGGLTKIILNPKDASHYEQHIDDSSYLFSLKKYLSLQAFKADYRSPNTI
ISMIFLSTYNVLVMLSLDYKLKVLDLSTNQCVETIELSQTILPLQSFPYLTSDHTTNSFIALYYPDNSHGSFSIYKLNAN
AHSFKLNVVIEKGIIPPSLPDDEFIPWMLSDFQLISSEGSQSKFLLIIAWKSNLNTVIQKCNLSLDQDESFSCVWSHSLD
SFSLIEKTFFDVPTNMSSGDISEIWLQHIFAHNTSIESIQVALLSFQNSSSQVSKNKLDKFGALTISELKNAVLSSIVST
IQIEPNSDLTGYDYYEYKRLLYNEWERFAKLVAYLDHFGDEILSINFDPSNAVTYINYANKVAFIRDPYLIESFDEEPLT
KLISSLETDDPSLIEGYQILDLGRSLHSCMSFSTLSEIRYSLRELVQDLPSYSLFDTLWVFYDKHIYPNVDPDYISTLID
TLVSLENPMRDIDSLIQRLRSFDIYNHSAQSPSLFLCASVARVLDSILKKFQVSIEGFIFLLSLITSQQDYELQSKFAGC
DKLFLSLLEDWRLVSFLLENSALLLEKFEEEDVDSTNCNLNTMEALASVNTALQFFSALNYSECFSESQISPLHATVISS
LSAIFIRDDTENDLVTELVEKLFLFKQYNACMQLIGWLNSDPIAVYLKALIYLKSKEAVKAVRCFKTTSLVLYSHTSQFA
VLREFQEIAEKYHHQNLLSCYYLHLSKKLFEESAYIDALEFSLLADASKETDDEDLSIAITHETLKTACAAGKFDAAHVA
LMVLSTTPLKKSCLLDFVNQLTKQGKINQLLNYSMPTLRQDVDNLLERKAFQMINVESQPCWYNILFSWRYKHQNYRDAA
AIIYEKLSRYISTTELIGKKERTFIIEHYLIVLNTLELLPKEDTWILVTDMSVDKEPDPNFLPQKLLTLDAIVAEYHLQL
KDVAVQVTAEMSSAMNIDL
;
B,D
3 'polypeptide(L)'
;PGSMDQTYSLESFLNHVQKRDPNQTEFAQAVREVMTTLWPFLEQNPKYRQMSLLERLVEPERVIQFRVVWVDDRNQVQVN
RAWRVQFSSAIGPYKGGMRFHPSVNLSILKFLGFEQTFKNALTTLPMGGGKGGSDFDPKGKSEGEVMRFCQALMTELYRH
LGADTDVPAGDIGVGGREVGFMAGMMKKLSNNTACVFTGKGLSFGGSLIRPEATGYGLVYFTEAMLKRHGMGFEGMRVSV
SGSGNVAQYAIEKAMEFGARVITASDSSGTVVDESGFTKEKLARLIEIKSSRDGRVADYAKEFGLVYLEGQQPWSVPVDI
ALPCATQNELDVDAAHQLIANGVKAVAEGANMPTTIEATELFQQAGVLFAPGKAANAGGVATSGLEMAQNAARLGWKAEK
VDARLHHIMLDIHHACVEHGGEGEQTNYVQGANIAGFVKVADAMLAQGVI
;
X
#
# COMPACT_ATOMS: atom_id res chain seq x y z
N SER A 8 -1.37 27.18 -2.36
CA SER A 8 -2.54 28.03 -2.15
C SER A 8 -2.13 29.47 -1.85
N ASN A 9 -2.83 30.42 -2.46
CA ASN A 9 -2.74 31.81 -2.02
C ASN A 9 -4.05 32.27 -1.41
N GLN A 10 -3.98 33.07 -0.35
CA GLN A 10 -5.20 33.53 0.32
C GLN A 10 -5.37 35.04 0.26
N TYR A 11 -6.56 35.45 -0.14
CA TYR A 11 -6.90 36.86 -0.25
C TYR A 11 -8.08 37.16 0.66
N GLN A 12 -7.85 38.05 1.60
CA GLN A 12 -8.85 38.49 2.57
C GLN A 12 -9.96 39.32 1.91
N LEU A 13 -11.21 39.10 2.35
CA LEU A 13 -12.35 39.97 2.05
C LEU A 13 -12.32 41.03 3.16
N PRO A 14 -12.87 42.23 2.90
CA PRO A 14 -13.03 43.27 3.94
C PRO A 14 -13.60 42.72 5.26
N LEU A 15 -13.15 43.31 6.36
CA LEU A 15 -13.41 42.79 7.72
C LEU A 15 -14.88 42.59 8.12
N ASN A 16 -15.75 43.41 7.56
CA ASN A 16 -17.18 43.35 7.85
C ASN A 16 -17.98 42.72 6.72
N VAL A 17 -17.27 42.04 5.83
CA VAL A 17 -17.92 41.37 4.72
C VAL A 17 -18.08 39.88 4.94
N ARG A 18 -19.35 39.47 5.00
CA ARG A 18 -19.72 38.08 5.14
C ARG A 18 -20.13 37.60 3.77
N PRO A 19 -19.39 36.63 3.22
CA PRO A 19 -19.69 36.12 1.89
C PRO A 19 -20.85 35.13 1.93
N TYR A 20 -21.62 35.05 0.84
CA TYR A 20 -22.73 34.11 0.73
C TYR A 20 -22.53 33.27 -0.54
N THR A 21 -21.84 33.81 -1.53
CA THR A 21 -21.74 33.18 -2.85
C THR A 21 -20.53 33.62 -3.65
N THR A 22 -20.00 32.69 -4.43
CA THR A 22 -18.79 32.92 -5.20
C THR A 22 -18.92 32.26 -6.57
N THR A 23 -18.64 33.03 -7.62
CA THR A 23 -18.76 32.53 -8.98
C THR A 23 -17.76 33.18 -9.94
N TRP A 24 -17.13 32.37 -10.80
CA TRP A 24 -16.29 32.91 -11.86
C TRP A 24 -17.11 33.31 -13.06
N CYS A 25 -16.61 34.31 -13.79
CA CYS A 25 -17.26 34.74 -15.00
C CYS A 25 -16.87 33.88 -16.21
N SER A 26 -17.10 32.58 -16.07
CA SER A 26 -16.77 31.63 -17.13
C SER A 26 -17.71 31.81 -18.33
N GLN A 27 -18.92 32.31 -18.05
CA GLN A 27 -19.97 32.51 -19.07
C GLN A 27 -19.61 33.48 -20.20
N SER A 28 -18.55 34.26 -20.00
CA SER A 28 -18.17 35.29 -20.97
C SER A 28 -16.65 35.42 -21.04
N PRO A 29 -16.06 35.03 -22.19
CA PRO A 29 -14.61 34.92 -22.30
C PRO A 29 -13.91 36.27 -22.13
N SER A 30 -14.50 37.35 -22.63
CA SER A 30 -13.97 38.70 -22.38
C SER A 30 -13.71 39.02 -20.89
N CYS A 31 -14.44 38.38 -19.98
CA CYS A 31 -14.38 38.74 -18.55
C CYS A 31 -14.07 37.58 -17.60
N SER A 32 -13.54 36.47 -18.12
CA SER A 32 -13.39 35.26 -17.30
C SER A 32 -12.41 35.36 -16.13
N ASN A 33 -11.67 36.46 -16.05
CA ASN A 33 -10.81 36.66 -14.90
C ASN A 33 -11.50 37.50 -13.83
N LEU A 34 -12.78 37.80 -14.05
CA LEU A 34 -13.56 38.53 -13.06
C LEU A 34 -14.19 37.57 -12.05
N LEU A 35 -14.04 37.87 -10.77
CA LEU A 35 -14.69 37.10 -9.71
C LEU A 35 -15.65 37.98 -8.91
N ALA A 36 -16.88 37.53 -8.70
CA ALA A 36 -17.83 38.28 -7.87
C ALA A 36 -18.10 37.57 -6.55
N ILE A 37 -18.11 38.33 -5.45
CA ILE A 37 -18.54 37.82 -4.16
C ILE A 37 -19.78 38.58 -3.74
N GLY A 38 -20.90 37.88 -3.63
CA GLY A 38 -22.08 38.46 -3.04
C GLY A 38 -22.02 38.40 -1.53
N HIS A 39 -22.26 39.54 -0.89
CA HIS A 39 -22.20 39.62 0.56
C HIS A 39 -23.31 40.49 1.11
N ASP A 40 -23.15 40.92 2.35
CA ASP A 40 -24.25 41.51 3.11
C ASP A 40 -24.54 42.94 2.70
N THR A 41 -23.60 43.56 1.98
CA THR A 41 -23.81 44.92 1.49
C THR A 41 -23.65 45.08 -0.03
N GLY A 42 -23.35 43.99 -0.74
CA GLY A 42 -23.29 44.03 -2.21
C GLY A 42 -22.53 42.93 -2.90
N ILE A 43 -21.80 43.31 -3.97
CA ILE A 43 -21.11 42.35 -4.82
C ILE A 43 -19.73 42.94 -5.10
N THR A 44 -18.68 42.22 -4.70
CA THR A 44 -17.29 42.65 -4.95
C THR A 44 -16.58 41.96 -6.13
N ILE A 45 -15.89 42.75 -6.96
CA ILE A 45 -15.20 42.21 -8.12
C ILE A 45 -13.66 42.18 -7.96
N TYR A 46 -13.09 41.00 -8.19
CA TYR A 46 -11.64 40.74 -8.17
C TYR A 46 -11.13 40.31 -9.55
N CYS A 47 -9.84 40.55 -9.81
CA CYS A 47 -9.19 40.07 -11.03
C CYS A 47 -8.05 39.08 -10.76
N ALA A 48 -8.07 37.97 -11.49
CA ALA A 48 -7.03 36.95 -11.41
C ALA A 48 -5.96 37.11 -12.49
N SER A 49 -4.69 37.20 -12.08
CA SER A 49 -3.62 37.45 -13.03
C SER A 49 -2.46 36.47 -12.84
N GLU A 50 -1.85 36.06 -13.94
CA GLU A 50 -0.58 35.34 -13.91
C GLU A 50 0.65 36.16 -13.54
N GLU A 51 1.13 36.01 -12.30
CA GLU A 51 2.22 36.86 -11.82
C GLU A 51 3.45 36.11 -12.35
N GLN A 52 4.66 36.47 -11.94
CA GLN A 52 5.72 35.49 -12.16
C GLN A 52 5.52 34.43 -11.09
N THR A 53 5.25 34.87 -9.85
CA THR A 53 5.07 33.96 -8.71
C THR A 53 6.16 32.88 -8.65
N PRO A 54 5.91 31.81 -7.89
CA PRO A 54 6.56 30.60 -8.41
C PRO A 54 5.53 29.85 -9.25
N GLY A 55 5.96 29.21 -10.34
CA GLY A 55 5.02 28.38 -11.07
C GLY A 55 4.63 27.14 -10.28
N SER A 56 4.10 27.44 -9.11
CA SER A 56 3.39 26.52 -8.25
C SER A 56 1.92 26.85 -8.37
N THR A 57 1.50 27.87 -7.61
CA THR A 57 0.43 28.78 -8.01
C THR A 57 0.88 29.98 -8.87
N GLY A 58 1.10 29.75 -10.16
CA GLY A 58 1.19 30.84 -11.12
C GLY A 58 -0.15 31.48 -11.41
N LEU A 59 -0.72 32.08 -10.38
CA LEU A 59 -1.98 32.85 -10.44
C LEU A 59 -2.25 33.55 -9.13
N THR A 60 -2.41 34.86 -9.19
CA THR A 60 -2.66 35.64 -7.98
C THR A 60 -3.97 36.41 -8.17
N LEU A 61 -4.56 36.82 -7.07
CA LEU A 61 -5.82 37.56 -7.11
C LEU A 61 -5.57 39.03 -6.81
N GLN A 62 -6.11 39.90 -7.66
CA GLN A 62 -6.09 41.33 -7.40
C GLN A 62 -7.52 41.82 -7.20
N GLU A 63 -7.78 42.39 -6.04
CA GLU A 63 -9.08 42.98 -5.76
C GLU A 63 -9.25 44.26 -6.56
N LEU A 64 -10.29 44.31 -7.39
CA LEU A 64 -10.49 45.47 -8.25
C LEU A 64 -11.37 46.52 -7.58
N PHE A 65 -12.58 46.12 -7.18
CA PHE A 65 -13.51 47.07 -6.58
C PHE A 65 -14.68 46.42 -5.86
N THR A 66 -15.53 47.26 -5.28
CA THR A 66 -16.70 46.76 -4.58
C THR A 66 -17.95 47.53 -5.00
N ILE A 67 -18.93 46.79 -5.54
CA ILE A 67 -20.25 47.34 -5.82
C ILE A 67 -21.15 47.29 -4.59
N GLN A 68 -21.49 48.46 -4.06
CA GLN A 68 -22.37 48.56 -2.90
C GLN A 68 -23.82 48.38 -3.35
N THR A 69 -24.58 47.51 -2.68
CA THR A 69 -26.01 47.40 -2.94
C THR A 69 -26.85 47.73 -1.68
N GLY A 70 -26.23 47.65 -0.51
CA GLY A 70 -26.93 47.83 0.76
C GLY A 70 -27.72 46.69 1.39
N LEU A 71 -27.74 45.54 0.73
CA LEU A 71 -28.39 44.37 1.29
C LEU A 71 -27.74 43.05 0.84
N PRO A 72 -28.03 41.93 1.54
CA PRO A 72 -27.32 40.68 1.25
C PRO A 72 -27.53 40.11 -0.15
N THR A 73 -26.46 39.56 -0.71
CA THR A 73 -26.48 38.87 -1.99
C THR A 73 -26.23 37.37 -1.82
N LEU A 74 -27.21 36.55 -2.20
CA LEU A 74 -27.18 35.13 -1.85
C LEU A 74 -26.81 34.22 -3.00
N HIS A 75 -27.09 34.70 -4.21
CA HIS A 75 -26.81 33.94 -5.42
C HIS A 75 -26.36 34.93 -6.46
N LEU A 76 -25.52 34.49 -7.39
CA LEU A 76 -24.86 35.44 -8.25
C LEU A 76 -24.48 34.76 -9.55
N SER A 77 -24.76 35.44 -10.65
CA SER A 77 -24.45 34.90 -11.97
C SER A 77 -24.06 36.02 -12.92
N PHE A 78 -22.91 35.87 -13.56
CA PHE A 78 -22.54 36.78 -14.63
C PHE A 78 -23.32 36.38 -15.89
N SER A 79 -23.46 37.34 -16.81
CA SER A 79 -24.05 37.07 -18.12
C SER A 79 -22.99 37.20 -19.20
N SER A 80 -23.30 36.70 -20.39
CA SER A 80 -22.42 36.83 -21.55
C SER A 80 -22.20 38.28 -22.01
N SER A 81 -23.11 39.17 -21.61
CA SER A 81 -23.03 40.59 -21.98
C SER A 81 -21.85 41.37 -21.37
N CYS A 82 -21.11 40.77 -20.44
CA CYS A 82 -19.96 41.43 -19.82
C CYS A 82 -18.84 41.83 -20.80
N SER A 83 -18.25 43.01 -20.59
CA SER A 83 -17.22 43.50 -21.51
C SER A 83 -16.20 44.40 -20.82
N TYR A 84 -15.03 44.56 -21.44
CA TYR A 84 -13.95 45.36 -20.87
C TYR A 84 -13.58 46.43 -21.88
N SER A 85 -13.08 47.56 -21.39
CA SER A 85 -12.76 48.71 -22.23
C SER A 85 -11.70 49.56 -21.55
N GLU A 86 -10.87 50.22 -22.34
CA GLU A 86 -9.94 51.22 -21.83
C GLU A 86 -10.10 52.59 -22.49
N PRO A 99 -9.49 52.46 -17.39
CA PRO A 99 -10.29 51.47 -18.13
C PRO A 99 -11.68 51.26 -17.53
N VAL A 100 -12.58 50.63 -18.27
CA VAL A 100 -13.98 50.55 -17.88
C VAL A 100 -14.52 49.13 -18.07
N TYR A 101 -15.07 48.56 -17.00
CA TYR A 101 -15.77 47.28 -17.06
C TYR A 101 -17.28 47.48 -17.20
N SER A 102 -17.88 46.89 -18.22
CA SER A 102 -19.33 46.91 -18.38
C SER A 102 -19.94 45.59 -17.92
N LEU A 103 -20.51 45.56 -16.71
CA LEU A 103 -21.06 44.34 -16.12
C LEU A 103 -22.60 44.17 -16.15
N PHE A 104 -23.05 42.91 -16.25
CA PHE A 104 -24.46 42.51 -16.10
C PHE A 104 -24.54 41.35 -15.09
N LEU A 105 -25.18 41.56 -13.93
CA LEU A 105 -25.23 40.51 -12.91
C LEU A 105 -26.67 40.16 -12.52
N ALA A 106 -27.01 38.87 -12.50
CA ALA A 106 -28.28 38.43 -11.89
C ALA A 106 -28.03 37.98 -10.45
N CYS A 107 -28.84 38.48 -9.51
CA CYS A 107 -28.76 38.05 -8.11
C CYS A 107 -30.05 38.08 -7.29
N VAL A 108 -30.02 37.49 -6.09
CA VAL A 108 -31.17 37.45 -5.18
C VAL A 108 -30.89 38.26 -3.91
N CYS A 109 -31.85 39.10 -3.50
CA CYS A 109 -31.72 39.95 -2.31
C CYS A 109 -32.62 39.64 -1.12
N GLN A 110 -32.25 40.19 0.03
CA GLN A 110 -32.94 39.96 1.30
C GLN A 110 -34.45 40.23 1.28
N ASP A 111 -34.90 41.05 0.34
CA ASP A 111 -36.32 41.36 0.23
C ASP A 111 -37.09 40.34 -0.60
N ASN A 112 -36.45 39.21 -0.86
CA ASN A 112 -37.03 38.13 -1.68
C ASN A 112 -37.31 38.53 -3.11
N THR A 113 -36.59 39.55 -3.58
CA THR A 113 -36.66 39.94 -4.96
C THR A 113 -35.55 39.29 -5.77
N VAL A 114 -35.77 39.18 -7.07
CA VAL A 114 -34.74 38.73 -7.99
C VAL A 114 -34.39 39.93 -8.85
N ARG A 115 -33.10 40.22 -9.00
CA ARG A 115 -32.70 41.45 -9.64
C ARG A 115 -31.66 41.22 -10.74
N LEU A 116 -31.68 42.11 -11.72
CA LEU A 116 -30.60 42.27 -12.69
C LEU A 116 -29.99 43.64 -12.60
N ILE A 117 -28.70 43.68 -12.25
CA ILE A 117 -27.99 44.92 -12.05
C ILE A 117 -26.95 45.14 -13.15
N ILE A 118 -27.03 46.27 -13.84
CA ILE A 118 -26.11 46.55 -14.93
C ILE A 118 -25.27 47.75 -14.52
N THR A 119 -23.95 47.56 -14.54
CA THR A 119 -23.01 48.55 -14.04
C THR A 119 -21.90 48.93 -15.01
N LYS A 120 -21.29 50.08 -14.73
CA LYS A 120 -19.99 50.45 -15.26
C LYS A 120 -19.11 50.58 -14.02
N ASN A 121 -18.18 49.63 -13.86
CA ASN A 121 -17.42 49.43 -12.62
C ASN A 121 -18.27 49.37 -11.33
N GLU A 122 -17.86 50.05 -10.27
CA GLU A 122 -18.59 49.95 -9.00
C GLU A 122 -19.93 50.69 -8.98
N THR A 123 -20.16 51.52 -9.98
CA THR A 123 -21.35 52.37 -10.03
C THR A 123 -22.48 51.62 -10.73
N ILE A 124 -23.61 51.48 -10.06
CA ILE A 124 -24.77 50.84 -10.66
C ILE A 124 -25.56 51.84 -11.48
N ILE A 125 -25.37 51.74 -12.79
CA ILE A 125 -26.01 52.63 -13.73
C ILE A 125 -27.45 52.23 -14.00
N THR A 126 -27.77 50.96 -13.82
CA THR A 126 -29.11 50.47 -14.14
C THR A 126 -29.53 49.29 -13.27
N GLN A 127 -30.79 49.24 -12.87
CA GLN A 127 -31.27 48.13 -12.06
C GLN A 127 -32.72 47.72 -12.34
N HIS A 128 -32.94 46.43 -12.58
CA HIS A 128 -34.28 45.86 -12.71
C HIS A 128 -34.65 44.93 -11.56
N VAL A 129 -35.84 45.11 -11.00
CA VAL A 129 -36.24 44.32 -9.85
C VAL A 129 -37.59 43.62 -10.04
N LEU A 130 -37.56 42.31 -9.85
CA LEU A 130 -38.75 41.47 -9.93
C LEU A 130 -39.08 40.94 -8.53
N GLY A 131 -40.10 41.47 -7.88
CA GLY A 131 -40.44 40.97 -6.55
C GLY A 131 -41.92 40.97 -6.17
N GLY A 132 -42.21 41.19 -4.89
CA GLY A 132 -43.56 41.15 -4.36
C GLY A 132 -44.36 39.92 -4.73
N LYS A 133 -45.60 40.14 -5.20
CA LYS A 133 -46.50 39.06 -5.59
C LYS A 133 -46.25 38.69 -7.04
N SER A 134 -45.70 39.64 -7.79
CA SER A 134 -45.43 39.40 -9.20
C SER A 134 -44.17 38.53 -9.29
N GLY A 135 -43.42 38.53 -8.19
CA GLY A 135 -42.18 37.79 -8.03
C GLY A 135 -42.48 36.49 -7.30
N HIS A 136 -41.47 35.90 -6.67
CA HIS A 136 -41.69 34.66 -5.93
C HIS A 136 -42.50 34.92 -4.67
N HIS A 137 -43.25 33.91 -4.23
CA HIS A 137 -44.17 34.08 -3.11
C HIS A 137 -43.61 33.37 -1.87
N ASN A 138 -42.33 33.02 -1.96
CA ASN A 138 -41.59 32.42 -0.86
C ASN A 138 -40.11 32.66 -1.11
N PHE A 139 -39.27 31.90 -0.42
CA PHE A 139 -37.83 32.05 -0.53
C PHE A 139 -37.34 31.63 -1.91
N VAL A 140 -36.43 32.41 -2.48
CA VAL A 140 -35.84 32.05 -3.77
C VAL A 140 -34.60 31.21 -3.56
N ASN A 141 -34.53 30.06 -4.22
CA ASN A 141 -33.44 29.13 -3.96
C ASN A 141 -32.35 29.16 -5.00
N ASP A 142 -32.66 29.64 -6.20
CA ASP A 142 -31.61 29.65 -7.23
C ASP A 142 -31.94 30.52 -8.45
N ILE A 143 -30.90 30.94 -9.16
CA ILE A 143 -31.04 31.82 -10.32
C ILE A 143 -29.94 31.50 -11.35
N ASP A 144 -30.22 31.80 -12.62
CA ASP A 144 -29.21 31.72 -13.68
C ASP A 144 -29.56 32.64 -14.86
N ILE A 145 -28.55 32.96 -15.68
CA ILE A 145 -28.78 33.89 -16.79
C ILE A 145 -28.05 33.53 -18.10
N ALA A 146 -28.69 33.82 -19.24
CA ALA A 146 -28.14 33.55 -20.57
C ALA A 146 -28.59 34.62 -21.53
N ASP A 147 -27.74 34.96 -22.49
CA ASP A 147 -28.12 35.93 -23.51
C ASP A 147 -28.64 35.21 -24.76
N VAL A 148 -29.83 35.62 -25.23
CA VAL A 148 -30.44 35.07 -26.44
C VAL A 148 -30.46 36.09 -27.58
N TYR A 149 -29.89 35.70 -28.71
CA TYR A 149 -29.77 36.57 -29.88
C TYR A 149 -30.73 36.13 -30.99
N SER A 150 -31.17 37.09 -31.80
CA SER A 150 -32.07 36.81 -32.91
C SER A 150 -31.32 36.16 -34.07
N ALA A 151 -31.94 36.12 -35.24
CA ALA A 151 -31.28 35.61 -36.44
C ALA A 151 -30.32 36.62 -37.04
N ASP A 152 -30.70 37.89 -36.97
CA ASP A 152 -29.83 38.99 -37.34
C ASP A 152 -28.62 39.22 -36.43
N ASN A 153 -28.70 38.74 -35.19
CA ASN A 153 -27.58 38.68 -34.22
C ASN A 153 -27.28 40.01 -33.54
N ARG A 154 -28.32 40.75 -33.23
CA ARG A 154 -28.27 41.82 -32.23
C ARG A 154 -28.70 41.19 -30.93
N LEU A 155 -28.54 41.91 -29.83
CA LEU A 155 -29.00 41.34 -28.57
C LEU A 155 -30.51 41.46 -28.60
N ALA A 156 -31.19 40.32 -28.67
CA ALA A 156 -32.65 40.30 -28.72
C ALA A 156 -33.24 40.21 -27.33
N GLU A 157 -32.74 39.27 -26.54
CA GLU A 157 -33.27 39.07 -25.20
C GLU A 157 -32.15 38.74 -24.23
N GLN A 158 -32.31 39.14 -22.97
CA GLN A 158 -31.53 38.53 -21.89
C GLN A 158 -32.51 37.73 -21.04
N VAL A 159 -32.19 36.47 -20.75
CA VAL A 159 -33.14 35.61 -20.06
C VAL A 159 -32.63 35.10 -18.73
N ILE A 160 -33.41 35.39 -17.69
CA ILE A 160 -33.12 34.94 -16.33
C ILE A 160 -34.13 33.91 -15.85
N ALA A 161 -33.62 32.78 -15.37
CA ALA A 161 -34.48 31.75 -14.81
C ALA A 161 -34.24 31.64 -13.31
N SER A 162 -35.31 31.49 -12.53
CA SER A 162 -35.15 31.37 -11.08
C SER A 162 -36.14 30.37 -10.46
N VAL A 163 -35.73 29.74 -9.35
CA VAL A 163 -36.61 28.78 -8.70
C VAL A 163 -36.68 29.04 -7.18
N GLY A 164 -37.87 28.77 -6.62
CA GLY A 164 -38.17 29.04 -5.22
C GLY A 164 -39.03 28.06 -4.43
N ASP A 165 -39.23 28.37 -3.15
CA ASP A 165 -40.10 27.61 -2.24
C ASP A 165 -41.60 27.82 -2.38
N ASP A 166 -42.00 28.67 -3.32
CA ASP A 166 -43.41 28.87 -3.66
C ASP A 166 -43.90 27.92 -4.73
N CYS A 167 -43.13 26.86 -4.95
CA CYS A 167 -43.46 25.85 -5.93
C CYS A 167 -43.62 26.49 -7.28
N THR A 168 -42.72 27.42 -7.59
CA THR A 168 -42.79 28.12 -8.85
C THR A 168 -41.41 28.22 -9.49
N LEU A 169 -41.40 28.08 -10.81
CA LEU A 169 -40.27 28.42 -11.65
C LEU A 169 -40.63 29.68 -12.43
N ILE A 170 -39.78 30.70 -12.36
CA ILE A 170 -40.01 31.92 -13.12
C ILE A 170 -39.01 32.21 -14.23
N ILE A 171 -39.57 32.38 -15.43
CA ILE A 171 -38.80 32.81 -16.58
C ILE A 171 -39.06 34.28 -16.85
N TRP A 172 -37.98 35.04 -16.74
CA TRP A 172 -38.04 36.48 -16.84
C TRP A 172 -37.21 36.87 -18.05
N ARG A 173 -37.90 37.27 -19.11
CA ARG A 173 -37.25 37.66 -20.35
C ARG A 173 -37.22 39.17 -20.51
N LEU A 174 -36.05 39.76 -20.69
CA LEU A 174 -35.97 41.19 -21.00
C LEU A 174 -35.69 41.37 -22.48
N THR A 175 -36.70 41.86 -23.20
CA THR A 175 -36.64 41.94 -24.65
C THR A 175 -36.55 43.39 -25.13
N ASP A 176 -36.40 43.55 -26.45
CA ASP A 176 -36.33 44.87 -27.10
C ASP A 176 -37.54 45.75 -26.80
N GLU A 177 -38.74 45.17 -26.78
CA GLU A 177 -39.95 45.94 -26.50
C GLU A 177 -40.27 45.87 -25.01
N GLY A 178 -39.31 45.42 -24.22
CA GLY A 178 -39.51 45.35 -22.78
C GLY A 178 -39.69 43.96 -22.21
N PRO A 179 -40.00 43.88 -20.90
CA PRO A 179 -40.02 42.66 -20.11
C PRO A 179 -41.23 41.78 -20.46
N ILE A 180 -40.97 40.49 -20.44
CA ILE A 180 -41.98 39.45 -20.55
C ILE A 180 -41.79 38.51 -19.37
N LEU A 181 -42.84 38.38 -18.58
CA LEU A 181 -42.80 37.55 -17.39
C LEU A 181 -43.63 36.31 -17.56
N ALA A 182 -43.10 35.19 -17.08
CA ALA A 182 -43.90 33.97 -17.07
C ALA A 182 -43.60 33.10 -15.84
N GLY A 183 -44.66 32.52 -15.29
CA GLY A 183 -44.57 31.61 -14.16
C GLY A 183 -45.05 30.22 -14.49
N TYR A 184 -44.40 29.24 -13.90
CA TYR A 184 -44.78 27.84 -14.10
C TYR A 184 -44.82 27.10 -12.79
N PRO A 185 -45.84 26.26 -12.62
CA PRO A 185 -46.01 25.63 -11.32
C PRO A 185 -45.11 24.42 -11.14
N LEU A 186 -44.65 24.19 -9.91
CA LEU A 186 -43.81 23.02 -9.63
C LEU A 186 -44.47 22.12 -8.59
N SER A 187 -44.16 20.83 -8.64
CA SER A 187 -44.75 19.88 -7.70
C SER A 187 -44.06 19.93 -6.34
N SER A 188 -43.23 20.95 -6.11
CA SER A 188 -42.29 21.00 -4.98
C SER A 188 -41.30 22.15 -5.15
N PRO A 189 -40.66 22.58 -4.06
CA PRO A 189 -39.80 23.78 -4.12
C PRO A 189 -38.63 23.62 -5.10
N GLY A 190 -38.38 24.64 -5.91
CA GLY A 190 -37.28 24.65 -6.85
C GLY A 190 -35.97 24.95 -6.15
N ILE A 191 -34.98 24.09 -6.32
CA ILE A 191 -33.71 24.26 -5.59
C ILE A 191 -32.49 24.55 -6.46
N SER A 192 -32.64 24.43 -7.76
CA SER A 192 -31.60 24.82 -8.70
C SER A 192 -32.12 24.94 -10.13
N VAL A 193 -31.47 25.76 -10.94
CA VAL A 193 -31.87 25.92 -12.32
C VAL A 193 -30.68 26.33 -13.17
N GLN A 194 -30.59 25.81 -14.39
CA GLN A 194 -29.45 26.16 -15.25
C GLN A 194 -29.81 25.92 -16.71
N PHE A 195 -29.64 26.94 -17.54
CA PHE A 195 -29.78 26.80 -18.99
C PHE A 195 -28.77 25.79 -19.58
N ARG A 196 -29.15 25.12 -20.68
CA ARG A 196 -28.28 24.15 -21.37
C ARG A 196 -27.21 24.82 -22.25
N PRO A 197 -25.93 24.45 -22.03
CA PRO A 197 -24.78 24.89 -22.84
C PRO A 197 -24.91 24.62 -24.33
N SER A 198 -24.73 25.67 -25.14
CA SER A 198 -24.79 25.58 -26.59
C SER A 198 -26.21 25.41 -27.10
N ASN A 199 -27.17 25.47 -26.17
CA ASN A 199 -28.57 25.43 -26.53
C ASN A 199 -29.47 26.14 -25.53
N PRO A 200 -29.55 27.48 -25.66
CA PRO A 200 -30.33 28.34 -24.75
C PRO A 200 -31.82 28.05 -24.84
N ASN A 201 -32.23 27.29 -25.85
CA ASN A 201 -33.63 26.92 -25.98
C ASN A 201 -34.05 25.90 -24.93
N GLN A 202 -33.08 25.22 -24.33
CA GLN A 202 -33.38 24.20 -23.33
C GLN A 202 -32.77 24.61 -21.98
N LEU A 203 -33.39 24.15 -20.90
CA LEU A 203 -32.85 24.41 -19.56
C LEU A 203 -33.25 23.29 -18.61
N ILE A 204 -32.62 23.28 -17.44
CA ILE A 204 -32.91 22.27 -16.45
C ILE A 204 -33.35 22.92 -15.13
N VAL A 205 -34.35 22.33 -14.49
CA VAL A 205 -34.87 22.83 -13.24
C VAL A 205 -34.85 21.66 -12.25
N GLY A 206 -34.39 21.92 -11.03
CA GLY A 206 -34.40 20.94 -9.96
C GLY A 206 -35.42 21.14 -8.86
N GLU A 207 -36.17 20.10 -8.52
CA GLU A 207 -37.11 20.19 -7.41
C GLU A 207 -36.45 19.59 -6.18
N ARG A 208 -36.84 20.07 -5.01
CA ARG A 208 -36.31 19.55 -3.75
C ARG A 208 -36.53 18.05 -3.62
N ASN A 209 -37.67 17.58 -4.14
CA ASN A 209 -38.08 16.19 -3.98
C ASN A 209 -37.35 15.17 -4.85
N GLY A 210 -36.43 15.63 -5.68
CA GLY A 210 -35.64 14.73 -6.50
C GLY A 210 -36.03 14.77 -7.97
N ASN A 211 -37.13 15.43 -8.28
CA ASN A 211 -37.52 15.60 -9.68
C ASN A 211 -36.56 16.50 -10.43
N ILE A 212 -36.29 16.14 -11.69
CA ILE A 212 -35.37 16.88 -12.55
C ILE A 212 -36.04 17.14 -13.90
N ARG A 213 -36.31 18.42 -14.19
CA ARG A 213 -37.02 18.84 -15.39
C ARG A 213 -36.14 19.38 -16.52
N ILE A 214 -36.37 18.89 -17.73
CA ILE A 214 -35.77 19.44 -18.94
C ILE A 214 -36.91 20.10 -19.68
N PHE A 215 -36.62 21.33 -20.10
CA PHE A 215 -37.60 22.34 -20.43
C PHE A 215 -37.21 23.12 -21.67
N ASP A 216 -38.14 23.24 -22.60
CA ASP A 216 -38.00 24.16 -23.73
C ASP A 216 -38.95 25.34 -23.54
N TRP A 217 -38.40 26.49 -23.20
CA TRP A 217 -39.16 27.67 -22.82
C TRP A 217 -39.67 28.44 -24.03
N THR A 218 -39.31 28.00 -25.22
CA THR A 218 -39.65 28.69 -26.46
C THR A 218 -40.96 28.15 -27.01
N LEU A 219 -41.59 27.25 -26.27
CA LEU A 219 -42.71 26.45 -26.78
C LEU A 219 -44.00 27.28 -26.90
N PRO A 235 -46.26 19.44 -23.42
CA PRO A 235 -45.69 19.74 -22.11
C PRO A 235 -44.16 19.82 -22.13
N TRP A 236 -43.55 20.10 -20.98
CA TRP A 236 -42.11 20.33 -20.93
C TRP A 236 -41.44 18.98 -21.09
N LEU A 237 -40.26 18.93 -21.69
CA LEU A 237 -39.89 17.76 -22.49
C LEU A 237 -39.64 16.54 -21.62
N LEU A 238 -38.99 16.65 -20.46
CA LEU A 238 -38.62 15.38 -19.80
C LEU A 238 -38.40 15.49 -18.29
N THR A 239 -38.81 14.47 -17.54
CA THR A 239 -38.52 14.48 -16.10
C THR A 239 -37.86 13.20 -15.53
N LEU A 240 -36.57 13.29 -15.19
CA LEU A 240 -35.87 12.26 -14.42
C LEU A 240 -36.03 12.46 -12.92
N ASN A 241 -35.51 11.52 -12.14
CA ASN A 241 -35.68 11.53 -10.70
C ASN A 241 -34.60 10.66 -10.08
N THR A 242 -33.87 11.20 -9.10
CA THR A 242 -32.76 10.47 -8.50
C THR A 242 -33.20 9.62 -7.31
N LEU A 243 -34.30 10.02 -6.66
CA LEU A 243 -34.78 9.33 -5.46
C LEU A 243 -34.90 7.81 -5.63
N PRO A 244 -35.68 7.35 -6.64
CA PRO A 244 -35.87 5.90 -6.78
C PRO A 244 -34.66 5.17 -7.34
N LEU A 245 -33.65 5.90 -7.81
CA LEU A 245 -32.48 5.26 -8.40
C LEU A 245 -31.34 4.92 -7.44
N VAL A 246 -31.45 5.31 -6.17
CA VAL A 246 -30.32 5.17 -5.27
C VAL A 246 -29.91 3.72 -5.18
N ASN A 247 -28.61 3.46 -5.38
CA ASN A 247 -28.12 2.11 -5.57
C ASN A 247 -28.49 1.19 -4.42
N THR A 248 -28.62 1.77 -3.23
CA THR A 248 -29.12 1.05 -2.07
C THR A 248 -28.21 -0.11 -1.63
N CYS A 249 -27.07 -0.26 -2.29
CA CYS A 249 -26.04 -1.20 -1.83
C CYS A 249 -25.63 -0.64 -0.51
N HIS A 250 -25.54 0.69 -0.48
CA HIS A 250 -25.46 1.40 0.78
C HIS A 250 -26.66 2.36 0.76
N SER A 251 -27.59 2.14 1.68
CA SER A 251 -28.81 2.95 1.78
C SER A 251 -28.42 4.41 1.92
N SER A 252 -28.95 5.25 1.03
CA SER A 252 -28.59 6.66 1.08
C SER A 252 -29.33 7.39 2.20
N GLY A 253 -30.17 6.67 2.93
CA GLY A 253 -30.91 7.27 4.03
C GLY A 253 -32.33 7.68 3.73
N ILE A 254 -33.08 8.00 4.79
CA ILE A 254 -34.47 8.41 4.64
C ILE A 254 -34.62 9.72 3.88
N ALA A 255 -33.89 10.75 4.32
CA ALA A 255 -33.97 12.06 3.67
C ALA A 255 -32.73 12.28 2.83
N SER A 256 -32.87 12.12 1.52
CA SER A 256 -31.77 12.39 0.60
C SER A 256 -32.15 13.51 -0.34
N SER A 257 -32.43 14.67 0.24
CA SER A 257 -32.86 15.83 -0.53
C SER A 257 -31.84 16.21 -1.61
N LEU A 258 -32.34 16.36 -2.83
CA LEU A 258 -31.55 16.78 -3.97
C LEU A 258 -30.83 18.10 -3.78
N ALA A 259 -29.51 18.09 -3.93
CA ALA A 259 -28.73 19.28 -3.64
C ALA A 259 -28.65 20.08 -4.93
N ASN A 260 -28.42 19.40 -6.05
CA ASN A 260 -27.91 20.12 -7.22
C ASN A 260 -28.14 19.28 -8.48
N VAL A 261 -28.50 19.93 -9.58
CA VAL A 261 -28.33 19.31 -10.92
C VAL A 261 -27.71 20.31 -11.89
N ARG A 262 -26.71 19.85 -12.62
CA ARG A 262 -25.99 20.70 -13.56
C ARG A 262 -25.76 19.94 -14.88
N TRP A 263 -25.84 20.63 -16.01
CA TRP A 263 -25.34 20.09 -17.29
C TRP A 263 -23.80 19.99 -17.32
N ILE A 264 -23.29 19.02 -18.07
CA ILE A 264 -21.84 18.92 -18.33
C ILE A 264 -21.56 18.74 -19.81
N GLY A 265 -20.38 19.19 -20.21
CA GLY A 265 -20.00 19.30 -21.61
C GLY A 265 -20.30 20.69 -22.15
N SER A 266 -19.74 21.00 -23.31
CA SER A 266 -19.81 22.35 -23.88
C SER A 266 -20.93 22.43 -24.90
N ASP A 267 -21.57 21.29 -25.16
CA ASP A 267 -22.78 21.26 -25.96
C ASP A 267 -23.93 20.91 -25.02
N GLY A 268 -23.60 20.83 -23.73
CA GLY A 268 -24.53 20.34 -22.73
C GLY A 268 -24.92 18.93 -23.13
N SER A 269 -23.92 18.06 -23.23
CA SER A 269 -24.13 16.67 -23.61
C SER A 269 -24.54 15.78 -22.44
N GLY A 270 -24.57 16.33 -21.22
CA GLY A 270 -24.82 15.48 -20.07
C GLY A 270 -25.49 16.17 -18.90
N ILE A 271 -25.99 15.37 -17.97
CA ILE A 271 -26.69 15.88 -16.80
C ILE A 271 -26.15 15.14 -15.60
N LEU A 272 -25.79 15.90 -14.56
CA LEU A 272 -25.28 15.39 -13.32
C LEU A 272 -26.12 15.83 -12.14
N ALA A 273 -26.57 14.89 -11.30
CA ALA A 273 -27.35 15.26 -10.14
C ALA A 273 -26.69 14.76 -8.88
N MET A 274 -26.74 15.59 -7.85
CA MET A 274 -26.12 15.31 -6.56
C MET A 274 -27.08 15.55 -5.42
N CYS A 275 -27.17 14.56 -4.55
CA CYS A 275 -27.97 14.66 -3.34
C CYS A 275 -27.17 15.20 -2.17
N LYS A 276 -27.88 15.83 -1.25
CA LYS A 276 -27.33 16.28 0.02
C LYS A 276 -26.52 15.18 0.67
N SER A 277 -26.95 13.95 0.45
CA SER A 277 -26.31 12.81 1.09
C SER A 277 -24.92 12.56 0.51
N GLY A 278 -24.64 13.12 -0.66
CA GLY A 278 -23.39 12.84 -1.34
C GLY A 278 -23.55 11.92 -2.53
N ALA A 279 -24.70 11.28 -2.62
CA ALA A 279 -25.01 10.44 -3.76
C ALA A 279 -25.11 11.25 -5.05
N TRP A 280 -24.42 10.78 -6.08
CA TRP A 280 -24.48 11.44 -7.38
C TRP A 280 -24.76 10.47 -8.52
N LEU A 281 -25.30 11.01 -9.62
CA LEU A 281 -25.72 10.24 -10.78
C LEU A 281 -25.47 11.02 -12.05
N ARG A 282 -25.02 10.34 -13.12
CA ARG A 282 -24.81 11.00 -14.40
C ARG A 282 -25.52 10.28 -15.57
N TRP A 283 -26.20 11.09 -16.37
CA TRP A 283 -26.90 10.68 -17.60
C TRP A 283 -26.31 11.40 -18.81
N ASN A 284 -26.09 10.71 -19.92
CA ASN A 284 -25.72 11.40 -21.15
C ASN A 284 -26.86 11.54 -22.18
N LEU A 285 -26.76 12.55 -23.04
CA LEU A 285 -27.75 12.83 -24.09
C LEU A 285 -27.02 12.98 -25.41
N PHE A 286 -27.21 12.05 -26.35
CA PHE A 286 -26.54 12.19 -27.64
C PHE A 286 -27.42 12.94 -28.62
N GLY A 302 -27.87 8.34 -28.99
CA GLY A 302 -27.76 7.37 -30.07
C GLY A 302 -28.93 6.41 -30.03
N PRO A 303 -28.74 5.28 -29.35
CA PRO A 303 -29.75 4.21 -29.28
C PRO A 303 -30.77 4.49 -28.16
N LYS A 304 -31.50 3.47 -27.74
CA LYS A 304 -32.52 3.64 -26.72
C LYS A 304 -31.92 3.55 -25.31
N ASN A 305 -32.54 4.25 -24.36
CA ASN A 305 -31.99 4.33 -22.99
C ASN A 305 -32.97 3.92 -21.89
N LEU A 306 -32.44 3.29 -20.85
CA LEU A 306 -33.27 2.60 -19.86
C LEU A 306 -32.89 2.80 -18.39
N LEU A 307 -31.75 3.43 -18.15
CA LEU A 307 -31.33 3.75 -16.80
C LEU A 307 -30.30 4.89 -16.82
N PRO A 308 -30.00 5.49 -15.65
CA PRO A 308 -28.90 6.46 -15.69
C PRO A 308 -27.57 5.76 -16.01
N ASN A 309 -26.74 6.39 -16.84
CA ASN A 309 -25.46 5.81 -17.25
C ASN A 309 -24.42 5.53 -16.16
N VAL A 310 -24.39 6.31 -15.10
CA VAL A 310 -23.44 6.00 -14.03
C VAL A 310 -23.86 6.63 -12.70
N GLN A 311 -23.33 6.11 -11.60
CA GLN A 311 -23.84 6.48 -10.29
C GLN A 311 -22.75 6.22 -9.26
N GLY A 312 -22.79 6.97 -8.17
CA GLY A 312 -21.79 6.89 -7.13
C GLY A 312 -22.17 7.66 -5.88
N ILE A 313 -21.25 7.72 -4.92
CA ILE A 313 -21.48 8.50 -3.70
C ILE A 313 -20.23 9.20 -3.17
N SER A 314 -20.34 10.51 -2.94
CA SER A 314 -19.25 11.30 -2.39
C SER A 314 -18.94 10.76 -0.99
N LEU A 315 -17.69 10.89 -0.57
CA LEU A 315 -17.33 10.58 0.82
C LEU A 315 -18.14 11.36 1.87
N PHE A 316 -18.60 12.56 1.51
CA PHE A 316 -19.29 13.41 2.48
C PHE A 316 -20.62 13.98 1.94
N PRO A 317 -21.49 14.48 2.84
CA PRO A 317 -22.64 15.27 2.40
C PRO A 317 -22.25 16.50 1.59
N SER A 318 -23.09 16.86 0.63
CA SER A 318 -22.85 18.04 -0.19
C SER A 318 -23.98 19.06 -0.11
N LEU A 319 -23.97 19.85 0.94
CA LEU A 319 -24.94 20.93 1.13
C LEU A 319 -25.02 21.91 -0.04
N LEU A 320 -23.87 22.18 -0.65
CA LEU A 320 -23.81 23.16 -1.72
C LEU A 320 -23.94 22.53 -3.11
N GLY A 321 -23.79 21.21 -3.16
CA GLY A 321 -23.86 20.45 -4.39
C GLY A 321 -22.54 20.41 -5.14
N ALA A 322 -22.59 19.84 -6.34
CA ALA A 322 -21.39 19.60 -7.15
C ALA A 322 -21.06 20.78 -8.05
N CYS A 323 -19.77 20.97 -8.33
CA CYS A 323 -19.38 22.00 -9.26
C CYS A 323 -18.54 21.33 -10.35
N PRO A 324 -19.18 20.99 -11.49
CA PRO A 324 -18.55 20.21 -12.56
C PRO A 324 -17.39 20.95 -13.21
N HIS A 325 -16.35 20.20 -13.55
CA HIS A 325 -15.19 20.78 -14.21
C HIS A 325 -15.54 21.27 -15.61
N PRO A 326 -15.11 22.50 -15.95
CA PRO A 326 -15.41 23.18 -17.21
C PRO A 326 -14.72 22.53 -18.39
N ARG A 327 -13.71 21.69 -18.12
CA ARG A 327 -12.95 21.06 -19.20
C ARG A 327 -12.99 19.53 -19.15
N TYR A 328 -13.15 18.94 -17.97
CA TYR A 328 -13.16 17.49 -17.87
C TYR A 328 -14.54 17.03 -17.36
N MET A 329 -15.47 16.78 -18.29
CA MET A 329 -16.82 16.27 -18.00
C MET A 329 -16.95 15.27 -16.85
N ASP A 330 -15.99 14.35 -16.76
CA ASP A 330 -16.08 13.22 -15.84
C ASP A 330 -15.78 13.65 -14.41
N TYR A 331 -15.30 14.86 -14.27
CA TYR A 331 -14.85 15.35 -12.98
C TYR A 331 -15.79 16.42 -12.49
N PHE A 332 -15.99 16.40 -11.19
CA PHE A 332 -16.64 17.48 -10.48
C PHE A 332 -16.15 17.59 -9.06
N ALA A 333 -16.36 18.74 -8.46
CA ALA A 333 -15.95 18.95 -7.08
C ALA A 333 -17.13 19.10 -6.16
N THR A 334 -16.96 18.62 -4.94
CA THR A 334 -18.00 18.74 -3.93
C THR A 334 -17.38 19.00 -2.57
N ALA A 335 -18.02 19.82 -1.75
CA ALA A 335 -17.42 20.19 -0.48
C ALA A 335 -18.16 19.55 0.69
N HIS A 336 -17.42 19.23 1.74
CA HIS A 336 -17.98 19.10 3.08
C HIS A 336 -17.86 20.47 3.70
N SER A 337 -18.86 21.29 3.46
CA SER A 337 -18.82 22.72 3.75
C SER A 337 -18.66 22.98 5.23
N GLN A 338 -19.18 22.06 6.05
CA GLN A 338 -19.10 22.27 7.48
C GLN A 338 -17.75 22.05 8.13
N HIS A 339 -16.98 21.08 7.66
CA HIS A 339 -15.63 20.88 8.18
C HIS A 339 -14.55 21.47 7.27
N GLY A 340 -14.95 21.94 6.09
CA GLY A 340 -14.03 22.60 5.18
C GLY A 340 -13.08 21.72 4.39
N LEU A 341 -13.61 20.59 3.93
CA LEU A 341 -12.89 19.69 3.05
C LEU A 341 -13.55 19.70 1.68
N ILE A 342 -12.76 19.42 0.64
CA ILE A 342 -13.31 19.31 -0.70
C ILE A 342 -12.83 18.05 -1.41
N GLN A 343 -13.80 17.21 -1.77
CA GLN A 343 -13.51 16.00 -2.52
C GLN A 343 -13.66 16.27 -4.01
N LEU A 344 -12.77 15.65 -4.77
CA LEU A 344 -12.79 15.68 -6.22
C LEU A 344 -13.18 14.32 -6.76
N ILE A 345 -14.26 14.28 -7.53
CA ILE A 345 -14.79 13.01 -7.99
C ILE A 345 -14.71 12.86 -9.50
N ASN A 346 -14.26 11.68 -9.93
CA ASN A 346 -14.24 11.25 -11.32
C ASN A 346 -15.33 10.24 -11.60
N THR A 347 -16.19 10.53 -12.57
CA THR A 347 -17.36 9.71 -12.82
C THR A 347 -17.03 8.27 -13.24
N TYR A 348 -15.93 8.09 -13.97
CA TYR A 348 -15.57 6.75 -14.42
C TYR A 348 -14.57 6.10 -13.43
N GLU A 349 -14.65 6.51 -12.18
CA GLU A 349 -13.93 5.89 -11.07
C GLU A 349 -12.40 5.96 -11.16
N LYS A 350 -11.89 6.87 -11.98
CA LYS A 350 -10.44 7.11 -12.03
C LYS A 350 -9.97 7.66 -10.69
N ASP A 351 -10.92 8.17 -9.91
CA ASP A 351 -10.64 9.09 -8.81
C ASP A 351 -10.01 8.39 -7.62
N SER A 352 -10.68 7.36 -7.11
CA SER A 352 -10.23 6.63 -5.94
C SER A 352 -10.07 7.49 -4.68
N ASN A 353 -11.10 8.28 -4.37
CA ASN A 353 -11.05 9.30 -3.31
C ASN A 353 -9.91 10.32 -3.31
N SER A 354 -10.03 11.35 -4.14
CA SER A 354 -9.05 12.44 -4.18
C SER A 354 -9.61 13.62 -3.40
N ILE A 355 -8.95 13.97 -2.31
CA ILE A 355 -9.31 15.18 -1.57
C ILE A 355 -8.17 16.19 -1.57
N PRO A 356 -8.07 16.98 -2.67
CA PRO A 356 -7.00 17.95 -2.82
C PRO A 356 -7.10 19.08 -1.80
N ILE A 357 -8.30 19.34 -1.28
CA ILE A 357 -8.49 20.52 -0.44
C ILE A 357 -9.06 20.12 0.92
N GLN A 358 -8.34 20.51 1.96
CA GLN A 358 -8.84 20.49 3.33
C GLN A 358 -8.44 21.78 4.02
N LEU A 359 -9.43 22.61 4.38
CA LEU A 359 -9.13 23.76 5.21
C LEU A 359 -9.48 23.39 6.64
N GLY A 360 -9.09 24.24 7.59
CA GLY A 360 -9.48 24.02 8.97
C GLY A 360 -10.66 24.88 9.35
N MET A 361 -11.53 25.13 8.38
CA MET A 361 -12.57 26.13 8.50
C MET A 361 -13.72 25.82 7.55
N PRO A 362 -14.92 26.35 7.83
CA PRO A 362 -16.07 26.00 7.00
C PRO A 362 -15.93 26.62 5.63
N ILE A 363 -16.47 25.97 4.61
CA ILE A 363 -16.46 26.54 3.28
C ILE A 363 -17.86 27.06 2.97
N VAL A 364 -17.92 28.31 2.53
CA VAL A 364 -19.17 28.97 2.22
C VAL A 364 -19.61 28.67 0.79
N ASP A 365 -18.63 28.67 -0.11
CA ASP A 365 -18.90 28.43 -1.52
C ASP A 365 -17.61 28.20 -2.26
N PHE A 366 -17.71 27.68 -3.47
CA PHE A 366 -16.53 27.49 -4.31
C PHE A 366 -16.89 27.35 -5.78
N CYS A 367 -15.89 27.56 -6.64
CA CYS A 367 -16.09 27.47 -8.07
C CYS A 367 -14.76 27.35 -8.80
N TRP A 368 -14.81 26.67 -9.94
CA TRP A 368 -13.64 26.53 -10.81
C TRP A 368 -13.37 27.77 -11.62
N HIS A 369 -12.10 28.13 -11.69
CA HIS A 369 -11.65 29.07 -12.70
C HIS A 369 -11.76 28.33 -14.01
N GLN A 370 -12.02 29.06 -15.09
CA GLN A 370 -12.21 28.46 -16.40
C GLN A 370 -11.02 27.59 -16.88
N ASP A 371 -9.81 27.92 -16.43
CA ASP A 371 -8.60 27.19 -16.85
C ASP A 371 -8.53 25.71 -16.44
N GLY A 372 -9.34 25.35 -15.46
CA GLY A 372 -9.46 23.98 -15.00
C GLY A 372 -8.42 23.46 -14.03
N SER A 373 -7.44 24.27 -13.67
CA SER A 373 -6.45 23.84 -12.69
C SER A 373 -6.52 24.62 -11.38
N HIS A 374 -7.10 25.82 -11.45
CA HIS A 374 -7.33 26.66 -10.28
C HIS A 374 -8.72 26.57 -9.68
N LEU A 375 -8.79 26.77 -8.37
CA LEU A 375 -10.05 26.79 -7.68
C LEU A 375 -10.14 28.06 -6.85
N ALA A 376 -11.29 28.72 -6.91
CA ALA A 376 -11.54 29.83 -6.01
C ALA A 376 -12.55 29.36 -4.98
N ILE A 377 -12.29 29.70 -3.73
CA ILE A 377 -13.15 29.24 -2.65
C ILE A 377 -13.44 30.39 -1.72
N ALA A 378 -14.73 30.68 -1.50
CA ALA A 378 -15.02 31.68 -0.50
C ALA A 378 -15.32 30.94 0.79
N THR A 379 -14.60 31.34 1.83
CA THR A 379 -14.90 30.94 3.19
C THR A 379 -15.52 32.12 3.88
N GLU A 380 -15.84 31.92 5.14
CA GLU A 380 -16.61 32.87 5.91
C GLU A 380 -15.99 34.25 6.04
N GLY A 381 -14.69 34.32 5.81
CA GLY A 381 -14.01 35.60 5.89
C GLY A 381 -12.99 35.79 4.79
N SER A 382 -12.98 34.95 3.76
CA SER A 382 -11.93 35.10 2.75
C SER A 382 -12.20 34.39 1.43
N VAL A 383 -11.30 34.61 0.47
CA VAL A 383 -11.36 33.81 -0.75
C VAL A 383 -9.94 33.29 -1.01
N LEU A 384 -9.84 31.99 -1.26
CA LEU A 384 -8.58 31.33 -1.60
C LEU A 384 -8.51 30.94 -3.05
N LEU A 385 -7.35 31.15 -3.67
CA LEU A 385 -7.08 30.57 -4.98
C LEU A 385 -6.03 29.46 -4.86
N THR A 386 -6.44 28.23 -5.17
CA THR A 386 -5.56 27.07 -4.97
C THR A 386 -5.36 26.36 -6.31
N ARG A 387 -4.11 26.03 -6.61
CA ARG A 387 -3.82 25.34 -7.86
C ARG A 387 -3.38 23.90 -7.67
N LEU A 388 -4.14 23.00 -8.28
CA LEU A 388 -3.88 21.57 -8.26
C LEU A 388 -2.98 21.28 -9.45
N MET A 389 -1.76 20.82 -9.17
CA MET A 389 -0.73 20.71 -10.19
C MET A 389 -1.05 19.73 -11.31
N GLY A 390 -1.78 18.67 -10.96
CA GLY A 390 -2.24 17.67 -11.92
C GLY A 390 -3.09 18.11 -13.11
N PHE A 391 -3.85 19.18 -12.95
CA PHE A 391 -4.76 19.70 -13.96
C PHE A 391 -4.14 20.68 -14.93
N THR A 392 -2.93 21.15 -14.61
CA THR A 392 -2.17 22.04 -15.48
C THR A 392 -1.80 21.37 -16.81
N MET B 4 -84.22 0.31 2.96
CA MET B 4 -83.32 -0.29 3.93
C MET B 4 -82.22 0.69 4.35
N ASN B 5 -81.61 0.43 5.50
CA ASN B 5 -80.46 1.23 5.95
C ASN B 5 -79.17 0.73 5.37
N GLU B 6 -78.16 1.59 5.35
CA GLU B 6 -76.93 1.18 4.70
C GLU B 6 -75.88 0.89 5.74
N LEU B 7 -74.87 0.15 5.32
CA LEU B 7 -73.72 -0.08 6.16
C LEU B 7 -72.51 0.22 5.28
N LYS B 8 -71.35 0.36 5.89
CA LYS B 8 -70.14 0.66 5.14
C LYS B 8 -68.97 -0.13 5.72
N HIS B 9 -67.94 -0.32 4.90
CA HIS B 9 -66.81 -1.15 5.29
C HIS B 9 -65.56 -0.29 5.56
N ALA B 10 -64.60 -0.87 6.28
CA ALA B 10 -63.34 -0.18 6.58
C ALA B 10 -62.19 -1.16 6.40
N VAL B 11 -61.48 -1.05 5.29
CA VAL B 11 -60.49 -2.04 4.91
C VAL B 11 -59.11 -1.76 5.50
N VAL B 12 -58.45 -2.81 5.96
CA VAL B 12 -57.13 -2.70 6.56
C VAL B 12 -56.07 -3.44 5.76
N PRO B 13 -55.22 -2.69 5.04
CA PRO B 13 -54.04 -3.18 4.32
C PRO B 13 -53.11 -3.97 5.23
N ILE B 14 -52.70 -5.17 4.84
CA ILE B 14 -51.80 -5.96 5.66
C ILE B 14 -50.42 -5.32 5.82
N ASP B 15 -50.02 -4.51 4.85
CA ASP B 15 -48.72 -3.82 4.93
C ASP B 15 -48.71 -2.70 5.97
N LEU B 16 -49.84 -2.05 6.19
CA LEU B 16 -49.94 -1.01 7.19
C LEU B 16 -49.96 -1.68 8.57
N GLN B 17 -50.50 -2.89 8.62
CA GLN B 17 -50.39 -3.72 9.81
C GLN B 17 -48.91 -3.93 10.07
N SER B 18 -48.21 -4.45 9.07
CA SER B 18 -46.77 -4.69 9.19
C SER B 18 -46.00 -3.40 9.51
N PHE B 19 -46.57 -2.25 9.17
CA PHE B 19 -45.99 -0.98 9.58
C PHE B 19 -46.11 -0.86 11.08
N CYS B 20 -47.35 -0.86 11.57
CA CYS B 20 -47.58 -0.74 12.99
C CYS B 20 -47.11 -1.96 13.80
N LEU B 21 -46.56 -2.97 13.12
CA LEU B 21 -45.96 -4.12 13.79
C LEU B 21 -44.49 -4.20 13.40
N GLU B 22 -43.61 -3.81 14.33
CA GLU B 22 -42.19 -3.66 14.02
C GLU B 22 -41.54 -4.90 13.48
N GLY B 23 -41.68 -6.01 14.21
CA GLY B 23 -41.03 -7.24 13.82
C GLY B 23 -41.97 -8.38 13.50
N THR B 24 -41.43 -9.38 12.81
CA THR B 24 -42.22 -10.54 12.41
C THR B 24 -41.44 -11.87 12.53
N LEU B 25 -41.73 -12.68 13.54
CA LEU B 25 -40.91 -13.85 13.83
C LEU B 25 -41.68 -15.03 13.24
N ALA B 26 -40.94 -16.07 12.85
CA ALA B 26 -41.57 -17.29 12.36
C ALA B 26 -41.12 -18.52 13.14
N LEU B 27 -42.10 -19.25 13.70
CA LEU B 27 -41.78 -20.47 14.42
C LEU B 27 -42.14 -21.73 13.64
N TRP B 28 -41.34 -22.77 13.85
CA TRP B 28 -41.59 -24.07 13.25
C TRP B 28 -42.11 -24.95 14.40
N VAL B 29 -42.51 -26.18 14.11
CA VAL B 29 -42.92 -27.16 15.14
C VAL B 29 -42.59 -28.57 14.68
N PHE B 53 -45.53 -19.48 -13.42
CA PHE B 53 -45.45 -18.29 -12.59
C PHE B 53 -46.82 -17.93 -12.02
N LYS B 54 -47.74 -17.56 -12.91
CA LYS B 54 -49.09 -17.14 -12.52
C LYS B 54 -49.79 -18.18 -11.62
N LYS B 55 -49.42 -19.45 -11.81
CA LYS B 55 -49.93 -20.51 -10.95
C LYS B 55 -49.48 -20.27 -9.51
N GLU B 56 -48.17 -20.20 -9.30
CA GLU B 56 -47.63 -19.97 -7.96
C GLU B 56 -48.04 -18.61 -7.38
N CYS B 57 -48.34 -17.65 -8.25
CA CYS B 57 -48.77 -16.32 -7.80
C CYS B 57 -50.19 -16.35 -7.26
N VAL B 58 -51.07 -16.98 -8.03
CA VAL B 58 -52.45 -17.15 -7.61
C VAL B 58 -52.52 -17.93 -6.31
N ALA B 59 -51.76 -19.01 -6.26
CA ALA B 59 -51.76 -19.93 -5.12
C ALA B 59 -50.82 -19.47 -4.03
N TYR B 60 -50.22 -18.31 -4.23
CA TYR B 60 -49.30 -17.77 -3.25
C TYR B 60 -50.03 -17.51 -1.96
N ASP B 61 -51.09 -16.71 -2.06
CA ASP B 61 -51.87 -16.33 -0.89
C ASP B 61 -53.35 -16.53 -1.06
N ALA B 62 -54.01 -16.70 0.07
CA ALA B 62 -55.44 -16.91 0.12
C ALA B 62 -55.95 -16.81 1.55
N GLY B 63 -55.59 -17.76 2.39
CA GLY B 63 -56.29 -17.95 3.65
C GLY B 63 -57.38 -18.94 3.34
N VAL B 64 -57.10 -20.22 3.59
CA VAL B 64 -58.13 -21.24 3.39
C VAL B 64 -59.31 -20.95 4.33
N TYR B 65 -59.07 -20.49 5.55
CA TYR B 65 -60.22 -20.16 6.37
C TYR B 65 -59.77 -18.91 7.15
N THR B 66 -60.61 -18.39 8.04
CA THR B 66 -60.24 -17.24 8.87
C THR B 66 -60.83 -17.41 10.25
N SER B 67 -60.07 -17.04 11.27
CA SER B 67 -60.55 -17.19 12.63
C SER B 67 -60.00 -16.18 13.62
N ASN B 68 -60.92 -15.50 14.29
CA ASN B 68 -60.58 -14.50 15.29
C ASN B 68 -61.23 -14.79 16.61
N LYS B 69 -60.44 -14.84 17.67
CA LYS B 69 -61.00 -15.02 19.00
C LYS B 69 -60.60 -13.85 19.89
N SER B 70 -61.16 -13.84 21.09
CA SER B 70 -60.90 -12.83 22.10
C SER B 70 -61.66 -13.33 23.31
N LYS B 71 -61.26 -12.92 24.50
CA LYS B 71 -61.97 -13.44 25.65
C LYS B 71 -62.51 -12.30 26.53
N GLY B 72 -63.06 -12.69 27.66
CA GLY B 72 -63.64 -11.82 28.66
C GLY B 72 -62.68 -10.89 29.36
N SER B 73 -61.49 -11.39 29.61
CA SER B 73 -60.49 -10.66 30.36
C SER B 73 -59.91 -9.42 29.71
N GLN B 74 -59.06 -9.57 28.72
CA GLN B 74 -58.39 -8.38 28.21
C GLN B 74 -58.09 -8.20 26.73
N THR B 75 -57.28 -9.11 26.19
CA THR B 75 -56.90 -9.07 24.79
C THR B 75 -57.59 -9.77 23.61
N LEU B 76 -57.04 -9.44 22.43
CA LEU B 76 -57.53 -9.86 21.13
C LEU B 76 -56.46 -10.04 20.04
N ARG B 77 -56.67 -11.00 19.13
CA ARG B 77 -55.75 -11.26 18.01
C ARG B 77 -56.54 -11.99 16.94
N TRP B 78 -56.09 -11.82 15.70
CA TRP B 78 -56.54 -12.66 14.59
C TRP B 78 -55.58 -13.68 14.00
N SER B 79 -56.11 -14.83 13.63
CA SER B 79 -55.32 -15.83 12.95
C SER B 79 -55.68 -15.80 11.48
N ILE B 80 -54.69 -16.07 10.63
CA ILE B 80 -54.82 -16.16 9.19
C ILE B 80 -54.27 -17.50 8.76
N PHE B 81 -54.99 -18.16 7.86
CA PHE B 81 -54.64 -19.49 7.41
C PHE B 81 -53.87 -19.40 6.10
N GLN B 82 -53.18 -20.48 5.73
CA GLN B 82 -52.43 -20.43 4.48
C GLN B 82 -52.03 -21.84 4.07
N ASN B 83 -51.77 -21.98 2.79
CA ASN B 83 -51.35 -23.23 2.20
C ASN B 83 -49.98 -23.58 2.77
N ARG B 84 -49.96 -24.62 3.59
CA ARG B 84 -48.77 -25.09 4.31
C ARG B 84 -48.29 -24.08 5.35
N THR B 85 -49.04 -23.00 5.56
CA THR B 85 -48.62 -22.02 6.55
C THR B 85 -49.74 -21.57 7.52
N LEU B 86 -49.35 -21.11 8.70
CA LEU B 86 -50.25 -20.65 9.77
C LEU B 86 -49.74 -19.31 10.27
N THR B 87 -50.62 -18.40 10.63
CA THR B 87 -50.21 -17.02 10.92
C THR B 87 -51.17 -16.34 11.87
N ILE B 88 -50.68 -15.34 12.59
CA ILE B 88 -51.42 -14.76 13.71
C ILE B 88 -50.83 -13.41 14.10
N PHE B 89 -51.68 -12.45 14.44
CA PHE B 89 -51.19 -11.14 14.87
C PHE B 89 -52.19 -10.41 15.74
N ASP B 90 -51.73 -9.30 16.31
CA ASP B 90 -52.45 -8.62 17.38
C ASP B 90 -53.21 -7.40 16.89
N VAL B 91 -54.53 -7.53 16.84
CA VAL B 91 -55.43 -6.41 16.57
C VAL B 91 -56.45 -6.21 17.67
N SER B 92 -56.02 -5.61 18.76
CA SER B 92 -56.87 -5.42 19.91
C SER B 92 -57.03 -3.94 20.19
N LEU B 93 -58.22 -3.53 20.62
CA LEU B 93 -58.39 -2.15 21.02
C LEU B 93 -58.59 -2.06 22.52
N ASN B 94 -57.47 -2.00 23.22
CA ASN B 94 -57.44 -2.02 24.68
C ASN B 94 -56.74 -0.82 25.33
N SER B 95 -56.69 -0.87 26.66
CA SER B 95 -56.04 0.16 27.48
C SER B 95 -55.19 -0.44 28.62
N LYS B 96 -53.98 -0.91 28.30
CA LYS B 96 -53.10 -1.51 29.30
C LYS B 96 -51.77 -0.80 29.29
N LYS B 97 -50.80 -1.36 30.00
CA LYS B 97 -49.46 -0.80 29.97
C LYS B 97 -48.87 -0.88 28.57
N GLU B 98 -48.90 -2.05 27.96
CA GLU B 98 -48.34 -2.20 26.62
C GLU B 98 -49.25 -3.04 25.73
N PRO B 99 -50.47 -2.54 25.46
CA PRO B 99 -51.35 -3.26 24.54
C PRO B 99 -51.19 -2.68 23.16
N LEU B 100 -49.97 -2.25 22.84
CA LEU B 100 -49.75 -1.44 21.67
C LEU B 100 -48.49 -1.89 20.92
N SER B 101 -47.40 -2.16 21.64
CA SER B 101 -46.20 -2.66 20.98
C SER B 101 -46.44 -4.09 20.55
N LYS B 102 -46.47 -4.31 19.24
CA LYS B 102 -46.92 -5.58 18.68
C LYS B 102 -45.96 -6.12 17.63
N PHE B 103 -46.14 -7.39 17.31
CA PHE B 103 -45.32 -8.09 16.33
C PHE B 103 -46.14 -9.19 15.66
N ASN B 104 -45.88 -9.45 14.38
CA ASN B 104 -46.61 -10.49 13.66
C ASN B 104 -45.93 -11.85 13.73
N VAL B 105 -46.74 -12.88 13.99
CA VAL B 105 -46.22 -14.23 14.16
C VAL B 105 -46.56 -15.17 13.00
N LYS B 106 -45.53 -15.80 12.43
CA LYS B 106 -45.71 -16.82 11.40
C LYS B 106 -45.39 -18.21 11.95
N ILE B 107 -46.40 -19.06 12.09
CA ILE B 107 -46.14 -20.41 12.54
C ILE B 107 -46.14 -21.36 11.33
N HIS B 108 -44.96 -21.81 10.93
CA HIS B 108 -44.84 -22.72 9.79
C HIS B 108 -45.24 -24.14 10.19
N PHE B 109 -45.85 -24.85 9.25
CA PHE B 109 -46.30 -26.22 9.44
C PHE B 109 -45.77 -27.23 8.40
N PRO B 110 -45.61 -28.50 8.80
CA PRO B 110 -45.17 -29.62 7.94
C PRO B 110 -46.05 -29.72 6.71
N SER B 111 -47.32 -29.44 6.90
CA SER B 111 -48.32 -29.55 5.85
C SER B 111 -49.38 -28.52 6.17
N ASN B 112 -50.25 -28.22 5.22
CA ASN B 112 -51.23 -27.16 5.42
C ASN B 112 -52.22 -27.41 6.52
N VAL B 113 -52.88 -26.32 6.89
CA VAL B 113 -53.89 -26.33 7.94
C VAL B 113 -55.21 -26.96 7.53
N MET B 114 -55.08 -28.15 6.92
CA MET B 114 -56.16 -28.97 6.38
C MET B 114 -56.75 -28.24 5.17
N LYS B 115 -57.25 -28.99 4.20
CA LYS B 115 -57.87 -28.39 3.02
C LYS B 115 -59.27 -27.92 3.40
N ASP B 116 -59.70 -28.17 4.63
CA ASP B 116 -61.04 -27.78 5.05
C ASP B 116 -61.09 -26.75 6.19
N GLY B 117 -62.31 -26.36 6.54
CA GLY B 117 -62.60 -25.31 7.51
C GLY B 117 -62.13 -25.57 8.92
N VAL B 118 -61.96 -26.85 9.21
CA VAL B 118 -61.57 -27.35 10.52
C VAL B 118 -60.20 -26.94 11.00
N ALA B 119 -59.71 -27.65 12.02
CA ALA B 119 -58.38 -27.41 12.59
C ALA B 119 -58.36 -26.29 13.61
N PHE B 120 -59.39 -25.46 13.70
CA PHE B 120 -59.24 -24.27 14.55
C PHE B 120 -59.91 -24.09 15.91
N SER B 121 -59.06 -23.94 16.94
CA SER B 121 -59.54 -23.62 18.28
C SER B 121 -58.67 -22.61 19.03
N PHE B 122 -59.30 -21.75 19.82
CA PHE B 122 -58.57 -20.75 20.60
C PHE B 122 -59.21 -20.54 21.96
N SER B 123 -58.50 -20.87 23.02
CA SER B 123 -59.04 -20.60 24.34
C SER B 123 -57.86 -20.17 25.22
N GLU B 124 -58.11 -19.41 26.28
CA GLU B 124 -57.00 -19.04 27.16
C GLU B 124 -57.14 -19.78 28.51
N HIS B 125 -56.47 -19.24 29.53
CA HIS B 125 -56.49 -19.80 30.88
C HIS B 125 -56.18 -18.71 31.89
N SER B 126 -54.94 -18.25 31.86
CA SER B 126 -54.49 -17.17 32.72
C SER B 126 -53.27 -16.52 32.08
N ASP B 127 -53.46 -15.29 31.62
CA ASP B 127 -52.41 -14.49 30.99
C ASP B 127 -51.60 -15.19 29.90
N THR B 128 -52.21 -16.15 29.21
CA THR B 128 -51.54 -16.89 28.13
C THR B 128 -52.59 -17.34 27.12
N THR B 129 -52.12 -17.57 25.89
CA THR B 129 -52.97 -18.05 24.80
C THR B 129 -52.77 -19.50 24.34
N ILE B 130 -53.79 -20.34 24.52
CA ILE B 130 -53.68 -21.74 24.11
C ILE B 130 -54.49 -22.05 22.83
N ILE B 131 -53.79 -22.52 21.81
CA ILE B 131 -54.37 -22.80 20.50
C ILE B 131 -54.27 -24.27 20.06
N TYR B 132 -55.38 -24.79 19.54
CA TYR B 132 -55.44 -26.19 19.08
C TYR B 132 -55.64 -26.25 17.57
N ALA B 133 -54.85 -27.10 16.92
CA ALA B 133 -54.94 -27.26 15.46
C ALA B 133 -54.89 -28.68 14.92
N ILE B 134 -55.17 -28.81 13.61
CA ILE B 134 -55.14 -30.09 12.93
C ILE B 134 -54.53 -29.94 11.53
N THR B 135 -53.48 -30.67 11.23
CA THR B 135 -52.82 -30.55 9.92
C THR B 135 -53.59 -31.39 8.91
N HIS B 136 -53.11 -31.34 7.68
CA HIS B 136 -53.78 -31.94 6.53
C HIS B 136 -54.05 -33.43 6.62
N ALA B 137 -53.13 -34.23 7.14
CA ALA B 137 -53.42 -35.65 7.06
C ALA B 137 -53.86 -36.37 8.33
N ARG B 138 -53.15 -36.21 9.45
CA ARG B 138 -53.60 -36.93 10.66
C ARG B 138 -52.98 -36.59 12.03
N VAL B 139 -52.91 -35.33 12.42
CA VAL B 139 -52.28 -34.96 13.70
C VAL B 139 -52.92 -33.72 14.34
N LEU B 140 -52.71 -33.53 15.64
CA LEU B 140 -53.24 -32.35 16.32
C LEU B 140 -52.08 -31.55 16.84
N TYR B 141 -52.34 -30.28 17.14
CA TYR B 141 -51.32 -29.39 17.66
C TYR B 141 -51.83 -28.59 18.85
N TYR B 142 -50.99 -28.46 19.86
CA TYR B 142 -51.27 -27.67 21.05
C TYR B 142 -50.17 -26.65 21.23
N ILE B 143 -50.50 -25.36 21.18
CA ILE B 143 -49.47 -24.34 21.38
C ILE B 143 -49.85 -23.33 22.47
N ARG B 144 -48.92 -23.03 23.38
CA ARG B 144 -49.18 -22.02 24.41
C ARG B 144 -48.19 -20.83 24.25
N LEU B 145 -48.74 -19.67 23.91
CA LEU B 145 -47.96 -18.44 23.73
C LEU B 145 -48.29 -17.34 24.74
N SER B 146 -47.24 -16.81 25.35
CA SER B 146 -47.39 -15.76 26.34
C SER B 146 -47.80 -14.40 25.75
N LYS B 147 -48.63 -13.68 26.49
CA LYS B 147 -49.09 -12.36 26.08
C LYS B 147 -47.88 -11.42 25.97
N THR B 148 -46.95 -11.66 26.89
CA THR B 148 -45.72 -10.88 27.01
C THR B 148 -44.99 -11.10 25.71
N TRP B 149 -45.04 -12.35 25.25
CA TRP B 149 -44.30 -12.78 24.08
C TRP B 149 -44.81 -11.91 22.92
N PHE B 150 -46.12 -11.65 22.90
CA PHE B 150 -46.72 -10.76 21.90
C PHE B 150 -46.25 -9.32 22.04
N GLN B 151 -46.16 -8.84 23.27
CA GLN B 151 -45.76 -7.44 23.44
C GLN B 151 -44.29 -7.20 23.15
N LEU B 152 -43.44 -8.18 23.47
CA LEU B 152 -42.00 -7.98 23.36
C LEU B 152 -41.51 -7.98 21.93
N PRO B 153 -40.43 -7.22 21.70
CA PRO B 153 -39.72 -7.21 20.43
C PRO B 153 -38.86 -8.47 20.31
N ASP B 154 -38.64 -9.13 21.45
CA ASP B 154 -37.69 -10.24 21.55
C ASP B 154 -37.98 -11.45 20.69
N ALA B 155 -36.90 -11.95 20.10
CA ALA B 155 -36.89 -13.18 19.32
C ALA B 155 -37.03 -14.41 20.21
N ARG B 156 -36.44 -14.36 21.40
CA ARG B 156 -36.33 -15.60 22.17
C ARG B 156 -37.52 -15.97 23.06
N LEU B 157 -37.62 -17.28 23.23
CA LEU B 157 -38.63 -17.97 24.01
C LEU B 157 -37.80 -19.04 24.73
N ASP B 158 -38.00 -19.20 26.03
CA ASP B 158 -37.22 -20.20 26.74
C ASP B 158 -38.04 -21.36 27.32
N ASP B 159 -39.11 -21.73 26.60
CA ASP B 159 -39.96 -22.84 27.01
C ASP B 159 -40.42 -23.78 25.90
N ASP B 160 -41.25 -24.73 26.32
CA ASP B 160 -41.85 -25.72 25.45
C ASP B 160 -43.21 -25.13 25.16
N TRP B 161 -43.28 -24.33 24.12
CA TRP B 161 -44.50 -23.63 23.76
C TRP B 161 -45.54 -24.59 23.20
N CYS B 162 -45.08 -25.73 22.69
CA CYS B 162 -46.02 -26.68 22.15
C CYS B 162 -45.82 -28.18 22.35
N LEU B 163 -46.94 -28.91 22.29
CA LEU B 163 -46.94 -30.37 22.33
C LEU B 163 -47.96 -30.88 21.31
N CYS B 164 -47.44 -31.60 20.31
CA CYS B 164 -48.27 -32.20 19.28
C CYS B 164 -48.75 -33.53 19.84
N TYR B 165 -49.98 -33.95 19.52
CA TYR B 165 -50.38 -35.23 20.04
C TYR B 165 -51.45 -35.92 19.18
N ARG B 166 -51.57 -37.24 19.28
CA ARG B 166 -52.61 -37.98 18.55
C ARG B 166 -53.42 -38.78 19.55
N PRO B 167 -54.54 -38.20 19.99
CA PRO B 167 -55.47 -38.78 20.96
C PRO B 167 -56.30 -40.01 20.58
N ILE B 168 -56.89 -39.97 19.40
CA ILE B 168 -57.80 -41.01 18.93
C ILE B 168 -57.22 -41.34 17.57
N SER B 169 -57.59 -42.47 16.96
CA SER B 169 -57.00 -42.75 15.68
C SER B 169 -57.81 -42.03 14.60
N PHE B 170 -57.18 -40.97 14.09
CA PHE B 170 -57.79 -40.15 13.07
C PHE B 170 -57.73 -40.83 11.70
N LEU B 171 -56.77 -41.76 11.57
CA LEU B 171 -56.54 -42.46 10.31
C LEU B 171 -57.86 -43.19 10.06
N ASN B 172 -58.35 -43.82 11.13
CA ASN B 172 -59.57 -44.59 11.10
C ASN B 172 -60.69 -43.59 10.84
N GLN B 173 -60.82 -42.62 11.73
CA GLN B 173 -61.87 -41.61 11.63
C GLN B 173 -61.31 -40.21 11.40
N LYS B 174 -61.52 -39.68 10.20
CA LYS B 174 -61.00 -38.36 9.81
C LYS B 174 -61.88 -37.34 10.52
N PRO B 175 -61.26 -36.26 11.05
CA PRO B 175 -62.16 -35.32 11.70
C PRO B 175 -62.87 -34.38 10.73
N ASP B 176 -63.92 -33.74 11.20
CA ASP B 176 -64.73 -32.87 10.38
C ASP B 176 -65.11 -31.65 11.20
N LEU B 177 -65.06 -31.76 12.52
CA LEU B 177 -65.40 -30.59 13.31
C LEU B 177 -64.63 -30.56 14.64
N MET B 178 -63.89 -29.49 14.95
CA MET B 178 -63.21 -29.47 16.24
C MET B 178 -63.90 -28.43 17.15
N ALA B 179 -64.12 -28.78 18.42
CA ALA B 179 -64.79 -27.83 19.33
C ALA B 179 -64.18 -27.79 20.74
N ALA B 180 -63.69 -26.61 21.11
CA ALA B 180 -63.03 -26.38 22.39
C ALA B 180 -63.99 -26.31 23.56
N ILE B 181 -63.52 -26.75 24.72
CA ILE B 181 -64.29 -26.64 25.94
C ILE B 181 -63.49 -26.02 27.10
N SER B 182 -62.23 -26.43 27.27
CA SER B 182 -61.39 -25.91 28.34
C SER B 182 -59.91 -25.88 27.97
N THR B 183 -59.09 -25.27 28.82
CA THR B 183 -57.65 -25.18 28.57
C THR B 183 -57.01 -26.56 28.46
N SER B 184 -57.41 -27.47 29.34
CA SER B 184 -56.94 -28.84 29.37
C SER B 184 -57.63 -29.70 28.30
N GLU B 185 -58.93 -29.47 28.13
CA GLU B 185 -59.79 -30.34 27.33
C GLU B 185 -60.43 -29.74 26.08
N ILE B 186 -60.67 -30.58 25.08
CA ILE B 186 -61.28 -30.13 23.81
C ILE B 186 -61.88 -31.30 23.03
N CYS B 187 -63.15 -31.18 22.63
CA CYS B 187 -63.80 -32.29 21.94
C CYS B 187 -63.62 -32.28 20.42
N VAL B 188 -63.81 -33.44 19.80
CA VAL B 188 -63.76 -33.60 18.34
C VAL B 188 -64.94 -34.37 17.73
N SER B 189 -65.37 -33.92 16.55
CA SER B 189 -66.47 -34.54 15.82
C SER B 189 -65.96 -35.15 14.51
N PHE B 190 -66.38 -36.38 14.27
CA PHE B 190 -66.00 -37.21 13.12
C PHE B 190 -67.13 -37.37 12.11
N PHE B 191 -66.76 -37.66 10.86
CA PHE B 191 -67.73 -37.86 9.79
C PHE B 191 -68.63 -39.02 10.15
N ASN B 192 -68.08 -40.04 10.80
CA ASN B 192 -68.89 -41.20 11.18
C ASN B 192 -69.98 -40.73 12.13
N GLY B 193 -69.71 -39.66 12.87
CA GLY B 193 -70.69 -39.09 13.79
C GLY B 193 -70.36 -39.16 15.27
N GLY B 194 -69.30 -39.88 15.62
CA GLY B 194 -68.92 -40.01 17.01
C GLY B 194 -68.22 -38.75 17.50
N LEU B 195 -68.34 -38.50 18.79
CA LEU B 195 -67.67 -37.35 19.37
C LEU B 195 -66.68 -37.77 20.44
N THR B 196 -65.39 -37.55 20.20
CA THR B 196 -64.43 -37.88 21.23
C THR B 196 -64.20 -36.61 22.05
N LYS B 197 -63.51 -36.75 23.18
CA LYS B 197 -63.14 -35.61 24.00
C LYS B 197 -61.66 -35.88 24.18
N ILE B 198 -60.88 -34.82 24.38
CA ILE B 198 -59.46 -34.98 24.63
C ILE B 198 -58.88 -34.19 25.79
N ILE B 199 -58.08 -34.87 26.62
CA ILE B 199 -57.50 -34.24 27.78
C ILE B 199 -55.99 -34.33 27.59
N LEU B 200 -55.32 -33.19 27.61
CA LEU B 200 -53.88 -33.14 27.50
C LEU B 200 -53.38 -32.51 28.79
N ASN B 201 -52.09 -32.66 29.03
CA ASN B 201 -51.48 -32.19 30.25
C ASN B 201 -50.00 -32.33 29.94
N PRO B 202 -49.13 -31.53 30.59
CA PRO B 202 -47.70 -31.72 30.38
C PRO B 202 -47.24 -33.13 30.68
N LYS B 203 -46.64 -33.78 29.68
CA LYS B 203 -46.23 -35.18 29.76
C LYS B 203 -47.42 -36.12 30.03
N ASP B 204 -48.59 -35.79 29.45
CA ASP B 204 -49.84 -36.50 29.74
C ASP B 204 -51.00 -36.34 28.76
N ALA B 205 -51.77 -37.41 28.57
CA ALA B 205 -52.97 -37.34 27.73
C ALA B 205 -53.95 -38.50 27.99
N SER B 206 -55.19 -38.17 28.33
CA SER B 206 -56.24 -39.16 28.62
C SER B 206 -57.47 -38.84 27.78
N HIS B 207 -58.26 -39.84 27.37
CA HIS B 207 -59.21 -39.54 26.30
C HIS B 207 -60.62 -40.14 26.51
N TYR B 208 -61.62 -39.55 25.88
CA TYR B 208 -63.01 -39.98 26.04
C TYR B 208 -63.79 -40.06 24.73
N GLU B 209 -64.87 -40.84 24.69
CA GLU B 209 -65.70 -40.87 23.48
C GLU B 209 -67.22 -40.94 23.75
N GLN B 210 -68.03 -40.58 22.75
CA GLN B 210 -69.28 -41.27 22.42
C GLN B 210 -69.20 -41.54 20.91
N HIS B 211 -68.19 -42.34 20.54
CA HIS B 211 -68.00 -42.85 19.17
C HIS B 211 -69.25 -43.36 18.44
N ASP B 233 -72.50 -39.67 -1.93
CA ASP B 233 -71.37 -39.20 -1.13
C ASP B 233 -71.40 -39.72 0.30
N TYR B 234 -70.23 -40.07 0.82
CA TYR B 234 -70.14 -40.78 2.09
C TYR B 234 -70.88 -40.08 3.18
N ARG B 235 -71.74 -40.83 3.86
CA ARG B 235 -72.50 -40.20 4.91
C ARG B 235 -72.70 -41.14 6.07
N SER B 236 -73.06 -40.55 7.20
CA SER B 236 -73.27 -41.28 8.43
C SER B 236 -74.29 -40.55 9.28
N PRO B 237 -75.54 -41.05 9.26
CA PRO B 237 -76.72 -40.45 9.91
C PRO B 237 -76.65 -40.15 11.41
N ASN B 238 -75.47 -39.86 11.95
CA ASN B 238 -75.36 -39.24 13.27
C ASN B 238 -74.22 -38.24 13.27
N THR B 239 -73.60 -38.07 12.10
CA THR B 239 -72.59 -37.04 11.92
C THR B 239 -73.23 -35.74 12.37
N ILE B 240 -72.45 -34.81 12.87
CA ILE B 240 -72.99 -33.49 13.13
C ILE B 240 -72.41 -32.50 12.11
N ILE B 241 -73.23 -31.54 11.71
CA ILE B 241 -72.82 -30.55 10.73
C ILE B 241 -71.99 -29.48 11.43
N SER B 242 -72.53 -28.84 12.46
CA SER B 242 -71.76 -27.82 13.17
C SER B 242 -72.09 -27.74 14.66
N MET B 243 -71.06 -28.00 15.46
CA MET B 243 -71.08 -27.87 16.91
C MET B 243 -70.90 -26.46 17.43
N ILE B 244 -71.36 -26.19 18.65
CA ILE B 244 -71.28 -24.85 19.19
C ILE B 244 -71.09 -25.00 20.70
N PHE B 245 -70.46 -24.00 21.31
CA PHE B 245 -70.20 -24.05 22.74
C PHE B 245 -70.45 -22.72 23.42
N LEU B 246 -71.14 -22.86 24.55
CA LEU B 246 -71.49 -21.82 25.51
C LEU B 246 -71.41 -22.38 26.89
N SER B 247 -70.94 -21.62 27.85
CA SER B 247 -70.92 -22.24 29.14
C SER B 247 -71.81 -21.51 30.13
N THR B 248 -72.48 -22.32 30.95
CA THR B 248 -73.23 -21.83 32.08
C THR B 248 -72.17 -22.30 33.05
N TYR B 249 -71.56 -23.41 32.64
CA TYR B 249 -70.40 -24.06 33.26
C TYR B 249 -69.81 -24.95 32.18
N ASN B 250 -70.56 -25.94 31.71
CA ASN B 250 -70.09 -26.88 30.69
C ASN B 250 -71.17 -27.48 29.79
N VAL B 251 -71.81 -26.69 28.92
CA VAL B 251 -72.84 -27.28 28.05
C VAL B 251 -72.64 -26.96 26.55
N LEU B 252 -72.83 -27.96 25.70
CA LEU B 252 -72.67 -27.85 24.23
C LEU B 252 -73.99 -28.00 23.47
N VAL B 253 -74.02 -27.52 22.22
CA VAL B 253 -75.23 -27.68 21.41
C VAL B 253 -74.78 -28.18 20.04
N MET B 254 -75.53 -29.17 19.56
CA MET B 254 -75.26 -29.87 18.32
C MET B 254 -76.44 -30.05 17.39
N LEU B 255 -76.12 -30.10 16.09
CA LEU B 255 -77.10 -30.36 15.06
C LEU B 255 -76.47 -31.49 14.22
N SER B 256 -77.15 -32.64 14.19
CA SER B 256 -76.63 -33.82 13.51
C SER B 256 -77.10 -34.03 12.08
N LEU B 257 -76.52 -35.03 11.41
CA LEU B 257 -76.86 -35.38 10.04
C LEU B 257 -78.31 -35.87 10.05
N ASP B 258 -78.69 -36.50 11.17
CA ASP B 258 -80.02 -37.06 11.37
C ASP B 258 -80.94 -35.86 11.45
N TYR B 259 -80.31 -34.71 11.65
CA TYR B 259 -80.97 -33.42 11.71
C TYR B 259 -81.72 -33.32 13.03
N LYS B 260 -81.08 -33.93 14.03
CA LYS B 260 -81.52 -33.91 15.43
C LYS B 260 -80.76 -32.86 16.25
N LEU B 261 -81.44 -32.18 17.16
CA LEU B 261 -80.81 -31.14 17.98
C LEU B 261 -80.41 -31.76 19.30
N LYS B 262 -79.17 -32.23 19.34
CA LYS B 262 -78.60 -32.87 20.52
C LYS B 262 -77.91 -31.86 21.44
N VAL B 263 -78.23 -31.87 22.72
CA VAL B 263 -77.65 -30.92 23.67
C VAL B 263 -76.79 -31.75 24.61
N LEU B 264 -75.52 -31.34 24.79
CA LEU B 264 -74.57 -32.13 25.58
C LEU B 264 -74.04 -31.54 26.89
N ASP B 265 -73.99 -32.38 27.91
CA ASP B 265 -73.46 -32.05 29.22
C ASP B 265 -72.00 -32.58 29.26
N LEU B 266 -71.00 -31.72 29.53
CA LEU B 266 -69.60 -32.18 29.48
C LEU B 266 -69.21 -33.17 30.59
N SER B 267 -69.79 -33.04 31.77
CA SER B 267 -69.48 -33.91 32.89
C SER B 267 -69.81 -35.36 32.55
N THR B 268 -71.04 -35.58 32.12
CA THR B 268 -71.53 -36.90 31.80
C THR B 268 -70.89 -37.47 30.52
N ASN B 269 -70.62 -36.59 29.55
CA ASN B 269 -70.13 -36.95 28.20
C ASN B 269 -71.17 -37.78 27.47
N GLN B 270 -72.43 -37.53 27.84
CA GLN B 270 -73.58 -38.18 27.25
C GLN B 270 -74.54 -37.06 26.87
N CYS B 271 -75.43 -37.32 25.92
CA CYS B 271 -76.38 -36.33 25.42
C CYS B 271 -77.49 -36.03 26.45
N VAL B 272 -77.49 -34.80 26.99
CA VAL B 272 -78.47 -34.41 28.00
C VAL B 272 -79.86 -34.22 27.37
N GLU B 273 -79.97 -33.66 26.18
CA GLU B 273 -81.32 -33.47 25.61
C GLU B 273 -81.34 -33.70 24.11
N THR B 274 -82.55 -33.97 23.62
CA THR B 274 -82.78 -34.18 22.21
C THR B 274 -84.08 -33.65 21.64
N ILE B 275 -84.00 -32.89 20.54
CA ILE B 275 -85.22 -32.36 19.96
C ILE B 275 -85.20 -32.79 18.49
N GLU B 276 -86.37 -33.10 17.94
CA GLU B 276 -86.54 -33.51 16.53
C GLU B 276 -87.07 -32.43 15.61
N LEU B 277 -86.25 -32.03 14.66
CA LEU B 277 -86.62 -30.98 13.75
C LEU B 277 -86.89 -31.64 12.40
N SER B 278 -88.12 -31.62 11.90
CA SER B 278 -88.42 -32.45 10.74
C SER B 278 -88.53 -31.73 9.39
N GLN B 279 -87.44 -31.69 8.64
CA GLN B 279 -87.41 -31.16 7.28
C GLN B 279 -86.65 -32.12 6.37
N THR B 280 -87.29 -32.54 5.28
CA THR B 280 -86.73 -33.53 4.35
C THR B 280 -85.89 -32.87 3.26
N ILE B 281 -86.31 -31.68 2.82
CA ILE B 281 -85.61 -30.98 1.76
C ILE B 281 -84.46 -30.15 2.30
N LEU B 282 -84.24 -30.27 3.60
CA LEU B 282 -83.18 -29.51 4.26
C LEU B 282 -81.77 -30.16 4.22
N PRO B 283 -81.66 -31.46 4.62
CA PRO B 283 -80.32 -32.06 4.54
C PRO B 283 -79.88 -32.30 3.10
N LEU B 284 -80.81 -32.14 2.15
CA LEU B 284 -80.46 -32.26 0.74
C LEU B 284 -79.48 -31.15 0.37
N GLN B 285 -79.47 -30.10 1.19
CA GLN B 285 -78.57 -28.98 1.00
C GLN B 285 -77.40 -29.09 1.98
N SER B 286 -76.21 -29.30 1.44
CA SER B 286 -75.00 -29.49 2.23
C SER B 286 -73.97 -28.40 1.95
N PHE B 287 -73.44 -27.79 3.01
CA PHE B 287 -72.50 -26.69 2.83
C PHE B 287 -71.14 -27.02 3.42
N PRO B 288 -70.06 -26.69 2.68
CA PRO B 288 -68.69 -26.79 3.18
C PRO B 288 -68.44 -25.65 4.15
N TYR B 289 -67.51 -25.83 5.08
CA TYR B 289 -67.37 -24.94 6.23
C TYR B 289 -68.72 -24.46 6.78
N LEU B 290 -68.92 -23.15 6.88
CA LEU B 290 -70.15 -22.57 7.41
C LEU B 290 -70.37 -22.89 8.88
N THR B 291 -70.85 -21.91 9.64
CA THR B 291 -71.27 -22.14 11.01
C THR B 291 -72.79 -22.23 11.03
N SER B 292 -73.33 -23.40 11.37
CA SER B 292 -74.77 -23.60 11.42
C SER B 292 -75.42 -23.01 12.67
N ASP B 293 -74.62 -22.74 13.70
CA ASP B 293 -75.14 -22.22 14.98
C ASP B 293 -74.19 -21.19 15.59
N HIS B 294 -74.75 -20.18 16.28
CA HIS B 294 -73.95 -19.27 17.09
C HIS B 294 -74.71 -18.68 18.29
N THR B 295 -74.24 -17.55 18.82
CA THR B 295 -74.60 -17.22 20.20
C THR B 295 -74.27 -15.84 20.79
N THR B 296 -75.15 -15.41 21.70
CA THR B 296 -75.00 -14.17 22.48
C THR B 296 -74.33 -14.32 23.85
N ASN B 297 -75.04 -14.94 24.80
CA ASN B 297 -74.56 -15.07 26.17
C ASN B 297 -74.92 -16.40 26.82
N SER B 298 -76.17 -16.48 27.29
CA SER B 298 -76.70 -17.69 27.90
C SER B 298 -77.54 -18.42 26.87
N PHE B 299 -78.21 -17.63 26.05
CA PHE B 299 -79.07 -18.12 24.98
C PHE B 299 -78.28 -18.33 23.67
N ILE B 300 -78.88 -19.00 22.70
CA ILE B 300 -78.17 -19.37 21.47
C ILE B 300 -79.11 -19.45 20.26
N ALA B 301 -78.63 -19.11 19.07
CA ALA B 301 -79.47 -19.22 17.87
C ALA B 301 -78.81 -19.93 16.69
N LEU B 302 -79.65 -20.45 15.80
CA LEU B 302 -79.19 -21.11 14.58
C LEU B 302 -80.32 -21.03 13.56
N TYR B 303 -80.03 -21.31 12.30
CA TYR B 303 -81.09 -21.30 11.29
C TYR B 303 -80.88 -22.15 10.05
N TYR B 304 -81.99 -22.58 9.45
CA TYR B 304 -81.90 -23.42 8.26
C TYR B 304 -82.50 -22.73 7.03
N PRO B 305 -81.67 -22.56 5.98
CA PRO B 305 -82.00 -21.86 4.73
C PRO B 305 -83.28 -22.35 4.03
N ASP B 306 -83.67 -23.60 4.25
CA ASP B 306 -84.77 -24.23 3.52
C ASP B 306 -84.59 -24.21 2.00
N ASN B 307 -83.33 -24.33 1.59
CA ASN B 307 -82.93 -24.41 0.17
C ASN B 307 -83.25 -23.17 -0.67
N SER B 308 -83.64 -23.37 -1.94
CA SER B 308 -83.72 -22.28 -2.93
C SER B 308 -84.53 -21.05 -2.51
N HIS B 309 -85.47 -21.23 -1.60
CA HIS B 309 -86.24 -20.11 -1.08
C HIS B 309 -85.35 -19.07 -0.44
N GLY B 310 -84.24 -19.53 0.11
CA GLY B 310 -83.31 -18.65 0.80
C GLY B 310 -84.04 -17.95 1.91
N SER B 311 -84.85 -18.71 2.63
CA SER B 311 -85.65 -18.18 3.72
C SER B 311 -84.83 -18.00 4.98
N PHE B 312 -84.07 -19.04 5.34
CA PHE B 312 -83.32 -19.06 6.60
C PHE B 312 -84.28 -18.89 7.76
N SER B 313 -83.77 -18.43 8.90
CA SER B 313 -84.61 -18.27 10.09
C SER B 313 -83.83 -17.60 11.22
N ILE B 314 -84.42 -17.61 12.41
CA ILE B 314 -83.70 -17.43 13.66
C ILE B 314 -84.43 -18.27 14.70
N TYR B 315 -83.78 -19.33 15.16
CA TYR B 315 -84.35 -20.15 16.21
C TYR B 315 -83.57 -19.96 17.51
N LYS B 316 -83.63 -18.77 18.08
CA LYS B 316 -82.86 -18.48 19.29
C LYS B 316 -83.39 -19.25 20.50
N LEU B 317 -82.75 -20.37 20.79
CA LEU B 317 -83.16 -21.21 21.90
C LEU B 317 -82.77 -20.58 23.24
N ASN B 318 -83.70 -20.60 24.19
CA ASN B 318 -83.42 -20.30 25.59
C ASN B 318 -83.34 -21.54 26.46
N ALA B 319 -82.16 -21.75 27.03
CA ALA B 319 -81.86 -22.91 27.84
C ALA B 319 -82.01 -22.67 29.34
N ASN B 320 -83.12 -23.13 29.88
CA ASN B 320 -83.40 -22.98 31.31
C ASN B 320 -82.84 -24.17 32.08
N ALA B 321 -81.64 -24.00 32.61
CA ALA B 321 -80.96 -25.07 33.32
C ALA B 321 -81.59 -25.30 34.68
N HIS B 322 -82.23 -26.45 34.85
CA HIS B 322 -82.81 -26.80 36.13
C HIS B 322 -81.89 -27.77 36.88
N SER B 323 -82.03 -27.84 38.20
CA SER B 323 -81.15 -28.67 39.02
C SER B 323 -81.19 -30.15 38.66
N PHE B 324 -82.39 -30.65 38.40
CA PHE B 324 -82.60 -32.04 37.99
C PHE B 324 -81.89 -32.32 36.67
N LYS B 325 -82.14 -31.45 35.70
CA LYS B 325 -81.57 -31.57 34.37
C LYS B 325 -81.75 -30.24 33.67
N LEU B 326 -80.85 -29.96 32.72
CA LEU B 326 -80.89 -28.71 31.98
C LEU B 326 -82.02 -28.72 30.93
N ASN B 327 -82.87 -27.70 30.96
CA ASN B 327 -84.08 -27.67 30.13
C ASN B 327 -83.97 -26.80 28.88
N VAL B 328 -84.74 -27.16 27.85
CA VAL B 328 -84.64 -26.53 26.53
C VAL B 328 -85.96 -25.87 26.13
N VAL B 329 -85.93 -24.57 25.82
CA VAL B 329 -87.13 -23.90 25.32
C VAL B 329 -86.85 -22.98 24.13
N ILE B 330 -87.15 -23.47 22.92
CA ILE B 330 -87.04 -22.63 21.72
C ILE B 330 -88.27 -21.74 21.59
N GLU B 331 -88.09 -20.49 21.19
CA GLU B 331 -89.20 -19.51 21.28
C GLU B 331 -89.58 -18.70 20.03
N LYS B 332 -88.92 -18.88 18.89
CA LYS B 332 -89.19 -18.00 17.73
C LYS B 332 -89.08 -18.72 16.39
N GLY B 333 -89.98 -18.37 15.47
CA GLY B 333 -90.07 -19.04 14.19
C GLY B 333 -89.01 -18.75 13.16
N ILE B 334 -89.34 -17.90 12.20
CA ILE B 334 -88.50 -17.71 11.02
C ILE B 334 -88.26 -16.23 10.74
N ILE B 335 -87.06 -15.90 10.26
CA ILE B 335 -86.70 -14.54 9.88
C ILE B 335 -86.50 -14.41 8.37
N PRO B 336 -87.22 -13.47 7.74
CA PRO B 336 -87.18 -13.30 6.28
C PRO B 336 -85.81 -12.85 5.76
N PRO B 337 -85.59 -12.94 4.44
CA PRO B 337 -84.32 -12.48 3.87
C PRO B 337 -84.43 -11.15 3.14
N SER B 338 -83.30 -10.65 2.65
CA SER B 338 -83.29 -9.59 1.66
C SER B 338 -83.26 -10.25 0.28
N LEU B 339 -83.63 -9.52 -0.76
CA LEU B 339 -83.68 -10.12 -2.09
C LEU B 339 -82.77 -9.52 -3.19
N PRO B 340 -81.57 -9.01 -2.84
CA PRO B 340 -80.82 -8.49 -4.00
C PRO B 340 -80.01 -9.56 -4.75
N ASP B 341 -79.53 -10.57 -4.02
CA ASP B 341 -78.82 -11.69 -4.62
C ASP B 341 -79.72 -12.47 -5.56
N ASP B 342 -79.41 -12.47 -6.85
CA ASP B 342 -80.21 -13.22 -7.81
C ASP B 342 -79.41 -13.56 -9.05
N GLU B 343 -80.09 -13.80 -10.16
CA GLU B 343 -79.42 -14.11 -11.41
C GLU B 343 -78.57 -15.37 -11.27
N PHE B 344 -79.09 -16.34 -10.51
CA PHE B 344 -78.37 -17.57 -10.23
C PHE B 344 -77.06 -17.35 -9.45
N ILE B 345 -76.81 -16.11 -9.02
CA ILE B 345 -75.63 -15.81 -8.19
C ILE B 345 -75.77 -16.52 -6.85
N PRO B 346 -74.85 -17.46 -6.54
CA PRO B 346 -75.01 -18.28 -5.34
C PRO B 346 -74.79 -17.51 -4.05
N TRP B 347 -75.87 -17.14 -3.36
CA TRP B 347 -75.75 -16.63 -2.00
C TRP B 347 -75.21 -17.79 -1.19
N MET B 348 -74.31 -17.54 -0.25
CA MET B 348 -73.84 -18.61 0.60
C MET B 348 -73.63 -18.06 1.99
N LEU B 349 -74.23 -18.71 2.99
CA LEU B 349 -73.99 -18.27 4.34
C LEU B 349 -72.56 -18.62 4.69
N SER B 350 -71.76 -17.58 4.87
CA SER B 350 -70.36 -17.74 5.26
C SER B 350 -70.22 -17.96 6.76
N ASP B 351 -70.84 -17.06 7.51
CA ASP B 351 -70.77 -17.08 8.96
C ASP B 351 -71.72 -16.02 9.51
N PHE B 352 -72.34 -16.33 10.64
CA PHE B 352 -73.18 -15.38 11.32
C PHE B 352 -72.86 -15.37 12.81
N GLN B 353 -73.11 -14.26 13.47
CA GLN B 353 -72.87 -14.14 14.91
C GLN B 353 -74.03 -13.38 15.54
N LEU B 354 -74.65 -13.98 16.55
CA LEU B 354 -75.76 -13.33 17.26
C LEU B 354 -75.36 -12.68 18.58
N ILE B 355 -75.66 -11.40 18.71
CA ILE B 355 -75.31 -10.65 19.91
C ILE B 355 -76.52 -9.84 20.33
N SER B 356 -76.91 -9.97 21.60
CA SER B 356 -78.05 -9.23 22.13
C SER B 356 -77.58 -8.15 23.08
N SER B 357 -78.44 -7.17 23.35
CA SER B 357 -78.06 -6.12 24.28
C SER B 357 -78.25 -6.58 25.70
N GLU B 358 -77.14 -6.73 26.40
CA GLU B 358 -77.16 -7.24 27.75
C GLU B 358 -77.76 -6.20 28.70
N GLY B 359 -77.86 -4.96 28.21
CA GLY B 359 -78.43 -3.87 28.98
C GLY B 359 -79.86 -4.14 29.40
N SER B 360 -80.68 -4.54 28.43
CA SER B 360 -82.08 -4.88 28.69
C SER B 360 -82.65 -5.59 27.48
N GLN B 361 -83.48 -6.59 27.71
CA GLN B 361 -84.11 -7.29 26.62
C GLN B 361 -85.07 -6.39 25.87
N SER B 362 -84.54 -5.51 25.04
CA SER B 362 -85.36 -4.66 24.19
C SER B 362 -85.07 -4.96 22.74
N LYS B 363 -83.82 -5.27 22.43
CA LYS B 363 -83.42 -5.58 21.06
C LYS B 363 -82.42 -6.72 21.04
N PHE B 364 -82.37 -7.41 19.90
CA PHE B 364 -81.37 -8.42 19.65
C PHE B 364 -80.79 -8.15 18.28
N LEU B 365 -79.49 -8.36 18.09
CA LEU B 365 -78.95 -8.16 16.74
C LEU B 365 -78.15 -9.32 16.18
N LEU B 366 -78.48 -9.70 14.96
CA LEU B 366 -77.77 -10.79 14.30
C LEU B 366 -76.98 -10.27 13.11
N ILE B 367 -75.67 -10.55 13.11
CA ILE B 367 -74.82 -10.12 11.99
C ILE B 367 -74.62 -11.34 11.07
N ILE B 368 -74.93 -11.15 9.79
CA ILE B 368 -74.88 -12.22 8.82
C ILE B 368 -73.96 -11.85 7.64
N ALA B 369 -73.09 -12.77 7.25
CA ALA B 369 -72.23 -12.55 6.10
C ALA B 369 -72.47 -13.53 4.95
N TRP B 370 -72.70 -12.99 3.74
CA TRP B 370 -72.95 -13.84 2.58
C TRP B 370 -71.84 -13.58 1.58
N LYS B 371 -71.57 -14.56 0.72
CA LYS B 371 -70.61 -14.39 -0.35
C LYS B 371 -70.97 -15.27 -1.54
N SER B 372 -70.70 -14.75 -2.73
CA SER B 372 -70.83 -15.50 -3.95
C SER B 372 -69.56 -15.24 -4.73
N ASN B 373 -68.73 -16.26 -4.85
CA ASN B 373 -67.47 -16.08 -5.56
C ASN B 373 -66.69 -15.12 -4.70
N LEU B 374 -65.85 -14.36 -5.36
CA LEU B 374 -65.02 -13.37 -4.71
C LEU B 374 -65.96 -12.33 -4.12
N ASN B 375 -67.13 -12.12 -4.72
CA ASN B 375 -68.03 -11.08 -4.26
C ASN B 375 -68.71 -11.38 -2.93
N THR B 376 -69.01 -10.33 -2.18
CA THR B 376 -69.65 -10.47 -0.89
C THR B 376 -70.77 -9.48 -0.60
N VAL B 377 -71.72 -9.92 0.24
CA VAL B 377 -72.82 -9.08 0.69
C VAL B 377 -72.82 -9.18 2.21
N ILE B 378 -72.99 -8.09 2.93
CA ILE B 378 -73.02 -8.16 4.38
C ILE B 378 -74.25 -7.49 4.97
N GLN B 379 -74.93 -8.11 5.93
CA GLN B 379 -76.07 -7.41 6.52
C GLN B 379 -76.34 -7.73 7.98
N LYS B 380 -77.03 -6.82 8.66
CA LYS B 380 -77.40 -7.03 10.06
C LYS B 380 -78.90 -6.84 10.29
N CYS B 381 -79.49 -7.82 10.97
CA CYS B 381 -80.91 -7.77 11.33
C CYS B 381 -81.12 -7.42 12.81
N ASN B 382 -81.83 -6.34 13.10
CA ASN B 382 -82.06 -5.94 14.48
C ASN B 382 -83.54 -6.14 14.85
N LEU B 383 -83.79 -6.95 15.88
CA LEU B 383 -85.14 -7.26 16.31
C LEU B 383 -85.51 -6.62 17.63
N SER B 384 -86.52 -5.76 17.63
CA SER B 384 -86.89 -5.04 18.83
C SER B 384 -88.25 -5.51 19.32
N LEU B 385 -88.25 -6.36 20.34
CA LEU B 385 -89.47 -6.98 20.80
C LEU B 385 -89.48 -7.04 22.33
N ASP B 386 -90.67 -7.19 22.90
CA ASP B 386 -90.84 -7.30 24.34
C ASP B 386 -92.07 -8.11 24.72
N GLN B 387 -93.21 -7.81 24.10
CA GLN B 387 -94.45 -8.53 24.35
C GLN B 387 -95.02 -9.08 23.06
N ASP B 388 -94.71 -8.38 21.98
CA ASP B 388 -95.23 -8.70 20.66
C ASP B 388 -94.77 -10.08 20.23
N GLU B 389 -95.73 -10.93 19.85
CA GLU B 389 -95.42 -12.18 19.17
C GLU B 389 -95.14 -11.81 17.71
N SER B 390 -95.35 -10.54 17.41
CA SER B 390 -95.07 -9.95 16.11
C SER B 390 -93.58 -9.95 15.83
N PHE B 391 -93.19 -9.45 14.66
CA PHE B 391 -91.81 -9.49 14.22
C PHE B 391 -91.35 -8.08 13.85
N SER B 392 -90.73 -7.38 14.80
CA SER B 392 -90.23 -6.04 14.54
C SER B 392 -88.74 -6.07 14.24
N CYS B 393 -88.38 -6.05 12.96
CA CYS B 393 -86.99 -6.13 12.55
C CYS B 393 -86.52 -5.06 11.57
N VAL B 394 -85.66 -4.18 12.05
CA VAL B 394 -84.93 -3.25 11.20
C VAL B 394 -83.87 -4.05 10.45
N TRP B 395 -83.53 -3.63 9.25
CA TRP B 395 -82.51 -4.31 8.47
C TRP B 395 -81.50 -3.32 7.93
N SER B 396 -80.23 -3.72 7.89
CA SER B 396 -79.22 -2.81 7.35
C SER B 396 -78.63 -3.57 6.16
N HIS B 397 -78.25 -2.84 5.11
CA HIS B 397 -77.73 -3.48 3.90
C HIS B 397 -76.32 -2.95 3.57
N SER B 398 -75.55 -3.72 2.80
CA SER B 398 -74.19 -3.32 2.45
C SER B 398 -73.85 -3.67 1.02
N LEU B 399 -72.96 -2.88 0.43
CA LEU B 399 -72.53 -3.16 -0.93
C LEU B 399 -71.02 -3.15 -1.03
N ASP B 400 -70.48 -4.20 -1.63
CA ASP B 400 -69.06 -4.30 -1.89
C ASP B 400 -68.95 -4.33 -3.41
N SER B 401 -68.30 -3.34 -4.00
CA SER B 401 -68.20 -3.27 -5.46
C SER B 401 -66.88 -2.68 -5.92
N PHE B 402 -66.62 -2.78 -7.22
CA PHE B 402 -65.37 -2.27 -7.77
C PHE B 402 -65.61 -1.13 -8.75
N SER B 403 -65.06 0.02 -8.41
CA SER B 403 -65.10 1.18 -9.28
C SER B 403 -63.72 1.51 -9.84
N LEU B 404 -63.55 1.33 -11.15
CA LEU B 404 -62.24 1.54 -11.73
C LEU B 404 -62.01 3.03 -11.95
N ILE B 405 -61.17 3.62 -11.10
CA ILE B 405 -60.80 5.02 -11.21
C ILE B 405 -59.60 5.16 -12.15
N GLU B 406 -59.19 4.03 -12.70
CA GLU B 406 -58.02 3.90 -13.57
C GLU B 406 -58.02 4.71 -14.88
N LYS B 407 -58.73 4.14 -15.86
CA LYS B 407 -58.62 4.42 -17.29
C LYS B 407 -58.50 5.88 -17.77
N THR B 408 -59.15 6.82 -17.10
CA THR B 408 -59.22 8.19 -17.61
C THR B 408 -58.17 9.14 -17.06
N PHE B 409 -57.81 8.93 -15.79
CA PHE B 409 -56.83 9.76 -15.11
C PHE B 409 -55.43 9.60 -15.71
N PHE B 410 -55.33 8.68 -16.66
CA PHE B 410 -54.04 8.25 -17.17
C PHE B 410 -53.58 9.22 -18.22
N ASP B 411 -54.54 9.76 -18.97
CA ASP B 411 -54.25 10.49 -20.19
C ASP B 411 -53.43 11.76 -19.95
N VAL B 412 -53.81 12.57 -18.97
CA VAL B 412 -53.20 13.89 -18.84
C VAL B 412 -52.24 14.03 -17.66
N PRO B 413 -50.93 14.13 -17.94
CA PRO B 413 -49.94 14.40 -16.90
C PRO B 413 -49.19 15.67 -17.27
N THR B 414 -49.88 16.59 -17.94
CA THR B 414 -49.23 17.75 -18.52
C THR B 414 -48.78 18.81 -17.52
N ASN B 415 -49.54 19.02 -16.45
CA ASN B 415 -49.16 20.06 -15.49
C ASN B 415 -48.15 19.64 -14.44
N MET B 416 -47.31 20.60 -14.01
CA MET B 416 -46.26 20.27 -13.06
C MET B 416 -46.74 20.49 -11.64
N SER B 417 -48.05 20.65 -11.47
CA SER B 417 -48.64 20.69 -10.15
C SER B 417 -48.35 19.35 -9.50
N SER B 418 -48.55 18.29 -10.27
CA SER B 418 -48.12 16.94 -9.93
C SER B 418 -47.45 16.30 -11.15
N GLY B 419 -46.26 16.80 -11.48
CA GLY B 419 -45.58 16.49 -12.72
C GLY B 419 -45.14 15.08 -13.07
N ASP B 420 -44.21 15.03 -14.03
CA ASP B 420 -43.74 13.80 -14.67
C ASP B 420 -44.87 12.87 -15.07
N ILE B 421 -44.64 11.59 -14.88
CA ILE B 421 -45.66 10.60 -15.21
C ILE B 421 -45.71 9.55 -14.10
N SER B 422 -44.65 8.76 -14.00
CA SER B 422 -44.58 7.60 -13.09
C SER B 422 -44.99 7.95 -11.66
N GLU B 423 -44.37 9.00 -11.13
CA GLU B 423 -44.64 9.42 -9.76
C GLU B 423 -46.13 9.51 -9.50
N ILE B 424 -46.86 10.06 -10.47
CA ILE B 424 -48.30 10.21 -10.34
C ILE B 424 -48.97 8.84 -10.17
N TRP B 425 -48.62 7.86 -11.01
CA TRP B 425 -49.21 6.52 -10.92
C TRP B 425 -48.90 5.84 -9.59
N LEU B 426 -47.65 5.91 -9.17
CA LEU B 426 -47.27 5.38 -7.87
C LEU B 426 -48.16 6.02 -6.81
N GLN B 427 -48.34 7.33 -6.90
CA GLN B 427 -49.21 8.06 -5.99
C GLN B 427 -50.66 7.62 -6.10
N HIS B 428 -51.02 7.00 -7.22
CA HIS B 428 -52.34 6.42 -7.39
C HIS B 428 -52.43 5.12 -6.61
N ILE B 429 -51.40 4.29 -6.74
CA ILE B 429 -51.34 3.04 -6.00
C ILE B 429 -51.30 3.28 -4.49
N PHE B 430 -50.70 4.38 -4.09
CA PHE B 430 -50.66 4.74 -2.68
C PHE B 430 -51.96 5.40 -2.25
N ALA B 431 -52.65 6.01 -3.21
CA ALA B 431 -53.93 6.65 -2.93
C ALA B 431 -54.97 5.56 -2.68
N HIS B 432 -54.86 4.47 -3.41
CA HIS B 432 -55.70 3.29 -3.18
C HIS B 432 -55.51 2.78 -1.74
N ASN B 433 -54.28 2.43 -1.36
CA ASN B 433 -53.95 2.03 0.02
C ASN B 433 -54.79 0.93 0.66
N THR B 434 -54.89 -0.23 0.00
CA THR B 434 -55.70 -1.34 0.49
C THR B 434 -55.30 -2.74 0.00
N SER B 435 -54.39 -2.78 -0.96
CA SER B 435 -53.90 -4.04 -1.53
C SER B 435 -52.41 -4.11 -1.32
N ILE B 436 -51.90 -5.29 -0.98
CA ILE B 436 -50.52 -5.36 -0.52
C ILE B 436 -49.55 -6.23 -1.31
N GLU B 437 -49.52 -7.52 -1.01
CA GLU B 437 -48.45 -8.37 -1.51
C GLU B 437 -48.68 -8.73 -2.97
N SER B 438 -49.92 -8.54 -3.40
CA SER B 438 -50.29 -8.63 -4.80
C SER B 438 -49.35 -7.77 -5.66
N ILE B 439 -49.10 -6.56 -5.19
CA ILE B 439 -48.21 -5.61 -5.84
C ILE B 439 -46.84 -6.24 -5.99
N GLN B 440 -46.28 -6.66 -4.86
CA GLN B 440 -44.97 -7.29 -4.82
C GLN B 440 -44.86 -8.38 -5.88
N VAL B 441 -45.86 -9.28 -5.87
CA VAL B 441 -45.98 -10.36 -6.85
C VAL B 441 -45.86 -9.85 -8.28
N ALA B 442 -46.69 -8.85 -8.61
CA ALA B 442 -46.70 -8.28 -9.96
C ALA B 442 -45.32 -7.74 -10.33
N LEU B 443 -44.72 -7.00 -9.41
CA LEU B 443 -43.41 -6.39 -9.61
C LEU B 443 -42.35 -7.42 -9.96
N LEU B 444 -42.15 -8.40 -9.08
CA LEU B 444 -41.11 -9.40 -9.33
C LEU B 444 -41.60 -10.52 -10.24
N SER B 445 -42.76 -10.32 -10.85
CA SER B 445 -43.22 -11.18 -11.91
C SER B 445 -42.83 -10.53 -13.22
N PHE B 446 -42.88 -9.20 -13.23
CA PHE B 446 -42.54 -8.47 -14.43
C PHE B 446 -41.02 -8.34 -14.59
N GLN B 447 -40.30 -8.40 -13.47
CA GLN B 447 -38.85 -8.23 -13.49
C GLN B 447 -38.17 -9.54 -13.93
N ASN B 448 -38.95 -10.60 -14.04
CA ASN B 448 -38.42 -11.94 -14.33
C ASN B 448 -37.77 -12.04 -15.71
N SER B 449 -38.42 -11.42 -16.70
CA SER B 449 -38.08 -11.60 -18.11
C SER B 449 -38.10 -13.08 -18.50
N SER B 450 -39.30 -13.66 -18.38
CA SER B 450 -39.55 -15.08 -18.65
C SER B 450 -38.74 -16.00 -17.75
N SER B 451 -38.47 -15.53 -16.54
CA SER B 451 -37.77 -16.33 -15.55
C SER B 451 -38.77 -17.10 -14.71
N GLN B 452 -38.28 -18.16 -14.07
CA GLN B 452 -39.12 -19.05 -13.28
C GLN B 452 -39.56 -18.40 -11.98
N VAL B 453 -39.99 -19.22 -11.03
CA VAL B 453 -40.54 -18.73 -9.77
C VAL B 453 -39.79 -19.25 -8.55
N SER B 454 -39.56 -20.55 -8.49
CA SER B 454 -38.98 -21.23 -7.33
C SER B 454 -37.78 -20.52 -6.67
N LYS B 455 -36.96 -19.84 -7.46
CA LYS B 455 -35.86 -19.04 -6.93
C LYS B 455 -36.29 -17.59 -6.78
N ASN B 456 -37.04 -17.10 -7.76
CA ASN B 456 -37.55 -15.73 -7.73
C ASN B 456 -38.56 -15.52 -6.62
N LYS B 457 -39.18 -16.61 -6.18
CA LYS B 457 -40.16 -16.58 -5.10
C LYS B 457 -39.48 -16.16 -3.79
N LEU B 458 -38.33 -16.79 -3.52
CA LEU B 458 -37.53 -16.42 -2.36
C LEU B 458 -37.09 -14.96 -2.44
N ASP B 459 -36.84 -14.50 -3.66
CA ASP B 459 -36.48 -13.11 -3.91
C ASP B 459 -37.66 -12.18 -3.63
N LYS B 460 -38.87 -12.69 -3.77
CA LYS B 460 -40.09 -11.97 -3.42
C LYS B 460 -40.19 -11.82 -1.91
N PHE B 461 -40.00 -12.94 -1.22
CA PHE B 461 -40.10 -12.97 0.24
C PHE B 461 -39.08 -12.03 0.82
N GLY B 462 -37.95 -11.97 0.14
CA GLY B 462 -36.79 -11.26 0.61
C GLY B 462 -37.00 -9.78 0.81
N ALA B 463 -37.68 -9.12 -0.12
CA ALA B 463 -37.67 -7.65 -0.09
C ALA B 463 -38.16 -7.03 1.21
N LEU B 464 -39.35 -7.41 1.66
CA LEU B 464 -39.87 -6.97 2.96
C LEU B 464 -40.04 -5.45 3.13
N THR B 465 -38.89 -4.74 3.12
CA THR B 465 -38.83 -3.32 3.51
C THR B 465 -39.56 -2.42 2.52
N ILE B 466 -40.44 -1.57 3.04
CA ILE B 466 -41.40 -0.86 2.19
C ILE B 466 -40.92 0.38 1.44
N SER B 467 -40.11 1.19 2.10
CA SER B 467 -39.65 2.43 1.51
C SER B 467 -38.85 2.20 0.24
N GLU B 468 -38.02 1.15 0.27
CA GLU B 468 -37.19 0.84 -0.86
C GLU B 468 -38.02 0.18 -1.96
N LEU B 469 -39.14 -0.44 -1.56
CA LEU B 469 -40.00 -1.16 -2.50
C LEU B 469 -40.33 -0.27 -3.69
N LYS B 470 -40.75 0.95 -3.38
CA LYS B 470 -41.19 1.92 -4.37
C LYS B 470 -40.12 2.27 -5.39
N ASN B 471 -38.90 2.37 -4.87
CA ASN B 471 -37.71 2.62 -5.66
C ASN B 471 -37.49 1.45 -6.60
N ALA B 472 -37.65 0.24 -6.06
CA ALA B 472 -37.54 -0.98 -6.85
C ALA B 472 -38.61 -1.03 -7.94
N VAL B 473 -39.79 -0.50 -7.63
CA VAL B 473 -40.90 -0.46 -8.57
C VAL B 473 -40.47 0.35 -9.77
N LEU B 474 -40.10 1.59 -9.51
CA LEU B 474 -39.68 2.45 -10.60
C LEU B 474 -38.45 1.95 -11.39
N SER B 475 -37.44 1.45 -10.66
CA SER B 475 -36.22 0.91 -11.27
C SER B 475 -36.54 -0.25 -12.20
N SER B 476 -37.52 -1.07 -11.83
CA SER B 476 -37.94 -2.18 -12.67
C SER B 476 -38.68 -1.62 -13.87
N ILE B 477 -39.51 -0.61 -13.65
CA ILE B 477 -40.30 -0.02 -14.73
C ILE B 477 -39.47 0.62 -15.86
N VAL B 478 -38.48 1.44 -15.50
CA VAL B 478 -37.67 2.12 -16.52
C VAL B 478 -36.79 1.16 -17.32
N SER B 479 -36.41 0.04 -16.71
CA SER B 479 -35.55 -0.96 -17.34
C SER B 479 -36.30 -1.88 -18.31
N THR B 480 -37.57 -1.57 -18.56
CA THR B 480 -38.41 -2.41 -19.41
C THR B 480 -38.93 -1.67 -20.64
N ILE B 481 -38.96 -0.34 -20.57
CA ILE B 481 -39.55 0.45 -21.63
C ILE B 481 -38.51 1.20 -22.43
N GLN B 482 -38.14 0.63 -23.59
CA GLN B 482 -37.14 1.23 -24.45
C GLN B 482 -37.63 2.55 -25.01
N ILE B 483 -36.78 3.57 -24.90
CA ILE B 483 -37.11 4.86 -25.46
C ILE B 483 -36.60 5.00 -26.89
N GLU B 484 -37.52 4.99 -27.85
CA GLU B 484 -37.19 5.13 -29.26
C GLU B 484 -37.02 6.58 -29.71
N PRO B 485 -35.86 6.90 -30.29
CA PRO B 485 -35.54 8.26 -30.75
C PRO B 485 -36.42 8.76 -31.89
N ASN B 486 -36.54 10.09 -32.03
CA ASN B 486 -37.39 10.72 -33.04
C ASN B 486 -36.75 10.72 -34.42
N SER B 487 -35.45 10.44 -34.45
CA SER B 487 -34.67 10.36 -35.69
C SER B 487 -34.57 11.68 -36.43
N ASP B 488 -34.84 12.79 -35.74
CA ASP B 488 -34.66 14.11 -36.32
C ASP B 488 -33.17 14.48 -36.32
N LEU B 489 -32.57 14.64 -35.14
CA LEU B 489 -31.12 14.84 -35.03
C LEU B 489 -30.67 14.56 -33.60
N THR B 490 -30.35 13.29 -33.34
CA THR B 490 -29.95 12.82 -32.01
C THR B 490 -30.99 13.22 -30.95
N GLY B 491 -32.25 13.27 -31.37
CA GLY B 491 -33.34 13.64 -30.48
C GLY B 491 -34.16 12.41 -30.16
N TYR B 492 -35.08 12.54 -29.20
CA TYR B 492 -35.85 11.38 -28.81
C TYR B 492 -37.37 11.63 -28.87
N ASP B 493 -38.14 10.58 -29.13
CA ASP B 493 -39.59 10.69 -29.26
C ASP B 493 -40.29 10.43 -27.92
N TYR B 494 -40.51 11.50 -27.15
CA TYR B 494 -41.22 11.43 -25.87
C TYR B 494 -42.68 11.02 -26.07
N TYR B 495 -43.22 11.30 -27.25
CA TYR B 495 -44.61 10.98 -27.56
C TYR B 495 -44.87 9.49 -27.60
N GLU B 496 -43.82 8.70 -27.74
CA GLU B 496 -43.94 7.26 -27.70
C GLU B 496 -43.80 6.77 -26.26
N TYR B 497 -42.92 7.43 -25.53
CA TYR B 497 -42.71 7.19 -24.10
C TYR B 497 -44.04 7.44 -23.39
N LYS B 498 -44.79 8.38 -23.95
CA LYS B 498 -46.15 8.70 -23.55
C LYS B 498 -47.04 7.44 -23.45
N ARG B 499 -47.49 6.92 -24.60
CA ARG B 499 -48.34 5.73 -24.65
C ARG B 499 -47.70 4.55 -23.92
N LEU B 500 -46.41 4.37 -24.18
CA LEU B 500 -45.64 3.28 -23.60
C LEU B 500 -45.85 3.23 -22.09
N LEU B 501 -45.52 4.32 -21.43
CA LEU B 501 -45.64 4.41 -19.98
C LEU B 501 -47.08 4.28 -19.49
N TYR B 502 -48.00 5.00 -20.14
CA TYR B 502 -49.38 5.01 -19.70
C TYR B 502 -49.95 3.59 -19.67
N ASN B 503 -49.91 2.94 -20.83
CA ASN B 503 -50.43 1.59 -20.93
C ASN B 503 -49.59 0.57 -20.16
N GLU B 504 -48.33 0.90 -19.88
CA GLU B 504 -47.49 0.04 -19.07
C GLU B 504 -48.07 -0.03 -17.65
N TRP B 505 -48.06 1.10 -16.95
CA TRP B 505 -48.58 1.14 -15.58
C TRP B 505 -50.06 0.78 -15.54
N GLU B 506 -50.75 1.01 -16.65
CA GLU B 506 -52.14 0.62 -16.76
C GLU B 506 -52.26 -0.89 -16.68
N ARG B 507 -51.48 -1.58 -17.52
CA ARG B 507 -51.46 -3.04 -17.51
C ARG B 507 -51.03 -3.57 -16.15
N PHE B 508 -49.97 -2.98 -15.57
CA PHE B 508 -49.52 -3.35 -14.24
C PHE B 508 -50.68 -3.29 -13.23
N ALA B 509 -51.23 -2.09 -13.04
CA ALA B 509 -52.29 -1.90 -12.06
C ALA B 509 -53.57 -2.69 -12.38
N LYS B 510 -53.69 -3.13 -13.63
CA LYS B 510 -54.79 -4.02 -14.03
C LYS B 510 -54.54 -5.44 -13.52
N LEU B 511 -53.28 -5.87 -13.58
CA LEU B 511 -52.87 -7.14 -12.99
C LEU B 511 -52.96 -7.06 -11.47
N VAL B 512 -52.76 -5.85 -10.95
CA VAL B 512 -52.94 -5.57 -9.53
C VAL B 512 -54.38 -5.82 -9.15
N ALA B 513 -55.29 -5.15 -9.82
CA ALA B 513 -56.71 -5.34 -9.57
C ALA B 513 -57.11 -6.80 -9.78
N TYR B 514 -56.40 -7.50 -10.66
CA TYR B 514 -56.67 -8.93 -10.86
C TYR B 514 -56.12 -9.81 -9.73
N LEU B 515 -55.11 -9.31 -9.01
CA LEU B 515 -54.58 -10.04 -7.88
C LEU B 515 -55.35 -9.63 -6.62
N ASP B 516 -56.33 -8.77 -6.81
CA ASP B 516 -57.34 -8.52 -5.79
C ASP B 516 -58.76 -8.66 -6.36
N HIS B 517 -58.85 -9.29 -7.52
CA HIS B 517 -60.12 -9.81 -8.00
C HIS B 517 -59.94 -11.31 -7.85
N PHE B 518 -58.83 -11.69 -7.22
CA PHE B 518 -58.54 -13.07 -6.90
C PHE B 518 -58.24 -13.21 -5.40
N GLY B 519 -57.87 -12.10 -4.76
CA GLY B 519 -57.45 -12.14 -3.36
C GLY B 519 -58.50 -11.65 -2.38
N ASP B 520 -59.06 -10.46 -2.62
CA ASP B 520 -60.07 -9.86 -1.74
C ASP B 520 -61.29 -10.80 -1.56
N GLU B 521 -61.34 -11.50 -0.43
CA GLU B 521 -62.35 -12.55 -0.22
C GLU B 521 -62.73 -12.60 1.26
N ILE B 522 -63.99 -12.91 1.55
CA ILE B 522 -64.44 -13.01 2.94
C ILE B 522 -64.86 -14.41 3.35
N LEU B 523 -64.76 -14.71 4.65
CA LEU B 523 -64.92 -16.08 5.13
C LEU B 523 -65.65 -16.19 6.47
N SER B 524 -65.39 -15.27 7.40
CA SER B 524 -66.02 -15.36 8.73
C SER B 524 -66.22 -14.03 9.45
N ILE B 525 -66.99 -14.05 10.54
CA ILE B 525 -67.20 -12.90 11.42
C ILE B 525 -67.21 -13.34 12.87
N ASN B 526 -66.56 -12.56 13.72
CA ASN B 526 -66.45 -12.92 15.12
C ASN B 526 -66.60 -11.72 16.04
N PHE B 527 -67.63 -11.71 16.87
CA PHE B 527 -67.84 -10.59 17.79
C PHE B 527 -67.04 -10.68 19.07
N ASP B 528 -66.74 -9.52 19.64
CA ASP B 528 -65.93 -9.46 20.85
C ASP B 528 -66.69 -8.73 21.93
N PRO B 529 -66.79 -9.34 23.11
CA PRO B 529 -67.53 -8.83 24.28
C PRO B 529 -66.82 -7.65 24.94
N SER B 530 -65.49 -7.74 25.04
CA SER B 530 -64.70 -6.75 25.76
C SER B 530 -64.75 -5.43 25.01
N ASN B 531 -64.87 -5.51 23.69
CA ASN B 531 -64.84 -4.31 22.90
C ASN B 531 -66.27 -4.00 22.44
N ALA B 532 -67.11 -5.03 22.33
CA ALA B 532 -68.48 -4.91 21.83
C ALA B 532 -68.47 -4.20 20.46
N VAL B 533 -67.79 -4.80 19.49
CA VAL B 533 -67.63 -4.24 18.13
C VAL B 533 -67.94 -5.21 16.98
N THR B 534 -68.41 -4.68 15.85
CA THR B 534 -68.80 -5.50 14.70
C THR B 534 -67.60 -5.91 13.85
N TYR B 535 -66.82 -6.84 14.38
CA TYR B 535 -65.63 -7.34 13.70
C TYR B 535 -66.04 -8.04 12.41
N ILE B 536 -65.07 -8.23 11.54
CA ILE B 536 -65.30 -8.83 10.23
C ILE B 536 -63.99 -9.44 9.73
N ASN B 537 -64.09 -10.57 9.02
CA ASN B 537 -62.90 -11.23 8.50
C ASN B 537 -62.87 -11.39 6.99
N TYR B 538 -62.03 -10.61 6.32
CA TYR B 538 -61.76 -10.85 4.91
C TYR B 538 -60.40 -11.51 4.80
N ALA B 539 -60.19 -12.26 3.71
CA ALA B 539 -58.94 -12.95 3.47
C ALA B 539 -57.78 -11.98 3.32
N ASN B 540 -56.80 -12.07 4.22
CA ASN B 540 -55.58 -11.24 4.14
C ASN B 540 -55.85 -9.74 4.18
N LYS B 541 -57.06 -9.37 4.59
CA LYS B 541 -57.47 -7.97 4.66
C LYS B 541 -58.50 -7.76 5.75
N VAL B 542 -58.06 -7.56 6.99
CA VAL B 542 -59.00 -7.30 8.06
C VAL B 542 -59.80 -6.04 7.78
N ALA B 543 -61.01 -6.00 8.30
CA ALA B 543 -61.90 -4.88 8.03
C ALA B 543 -62.86 -4.59 9.18
N PHE B 544 -63.66 -3.54 9.03
CA PHE B 544 -64.64 -3.20 10.04
C PHE B 544 -65.97 -2.69 9.50
N ILE B 545 -67.02 -2.90 10.28
CA ILE B 545 -68.37 -2.49 9.89
C ILE B 545 -68.77 -1.18 10.58
N ARG B 546 -69.26 -0.22 9.79
CA ARG B 546 -69.70 1.06 10.37
C ARG B 546 -70.93 1.67 9.72
N ASP B 547 -71.71 2.38 10.54
CA ASP B 547 -72.91 3.07 10.08
C ASP B 547 -72.61 4.25 9.17
N PRO B 548 -73.56 4.59 8.29
CA PRO B 548 -73.30 5.71 7.39
C PRO B 548 -73.19 7.03 8.15
N TYR B 549 -72.23 7.86 7.76
CA TYR B 549 -72.09 9.23 8.23
C TYR B 549 -72.82 10.17 7.29
N LEU B 550 -73.16 11.36 7.78
CA LEU B 550 -73.94 12.32 7.02
C LEU B 550 -73.35 12.61 5.62
N ILE B 551 -72.03 12.79 5.58
CA ILE B 551 -71.32 13.08 4.34
C ILE B 551 -71.48 11.95 3.33
N GLU B 552 -71.41 10.72 3.81
CA GLU B 552 -71.60 9.54 2.96
C GLU B 552 -73.00 9.48 2.38
N SER B 553 -74.00 9.65 3.24
CA SER B 553 -75.40 9.57 2.83
C SER B 553 -75.69 10.63 1.79
N PHE B 554 -75.05 11.79 1.92
CA PHE B 554 -75.26 12.87 0.96
C PHE B 554 -74.29 12.83 -0.22
N ASP B 555 -73.32 11.91 -0.18
CA ASP B 555 -72.38 11.74 -1.29
C ASP B 555 -72.84 10.59 -2.17
N GLU B 556 -73.80 9.82 -1.65
CA GLU B 556 -74.43 8.75 -2.42
C GLU B 556 -75.30 9.35 -3.53
N GLU B 557 -75.55 10.65 -3.42
CA GLU B 557 -76.53 11.37 -4.24
C GLU B 557 -77.90 10.67 -4.31
N PRO B 558 -78.56 10.49 -3.16
CA PRO B 558 -79.83 9.76 -3.14
C PRO B 558 -81.01 10.70 -3.34
N LEU B 573 -90.09 24.07 5.50
CA LEU B 573 -88.84 24.07 6.24
C LEU B 573 -87.85 23.07 5.63
N ILE B 574 -88.26 22.51 4.50
CA ILE B 574 -87.47 21.49 3.81
C ILE B 574 -87.03 21.96 2.41
N GLU B 575 -85.83 22.53 2.32
CA GLU B 575 -85.30 23.02 1.05
C GLU B 575 -83.80 23.03 1.05
N GLY B 576 -83.19 23.06 -0.13
CA GLY B 576 -81.76 23.30 -0.19
C GLY B 576 -80.93 22.09 -0.50
N TYR B 577 -81.55 20.92 -0.42
CA TYR B 577 -80.82 19.66 -0.50
C TYR B 577 -80.59 19.28 -1.97
N GLN B 578 -81.59 19.61 -2.78
CA GLN B 578 -81.53 19.40 -4.22
C GLN B 578 -80.35 20.15 -4.83
N ILE B 579 -80.11 21.36 -4.31
CA ILE B 579 -78.97 22.16 -4.73
C ILE B 579 -77.68 21.41 -4.49
N LEU B 580 -77.61 20.75 -3.34
CA LEU B 580 -76.44 20.00 -2.95
C LEU B 580 -76.22 18.81 -3.89
N ASP B 581 -77.26 18.02 -4.14
CA ASP B 581 -77.09 16.85 -5.03
C ASP B 581 -76.80 17.22 -6.49
N LEU B 582 -77.67 18.05 -7.07
CA LEU B 582 -77.47 18.55 -8.43
C LEU B 582 -76.07 19.16 -8.54
N GLY B 583 -75.69 19.89 -7.50
CA GLY B 583 -74.37 20.47 -7.40
C GLY B 583 -73.29 19.40 -7.45
N ARG B 584 -73.45 18.34 -6.67
CA ARG B 584 -72.51 17.23 -6.68
C ARG B 584 -72.31 16.72 -8.10
N SER B 585 -73.42 16.61 -8.83
CA SER B 585 -73.34 16.28 -10.24
C SER B 585 -72.49 17.29 -10.98
N LEU B 586 -72.68 18.57 -10.66
CA LEU B 586 -71.91 19.64 -11.31
C LEU B 586 -70.41 19.53 -11.08
N HIS B 587 -70.03 19.19 -9.85
CA HIS B 587 -68.63 19.00 -9.52
C HIS B 587 -68.07 17.79 -10.26
N SER B 588 -68.84 16.70 -10.27
CA SER B 588 -68.42 15.48 -10.96
C SER B 588 -68.26 15.68 -12.47
N CYS B 589 -68.81 16.76 -12.98
CA CYS B 589 -68.72 17.09 -14.39
C CYS B 589 -67.32 17.49 -14.80
N MET B 590 -66.56 18.05 -13.88
CA MET B 590 -65.24 18.57 -14.21
C MET B 590 -64.21 17.48 -14.48
N SER B 591 -63.17 17.87 -15.21
CA SER B 591 -62.10 16.96 -15.60
C SER B 591 -61.07 16.78 -14.52
N PHE B 592 -60.00 16.07 -14.87
CA PHE B 592 -58.97 15.70 -13.93
C PHE B 592 -57.91 16.78 -13.87
N SER B 593 -57.47 17.23 -15.05
CA SER B 593 -56.55 18.35 -15.14
C SER B 593 -57.19 19.59 -14.54
N THR B 594 -58.51 19.66 -14.63
CA THR B 594 -59.25 20.75 -14.02
C THR B 594 -59.01 20.79 -12.52
N LEU B 595 -59.27 19.66 -11.87
CA LEU B 595 -59.07 19.55 -10.44
C LEU B 595 -57.60 19.64 -10.04
N SER B 596 -56.72 19.36 -10.99
CA SER B 596 -55.30 19.56 -10.79
C SER B 596 -55.03 21.05 -10.65
N GLU B 597 -55.52 21.82 -11.61
CA GLU B 597 -55.39 23.27 -11.58
C GLU B 597 -55.99 23.84 -10.31
N ILE B 598 -57.17 23.35 -9.94
CA ILE B 598 -57.85 23.85 -8.75
C ILE B 598 -57.08 23.56 -7.48
N ARG B 599 -56.59 22.32 -7.32
CA ARG B 599 -55.78 21.98 -6.17
C ARG B 599 -54.48 22.76 -6.06
N TYR B 600 -53.78 22.94 -7.18
CA TYR B 600 -52.56 23.73 -7.16
C TYR B 600 -52.88 25.16 -6.76
N SER B 601 -53.97 25.69 -7.31
CA SER B 601 -54.38 27.08 -7.06
C SER B 601 -54.77 27.32 -5.62
N LEU B 602 -55.52 26.40 -5.05
CA LEU B 602 -55.94 26.49 -3.66
C LEU B 602 -54.74 26.27 -2.76
N ARG B 603 -53.82 25.40 -3.19
CA ARG B 603 -52.54 25.21 -2.50
C ARG B 603 -51.79 26.54 -2.43
N GLU B 604 -52.00 27.35 -3.45
CA GLU B 604 -51.45 28.70 -3.52
C GLU B 604 -52.34 29.66 -2.72
N LEU B 605 -53.54 29.20 -2.33
CA LEU B 605 -54.47 30.04 -1.59
C LEU B 605 -54.37 29.87 -0.06
N VAL B 606 -53.47 28.99 0.38
CA VAL B 606 -53.22 28.80 1.80
C VAL B 606 -52.49 29.96 2.52
N GLN B 607 -51.29 30.29 2.05
CA GLN B 607 -50.47 31.31 2.70
C GLN B 607 -50.64 32.70 2.11
N ASP B 608 -50.67 32.75 0.79
CA ASP B 608 -50.52 34.02 0.06
C ASP B 608 -51.87 34.71 0.02
N LEU B 609 -52.93 33.91 -0.01
CA LEU B 609 -54.28 34.43 -0.19
C LEU B 609 -54.70 35.56 0.75
N PRO B 610 -54.39 35.44 2.04
CA PRO B 610 -54.82 36.53 2.90
C PRO B 610 -54.24 37.91 2.54
N SER B 611 -53.23 37.98 1.67
CA SER B 611 -52.62 39.26 1.30
C SER B 611 -53.44 40.15 0.37
N TYR B 612 -54.21 39.55 -0.53
CA TYR B 612 -55.01 40.34 -1.48
C TYR B 612 -56.28 40.80 -0.78
N SER B 613 -57.00 41.71 -1.43
CA SER B 613 -58.32 42.09 -0.94
C SER B 613 -59.27 40.91 -1.10
N LEU B 614 -59.88 40.54 0.02
CA LEU B 614 -60.51 39.24 0.18
C LEU B 614 -61.68 38.92 -0.76
N PHE B 615 -62.51 39.92 -1.01
CA PHE B 615 -63.81 39.70 -1.63
C PHE B 615 -63.96 40.06 -3.11
N ASP B 616 -62.85 40.37 -3.77
CA ASP B 616 -62.90 40.65 -5.20
C ASP B 616 -62.47 39.43 -5.99
N THR B 617 -61.74 38.56 -5.30
CA THR B 617 -61.23 37.31 -5.85
C THR B 617 -62.40 36.36 -6.16
N LEU B 618 -63.54 36.68 -5.55
CA LEU B 618 -64.77 35.91 -5.70
C LEU B 618 -65.11 35.71 -7.19
N TRP B 619 -65.39 36.80 -7.91
CA TRP B 619 -65.68 36.69 -9.33
C TRP B 619 -64.51 36.08 -10.12
N VAL B 620 -63.28 36.32 -9.64
CA VAL B 620 -62.07 35.84 -10.30
C VAL B 620 -62.00 34.32 -10.38
N PHE B 621 -62.50 33.64 -9.35
CA PHE B 621 -62.49 32.19 -9.36
C PHE B 621 -63.43 31.65 -10.44
N TYR B 622 -64.59 32.29 -10.60
CA TYR B 622 -65.46 31.91 -11.73
C TYR B 622 -64.77 32.26 -13.04
N ASP B 623 -63.99 33.34 -13.04
CA ASP B 623 -63.21 33.70 -14.22
C ASP B 623 -62.17 32.63 -14.48
N LYS B 624 -61.87 31.83 -13.46
CA LYS B 624 -61.04 30.66 -13.62
C LYS B 624 -61.87 29.43 -13.98
N HIS B 625 -63.17 29.55 -13.77
CA HIS B 625 -64.10 28.46 -14.05
C HIS B 625 -64.65 28.45 -15.46
N ILE B 626 -64.38 29.52 -16.21
CA ILE B 626 -64.86 29.60 -17.58
C ILE B 626 -64.01 28.70 -18.49
N TYR B 627 -62.74 28.49 -18.10
CA TYR B 627 -61.82 27.65 -18.87
C TYR B 627 -62.29 26.19 -19.08
N PRO B 628 -62.84 25.54 -18.04
CA PRO B 628 -63.48 24.23 -18.29
C PRO B 628 -64.69 24.35 -19.21
N ASN B 629 -65.28 23.21 -19.59
CA ASN B 629 -66.42 23.17 -20.51
C ASN B 629 -67.44 24.25 -20.15
N VAL B 630 -68.22 24.00 -19.10
CA VAL B 630 -69.13 25.00 -18.53
C VAL B 630 -69.97 25.69 -19.61
N ASP B 631 -70.83 24.93 -20.27
CA ASP B 631 -71.72 25.47 -21.29
C ASP B 631 -72.62 26.52 -20.68
N PRO B 632 -72.70 27.70 -21.31
CA PRO B 632 -73.62 28.77 -20.91
C PRO B 632 -75.05 28.28 -20.75
N ASP B 633 -75.38 27.18 -21.44
CA ASP B 633 -76.67 26.53 -21.27
C ASP B 633 -76.80 25.98 -19.86
N TYR B 634 -75.78 25.25 -19.42
CA TYR B 634 -75.73 24.73 -18.07
C TYR B 634 -75.78 25.86 -17.04
N ILE B 635 -74.96 26.87 -17.31
CA ILE B 635 -74.88 28.06 -16.47
C ILE B 635 -76.26 28.64 -16.23
N SER B 636 -76.87 29.15 -17.30
CA SER B 636 -78.20 29.76 -17.20
C SER B 636 -79.24 28.82 -16.64
N THR B 637 -79.12 27.53 -16.98
CA THR B 637 -80.03 26.53 -16.47
C THR B 637 -80.02 26.51 -14.96
N LEU B 638 -78.83 26.68 -14.40
CA LEU B 638 -78.72 26.76 -12.97
C LEU B 638 -79.15 28.15 -12.46
N ILE B 639 -78.77 29.20 -13.20
CA ILE B 639 -79.08 30.58 -12.83
C ILE B 639 -80.57 30.76 -12.57
N ASP B 640 -81.36 30.15 -13.46
CA ASP B 640 -82.81 30.17 -13.35
C ASP B 640 -83.24 29.57 -12.01
N THR B 641 -82.55 28.51 -11.58
CA THR B 641 -82.82 27.90 -10.29
C THR B 641 -82.50 28.87 -9.17
N LEU B 642 -81.36 29.54 -9.30
CA LEU B 642 -80.90 30.46 -8.28
C LEU B 642 -81.89 31.59 -8.02
N VAL B 643 -82.36 32.23 -9.09
CA VAL B 643 -83.30 33.34 -8.94
C VAL B 643 -84.60 32.88 -8.29
N SER B 644 -84.94 31.61 -8.47
CA SER B 644 -86.18 31.07 -7.92
C SER B 644 -86.04 30.67 -6.47
N LEU B 645 -84.83 30.77 -5.93
CA LEU B 645 -84.60 30.42 -4.53
C LEU B 645 -85.34 31.42 -3.64
N GLU B 646 -85.94 30.95 -2.55
CA GLU B 646 -86.66 31.83 -1.64
C GLU B 646 -85.71 32.75 -0.84
N ASN B 647 -84.90 32.14 0.03
CA ASN B 647 -83.87 32.87 0.76
C ASN B 647 -82.72 31.94 1.17
N PRO B 648 -81.72 31.82 0.28
CA PRO B 648 -80.64 30.83 0.30
C PRO B 648 -79.73 30.87 1.52
N MET B 649 -79.13 32.03 1.80
CA MET B 649 -78.11 32.10 2.82
C MET B 649 -78.59 31.69 4.22
N ARG B 650 -79.68 32.29 4.67
CA ARG B 650 -80.19 32.04 6.02
C ARG B 650 -80.56 30.59 6.29
N ASP B 651 -80.79 29.85 5.22
CA ASP B 651 -81.09 28.43 5.34
C ASP B 651 -79.84 27.58 5.23
N ILE B 652 -79.03 27.87 4.23
CA ILE B 652 -77.81 27.13 3.97
C ILE B 652 -76.90 27.17 5.20
N ASP B 653 -76.55 28.38 5.65
CA ASP B 653 -75.61 28.53 6.75
C ASP B 653 -76.07 27.79 7.99
N SER B 654 -77.34 27.88 8.32
CA SER B 654 -77.85 27.19 9.49
C SER B 654 -77.82 25.67 9.31
N LEU B 655 -78.49 25.16 8.27
CA LEU B 655 -78.57 23.71 8.05
C LEU B 655 -77.21 23.02 7.89
N ILE B 656 -76.22 23.74 7.37
CA ILE B 656 -74.88 23.18 7.29
C ILE B 656 -74.12 23.35 8.61
N GLN B 657 -74.43 24.42 9.34
CA GLN B 657 -73.84 24.59 10.67
C GLN B 657 -74.31 23.45 11.57
N ARG B 658 -75.48 22.91 11.24
CA ARG B 658 -76.04 21.80 12.00
C ARG B 658 -75.27 20.51 11.75
N LEU B 659 -74.30 20.54 10.85
CA LEU B 659 -73.63 19.31 10.50
C LEU B 659 -72.57 18.94 11.54
N ARG B 660 -72.28 19.87 12.45
CA ARG B 660 -71.24 19.66 13.45
C ARG B 660 -71.68 18.70 14.56
N ASN B 666 -62.76 12.99 25.25
CA ASN B 666 -61.44 13.23 24.67
C ASN B 666 -60.30 13.02 25.66
N HIS B 667 -60.51 12.15 26.64
CA HIS B 667 -59.42 11.80 27.54
C HIS B 667 -59.05 10.38 27.22
N SER B 668 -57.76 10.11 27.20
CA SER B 668 -57.29 8.84 26.68
C SER B 668 -56.56 7.93 27.63
N ALA B 669 -56.80 6.64 27.47
CA ALA B 669 -55.97 5.63 28.09
C ALA B 669 -54.95 5.22 27.04
N GLN B 670 -54.02 4.36 27.40
CA GLN B 670 -52.99 3.95 26.47
C GLN B 670 -53.58 3.18 25.28
N SER B 671 -53.58 3.82 24.12
CA SER B 671 -54.28 3.34 22.94
C SER B 671 -53.37 2.47 22.06
N PRO B 672 -53.93 1.41 21.46
CA PRO B 672 -53.24 0.48 20.57
C PRO B 672 -53.07 1.01 19.15
N SER B 673 -52.82 0.09 18.21
CA SER B 673 -52.45 0.47 16.85
C SER B 673 -53.52 0.27 15.78
N LEU B 674 -54.34 -0.76 15.91
CA LEU B 674 -55.45 -0.96 14.98
C LEU B 674 -56.33 0.28 15.02
N PHE B 675 -56.41 0.86 16.21
CA PHE B 675 -57.03 2.14 16.47
C PHE B 675 -56.59 3.09 15.38
N LEU B 676 -55.31 3.43 15.45
CA LEU B 676 -54.74 4.46 14.61
C LEU B 676 -54.81 4.16 13.13
N CYS B 677 -54.46 2.95 12.70
CA CYS B 677 -54.49 2.70 11.25
C CYS B 677 -55.88 2.55 10.62
N ALA B 678 -56.77 1.83 11.30
CA ALA B 678 -58.12 1.68 10.76
C ALA B 678 -58.78 3.05 10.69
N SER B 679 -58.59 3.82 11.76
CA SER B 679 -59.10 5.19 11.80
C SER B 679 -58.47 6.06 10.70
N VAL B 680 -57.18 5.82 10.40
CA VAL B 680 -56.49 6.50 9.29
C VAL B 680 -57.14 6.28 7.95
N ALA B 681 -57.34 5.01 7.61
CA ALA B 681 -57.95 4.68 6.34
C ALA B 681 -59.37 5.28 6.27
N ARG B 682 -60.21 4.94 7.26
CA ARG B 682 -61.57 5.45 7.25
C ARG B 682 -61.75 6.97 7.22
N VAL B 683 -60.92 7.68 7.99
CA VAL B 683 -60.99 9.14 8.04
C VAL B 683 -60.40 9.71 6.74
N LEU B 684 -59.54 8.94 6.06
CA LEU B 684 -59.01 9.33 4.74
C LEU B 684 -60.13 9.32 3.73
N ASP B 685 -60.97 8.30 3.85
CA ASP B 685 -62.18 8.18 3.05
C ASP B 685 -63.04 9.42 3.35
N SER B 686 -63.33 9.65 4.63
CA SER B 686 -64.18 10.75 5.07
C SER B 686 -63.67 12.12 4.65
N ILE B 687 -62.36 12.30 4.72
CA ILE B 687 -61.71 13.54 4.32
C ILE B 687 -61.73 13.74 2.80
N LEU B 688 -61.54 12.68 2.02
CA LEU B 688 -61.60 12.82 0.55
C LEU B 688 -63.02 13.17 0.08
N LYS B 689 -64.01 12.49 0.65
CA LYS B 689 -65.42 12.78 0.35
C LYS B 689 -65.78 14.18 0.83
N LYS B 690 -65.12 14.60 1.90
CA LYS B 690 -65.27 15.96 2.40
C LYS B 690 -64.72 17.02 1.44
N PHE B 691 -63.51 16.78 0.94
CA PHE B 691 -62.83 17.62 -0.07
C PHE B 691 -63.81 17.76 -1.22
N GLN B 692 -64.41 16.63 -1.58
CA GLN B 692 -65.45 16.64 -2.59
C GLN B 692 -66.55 17.65 -2.17
N VAL B 693 -67.26 17.37 -1.07
CA VAL B 693 -68.41 18.20 -0.66
C VAL B 693 -68.19 19.72 -0.48
N SER B 694 -67.07 20.10 0.13
CA SER B 694 -66.76 21.50 0.29
C SER B 694 -66.40 22.15 -1.05
N ILE B 695 -65.49 21.52 -1.82
CA ILE B 695 -65.15 22.03 -3.16
C ILE B 695 -66.41 22.26 -3.97
N GLU B 696 -67.31 21.29 -3.91
CA GLU B 696 -68.66 21.46 -4.44
C GLU B 696 -69.21 22.80 -3.97
N GLY B 697 -69.40 22.92 -2.66
CA GLY B 697 -69.94 24.12 -2.05
C GLY B 697 -69.37 25.40 -2.64
N PHE B 698 -68.05 25.53 -2.66
CA PHE B 698 -67.39 26.72 -3.23
C PHE B 698 -67.65 26.95 -4.71
N ILE B 699 -67.38 25.91 -5.49
CA ILE B 699 -67.56 25.94 -6.94
C ILE B 699 -68.91 26.52 -7.27
N PHE B 700 -69.90 26.07 -6.50
CA PHE B 700 -71.24 26.60 -6.65
C PHE B 700 -71.23 28.07 -6.25
N LEU B 701 -70.86 28.32 -5.00
CA LEU B 701 -70.87 29.66 -4.43
C LEU B 701 -70.40 30.80 -5.35
N LEU B 702 -69.42 30.52 -6.22
CA LEU B 702 -69.00 31.54 -7.19
C LEU B 702 -69.48 31.33 -8.63
N SER B 703 -69.97 30.13 -8.90
CA SER B 703 -70.66 29.88 -10.16
C SER B 703 -72.02 30.58 -10.14
N LEU B 704 -72.47 30.97 -8.95
CA LEU B 704 -73.74 31.66 -8.79
C LEU B 704 -73.46 33.14 -8.90
N ILE B 705 -72.64 33.59 -7.96
CA ILE B 705 -72.35 34.98 -7.80
C ILE B 705 -71.25 35.40 -8.77
N THR B 706 -71.53 35.18 -10.06
CA THR B 706 -70.61 35.53 -11.13
C THR B 706 -71.16 36.68 -11.96
N SER B 707 -72.19 36.38 -12.74
CA SER B 707 -72.83 37.37 -13.59
C SER B 707 -73.88 38.14 -12.79
N GLN B 708 -74.29 39.30 -13.32
CA GLN B 708 -75.19 40.21 -12.61
C GLN B 708 -74.58 40.75 -11.31
N GLN B 709 -73.34 41.24 -11.38
CA GLN B 709 -72.61 41.64 -10.17
C GLN B 709 -73.29 42.75 -9.34
N ASP B 710 -73.86 43.76 -10.01
CA ASP B 710 -74.56 44.85 -9.32
C ASP B 710 -75.76 44.33 -8.51
N TYR B 711 -76.48 43.36 -9.08
CA TYR B 711 -77.63 42.79 -8.41
C TYR B 711 -77.21 41.93 -7.22
N GLU B 712 -75.98 41.43 -7.27
CA GLU B 712 -75.40 40.66 -6.18
C GLU B 712 -75.10 41.59 -5.01
N LEU B 713 -74.63 42.79 -5.34
CA LEU B 713 -74.28 43.81 -4.35
C LEU B 713 -75.48 44.67 -3.92
N GLN B 714 -76.65 44.37 -4.49
CA GLN B 714 -77.89 45.06 -4.13
C GLN B 714 -78.24 44.80 -2.67
N SER B 715 -77.77 43.66 -2.17
CA SER B 715 -77.93 43.25 -0.78
C SER B 715 -79.34 42.75 -0.50
N LYS B 716 -80.04 42.44 -1.59
CA LYS B 716 -81.30 41.73 -1.54
C LYS B 716 -81.02 40.31 -1.05
N PHE B 717 -79.96 39.70 -1.59
CA PHE B 717 -79.40 38.50 -0.98
C PHE B 717 -78.69 38.87 0.32
N ALA B 718 -78.59 37.91 1.24
CA ALA B 718 -77.96 38.18 2.52
C ALA B 718 -76.46 38.40 2.39
N GLY B 719 -75.89 37.97 1.27
CA GLY B 719 -74.45 37.92 1.08
C GLY B 719 -73.85 36.76 1.84
N CYS B 720 -72.60 36.40 1.53
CA CYS B 720 -72.05 35.17 2.10
C CYS B 720 -70.54 35.14 2.29
N ASP B 721 -69.89 36.25 2.01
CA ASP B 721 -68.42 36.32 2.01
C ASP B 721 -67.77 35.80 3.29
N LYS B 722 -68.39 36.11 4.43
CA LYS B 722 -67.85 35.68 5.71
C LYS B 722 -67.78 34.16 5.91
N LEU B 723 -68.94 33.54 5.78
CA LEU B 723 -69.04 32.09 5.90
C LEU B 723 -68.23 31.43 4.79
N PHE B 724 -68.04 32.18 3.72
CA PHE B 724 -67.17 31.80 2.62
C PHE B 724 -65.75 31.63 3.15
N LEU B 725 -65.26 32.66 3.83
CA LEU B 725 -63.94 32.64 4.44
C LEU B 725 -63.81 31.44 5.38
N SER B 726 -64.81 31.29 6.25
CA SER B 726 -64.87 30.17 7.18
C SER B 726 -64.69 28.84 6.44
N LEU B 727 -65.47 28.66 5.36
CA LEU B 727 -65.34 27.46 4.54
C LEU B 727 -63.93 27.25 3.97
N LEU B 728 -63.25 28.33 3.59
CA LEU B 728 -61.91 28.16 3.03
C LEU B 728 -60.90 27.74 4.08
N GLU B 729 -61.08 28.25 5.28
CA GLU B 729 -60.34 27.77 6.44
C GLU B 729 -60.53 26.28 6.57
N ASP B 730 -61.79 25.88 6.58
CA ASP B 730 -62.15 24.47 6.61
C ASP B 730 -61.40 23.66 5.54
N TRP B 731 -61.40 24.16 4.31
CA TRP B 731 -60.74 23.44 3.22
C TRP B 731 -59.25 23.33 3.45
N ARG B 732 -58.65 24.43 3.90
CA ARG B 732 -57.23 24.42 4.19
C ARG B 732 -56.91 23.29 5.14
N LEU B 733 -57.66 23.21 6.24
CA LEU B 733 -57.43 22.14 7.20
C LEU B 733 -57.60 20.74 6.66
N VAL B 734 -58.74 20.51 6.03
CA VAL B 734 -59.09 19.21 5.49
C VAL B 734 -58.06 18.69 4.49
N SER B 735 -57.75 19.50 3.48
CA SER B 735 -56.80 19.09 2.46
C SER B 735 -55.39 19.01 3.04
N PHE B 736 -55.17 19.77 4.10
CA PHE B 736 -53.90 19.72 4.81
C PHE B 736 -53.78 18.27 5.31
N LEU B 737 -54.91 17.76 5.80
CA LEU B 737 -55.01 16.36 6.22
C LEU B 737 -54.90 15.37 5.05
N LEU B 738 -55.58 15.70 3.94
CA LEU B 738 -55.54 14.90 2.72
C LEU B 738 -54.11 14.61 2.30
N GLU B 739 -53.25 15.60 2.52
CA GLU B 739 -51.81 15.49 2.30
C GLU B 739 -51.23 14.68 3.45
N ASN B 740 -51.66 14.98 4.68
CA ASN B 740 -51.07 14.37 5.88
C ASN B 740 -51.07 12.86 5.97
N SER B 741 -51.97 12.22 5.27
CA SER B 741 -52.00 10.76 5.29
C SER B 741 -51.05 10.18 4.24
N ALA B 742 -50.01 10.92 3.87
CA ALA B 742 -49.09 10.48 2.82
C ALA B 742 -47.62 10.58 3.23
N ASN B 761 -47.07 3.43 26.31
CA ASN B 761 -47.87 4.65 26.37
C ASN B 761 -48.14 5.25 25.01
N THR B 762 -49.00 6.27 24.96
CA THR B 762 -49.35 6.94 23.73
C THR B 762 -48.13 7.45 23.00
N MET B 763 -47.07 7.67 23.77
CA MET B 763 -45.81 8.08 23.22
C MET B 763 -45.22 6.93 22.40
N GLU B 764 -45.46 5.70 22.83
CA GLU B 764 -45.04 4.52 22.07
C GLU B 764 -45.97 4.31 20.88
N ALA B 765 -47.13 4.96 20.92
CA ALA B 765 -48.05 4.90 19.80
C ALA B 765 -47.49 5.82 18.75
N LEU B 766 -46.96 6.94 19.21
CA LEU B 766 -46.24 7.86 18.36
C LEU B 766 -44.98 7.17 17.83
N ALA B 767 -44.47 6.20 18.59
CA ALA B 767 -43.27 5.42 18.23
C ALA B 767 -43.49 4.44 17.07
N SER B 768 -44.70 4.41 16.51
CA SER B 768 -44.95 3.54 15.37
C SER B 768 -44.87 4.33 14.07
N VAL B 769 -44.56 3.62 13.00
CA VAL B 769 -44.01 4.21 11.79
C VAL B 769 -44.98 5.03 10.94
N ASN B 770 -46.16 4.49 10.69
CA ASN B 770 -47.12 5.08 9.76
C ASN B 770 -47.36 6.57 10.02
N THR B 771 -47.85 7.31 9.02
CA THR B 771 -48.06 8.74 9.20
C THR B 771 -49.48 9.09 9.61
N ALA B 772 -49.72 10.37 9.87
CA ALA B 772 -51.03 10.88 10.28
C ALA B 772 -51.53 10.29 11.60
N LEU B 773 -50.87 9.24 12.09
CA LEU B 773 -51.24 8.53 13.32
C LEU B 773 -51.22 9.50 14.47
N GLN B 774 -50.05 10.10 14.66
CA GLN B 774 -49.77 11.03 15.75
C GLN B 774 -50.97 11.91 16.02
N PHE B 775 -51.66 12.28 14.95
CA PHE B 775 -52.88 13.05 15.06
C PHE B 775 -53.97 12.28 15.78
N PHE B 776 -54.19 11.04 15.38
CA PHE B 776 -55.23 10.25 16.01
C PHE B 776 -54.91 10.03 17.46
N SER B 777 -53.65 9.75 17.72
CA SER B 777 -53.20 9.58 19.10
C SER B 777 -53.38 10.89 19.85
N ALA B 778 -53.20 11.99 19.14
CA ALA B 778 -53.40 13.30 19.70
C ALA B 778 -54.88 13.53 20.03
N LEU B 779 -55.79 12.80 19.37
CA LEU B 779 -57.21 12.96 19.72
C LEU B 779 -58.00 11.67 19.99
N ASN B 780 -57.57 10.93 21.01
CA ASN B 780 -58.17 9.64 21.38
C ASN B 780 -59.50 9.78 22.15
N ILE B 790 -71.45 3.02 23.39
CA ILE B 790 -71.03 3.20 22.00
C ILE B 790 -69.59 2.77 21.82
N SER B 791 -69.30 2.17 20.67
CA SER B 791 -67.94 1.76 20.32
C SER B 791 -66.90 2.88 20.48
N PRO B 792 -65.67 2.51 20.90
CA PRO B 792 -64.63 3.49 21.22
C PRO B 792 -64.16 4.21 19.97
N LEU B 793 -64.00 3.45 18.88
CA LEU B 793 -63.49 3.96 17.61
C LEU B 793 -64.30 5.18 17.18
N HIS B 794 -65.62 5.00 17.06
CA HIS B 794 -66.51 6.05 16.61
C HIS B 794 -66.37 7.34 17.43
N ALA B 795 -66.38 7.23 18.75
CA ALA B 795 -66.30 8.43 19.57
C ALA B 795 -64.94 9.12 19.49
N THR B 796 -63.89 8.32 19.44
CA THR B 796 -62.54 8.86 19.36
C THR B 796 -62.16 9.40 17.96
N VAL B 797 -62.94 9.06 16.94
CA VAL B 797 -62.80 9.71 15.62
C VAL B 797 -63.67 10.97 15.64
N ILE B 798 -64.78 10.88 16.36
CA ILE B 798 -65.71 11.99 16.52
C ILE B 798 -64.93 13.13 17.14
N SER B 799 -64.13 12.80 18.15
CA SER B 799 -63.29 13.78 18.79
C SER B 799 -62.36 14.48 17.79
N SER B 800 -61.77 13.70 16.89
CA SER B 800 -60.88 14.29 15.90
C SER B 800 -61.60 15.25 14.95
N LEU B 801 -62.59 14.71 14.25
CA LEU B 801 -63.33 15.48 13.26
C LEU B 801 -63.99 16.74 13.86
N SER B 802 -64.43 16.62 15.10
CA SER B 802 -64.99 17.76 15.83
C SER B 802 -63.93 18.80 16.08
N ALA B 803 -62.73 18.34 16.45
CA ALA B 803 -61.63 19.25 16.71
C ALA B 803 -61.19 19.93 15.41
N ILE B 804 -61.60 19.36 14.28
CA ILE B 804 -61.33 19.97 12.99
C ILE B 804 -62.37 21.02 12.69
N PHE B 805 -63.64 20.67 12.85
CA PHE B 805 -64.72 21.61 12.60
C PHE B 805 -64.53 22.89 13.38
N ILE B 806 -64.30 22.76 14.68
CA ILE B 806 -64.17 23.93 15.53
C ILE B 806 -63.12 24.90 15.00
N ARG B 807 -63.56 26.13 14.77
CA ARG B 807 -62.73 27.16 14.15
C ARG B 807 -62.20 28.14 15.20
N ASP B 808 -62.98 29.19 15.44
CA ASP B 808 -62.55 30.30 16.29
C ASP B 808 -62.43 29.95 17.78
N ASP B 809 -63.17 28.94 18.23
CA ASP B 809 -63.18 28.60 19.65
C ASP B 809 -61.81 28.10 20.13
N THR B 810 -61.13 27.30 19.31
CA THR B 810 -59.79 26.83 19.66
C THR B 810 -58.78 27.97 19.61
N GLU B 811 -59.07 28.99 18.79
CA GLU B 811 -58.19 30.15 18.59
C GLU B 811 -56.81 29.77 18.11
N ASN B 812 -56.70 28.57 17.53
CA ASN B 812 -55.43 28.08 17.03
C ASN B 812 -55.64 27.15 15.85
N ASP B 813 -54.77 27.26 14.85
CA ASP B 813 -54.83 26.38 13.70
C ASP B 813 -54.30 25.01 14.09
N LEU B 814 -55.10 24.00 13.79
CA LEU B 814 -54.79 22.61 14.13
C LEU B 814 -53.51 22.15 13.45
N VAL B 815 -53.21 22.73 12.30
CA VAL B 815 -51.98 22.43 11.57
C VAL B 815 -50.74 22.80 12.38
N THR B 816 -50.77 24.03 12.89
CA THR B 816 -49.69 24.56 13.70
C THR B 816 -49.50 23.71 14.93
N GLU B 817 -50.62 23.32 15.52
CA GLU B 817 -50.64 22.44 16.68
C GLU B 817 -49.95 21.12 16.37
N LEU B 818 -50.40 20.54 15.26
CA LEU B 818 -49.90 19.30 14.76
C LEU B 818 -48.40 19.35 14.68
N VAL B 819 -47.91 20.06 13.67
CA VAL B 819 -46.49 20.15 13.43
C VAL B 819 -45.72 20.56 14.71
N GLU B 820 -46.33 21.40 15.55
CA GLU B 820 -45.70 21.75 16.83
C GLU B 820 -45.28 20.56 17.66
N LYS B 821 -46.22 19.64 17.89
CA LYS B 821 -45.83 18.50 18.70
C LYS B 821 -45.10 17.44 17.92
N LEU B 822 -45.62 17.15 16.76
CA LEU B 822 -45.10 16.07 15.95
C LEU B 822 -43.65 16.30 15.49
N PHE B 823 -43.31 17.55 15.20
CA PHE B 823 -41.96 17.95 14.76
C PHE B 823 -41.01 17.40 15.77
N LEU B 824 -41.49 17.52 17.01
CA LEU B 824 -40.76 17.18 18.18
C LEU B 824 -40.28 15.76 17.99
N PHE B 825 -41.16 14.85 17.57
CA PHE B 825 -40.73 13.46 17.55
C PHE B 825 -39.81 13.09 16.36
N LYS B 826 -40.37 13.14 15.16
CA LYS B 826 -39.68 12.71 13.92
C LYS B 826 -40.10 13.60 12.77
N GLN B 827 -40.12 12.97 11.59
CA GLN B 827 -40.63 13.53 10.35
C GLN B 827 -40.19 14.95 10.10
N TYR B 828 -38.99 15.27 10.56
CA TYR B 828 -38.42 16.59 10.45
C TYR B 828 -38.37 17.02 8.98
N ASN B 829 -38.27 16.04 8.08
CA ASN B 829 -38.12 16.34 6.66
C ASN B 829 -39.43 16.57 5.91
N ALA B 830 -40.50 15.89 6.33
CA ALA B 830 -41.77 16.06 5.60
C ALA B 830 -42.42 17.36 6.03
N CYS B 831 -42.23 17.72 7.29
CA CYS B 831 -42.77 18.98 7.76
C CYS B 831 -42.04 20.18 7.15
N MET B 832 -41.17 19.92 6.16
CA MET B 832 -40.53 20.97 5.36
C MET B 832 -41.51 21.47 4.33
N GLN B 833 -42.00 20.56 3.50
CA GLN B 833 -43.04 20.91 2.55
C GLN B 833 -44.27 21.23 3.38
N LEU B 834 -44.39 20.56 4.53
CA LEU B 834 -45.53 20.82 5.40
C LEU B 834 -45.55 22.18 6.06
N ILE B 835 -44.36 22.70 6.38
CA ILE B 835 -44.25 24.04 6.94
C ILE B 835 -44.24 25.10 5.84
N GLY B 836 -43.81 24.71 4.66
CA GLY B 836 -43.87 25.57 3.50
C GLY B 836 -45.32 25.73 3.11
N TRP B 837 -46.12 24.76 3.51
CA TRP B 837 -47.54 24.77 3.21
C TRP B 837 -48.34 25.51 4.28
N LEU B 838 -48.11 25.16 5.54
CA LEU B 838 -48.86 25.69 6.68
C LEU B 838 -48.99 27.21 6.67
N ASN B 839 -50.09 27.72 7.21
CA ASN B 839 -50.36 29.14 7.17
C ASN B 839 -49.47 29.92 8.14
N SER B 840 -49.01 31.09 7.68
CA SER B 840 -48.12 31.95 8.43
C SER B 840 -48.69 32.41 9.78
N ASP B 841 -48.01 32.00 10.86
CA ASP B 841 -48.36 32.42 12.22
C ASP B 841 -47.06 32.49 13.05
N PRO B 842 -47.05 33.27 14.15
CA PRO B 842 -45.90 33.35 15.07
C PRO B 842 -45.35 32.00 15.44
N ILE B 843 -46.26 31.14 15.86
CA ILE B 843 -45.97 29.76 16.08
C ILE B 843 -45.31 29.20 14.83
N ALA B 844 -46.09 29.22 13.75
CA ALA B 844 -45.67 28.74 12.43
C ALA B 844 -44.34 29.35 12.01
N VAL B 845 -44.10 30.59 12.43
CA VAL B 845 -42.88 31.28 12.09
C VAL B 845 -41.71 30.65 12.80
N TYR B 846 -41.79 30.56 14.13
CA TYR B 846 -40.67 30.00 14.86
C TYR B 846 -40.42 28.55 14.50
N LEU B 847 -41.47 27.84 14.11
CA LEU B 847 -41.26 26.49 13.63
C LEU B 847 -40.56 26.46 12.31
N LYS B 848 -41.00 27.30 11.38
CA LYS B 848 -40.31 27.47 10.11
C LYS B 848 -38.84 27.69 10.41
N ALA B 849 -38.56 28.49 11.43
CA ALA B 849 -37.19 28.77 11.81
C ALA B 849 -36.49 27.48 12.21
N LEU B 850 -37.01 26.81 13.24
CA LEU B 850 -36.35 25.62 13.75
C LEU B 850 -36.20 24.51 12.73
N ILE B 851 -37.15 24.40 11.83
CA ILE B 851 -37.12 23.37 10.82
C ILE B 851 -36.09 23.69 9.74
N TYR B 852 -36.18 24.89 9.15
CA TYR B 852 -35.18 25.35 8.19
C TYR B 852 -33.81 25.36 8.86
N LEU B 853 -33.82 25.22 10.18
CA LEU B 853 -32.61 25.08 10.95
C LEU B 853 -32.16 23.64 10.94
N LYS B 854 -33.11 22.73 11.17
CA LYS B 854 -32.82 21.30 11.24
C LYS B 854 -32.30 20.81 9.89
N SER B 855 -32.72 21.50 8.83
CA SER B 855 -32.26 21.24 7.47
C SER B 855 -30.94 21.92 7.21
N LYS B 856 -30.53 22.76 8.16
CA LYS B 856 -29.24 23.46 8.10
C LYS B 856 -29.19 24.46 6.95
N GLU B 857 -30.35 24.74 6.36
CA GLU B 857 -30.46 25.88 5.48
C GLU B 857 -30.56 27.09 6.37
N ALA B 858 -29.42 27.53 6.90
CA ALA B 858 -29.37 28.58 7.90
C ALA B 858 -30.16 29.80 7.48
N VAL B 859 -29.67 30.40 6.41
CA VAL B 859 -30.17 31.64 5.85
C VAL B 859 -31.64 31.96 6.10
N LYS B 860 -32.51 31.14 5.50
CA LYS B 860 -33.93 31.39 5.50
C LYS B 860 -34.55 31.21 6.87
N ALA B 861 -33.99 30.26 7.62
CA ALA B 861 -34.36 30.08 9.01
C ALA B 861 -34.08 31.37 9.75
N VAL B 862 -32.93 31.97 9.44
CA VAL B 862 -32.51 33.20 10.10
C VAL B 862 -33.39 34.38 9.70
N ARG B 863 -33.88 34.36 8.47
CA ARG B 863 -34.78 35.41 8.01
C ARG B 863 -36.11 35.27 8.71
N CYS B 864 -36.49 34.02 8.93
CA CYS B 864 -37.68 33.72 9.70
C CYS B 864 -37.55 34.23 11.13
N PHE B 865 -36.44 33.89 11.76
CA PHE B 865 -36.13 34.35 13.12
C PHE B 865 -36.21 35.86 13.19
N LYS B 866 -35.59 36.51 12.22
CA LYS B 866 -35.54 37.97 12.15
C LYS B 866 -36.92 38.61 12.04
N THR B 867 -37.69 38.28 11.00
CA THR B 867 -38.94 39.00 10.73
C THR B 867 -40.06 38.89 11.78
N THR B 868 -39.78 38.23 12.90
CA THR B 868 -40.75 38.10 14.00
C THR B 868 -40.09 38.14 15.38
N SER B 869 -40.91 38.15 16.42
CA SER B 869 -40.42 38.26 17.79
C SER B 869 -41.29 37.40 18.70
N LEU B 870 -41.28 37.68 20.00
CA LEU B 870 -42.12 36.94 20.95
C LEU B 870 -42.86 37.85 21.93
N VAL B 871 -44.19 37.74 21.92
CA VAL B 871 -45.07 38.29 22.95
C VAL B 871 -45.86 37.09 23.47
N LEU B 872 -45.58 35.95 22.88
CA LEU B 872 -46.30 34.70 23.13
C LEU B 872 -45.70 34.08 24.37
N TYR B 873 -44.51 34.54 24.73
CA TYR B 873 -43.75 33.96 25.83
C TYR B 873 -44.50 34.06 27.16
N SER B 874 -44.23 33.12 28.06
CA SER B 874 -44.96 32.97 29.33
C SER B 874 -46.45 32.66 29.17
N HIS B 875 -46.78 31.91 28.11
CA HIS B 875 -48.15 31.46 27.88
C HIS B 875 -48.32 29.99 28.24
N THR B 876 -47.27 29.20 28.03
CA THR B 876 -47.21 27.78 28.38
C THR B 876 -48.17 26.88 27.59
N SER B 877 -49.12 27.50 26.88
CA SER B 877 -50.07 26.74 26.09
C SER B 877 -49.36 26.05 24.93
N GLN B 878 -48.33 26.69 24.41
CA GLN B 878 -47.48 26.05 23.42
C GLN B 878 -46.72 24.96 24.16
N PHE B 879 -46.56 23.80 23.54
CA PHE B 879 -46.06 22.66 24.27
C PHE B 879 -44.57 22.47 24.05
N ALA B 880 -43.85 22.30 25.16
CA ALA B 880 -42.48 21.84 25.12
C ALA B 880 -41.62 22.65 24.16
N VAL B 881 -41.94 23.92 24.00
CA VAL B 881 -41.06 24.78 23.23
C VAL B 881 -41.10 26.19 23.80
N LEU B 882 -42.23 26.55 24.37
CA LEU B 882 -42.36 27.84 25.03
C LEU B 882 -41.46 27.83 26.24
N ARG B 883 -41.50 26.68 26.91
CA ARG B 883 -40.83 26.42 28.17
C ARG B 883 -39.35 26.81 28.25
N GLU B 884 -38.64 26.73 27.12
CA GLU B 884 -37.25 27.15 27.06
C GLU B 884 -37.18 28.67 27.23
N PHE B 885 -37.86 29.37 26.33
CA PHE B 885 -37.92 30.83 26.33
C PHE B 885 -38.43 31.34 27.65
N GLN B 886 -39.35 30.60 28.25
CA GLN B 886 -39.96 30.99 29.51
C GLN B 886 -38.96 30.84 30.63
N GLU B 887 -38.25 29.72 30.66
CA GLU B 887 -37.19 29.54 31.64
C GLU B 887 -36.18 30.65 31.52
N ILE B 888 -35.83 30.99 30.29
CA ILE B 888 -34.87 32.06 30.03
C ILE B 888 -35.39 33.42 30.54
N ALA B 889 -36.67 33.71 30.30
CA ALA B 889 -37.28 34.96 30.77
C ALA B 889 -37.34 35.06 32.28
N GLU B 890 -37.60 33.92 32.91
CA GLU B 890 -37.66 33.84 34.36
C GLU B 890 -36.28 33.95 34.95
N LYS B 891 -35.27 33.54 34.17
CA LYS B 891 -33.88 33.62 34.60
C LYS B 891 -33.44 35.07 34.81
N TYR B 892 -34.28 35.99 34.34
CA TYR B 892 -34.00 37.41 34.47
C TYR B 892 -35.01 37.99 35.43
N HIS B 893 -35.65 37.09 36.16
CA HIS B 893 -36.56 37.44 37.25
C HIS B 893 -37.79 38.23 36.78
N HIS B 894 -37.90 38.47 35.48
CA HIS B 894 -38.98 39.25 34.94
C HIS B 894 -39.42 38.77 33.60
N GLN B 895 -39.89 39.72 32.83
CA GLN B 895 -40.33 39.48 31.48
C GLN B 895 -39.89 40.65 30.62
N ASN B 896 -38.66 40.57 30.15
CA ASN B 896 -38.09 41.64 29.37
C ASN B 896 -38.61 41.54 27.94
N LEU B 897 -38.89 42.68 27.32
CA LEU B 897 -39.64 42.70 26.06
C LEU B 897 -39.05 41.91 24.88
N LEU B 898 -37.73 41.99 24.69
CA LEU B 898 -37.14 41.54 23.44
C LEU B 898 -35.78 40.86 23.60
N SER B 899 -34.83 41.57 24.22
CA SER B 899 -33.43 41.14 24.28
C SER B 899 -33.30 39.65 24.66
N CYS B 900 -34.15 39.22 25.57
CA CYS B 900 -34.18 37.83 26.02
C CYS B 900 -34.39 36.86 24.87
N TYR B 901 -35.36 37.16 24.01
CA TYR B 901 -35.64 36.34 22.84
C TYR B 901 -34.37 36.19 22.03
N TYR B 902 -33.72 37.31 21.77
CA TYR B 902 -32.54 37.33 20.94
C TYR B 902 -31.45 36.47 21.57
N LEU B 903 -31.38 36.52 22.89
CA LEU B 903 -30.48 35.67 23.67
C LEU B 903 -30.73 34.20 23.41
N HIS B 904 -32.00 33.83 23.57
CA HIS B 904 -32.43 32.48 23.31
C HIS B 904 -32.03 32.06 21.93
N LEU B 905 -32.13 33.01 21.01
CA LEU B 905 -31.76 32.78 19.64
C LEU B 905 -30.26 32.58 19.49
N SER B 906 -29.49 33.24 20.36
CA SER B 906 -28.04 33.09 20.34
C SER B 906 -27.67 31.68 20.78
N LYS B 907 -28.24 31.23 21.89
CA LYS B 907 -28.02 29.84 22.32
C LYS B 907 -28.49 28.82 21.29
N LYS B 908 -29.67 29.05 20.70
CA LYS B 908 -30.14 28.15 19.67
C LYS B 908 -29.15 28.12 18.51
N LEU B 909 -28.59 29.27 18.19
CA LEU B 909 -27.57 29.35 17.16
C LEU B 909 -26.32 28.56 17.53
N PHE B 910 -26.08 28.43 18.84
CA PHE B 910 -25.05 27.53 19.32
C PHE B 910 -25.42 26.07 19.05
N GLU B 911 -26.68 25.72 19.31
CA GLU B 911 -27.16 24.35 19.09
C GLU B 911 -27.03 23.90 17.64
N GLU B 912 -26.92 24.86 16.73
CA GLU B 912 -26.77 24.57 15.32
C GLU B 912 -25.31 24.43 14.94
N SER B 913 -24.44 24.72 15.91
CA SER B 913 -22.99 24.73 15.72
C SER B 913 -22.56 25.86 14.77
N ALA B 914 -23.52 26.54 14.16
CA ALA B 914 -23.22 27.69 13.31
C ALA B 914 -23.06 28.89 14.20
N TYR B 915 -21.83 29.39 14.26
CA TYR B 915 -21.45 30.37 15.24
C TYR B 915 -21.61 31.82 14.79
N ILE B 916 -21.65 32.05 13.49
CA ILE B 916 -21.65 33.40 12.95
C ILE B 916 -22.99 34.14 13.11
N ASP B 917 -24.05 33.37 12.94
CA ASP B 917 -25.39 33.91 13.10
C ASP B 917 -25.61 34.21 14.58
N ALA B 918 -24.85 33.50 15.40
CA ALA B 918 -24.86 33.74 16.83
C ALA B 918 -24.19 35.08 17.11
N LEU B 919 -23.12 35.39 16.39
CA LEU B 919 -22.51 36.72 16.46
C LEU B 919 -23.56 37.77 16.20
N GLU B 920 -24.42 37.50 15.23
CA GLU B 920 -25.50 38.44 14.92
C GLU B 920 -26.47 38.62 16.08
N PHE B 921 -27.12 37.53 16.45
CA PHE B 921 -28.22 37.66 17.37
C PHE B 921 -27.75 38.08 18.73
N SER B 922 -26.63 37.53 19.17
CA SER B 922 -26.14 37.91 20.48
C SER B 922 -25.93 39.42 20.57
N LEU B 923 -25.57 40.01 19.43
CA LEU B 923 -25.48 41.46 19.31
C LEU B 923 -26.80 42.10 19.61
N LEU B 924 -27.77 41.66 18.82
CA LEU B 924 -29.12 42.19 18.98
C LEU B 924 -29.60 42.13 20.42
N ALA B 925 -29.33 41.01 21.08
CA ALA B 925 -29.61 40.83 22.50
C ALA B 925 -28.93 41.89 23.38
N ASP B 926 -27.61 42.02 23.23
CA ASP B 926 -26.82 42.97 24.00
C ASP B 926 -27.38 44.37 23.91
N ALA B 927 -27.99 44.66 22.77
CA ALA B 927 -28.39 46.02 22.48
C ALA B 927 -29.81 46.29 22.94
N SER B 928 -30.78 45.56 22.41
CA SER B 928 -32.18 45.95 22.60
C SER B 928 -32.71 45.90 24.03
N LYS B 929 -31.86 45.55 25.00
CA LYS B 929 -32.31 45.50 26.39
C LYS B 929 -32.83 46.83 26.92
N GLU B 930 -34.14 46.91 27.18
CA GLU B 930 -34.79 48.12 27.69
C GLU B 930 -35.10 48.06 29.18
N THR B 931 -34.51 47.08 29.88
CA THR B 931 -34.89 46.77 31.25
C THR B 931 -33.88 47.31 32.25
N ASP B 932 -32.62 47.31 31.84
CA ASP B 932 -31.50 47.78 32.65
C ASP B 932 -31.28 46.98 33.93
N ASP B 933 -31.48 45.68 33.85
CA ASP B 933 -31.15 44.73 34.90
C ASP B 933 -29.66 44.45 34.89
N GLU B 934 -29.07 44.27 36.05
CA GLU B 934 -27.65 43.92 36.13
C GLU B 934 -27.44 42.52 35.59
N ASP B 935 -28.12 41.57 36.22
CA ASP B 935 -28.03 40.16 35.92
C ASP B 935 -28.24 39.85 34.45
N LEU B 936 -29.30 40.41 33.89
CA LEU B 936 -29.63 40.17 32.49
C LEU B 936 -28.52 40.65 31.56
N SER B 937 -28.12 41.91 31.71
CA SER B 937 -27.07 42.51 30.89
C SER B 937 -25.81 41.67 30.95
N ILE B 938 -25.52 41.19 32.15
CA ILE B 938 -24.36 40.34 32.36
C ILE B 938 -24.43 39.03 31.57
N ALA B 939 -25.56 38.36 31.67
CA ALA B 939 -25.74 37.08 30.99
C ALA B 939 -25.60 37.28 29.49
N ILE B 940 -26.24 38.33 29.01
CA ILE B 940 -26.20 38.62 27.60
C ILE B 940 -24.81 38.89 27.08
N THR B 941 -24.10 39.78 27.78
CA THR B 941 -22.73 40.06 27.40
C THR B 941 -21.87 38.80 27.39
N HIS B 942 -22.15 37.89 28.31
CA HIS B 942 -21.39 36.64 28.33
C HIS B 942 -21.65 35.76 27.11
N GLU B 943 -22.92 35.54 26.78
CA GLU B 943 -23.22 34.70 25.61
C GLU B 943 -22.67 35.30 24.35
N THR B 944 -22.70 36.62 24.30
CA THR B 944 -22.06 37.33 23.22
C THR B 944 -20.59 36.97 23.22
N LEU B 945 -20.00 36.86 24.40
CA LEU B 945 -18.60 36.50 24.48
C LEU B 945 -18.34 35.15 23.88
N LYS B 946 -19.23 34.20 24.17
CA LYS B 946 -19.07 32.89 23.58
C LYS B 946 -19.23 32.89 22.09
N THR B 947 -20.31 33.49 21.61
CA THR B 947 -20.52 33.52 20.18
C THR B 947 -19.39 34.15 19.40
N ALA B 948 -18.91 35.26 19.93
CA ALA B 948 -17.75 35.88 19.32
C ALA B 948 -16.52 34.99 19.31
N CYS B 949 -16.21 34.38 20.45
CA CYS B 949 -15.08 33.47 20.53
C CYS B 949 -15.21 32.21 19.65
N ALA B 950 -16.43 31.83 19.33
CA ALA B 950 -16.66 30.74 18.39
C ALA B 950 -16.42 31.17 16.97
N ALA B 951 -16.56 32.48 16.76
CA ALA B 951 -16.22 33.03 15.45
C ALA B 951 -14.79 33.52 15.37
N GLY B 952 -14.33 34.11 16.47
CA GLY B 952 -13.05 34.77 16.48
C GLY B 952 -13.28 35.91 15.52
N LYS B 953 -12.56 35.87 14.41
CA LYS B 953 -12.67 36.90 13.39
C LYS B 953 -12.14 38.27 13.75
N PHE B 954 -13.05 39.22 13.72
CA PHE B 954 -12.72 40.61 13.90
C PHE B 954 -12.33 40.96 15.33
N ASP B 955 -11.33 41.83 15.42
CA ASP B 955 -10.64 42.19 16.65
C ASP B 955 -11.51 42.58 17.84
N ALA B 956 -12.71 43.12 17.57
CA ALA B 956 -13.52 43.64 18.67
C ALA B 956 -13.82 42.56 19.67
N ALA B 957 -13.97 41.32 19.22
CA ALA B 957 -14.39 40.31 20.17
C ALA B 957 -13.36 40.15 21.29
N HIS B 958 -12.40 41.06 21.33
CA HIS B 958 -11.30 41.07 22.27
C HIS B 958 -11.58 42.06 23.35
N VAL B 959 -11.98 43.25 22.92
CA VAL B 959 -12.50 44.22 23.85
C VAL B 959 -13.90 43.86 24.30
N ALA B 960 -14.39 42.66 24.00
CA ALA B 960 -15.71 42.38 24.51
C ALA B 960 -15.29 41.75 25.83
N LEU B 961 -14.08 41.23 25.75
CA LEU B 961 -13.54 40.29 26.71
C LEU B 961 -13.16 41.20 27.82
N MET B 962 -12.52 42.26 27.38
CA MET B 962 -12.03 43.26 28.29
C MET B 962 -13.19 43.89 29.04
N VAL B 963 -14.32 44.14 28.36
CA VAL B 963 -15.49 44.62 29.08
C VAL B 963 -15.74 43.65 30.22
N LEU B 964 -15.91 42.39 29.85
CA LEU B 964 -16.15 41.35 30.84
C LEU B 964 -15.05 41.21 31.90
N SER B 965 -13.81 41.49 31.53
CA SER B 965 -12.77 41.37 32.55
C SER B 965 -12.79 42.56 33.48
N THR B 966 -13.15 43.73 32.92
CA THR B 966 -13.12 44.96 33.69
C THR B 966 -14.33 45.05 34.61
N THR B 967 -15.42 44.43 34.19
CA THR B 967 -16.66 44.51 34.95
C THR B 967 -16.61 43.68 36.26
N PRO B 968 -16.64 42.33 36.21
CA PRO B 968 -16.28 41.78 37.51
C PRO B 968 -15.15 40.77 37.39
N LEU B 969 -15.15 39.77 38.26
CA LEU B 969 -14.13 38.73 38.21
C LEU B 969 -14.57 37.59 37.32
N LYS B 970 -15.20 37.91 36.20
CA LYS B 970 -15.54 36.88 35.24
C LYS B 970 -14.41 36.71 34.25
N LYS B 971 -13.19 36.76 34.76
CA LYS B 971 -11.97 36.64 33.97
C LYS B 971 -11.84 35.26 33.34
N SER B 972 -12.34 34.25 34.04
CA SER B 972 -12.28 32.85 33.58
C SER B 972 -12.89 32.67 32.20
N CYS B 973 -13.96 33.42 31.95
CA CYS B 973 -14.52 33.52 30.62
C CYS B 973 -13.41 33.81 29.65
N LEU B 974 -12.73 34.94 29.83
CA LEU B 974 -11.64 35.35 28.96
C LEU B 974 -10.64 34.22 28.86
N LEU B 975 -10.45 33.50 29.96
CA LEU B 975 -9.52 32.38 29.94
C LEU B 975 -9.89 31.40 28.83
N ASP B 976 -10.96 30.67 29.04
CA ASP B 976 -11.33 29.59 28.12
C ASP B 976 -11.57 30.14 26.72
N PHE B 977 -12.13 31.33 26.68
CA PHE B 977 -12.54 31.98 25.44
C PHE B 977 -11.34 32.33 24.58
N VAL B 978 -10.45 33.14 25.14
CA VAL B 978 -9.25 33.51 24.43
C VAL B 978 -8.46 32.26 24.10
N ASN B 979 -8.55 31.24 24.97
CA ASN B 979 -7.94 29.96 24.64
C ASN B 979 -8.46 29.45 23.32
N GLN B 980 -9.77 29.48 23.16
CA GLN B 980 -10.39 29.09 21.90
C GLN B 980 -9.92 29.98 20.74
N LEU B 981 -9.57 31.23 21.06
CA LEU B 981 -9.11 32.17 20.04
C LEU B 981 -7.73 31.83 19.53
N THR B 982 -6.85 31.46 20.45
CA THR B 982 -5.53 30.99 20.07
C THR B 982 -5.67 29.56 19.59
N LYS B 983 -6.89 29.04 19.66
CA LYS B 983 -7.18 27.74 19.07
C LYS B 983 -7.67 27.94 17.65
N GLN B 984 -8.08 29.15 17.34
CA GLN B 984 -8.16 29.58 15.96
C GLN B 984 -6.70 29.70 15.54
N GLY B 985 -5.94 30.47 16.32
CA GLY B 985 -4.48 30.36 16.35
C GLY B 985 -3.59 31.33 15.60
N LYS B 986 -3.74 32.64 15.85
CA LYS B 986 -2.87 33.61 15.20
C LYS B 986 -2.20 34.55 16.18
N ILE B 987 -0.98 34.21 16.57
CA ILE B 987 -0.31 34.95 17.61
C ILE B 987 0.08 36.36 17.22
N ASN B 988 0.61 36.53 16.01
CA ASN B 988 1.01 37.86 15.55
C ASN B 988 -0.13 38.87 15.63
N GLN B 989 -1.36 38.38 15.54
CA GLN B 989 -2.54 39.25 15.67
C GLN B 989 -3.13 39.20 17.07
N LEU B 990 -3.28 38.00 17.64
CA LEU B 990 -3.92 37.85 18.93
C LEU B 990 -3.13 38.46 20.10
N LEU B 991 -1.81 38.53 19.96
CA LEU B 991 -0.97 39.17 20.98
C LEU B 991 -1.07 40.69 20.85
N ASN B 992 -1.10 41.17 19.61
CA ASN B 992 -1.35 42.59 19.34
C ASN B 992 -2.74 42.99 19.79
N TYR B 993 -3.59 41.99 19.99
CA TYR B 993 -4.93 42.21 20.51
C TYR B 993 -4.88 42.11 22.02
N SER B 994 -3.87 41.42 22.52
CA SER B 994 -3.61 41.42 23.95
C SER B 994 -2.98 42.75 24.30
N MET B 995 -2.63 43.52 23.28
CA MET B 995 -2.07 44.86 23.48
C MET B 995 -3.08 45.93 23.91
N PRO B 996 -4.23 46.04 23.22
CA PRO B 996 -5.21 47.02 23.73
C PRO B 996 -5.86 46.55 25.02
N THR B 997 -5.89 45.24 25.24
CA THR B 997 -6.36 44.69 26.50
C THR B 997 -5.49 45.26 27.63
N LEU B 998 -6.09 45.57 28.77
CA LEU B 998 -5.38 46.25 29.86
C LEU B 998 -4.35 45.39 30.56
N ARG B 999 -3.13 45.89 30.60
CA ARG B 999 -1.96 45.15 31.09
C ARG B 999 -2.15 44.40 32.41
N GLN B 1000 -3.09 44.84 33.22
CA GLN B 1000 -3.40 44.10 34.45
C GLN B 1000 -4.09 42.82 34.05
N ASP B 1001 -5.16 42.99 33.28
CA ASP B 1001 -5.89 41.86 32.79
C ASP B 1001 -5.05 40.99 31.87
N VAL B 1002 -4.14 41.59 31.11
CA VAL B 1002 -3.27 40.80 30.26
C VAL B 1002 -2.24 40.05 31.08
N ASP B 1003 -1.80 40.64 32.19
CA ASP B 1003 -0.81 40.00 33.05
C ASP B 1003 -1.46 38.74 33.62
N ASN B 1004 -2.66 38.92 34.16
CA ASN B 1004 -3.44 37.79 34.65
C ASN B 1004 -3.60 36.72 33.57
N LEU B 1005 -4.27 37.10 32.48
CA LEU B 1005 -4.58 36.20 31.38
C LEU B 1005 -3.35 35.42 30.88
N LEU B 1006 -2.26 36.12 30.59
CA LEU B 1006 -1.10 35.49 29.96
C LEU B 1006 -0.24 34.72 30.95
N GLU B 1007 -0.33 35.07 32.23
CA GLU B 1007 0.31 34.23 33.21
C GLU B 1007 -0.44 32.91 33.22
N ARG B 1008 -1.77 32.98 33.18
CA ARG B 1008 -2.59 31.78 33.19
C ARG B 1008 -2.31 30.93 31.97
N LYS B 1009 -2.23 31.59 30.82
CA LYS B 1009 -1.96 30.92 29.57
C LYS B 1009 -0.60 30.28 29.66
N ALA B 1010 0.32 30.99 30.30
CA ALA B 1010 1.67 30.49 30.50
C ALA B 1010 1.60 29.16 31.23
N PHE B 1011 0.92 29.19 32.38
CA PHE B 1011 0.80 28.02 33.24
C PHE B 1011 0.18 26.84 32.47
N GLN B 1012 -0.85 27.14 31.68
CA GLN B 1012 -1.48 26.13 30.85
C GLN B 1012 -0.53 25.58 29.80
N MET B 1013 0.42 26.41 29.38
CA MET B 1013 1.34 26.01 28.33
C MET B 1013 2.50 25.15 28.81
N ILE B 1014 3.03 25.44 30.01
CA ILE B 1014 4.00 24.51 30.59
C ILE B 1014 3.28 23.21 30.94
N ASN B 1015 2.07 23.33 31.46
CA ASN B 1015 1.27 22.14 31.75
C ASN B 1015 1.10 21.26 30.52
N VAL B 1016 0.74 21.89 29.40
CA VAL B 1016 0.36 21.16 28.20
C VAL B 1016 1.48 20.31 27.59
N GLU B 1017 2.74 20.70 27.80
CA GLU B 1017 3.89 19.93 27.34
C GLU B 1017 3.97 19.79 25.81
N SER B 1018 3.23 20.65 25.12
CA SER B 1018 3.03 20.54 23.68
C SER B 1018 4.32 20.72 22.85
N GLN B 1019 4.23 20.41 21.56
CA GLN B 1019 5.32 20.68 20.63
C GLN B 1019 5.23 22.07 20.01
N PRO B 1020 4.03 22.54 19.64
CA PRO B 1020 3.96 23.98 19.36
C PRO B 1020 3.91 24.81 20.65
N CYS B 1021 4.24 24.20 21.79
CA CYS B 1021 4.32 24.90 23.06
C CYS B 1021 5.58 25.73 23.11
N TRP B 1022 6.57 25.35 22.31
CA TRP B 1022 7.81 26.11 22.22
C TRP B 1022 7.52 27.50 21.72
N TYR B 1023 6.69 27.55 20.69
CA TYR B 1023 6.17 28.80 20.19
C TYR B 1023 5.48 29.54 21.33
N ASN B 1024 4.54 28.86 21.99
CA ASN B 1024 3.81 29.43 23.14
C ASN B 1024 4.72 30.09 24.13
N ILE B 1025 5.83 29.42 24.38
CA ILE B 1025 6.85 29.87 25.29
C ILE B 1025 7.54 31.14 24.77
N LEU B 1026 7.95 31.12 23.51
CA LEU B 1026 8.56 32.32 22.91
C LEU B 1026 7.63 33.55 22.96
N PHE B 1027 6.32 33.30 22.82
CA PHE B 1027 5.30 34.36 22.79
C PHE B 1027 5.04 34.95 24.17
N SER B 1028 4.98 34.07 25.17
CA SER B 1028 4.93 34.52 26.55
C SER B 1028 6.15 35.37 26.80
N TRP B 1029 7.30 34.93 26.28
CA TRP B 1029 8.53 35.70 26.44
C TRP B 1029 8.38 37.10 25.88
N ARG B 1030 7.87 37.20 24.66
CA ARG B 1030 7.59 38.50 24.07
C ARG B 1030 6.77 39.32 25.04
N TYR B 1031 5.69 38.68 25.52
CA TYR B 1031 4.82 39.36 26.45
C TYR B 1031 5.56 39.85 27.70
N LYS B 1032 6.54 39.07 28.15
CA LYS B 1032 7.31 39.41 29.35
C LYS B 1032 8.20 40.59 29.03
N HIS B 1033 8.69 40.64 27.80
CA HIS B 1033 9.49 41.77 27.36
C HIS B 1033 8.65 43.03 27.44
N GLN B 1034 7.36 42.89 27.16
CA GLN B 1034 6.45 44.01 27.42
C GLN B 1034 6.48 44.41 28.90
N ASN B 1035 6.43 43.41 29.79
CA ASN B 1035 6.36 43.66 31.24
C ASN B 1035 7.73 43.93 31.87
N TYR B 1036 7.96 43.30 33.01
CA TYR B 1036 9.22 43.45 33.73
C TYR B 1036 10.34 42.55 33.20
N ARG B 1037 9.99 41.69 32.25
CA ARG B 1037 10.96 40.82 31.55
C ARG B 1037 11.65 39.77 32.42
N ASP B 1038 11.06 39.50 33.58
CA ASP B 1038 11.63 38.54 34.50
C ASP B 1038 11.29 37.10 34.14
N ALA B 1039 10.03 36.74 34.40
CA ALA B 1039 9.54 35.36 34.37
C ALA B 1039 10.03 34.54 33.19
N ALA B 1040 10.00 35.16 32.01
CA ALA B 1040 10.46 34.54 30.78
C ALA B 1040 11.67 33.61 30.98
N ALA B 1041 12.73 34.13 31.58
CA ALA B 1041 13.93 33.36 31.83
C ALA B 1041 13.64 32.08 32.65
N ILE B 1042 12.94 32.26 33.78
CA ILE B 1042 12.48 31.18 34.66
C ILE B 1042 11.82 30.08 33.84
N ILE B 1043 10.85 30.49 33.03
CA ILE B 1043 10.10 29.56 32.21
C ILE B 1043 11.05 28.82 31.27
N TYR B 1044 12.06 29.51 30.77
CA TYR B 1044 13.07 28.87 29.95
C TYR B 1044 13.75 27.75 30.68
N GLU B 1045 14.12 28.00 31.93
CA GLU B 1045 14.70 26.94 32.74
C GLU B 1045 13.74 25.76 32.90
N LYS B 1046 12.48 26.04 33.22
CA LYS B 1046 11.49 24.97 33.43
C LYS B 1046 11.37 24.11 32.18
N LEU B 1047 11.28 24.79 31.06
CA LEU B 1047 11.22 24.14 29.77
C LEU B 1047 12.43 23.23 29.60
N SER B 1048 13.62 23.78 29.84
CA SER B 1048 14.86 23.03 29.68
C SER B 1048 14.82 21.72 30.47
N ARG B 1049 14.44 21.85 31.74
CA ARG B 1049 14.23 20.71 32.62
C ARG B 1049 13.38 19.65 31.95
N TYR B 1050 12.25 20.08 31.40
CA TYR B 1050 11.35 19.13 30.76
C TYR B 1050 11.97 18.40 29.54
N ILE B 1051 12.54 19.16 28.60
CA ILE B 1051 13.16 18.56 27.40
C ILE B 1051 14.13 17.49 27.79
N SER B 1052 14.96 17.84 28.78
CA SER B 1052 15.93 16.89 29.29
C SER B 1052 15.26 15.64 29.85
N THR B 1053 14.38 15.84 30.84
CA THR B 1053 13.73 14.73 31.53
C THR B 1053 13.14 13.71 30.56
N THR B 1054 12.55 14.20 29.47
CA THR B 1054 11.91 13.31 28.51
C THR B 1054 12.81 12.15 28.10
N GLU B 1055 13.80 12.45 27.27
CA GLU B 1055 14.70 11.40 26.82
C GLU B 1055 16.10 11.93 26.68
N LEU B 1056 17.02 11.00 26.48
CA LEU B 1056 18.40 11.36 26.20
C LEU B 1056 18.93 10.55 25.05
N ILE B 1057 19.07 11.20 23.91
CA ILE B 1057 19.71 10.59 22.76
C ILE B 1057 21.10 11.21 22.63
N GLY B 1058 21.38 12.19 23.48
CA GLY B 1058 22.59 13.00 23.34
C GLY B 1058 22.51 13.73 22.02
N LYS B 1059 23.51 13.49 21.17
CA LYS B 1059 23.49 13.96 19.78
C LYS B 1059 23.04 15.41 19.63
N LYS B 1060 21.82 15.56 19.12
CA LYS B 1060 21.23 16.86 18.89
C LYS B 1060 20.81 17.49 20.20
N GLU B 1061 20.23 16.68 21.07
CA GLU B 1061 19.69 17.14 22.36
C GLU B 1061 20.69 18.05 23.05
N ARG B 1062 21.95 17.61 23.10
CA ARG B 1062 23.03 18.40 23.68
C ARG B 1062 23.11 19.79 23.05
N THR B 1063 23.05 19.85 21.74
CA THR B 1063 23.16 21.11 21.04
C THR B 1063 21.92 22.00 21.29
N PHE B 1064 20.75 21.38 21.44
CA PHE B 1064 19.56 22.11 21.84
C PHE B 1064 19.85 22.79 23.15
N ILE B 1065 20.35 22.00 24.10
CA ILE B 1065 20.67 22.51 25.42
C ILE B 1065 21.69 23.64 25.33
N ILE B 1066 22.63 23.53 24.39
CA ILE B 1066 23.57 24.60 24.12
C ILE B 1066 22.75 25.85 23.88
N GLU B 1067 21.90 25.76 22.86
CA GLU B 1067 21.07 26.88 22.47
C GLU B 1067 20.33 27.48 23.65
N HIS B 1068 19.85 26.61 24.54
CA HIS B 1068 19.10 27.05 25.71
C HIS B 1068 19.98 27.84 26.68
N TYR B 1069 21.21 27.35 26.87
CA TYR B 1069 22.19 28.03 27.68
C TYR B 1069 22.39 29.44 27.15
N LEU B 1070 22.56 29.53 25.84
CA LEU B 1070 22.76 30.83 25.20
C LEU B 1070 21.57 31.74 25.48
N ILE B 1071 20.37 31.20 25.33
CA ILE B 1071 19.15 31.95 25.56
C ILE B 1071 19.13 32.56 26.95
N VAL B 1072 19.29 31.70 27.95
CA VAL B 1072 19.29 32.17 29.32
C VAL B 1072 20.35 33.25 29.53
N LEU B 1073 21.57 32.99 29.05
CA LEU B 1073 22.67 33.97 29.11
C LEU B 1073 22.24 35.34 28.62
N ASN B 1074 21.56 35.35 27.47
CA ASN B 1074 21.11 36.61 26.88
C ASN B 1074 19.98 37.27 27.67
N THR B 1075 19.04 36.49 28.18
CA THR B 1075 17.94 37.05 28.97
C THR B 1075 18.48 37.69 30.23
N LEU B 1076 19.54 37.08 30.76
CA LEU B 1076 20.21 37.60 31.93
C LEU B 1076 20.93 38.90 31.60
N GLU B 1077 21.70 38.90 30.52
CA GLU B 1077 22.38 40.13 30.10
C GLU B 1077 21.36 41.24 29.89
N LEU B 1078 20.17 40.86 29.44
CA LEU B 1078 19.05 41.80 29.27
C LEU B 1078 18.50 42.26 30.63
N LEU B 1079 18.71 41.42 31.65
CA LEU B 1079 18.20 41.73 32.98
C LEU B 1079 19.34 41.66 34.00
N PRO B 1080 20.17 42.72 34.05
CA PRO B 1080 21.41 42.69 34.86
C PRO B 1080 21.24 42.77 36.39
N LYS B 1081 20.46 43.73 36.87
CA LYS B 1081 20.47 44.06 38.30
C LYS B 1081 19.45 43.28 39.12
N GLU B 1082 18.19 43.44 38.75
CA GLU B 1082 17.07 42.80 39.44
C GLU B 1082 17.26 41.29 39.48
N ASP B 1083 16.45 40.61 40.27
CA ASP B 1083 16.69 39.21 40.58
C ASP B 1083 15.40 38.38 40.56
N THR B 1084 15.50 37.15 40.08
CA THR B 1084 14.31 36.36 39.77
C THR B 1084 14.28 35.02 40.48
N TRP B 1085 13.10 34.42 40.59
CA TRP B 1085 12.94 33.28 41.48
C TRP B 1085 12.03 32.15 41.06
N ILE B 1086 12.56 30.94 41.19
CA ILE B 1086 11.99 29.76 40.57
C ILE B 1086 11.49 28.76 41.57
N LEU B 1087 10.19 28.57 41.58
CA LEU B 1087 9.59 27.59 42.44
C LEU B 1087 9.35 26.36 41.61
N VAL B 1088 9.69 25.20 42.18
CA VAL B 1088 9.45 23.93 41.53
C VAL B 1088 10.16 23.86 40.18
N GLN B 1104 17.00 30.23 41.06
CA GLN B 1104 17.79 31.22 41.75
C GLN B 1104 18.27 32.29 40.79
N LYS B 1105 19.48 32.09 40.29
CA LYS B 1105 20.18 33.09 39.52
C LYS B 1105 21.60 32.70 39.29
N LEU B 1106 22.39 33.73 39.06
CA LEU B 1106 23.72 33.66 38.46
C LEU B 1106 24.55 32.45 38.82
N LEU B 1107 24.42 31.97 40.06
CA LEU B 1107 25.24 30.86 40.50
C LEU B 1107 24.83 29.53 39.83
N THR B 1108 23.56 29.13 39.98
CA THR B 1108 23.06 27.91 39.32
C THR B 1108 23.32 27.98 37.82
N LEU B 1109 23.51 29.20 37.36
CA LEU B 1109 23.78 29.46 35.98
C LEU B 1109 25.26 29.19 35.67
N ASP B 1110 26.17 29.59 36.54
CA ASP B 1110 27.58 29.16 36.41
C ASP B 1110 27.62 27.64 36.34
N ALA B 1111 26.77 27.00 37.14
CA ALA B 1111 26.63 25.54 37.12
C ALA B 1111 26.18 25.00 35.77
N ILE B 1112 25.12 25.58 35.21
CA ILE B 1112 24.66 25.09 33.91
C ILE B 1112 25.72 25.32 32.82
N VAL B 1113 26.52 26.38 32.97
CA VAL B 1113 27.65 26.62 32.08
C VAL B 1113 28.62 25.47 32.22
N ALA B 1114 28.80 25.02 33.46
CA ALA B 1114 29.64 23.87 33.73
C ALA B 1114 29.12 22.66 32.96
N GLU B 1115 27.82 22.37 33.06
CA GLU B 1115 27.23 21.25 32.33
C GLU B 1115 27.56 21.35 30.85
N TYR B 1116 27.39 22.56 30.33
CA TYR B 1116 27.73 22.86 28.95
C TYR B 1116 29.12 22.36 28.64
N HIS B 1117 30.11 22.96 29.31
CA HIS B 1117 31.51 22.59 29.09
C HIS B 1117 31.76 21.08 29.15
N LEU B 1118 31.13 20.44 30.13
CA LEU B 1118 31.20 18.99 30.26
C LEU B 1118 30.84 18.32 28.95
N GLN B 1119 29.63 18.62 28.49
CA GLN B 1119 29.13 18.02 27.26
C GLN B 1119 30.08 18.29 26.10
N LEU B 1120 30.67 19.49 26.07
CA LEU B 1120 31.65 19.82 25.04
C LEU B 1120 32.77 18.81 25.05
N LYS B 1121 33.36 18.63 26.23
CA LYS B 1121 34.46 17.70 26.40
C LYS B 1121 34.07 16.30 25.93
N ASP B 1122 32.88 15.87 26.33
CA ASP B 1122 32.35 14.56 25.92
C ASP B 1122 32.40 14.43 24.41
N VAL B 1123 31.85 15.42 23.72
CA VAL B 1123 31.85 15.42 22.27
C VAL B 1123 33.25 15.26 21.72
N ALA B 1124 34.15 16.17 22.11
CA ALA B 1124 35.53 16.11 21.64
C ALA B 1124 36.13 14.72 21.79
N VAL B 1125 35.84 14.09 22.92
CA VAL B 1125 36.26 12.70 23.14
C VAL B 1125 35.70 11.81 22.03
N GLN B 1126 34.41 11.98 21.74
CA GLN B 1126 33.80 11.22 20.66
C GLN B 1126 34.52 11.45 19.33
N VAL B 1127 35.00 12.66 19.09
CA VAL B 1127 35.66 12.95 17.81
C VAL B 1127 37.11 12.44 17.75
N THR B 1128 37.72 12.24 18.90
CA THR B 1128 39.05 11.63 18.89
C THR B 1128 38.96 10.11 18.86
N ALA B 1129 37.79 9.56 19.17
CA ALA B 1129 37.64 8.11 19.07
C ALA B 1129 37.44 7.69 17.62
N GLU B 1130 36.79 8.55 16.85
CA GLU B 1130 36.39 8.25 15.49
C GLU B 1130 37.57 8.30 14.54
N SER C 8 28.17 -2.96 6.58
CA SER C 8 29.10 -4.06 6.46
C SER C 8 29.97 -4.20 7.71
N ASN C 9 30.17 -5.43 8.16
CA ASN C 9 31.18 -5.70 9.16
C ASN C 9 32.29 -6.58 8.58
N GLN C 10 33.53 -6.29 8.93
CA GLN C 10 34.66 -7.02 8.36
C GLN C 10 35.43 -7.82 9.41
N TYR C 11 35.66 -9.09 9.10
CA TYR C 11 36.38 -9.97 10.01
C TYR C 11 37.60 -10.56 9.32
N GLN C 12 38.76 -10.27 9.89
CA GLN C 12 40.03 -10.68 9.34
C GLN C 12 40.25 -12.19 9.47
N LEU C 13 40.83 -12.79 8.44
CA LEU C 13 41.36 -14.14 8.51
C LEU C 13 42.79 -13.99 9.03
N PRO C 14 43.35 -15.05 9.64
CA PRO C 14 44.75 -15.04 10.06
C PRO C 14 45.74 -14.54 8.98
N LEU C 15 46.80 -13.87 9.41
CA LEU C 15 47.71 -13.14 8.50
C LEU C 15 48.34 -13.97 7.37
N ASN C 16 48.53 -15.26 7.62
CA ASN C 16 49.17 -16.13 6.64
C ASN C 16 48.16 -17.07 5.99
N VAL C 17 46.89 -16.72 6.11
CA VAL C 17 45.82 -17.52 5.55
C VAL C 17 45.30 -16.94 4.25
N ARG C 18 45.52 -17.66 3.17
CA ARG C 18 45.02 -17.29 1.87
C ARG C 18 43.77 -18.11 1.58
N PRO C 19 42.62 -17.45 1.50
CA PRO C 19 41.36 -18.16 1.25
C PRO C 19 41.22 -18.58 -0.21
N TYR C 20 40.53 -19.69 -0.44
CA TYR C 20 40.27 -20.18 -1.79
C TYR C 20 38.77 -20.35 -1.99
N THR C 21 38.05 -20.61 -0.91
CA THR C 21 36.63 -20.92 -1.00
C THR C 21 35.87 -20.60 0.27
N THR C 22 34.60 -20.21 0.11
CA THR C 22 33.74 -19.84 1.22
C THR C 22 32.33 -20.39 1.00
N THR C 23 31.77 -21.00 2.04
CA THR C 23 30.44 -21.60 1.94
C THR C 23 29.71 -21.65 3.29
N TRP C 24 28.42 -21.29 3.27
CA TRP C 24 27.59 -21.41 4.46
C TRP C 24 27.07 -22.83 4.59
N CYS C 25 26.81 -23.24 5.83
CA CYS C 25 26.25 -24.55 6.08
C CYS C 25 24.72 -24.51 5.98
N SER C 26 24.23 -24.07 4.82
CA SER C 26 22.79 -24.00 4.59
C SER C 26 22.19 -25.39 4.46
N GLN C 27 23.02 -26.36 4.08
CA GLN C 27 22.59 -27.74 3.84
C GLN C 27 22.04 -28.45 5.08
N SER C 28 22.33 -27.90 6.25
CA SER C 28 21.92 -28.51 7.52
C SER C 28 21.49 -27.46 8.53
N PRO C 29 20.20 -27.47 8.91
CA PRO C 29 19.63 -26.42 9.74
C PRO C 29 20.27 -26.34 11.12
N SER C 30 20.63 -27.49 11.68
CA SER C 30 21.34 -27.54 12.95
C SER C 30 22.63 -26.73 12.99
N CYS C 31 23.24 -26.49 11.82
CA CYS C 31 24.55 -25.85 11.77
C CYS C 31 24.67 -24.67 10.81
N SER C 32 23.54 -24.07 10.44
CA SER C 32 23.52 -23.04 9.41
C SER C 32 24.26 -21.74 9.75
N ASN C 33 24.68 -21.59 11.01
CA ASN C 33 25.48 -20.43 11.38
C ASN C 33 26.97 -20.72 11.32
N LEU C 34 27.31 -21.91 10.83
CA LEU C 34 28.71 -22.30 10.66
C LEU C 34 29.21 -21.87 9.29
N LEU C 35 30.37 -21.21 9.27
CA LEU C 35 31.02 -20.79 8.02
C LEU C 35 32.40 -21.47 7.91
N ALA C 36 32.68 -22.08 6.77
CA ALA C 36 33.98 -22.69 6.54
C ALA C 36 34.80 -21.95 5.48
N ILE C 37 36.06 -21.67 5.79
CA ILE C 37 37.00 -21.10 4.83
C ILE C 37 38.09 -22.12 4.53
N GLY C 38 38.13 -22.60 3.28
CA GLY C 38 39.21 -23.43 2.84
C GLY C 38 40.40 -22.58 2.47
N HIS C 39 41.57 -22.90 3.03
CA HIS C 39 42.78 -22.14 2.75
C HIS C 39 43.99 -23.04 2.57
N ASP C 40 45.18 -22.45 2.62
CA ASP C 40 46.40 -23.14 2.24
C ASP C 40 46.89 -24.16 3.28
N THR C 41 46.33 -24.10 4.48
CA THR C 41 46.69 -25.05 5.52
C THR C 41 45.49 -25.78 6.14
N GLY C 42 44.28 -25.49 5.67
CA GLY C 42 43.10 -26.19 6.15
C GLY C 42 41.74 -25.54 5.95
N ILE C 43 40.87 -25.73 6.94
CA ILE C 43 39.50 -25.25 6.88
C ILE C 43 39.13 -24.61 8.21
N THR C 44 38.78 -23.32 8.19
CA THR C 44 38.46 -22.58 9.41
C THR C 44 36.96 -22.38 9.62
N ILE C 45 36.48 -22.62 10.84
CA ILE C 45 35.06 -22.49 11.17
C ILE C 45 34.72 -21.25 12.02
N TYR C 46 33.76 -20.45 11.53
CA TYR C 46 33.26 -19.25 12.19
C TYR C 46 31.77 -19.42 12.56
N CYS C 47 31.31 -18.65 13.53
CA CYS C 47 29.89 -18.62 13.90
C CYS C 47 29.27 -17.23 13.76
N ALA C 48 28.10 -17.17 13.13
CA ALA C 48 27.38 -15.91 12.94
C ALA C 48 26.27 -15.76 13.99
N SER C 49 26.29 -14.63 14.69
CA SER C 49 25.34 -14.42 15.78
C SER C 49 24.67 -13.04 15.71
N GLU C 50 23.41 -12.99 16.09
CA GLU C 50 22.69 -11.72 16.25
C GLU C 50 23.11 -10.99 17.51
N GLU C 51 23.95 -9.96 17.38
CA GLU C 51 24.35 -9.17 18.54
C GLU C 51 23.20 -8.21 18.81
N GLN C 52 23.37 -7.25 19.70
CA GLN C 52 22.41 -6.16 19.68
C GLN C 52 22.78 -5.31 18.49
N THR C 53 24.08 -5.03 18.34
CA THR C 53 24.61 -4.24 17.22
C THR C 53 23.81 -2.95 17.03
N PRO C 54 23.95 -2.30 15.87
CA PRO C 54 22.75 -1.57 15.50
C PRO C 54 21.96 -2.46 14.55
N GLY C 55 20.64 -2.40 14.59
CA GLY C 55 19.83 -3.12 13.63
C GLY C 55 20.01 -2.58 12.23
N SER C 56 21.28 -2.47 11.83
CA SER C 56 21.68 -2.16 10.47
C SER C 56 22.19 -3.49 9.94
N THR C 57 23.41 -3.83 10.34
CA THR C 57 23.86 -5.21 10.34
C THR C 57 23.66 -5.82 11.72
N GLY C 58 22.44 -6.27 12.00
CA GLY C 58 22.18 -7.08 13.18
C GLY C 58 22.65 -8.51 12.97
N LEU C 59 23.97 -8.65 12.76
CA LEU C 59 24.63 -9.95 12.63
C LEU C 59 26.14 -9.74 12.64
N THR C 60 26.81 -10.43 13.56
CA THR C 60 28.25 -10.34 13.67
C THR C 60 28.87 -11.72 13.53
N LEU C 61 30.14 -11.76 13.16
CA LEU C 61 30.85 -13.02 13.00
C LEU C 61 31.77 -13.29 14.18
N GLN C 62 31.67 -14.49 14.74
CA GLN C 62 32.59 -14.93 15.77
C GLN C 62 33.42 -16.10 15.25
N GLU C 63 34.74 -15.93 15.21
CA GLU C 63 35.63 -16.99 14.80
C GLU C 63 35.68 -18.07 15.87
N LEU C 64 35.31 -19.29 15.50
CA LEU C 64 35.26 -20.39 16.46
C LEU C 64 36.59 -21.12 16.55
N PHE C 65 37.04 -21.68 15.44
CA PHE C 65 38.28 -22.44 15.44
C PHE C 65 38.87 -22.68 14.06
N THR C 66 40.02 -23.34 14.03
CA THR C 66 40.69 -23.65 12.77
C THR C 66 41.09 -25.12 12.70
N ILE C 67 40.57 -25.81 11.70
CA ILE C 67 40.96 -27.19 11.43
C ILE C 67 42.18 -27.22 10.51
N GLN C 68 43.32 -27.65 11.05
CA GLN C 68 44.55 -27.76 10.27
C GLN C 68 44.53 -29.01 9.41
N THR C 69 44.86 -28.87 8.12
CA THR C 69 45.00 -30.02 7.23
C THR C 69 46.40 -30.13 6.64
N GLY C 70 47.12 -29.00 6.58
CA GLY C 70 48.48 -28.99 6.05
C GLY C 70 48.63 -28.75 4.55
N LEU C 71 47.51 -28.61 3.83
CA LEU C 71 47.55 -28.36 2.40
C LEU C 71 46.32 -27.59 1.91
N PRO C 72 46.41 -26.95 0.73
CA PRO C 72 45.34 -26.06 0.26
C PRO C 72 43.97 -26.71 0.08
N THR C 73 42.92 -25.97 0.44
CA THR C 73 41.55 -26.39 0.25
C THR C 73 40.86 -25.49 -0.77
N LEU C 74 40.43 -26.06 -1.88
CA LEU C 74 39.96 -25.26 -3.02
C LEU C 74 38.45 -25.21 -3.16
N HIS C 75 37.79 -26.28 -2.71
CA HIS C 75 36.34 -26.37 -2.78
C HIS C 75 35.88 -26.98 -1.47
N LEU C 76 34.67 -26.64 -1.04
CA LEU C 76 34.26 -26.98 0.30
C LEU C 76 32.75 -27.10 0.35
N SER C 77 32.27 -28.18 0.97
CA SER C 77 30.84 -28.41 1.09
C SER C 77 30.50 -29.08 2.41
N PHE C 78 29.59 -28.48 3.17
CA PHE C 78 29.05 -29.11 4.36
C PHE C 78 28.06 -30.18 3.94
N SER C 79 27.84 -31.16 4.81
CA SER C 79 26.82 -32.18 4.58
C SER C 79 25.70 -32.01 5.61
N SER C 80 24.59 -32.70 5.38
CA SER C 80 23.46 -32.64 6.30
C SER C 80 23.76 -33.33 7.64
N SER C 81 24.82 -34.14 7.67
CA SER C 81 25.21 -34.87 8.88
C SER C 81 25.75 -34.01 10.03
N CYS C 82 25.95 -32.71 9.78
CA CYS C 82 26.51 -31.81 10.79
C CYS C 82 25.59 -31.65 12.01
N SER C 83 26.19 -31.60 13.20
CA SER C 83 25.40 -31.49 14.43
C SER C 83 26.12 -30.73 15.55
N TYR C 84 25.35 -30.25 16.52
CA TYR C 84 25.90 -29.50 17.63
C TYR C 84 25.53 -30.17 18.95
N SER C 85 26.39 -30.02 19.96
CA SER C 85 26.19 -30.67 21.25
C SER C 85 26.89 -29.90 22.35
N GLU C 86 26.34 -29.97 23.57
CA GLU C 86 27.01 -29.38 24.72
C GLU C 86 27.21 -30.42 25.84
N PRO C 99 31.10 -27.27 24.76
CA PRO C 99 30.22 -27.84 23.75
C PRO C 99 31.00 -28.48 22.60
N VAL C 100 30.32 -29.30 21.79
CA VAL C 100 30.99 -30.10 20.77
C VAL C 100 30.28 -30.02 19.42
N TYR C 101 31.03 -29.65 18.38
CA TYR C 101 30.54 -29.65 17.01
C TYR C 101 30.95 -30.94 16.29
N SER C 102 29.99 -31.66 15.73
CA SER C 102 30.28 -32.84 14.92
C SER C 102 30.14 -32.49 13.44
N LEU C 103 31.28 -32.36 12.75
CA LEU C 103 31.29 -31.91 11.35
C LEU C 103 31.61 -33.00 10.32
N PHE C 104 31.02 -32.86 9.12
CA PHE C 104 31.33 -33.67 7.95
C PHE C 104 31.58 -32.75 6.75
N LEU C 105 32.81 -32.72 6.23
CA LEU C 105 33.17 -31.79 5.14
C LEU C 105 33.71 -32.50 3.90
N ALA C 106 33.17 -32.18 2.72
CA ALA C 106 33.77 -32.64 1.46
C ALA C 106 34.65 -31.54 0.85
N CYS C 107 35.89 -31.89 0.49
CA CYS C 107 36.80 -30.90 -0.11
C CYS C 107 37.85 -31.47 -1.09
N VAL C 108 38.53 -30.57 -1.80
CA VAL C 108 39.56 -30.94 -2.77
C VAL C 108 40.94 -30.42 -2.34
N CYS C 109 41.96 -31.27 -2.41
CA CYS C 109 43.31 -30.90 -1.96
C CYS C 109 44.37 -30.82 -3.06
N GLN C 110 45.50 -30.21 -2.71
CA GLN C 110 46.62 -29.95 -3.63
C GLN C 110 47.13 -31.19 -4.35
N ASP C 111 46.93 -32.35 -3.75
CA ASP C 111 47.41 -33.60 -4.33
C ASP C 111 46.43 -34.18 -5.34
N ASN C 112 45.46 -33.36 -5.77
CA ASN C 112 44.42 -33.77 -6.70
C ASN C 112 43.52 -34.89 -6.19
N THR C 113 43.45 -35.00 -4.87
CA THR C 113 42.55 -35.96 -4.26
C THR C 113 41.25 -35.29 -3.87
N VAL C 114 40.19 -36.08 -3.76
CA VAL C 114 38.92 -35.61 -3.24
C VAL C 114 38.72 -36.30 -1.90
N ARG C 115 38.43 -35.52 -0.87
CA ARG C 115 38.40 -36.04 0.49
C ARG C 115 37.10 -35.76 1.23
N LEU C 116 36.75 -36.67 2.13
CA LEU C 116 35.72 -36.43 3.15
C LEU C 116 36.33 -36.48 4.55
N ILE C 117 36.28 -35.36 5.25
CA ILE C 117 36.87 -35.21 6.58
C ILE C 117 35.78 -35.10 7.65
N ILE C 118 35.81 -36.02 8.62
CA ILE C 118 34.83 -36.01 9.70
C ILE C 118 35.52 -35.64 11.00
N THR C 119 35.02 -34.58 11.64
CA THR C 119 35.69 -34.02 12.82
C THR C 119 34.77 -33.83 14.02
N LYS C 120 35.40 -33.74 15.18
CA LYS C 120 34.80 -33.17 16.38
C LYS C 120 35.60 -31.92 16.69
N ASN C 121 34.99 -30.76 16.43
CA ASN C 121 35.69 -29.46 16.47
C ASN C 121 36.93 -29.41 15.55
N GLU C 122 38.03 -28.84 16.04
CA GLU C 122 39.22 -28.67 15.21
C GLU C 122 39.99 -29.97 14.97
N THR C 123 39.68 -31.00 15.74
CA THR C 123 40.39 -32.28 15.66
C THR C 123 39.77 -33.19 14.62
N ILE C 124 40.57 -33.62 13.64
CA ILE C 124 40.09 -34.53 12.62
C ILE C 124 40.13 -35.95 13.11
N ILE C 125 38.96 -36.46 13.48
CA ILE C 125 38.85 -37.80 14.03
C ILE C 125 38.82 -38.86 12.93
N THR C 126 38.43 -38.48 11.71
CA THR C 126 38.29 -39.45 10.63
C THR C 126 38.52 -38.81 9.27
N GLN C 127 39.15 -39.53 8.36
CA GLN C 127 39.43 -39.00 7.03
C GLN C 127 39.40 -40.06 5.92
N HIS C 128 38.61 -39.81 4.87
CA HIS C 128 38.59 -40.68 3.68
C HIS C 128 39.15 -39.96 2.47
N VAL C 129 40.05 -40.62 1.75
CA VAL C 129 40.70 -40.02 0.59
C VAL C 129 40.54 -40.82 -0.70
N LEU C 130 40.03 -40.15 -1.74
CA LEU C 130 39.90 -40.75 -3.06
C LEU C 130 40.83 -40.02 -4.03
N GLY C 131 41.92 -40.68 -4.43
CA GLY C 131 42.88 -40.06 -5.33
C GLY C 131 43.59 -40.97 -6.31
N GLY C 132 44.81 -40.60 -6.67
CA GLY C 132 45.62 -41.35 -7.62
C GLY C 132 44.93 -41.62 -8.95
N LYS C 133 45.01 -42.87 -9.39
CA LYS C 133 44.39 -43.29 -10.65
C LYS C 133 42.94 -43.72 -10.41
N SER C 134 42.65 -44.13 -9.17
CA SER C 134 41.30 -44.51 -8.82
C SER C 134 40.45 -43.25 -8.66
N GLY C 135 41.13 -42.12 -8.48
CA GLY C 135 40.48 -40.82 -8.39
C GLY C 135 40.52 -40.13 -9.73
N HIS C 136 40.47 -38.80 -9.75
CA HIS C 136 40.53 -38.07 -11.01
C HIS C 136 41.92 -38.13 -11.61
N HIS C 137 41.97 -38.08 -12.94
CA HIS C 137 43.24 -38.21 -13.66
C HIS C 137 43.70 -36.85 -14.18
N ASN C 138 43.09 -35.80 -13.66
CA ASN C 138 43.48 -34.44 -13.96
C ASN C 138 42.97 -33.54 -12.84
N PHE C 139 42.92 -32.24 -13.10
CA PHE C 139 42.49 -31.28 -12.08
C PHE C 139 41.01 -31.44 -11.75
N VAL C 140 40.69 -31.40 -10.46
CA VAL C 140 39.30 -31.48 -10.02
C VAL C 140 38.69 -30.09 -9.98
N ASN C 141 37.57 -29.91 -10.66
CA ASN C 141 36.98 -28.58 -10.77
C ASN C 141 35.83 -28.32 -9.81
N ASP C 142 35.14 -29.37 -9.37
CA ASP C 142 34.04 -29.14 -8.43
C ASP C 142 33.61 -30.37 -7.64
N ILE C 143 32.95 -30.13 -6.51
CA ILE C 143 32.50 -31.19 -5.60
C ILE C 143 31.19 -30.79 -4.90
N ASP C 144 30.39 -31.78 -4.51
CA ASP C 144 29.18 -31.53 -3.71
C ASP C 144 28.77 -32.80 -2.94
N ILE C 145 27.98 -32.62 -1.88
CA ILE C 145 27.63 -33.73 -0.99
C ILE C 145 26.18 -33.72 -0.50
N ALA C 146 25.58 -34.90 -0.41
CA ALA C 146 24.23 -35.05 0.16
C ALA C 146 24.10 -36.35 0.93
N ASP C 147 23.23 -36.37 1.93
CA ASP C 147 22.99 -37.57 2.70
C ASP C 147 21.77 -38.32 2.17
N VAL C 148 21.94 -39.61 1.90
CA VAL C 148 20.85 -40.45 1.43
C VAL C 148 20.45 -41.48 2.49
N TYR C 149 19.17 -41.47 2.84
CA TYR C 149 18.64 -42.35 3.88
C TYR C 149 17.79 -43.47 3.27
N SER C 150 17.74 -44.61 3.94
CA SER C 150 16.94 -45.75 3.48
C SER C 150 15.46 -45.52 3.76
N ALA C 151 14.66 -46.58 3.66
CA ALA C 151 13.23 -46.50 3.96
C ALA C 151 13.00 -46.49 5.47
N ASP C 152 13.86 -47.23 6.18
CA ASP C 152 13.84 -47.29 7.64
C ASP C 152 14.32 -45.98 8.29
N ASN C 153 15.06 -45.18 7.53
CA ASN C 153 15.53 -43.85 7.93
C ASN C 153 16.70 -43.81 8.92
N ARG C 154 17.62 -44.76 8.77
CA ARG C 154 18.94 -44.63 9.38
C ARG C 154 19.81 -44.04 8.28
N LEU C 155 21.02 -43.59 8.63
CA LEU C 155 21.91 -43.09 7.61
C LEU C 155 22.40 -44.28 6.79
N ALA C 156 21.93 -44.36 5.54
CA ALA C 156 22.28 -45.48 4.68
C ALA C 156 23.53 -45.16 3.89
N GLU C 157 23.56 -43.98 3.27
CA GLU C 157 24.69 -43.59 2.44
C GLU C 157 25.01 -42.10 2.60
N GLN C 158 26.28 -41.74 2.48
CA GLN C 158 26.65 -40.37 2.22
C GLN C 158 27.21 -40.31 0.79
N VAL C 159 26.68 -39.42 -0.03
CA VAL C 159 27.06 -39.38 -1.45
C VAL C 159 27.77 -38.09 -1.86
N ILE C 160 28.97 -38.27 -2.41
CA ILE C 160 29.78 -37.15 -2.91
C ILE C 160 29.92 -37.24 -4.43
N ALA C 161 29.60 -36.15 -5.11
CA ALA C 161 29.77 -36.07 -6.56
C ALA C 161 30.87 -35.06 -6.88
N SER C 162 31.73 -35.40 -7.84
CA SER C 162 32.82 -34.49 -8.23
C SER C 162 33.08 -34.48 -9.73
N VAL C 163 33.52 -33.33 -10.26
CA VAL C 163 33.81 -33.22 -11.69
C VAL C 163 35.20 -32.63 -11.98
N GLY C 164 35.86 -33.20 -13.00
CA GLY C 164 37.22 -32.76 -13.32
C GLY C 164 37.62 -32.58 -14.79
N ASP C 165 38.89 -32.23 -14.99
CA ASP C 165 39.47 -32.04 -16.33
C ASP C 165 39.86 -33.32 -17.05
N ASP C 166 39.63 -34.46 -16.40
CA ASP C 166 39.92 -35.75 -17.00
C ASP C 166 38.70 -36.29 -17.76
N CYS C 167 37.78 -35.40 -18.07
CA CYS C 167 36.53 -35.73 -18.76
C CYS C 167 35.81 -36.82 -18.00
N THR C 168 35.78 -36.67 -16.67
CA THR C 168 35.15 -37.65 -15.81
C THR C 168 34.30 -36.98 -14.73
N LEU C 169 33.14 -37.61 -14.51
CA LEU C 169 32.30 -37.36 -13.36
C LEU C 169 32.42 -38.56 -12.43
N ILE C 170 32.72 -38.30 -11.15
CA ILE C 170 32.81 -39.39 -10.18
C ILE C 170 31.75 -39.35 -9.08
N ILE C 171 31.03 -40.45 -8.96
CA ILE C 171 30.08 -40.66 -7.88
C ILE C 171 30.70 -41.59 -6.85
N TRP C 172 30.89 -41.04 -5.66
CA TRP C 172 31.55 -41.74 -4.57
C TRP C 172 30.51 -41.91 -3.47
N ARG C 173 30.06 -43.15 -3.29
CA ARG C 173 29.06 -43.47 -2.27
C ARG C 173 29.70 -44.15 -1.07
N LEU C 174 29.50 -43.61 0.12
CA LEU C 174 29.96 -44.28 1.33
C LEU C 174 28.77 -44.94 2.02
N THR C 175 28.72 -46.27 1.97
CA THR C 175 27.57 -47.02 2.45
C THR C 175 27.88 -47.80 3.73
N ASP C 176 26.85 -48.44 4.27
CA ASP C 176 26.97 -49.26 5.48
C ASP C 176 28.01 -50.38 5.35
N GLU C 177 28.05 -51.03 4.19
CA GLU C 177 29.03 -52.09 3.96
C GLU C 177 30.30 -51.55 3.32
N GLY C 178 30.45 -50.22 3.34
CA GLY C 178 31.64 -49.61 2.81
C GLY C 178 31.45 -48.82 1.53
N PRO C 179 32.57 -48.37 0.94
CA PRO C 179 32.60 -47.49 -0.23
C PRO C 179 32.21 -48.20 -1.52
N ILE C 180 31.50 -47.46 -2.37
CA ILE C 180 31.16 -47.86 -3.72
C ILE C 180 31.57 -46.73 -4.63
N LEU C 181 32.47 -47.04 -5.56
CA LEU C 181 33.00 -46.04 -6.46
C LEU C 181 32.45 -46.23 -7.86
N ALA C 182 32.13 -45.12 -8.52
CA ALA C 182 31.72 -45.19 -9.92
C ALA C 182 32.19 -43.98 -10.73
N GLY C 183 32.64 -44.25 -11.95
CA GLY C 183 33.10 -43.22 -12.86
C GLY C 183 32.28 -43.18 -14.13
N TYR C 184 32.08 -41.98 -14.65
CA TYR C 184 31.30 -41.79 -15.87
C TYR C 184 32.00 -40.83 -16.79
N PRO C 185 32.01 -41.15 -18.10
CA PRO C 185 32.78 -40.35 -19.05
C PRO C 185 32.06 -39.08 -19.42
N LEU C 186 32.81 -38.01 -19.65
CA LEU C 186 32.24 -36.74 -20.10
C LEU C 186 32.80 -36.37 -21.46
N SER C 187 32.02 -35.61 -22.22
CA SER C 187 32.46 -35.17 -23.55
C SER C 187 33.39 -33.97 -23.45
N SER C 188 33.77 -33.60 -22.22
CA SER C 188 34.50 -32.36 -21.93
C SER C 188 34.69 -32.21 -20.43
N PRO C 189 35.64 -31.35 -20.00
CA PRO C 189 35.93 -31.22 -18.57
C PRO C 189 34.73 -30.77 -17.73
N GLY C 190 34.51 -31.44 -16.60
CA GLY C 190 33.42 -31.07 -15.70
C GLY C 190 33.79 -29.88 -14.85
N ILE C 191 32.94 -28.86 -14.86
CA ILE C 191 33.27 -27.61 -14.16
C ILE C 191 32.36 -27.28 -12.97
N SER C 192 31.27 -28.03 -12.83
CA SER C 192 30.40 -27.88 -11.66
C SER C 192 29.49 -29.09 -11.51
N VAL C 193 29.01 -29.33 -10.29
CA VAL C 193 28.10 -30.43 -10.05
C VAL C 193 27.28 -30.14 -8.80
N GLN C 194 26.00 -30.50 -8.82
CA GLN C 194 25.14 -30.26 -7.67
C GLN C 194 23.91 -31.17 -7.66
N PHE C 195 23.70 -31.85 -6.55
CA PHE C 195 22.50 -32.68 -6.38
C PHE C 195 21.23 -31.83 -6.36
N ARG C 196 20.11 -32.41 -6.80
CA ARG C 196 18.82 -31.72 -6.86
C ARG C 196 18.14 -31.63 -5.48
N PRO C 197 17.75 -30.41 -5.07
CA PRO C 197 17.00 -30.15 -3.82
C PRO C 197 15.72 -30.94 -3.71
N SER C 198 15.51 -31.60 -2.56
CA SER C 198 14.31 -32.39 -2.29
C SER C 198 14.21 -33.66 -3.15
N ASN C 199 15.26 -33.93 -3.91
CA ASN C 199 15.33 -35.16 -4.69
C ASN C 199 16.78 -35.58 -4.96
N PRO C 200 17.39 -36.25 -3.96
CA PRO C 200 18.79 -36.72 -4.03
C PRO C 200 19.00 -37.77 -5.11
N ASN C 201 17.91 -38.30 -5.67
CA ASN C 201 17.99 -39.25 -6.76
C ASN C 201 18.45 -38.60 -8.06
N GLN C 202 18.30 -37.28 -8.15
CA GLN C 202 18.70 -36.54 -9.34
C GLN C 202 19.81 -35.55 -9.04
N LEU C 203 20.64 -35.26 -10.04
CA LEU C 203 21.70 -34.28 -9.89
C LEU C 203 22.04 -33.64 -11.22
N ILE C 204 22.80 -32.56 -11.16
CA ILE C 204 23.19 -31.83 -12.34
C ILE C 204 24.72 -31.75 -12.46
N VAL C 205 25.21 -31.94 -13.67
CA VAL C 205 26.64 -31.85 -13.95
C VAL C 205 26.87 -30.88 -15.10
N GLY C 206 27.84 -29.99 -14.94
CA GLY C 206 28.18 -29.02 -15.97
C GLY C 206 29.49 -29.31 -16.68
N GLU C 207 29.46 -29.28 -18.00
CA GLU C 207 30.67 -29.43 -18.80
C GLU C 207 31.17 -28.05 -19.19
N ARG C 208 32.48 -27.93 -19.40
CA ARG C 208 33.08 -26.67 -19.78
C ARG C 208 32.50 -26.15 -21.10
N ASN C 209 32.14 -27.08 -21.99
CA ASN C 209 31.71 -26.71 -23.34
C ASN C 209 30.27 -26.19 -23.45
N GLY C 210 29.57 -26.12 -22.32
CA GLY C 210 28.22 -25.59 -22.33
C GLY C 210 27.15 -26.65 -22.12
N ASN C 211 27.55 -27.92 -22.19
CA ASN C 211 26.63 -29.02 -21.93
C ASN C 211 26.18 -29.06 -20.46
N ILE C 212 24.91 -29.37 -20.26
CA ILE C 212 24.31 -29.44 -18.93
C ILE C 212 23.54 -30.74 -18.77
N ARG C 213 24.01 -31.60 -17.87
CA ARG C 213 23.47 -32.95 -17.67
C ARG C 213 22.57 -33.09 -16.44
N ILE C 214 21.38 -33.64 -16.64
CA ILE C 214 20.52 -34.08 -15.55
C ILE C 214 20.56 -35.60 -15.51
N PHE C 215 20.77 -36.10 -14.30
CA PHE C 215 21.32 -37.42 -14.06
C PHE C 215 20.60 -38.12 -12.90
N ASP C 216 20.16 -39.36 -13.11
CA ASP C 216 19.65 -40.22 -12.05
C ASP C 216 20.67 -41.32 -11.76
N TRP C 217 21.40 -41.16 -10.65
CA TRP C 217 22.51 -42.05 -10.32
C TRP C 217 22.08 -43.38 -9.72
N THR C 218 20.77 -43.54 -9.53
CA THR C 218 20.22 -44.74 -8.91
C THR C 218 19.84 -45.77 -9.97
N LEU C 219 20.15 -45.46 -11.22
CA LEU C 219 19.67 -46.27 -12.34
C LEU C 219 20.40 -47.61 -12.48
N ASN C 234 18.96 -47.62 -19.59
CA ASN C 234 18.63 -46.25 -19.98
C ASN C 234 19.78 -45.29 -19.77
N PRO C 235 19.88 -44.27 -20.63
CA PRO C 235 20.93 -43.27 -20.45
C PRO C 235 20.53 -42.18 -19.47
N TRP C 236 21.44 -41.27 -19.16
CA TRP C 236 21.17 -40.23 -18.18
C TRP C 236 20.14 -39.29 -18.75
N LEU C 237 19.27 -38.78 -17.90
CA LEU C 237 17.97 -38.31 -18.32
C LEU C 237 17.98 -37.21 -19.37
N LEU C 238 18.77 -36.16 -19.17
CA LEU C 238 18.60 -35.00 -20.05
C LEU C 238 19.84 -34.14 -20.27
N THR C 239 20.01 -33.58 -21.47
CA THR C 239 21.11 -32.64 -21.71
C THR C 239 20.72 -31.32 -22.41
N LEU C 240 20.75 -30.22 -21.66
CA LEU C 240 20.59 -28.88 -22.23
C LEU C 240 21.95 -28.30 -22.60
N ASN C 241 21.95 -27.12 -23.21
CA ASN C 241 23.18 -26.48 -23.65
C ASN C 241 22.94 -24.99 -23.84
N THR C 242 23.81 -24.17 -23.24
CA THR C 242 23.63 -22.73 -23.27
C THR C 242 24.29 -22.09 -24.48
N LEU C 243 25.33 -22.74 -25.00
CA LEU C 243 26.10 -22.19 -26.12
C LEU C 243 25.23 -21.77 -27.31
N PRO C 244 24.39 -22.68 -27.84
CA PRO C 244 23.60 -22.28 -29.01
C PRO C 244 22.43 -21.34 -28.69
N LEU C 245 22.15 -21.12 -27.41
CA LEU C 245 20.97 -20.33 -27.04
C LEU C 245 21.23 -18.83 -26.88
N VAL C 246 22.50 -18.42 -26.96
CA VAL C 246 22.85 -17.04 -26.69
C VAL C 246 22.05 -16.09 -27.56
N ASN C 247 21.40 -15.12 -26.92
CA ASN C 247 20.41 -14.30 -27.59
C ASN C 247 21.00 -13.56 -28.79
N THR C 248 22.29 -13.30 -28.74
CA THR C 248 23.03 -12.75 -29.86
C THR C 248 22.52 -11.39 -30.34
N CYS C 249 21.56 -10.80 -29.62
CA CYS C 249 21.19 -9.42 -29.84
C CYS C 249 22.43 -8.63 -29.49
N HIS C 250 23.11 -9.08 -28.44
CA HIS C 250 24.48 -8.70 -28.18
C HIS C 250 25.29 -9.99 -28.17
N SER C 251 26.18 -10.13 -29.15
CA SER C 251 27.01 -11.33 -29.28
C SER C 251 27.77 -11.56 -27.99
N SER C 252 27.62 -12.76 -27.43
CA SER C 252 28.28 -13.06 -26.16
C SER C 252 29.77 -13.35 -26.35
N GLY C 253 30.24 -13.30 -27.59
CA GLY C 253 31.65 -13.49 -27.88
C GLY C 253 32.01 -14.89 -28.34
N ILE C 254 33.25 -15.05 -28.79
CA ILE C 254 33.74 -16.33 -29.29
C ILE C 254 33.83 -17.38 -28.19
N ALA C 255 34.50 -17.04 -27.10
CA ALA C 255 34.67 -17.96 -25.98
C ALA C 255 33.74 -17.57 -24.84
N SER C 256 32.63 -18.28 -24.71
CA SER C 256 31.69 -18.05 -23.61
C SER C 256 31.62 -19.29 -22.74
N SER C 257 32.75 -19.68 -22.18
CA SER C 257 32.84 -20.88 -21.37
C SER C 257 31.87 -20.85 -20.18
N LEU C 258 31.12 -21.93 -20.04
CA LEU C 258 30.14 -22.06 -18.96
C LEU C 258 30.79 -21.98 -17.59
N ALA C 259 30.31 -21.05 -16.77
CA ALA C 259 30.90 -20.84 -15.46
C ALA C 259 30.23 -21.74 -14.44
N ASN C 260 28.91 -21.85 -14.54
CA ASN C 260 28.16 -22.40 -13.43
C ASN C 260 26.79 -22.90 -13.85
N VAL C 261 26.32 -23.99 -13.25
CA VAL C 261 24.90 -24.34 -13.28
C VAL C 261 24.44 -24.77 -11.90
N ARG C 262 23.32 -24.21 -11.45
CA ARG C 262 22.78 -24.52 -10.13
C ARG C 262 21.25 -24.70 -10.20
N TRP C 263 20.72 -25.59 -9.37
CA TRP C 263 19.26 -25.70 -9.20
C TRP C 263 18.73 -24.52 -8.36
N ILE C 264 17.48 -24.13 -8.62
CA ILE C 264 16.81 -23.14 -7.76
C ILE C 264 15.43 -23.62 -7.32
N GLY C 265 15.02 -23.17 -6.14
CA GLY C 265 13.81 -23.66 -5.51
C GLY C 265 14.16 -24.69 -4.45
N SER C 266 13.21 -24.99 -3.57
CA SER C 266 13.44 -25.91 -2.47
C SER C 266 13.00 -27.33 -2.83
N ASP C 267 12.39 -27.47 -3.99
CA ASP C 267 12.06 -28.77 -4.54
C ASP C 267 12.96 -29.01 -5.74
N GLY C 268 13.89 -28.09 -5.95
CA GLY C 268 14.71 -28.08 -7.14
C GLY C 268 13.79 -27.97 -8.35
N SER C 269 13.00 -26.90 -8.36
CA SER C 269 12.03 -26.68 -9.43
C SER C 269 12.64 -26.00 -10.65
N GLY C 270 13.89 -25.58 -10.56
CA GLY C 270 14.50 -24.84 -11.66
C GLY C 270 15.99 -25.06 -11.86
N ILE C 271 16.47 -24.63 -13.01
CA ILE C 271 17.88 -24.72 -13.37
C ILE C 271 18.37 -23.40 -13.95
N LEU C 272 19.47 -22.91 -13.41
CA LEU C 272 20.06 -21.64 -13.79
C LEU C 272 21.49 -21.86 -14.27
N ALA C 273 21.80 -21.41 -15.49
CA ALA C 273 23.17 -21.53 -15.99
C ALA C 273 23.77 -20.16 -16.31
N MET C 274 25.03 -19.99 -15.95
CA MET C 274 25.73 -18.73 -16.14
C MET C 274 27.07 -18.95 -16.82
N CYS C 275 27.31 -18.16 -17.85
CA CYS C 275 28.57 -18.19 -18.57
C CYS C 275 29.56 -17.21 -18.00
N LYS C 276 30.83 -17.51 -18.22
CA LYS C 276 31.93 -16.63 -17.84
C LYS C 276 31.69 -15.23 -18.37
N SER C 277 30.99 -15.14 -19.50
CA SER C 277 30.73 -13.88 -20.15
C SER C 277 29.76 -13.03 -19.35
N GLY C 278 29.01 -13.67 -18.47
CA GLY C 278 27.99 -12.97 -17.70
C GLY C 278 26.60 -13.33 -18.19
N ALA C 279 26.54 -14.01 -19.33
CA ALA C 279 25.27 -14.47 -19.86
C ALA C 279 24.66 -15.54 -18.97
N TRP C 280 23.38 -15.38 -18.67
CA TRP C 280 22.66 -16.35 -17.84
C TRP C 280 21.32 -16.76 -18.45
N LEU C 281 20.86 -17.95 -18.07
CA LEU C 281 19.64 -18.54 -18.61
C LEU C 281 18.93 -19.36 -17.55
N ARG C 282 17.60 -19.30 -17.52
CA ARG C 282 16.81 -20.06 -16.55
C ARG C 282 15.71 -20.91 -17.20
N TRP C 283 15.67 -22.18 -16.81
CA TRP C 283 14.65 -23.15 -17.20
C TRP C 283 13.87 -23.60 -15.97
N ASN C 284 12.56 -23.81 -16.10
CA ASN C 284 11.77 -24.41 -15.02
C ASN C 284 11.35 -25.87 -15.31
N LEU C 285 11.17 -26.66 -14.26
CA LEU C 285 10.72 -28.05 -14.39
C LEU C 285 9.51 -28.27 -13.47
N PHE C 286 8.33 -28.47 -14.03
CA PHE C 286 7.16 -28.71 -13.21
C PHE C 286 6.99 -30.20 -12.91
N GLY C 302 4.49 -28.84 -16.57
CA GLY C 302 3.10 -28.93 -16.93
C GLY C 302 2.94 -29.38 -18.37
N PRO C 303 2.87 -28.41 -19.30
CA PRO C 303 2.69 -28.70 -20.72
C PRO C 303 4.03 -28.98 -21.41
N LYS C 304 4.06 -28.89 -22.73
CA LYS C 304 5.25 -29.19 -23.50
C LYS C 304 6.18 -27.97 -23.57
N ASN C 305 7.49 -28.22 -23.67
CA ASN C 305 8.48 -27.14 -23.63
C ASN C 305 9.45 -27.13 -24.82
N LEU C 306 9.80 -25.92 -25.29
CA LEU C 306 10.51 -25.76 -26.55
C LEU C 306 11.71 -24.79 -26.55
N LEU C 307 11.92 -24.09 -25.44
CA LEU C 307 13.04 -23.17 -25.31
C LEU C 307 13.31 -22.90 -23.83
N PRO C 308 14.46 -22.29 -23.50
CA PRO C 308 14.62 -21.87 -22.10
C PRO C 308 13.64 -20.76 -21.74
N ASN C 309 13.09 -20.83 -20.54
CA ASN C 309 12.05 -19.89 -20.12
C ASN C 309 12.48 -18.43 -20.03
N VAL C 310 13.73 -18.18 -19.64
CA VAL C 310 14.19 -16.79 -19.60
C VAL C 310 15.70 -16.68 -19.74
N GLN C 311 16.18 -15.50 -20.08
CA GLN C 311 17.57 -15.32 -20.47
C GLN C 311 17.98 -13.87 -20.27
N GLY C 312 19.26 -13.65 -19.98
CA GLY C 312 19.78 -12.31 -19.77
C GLY C 312 21.30 -12.29 -19.72
N ILE C 313 21.86 -11.13 -19.36
CA ILE C 313 23.31 -10.99 -19.24
C ILE C 313 23.72 -10.06 -18.10
N SER C 314 24.59 -10.57 -17.23
CA SER C 314 25.15 -9.78 -16.15
C SER C 314 25.94 -8.61 -16.71
N LEU C 315 26.03 -7.52 -15.96
CA LEU C 315 26.86 -6.40 -16.36
C LEU C 315 28.33 -6.78 -16.55
N PHE C 316 28.78 -7.81 -15.84
CA PHE C 316 30.19 -8.18 -15.84
C PHE C 316 30.43 -9.67 -16.05
N PRO C 317 31.67 -10.06 -16.39
CA PRO C 317 32.04 -11.47 -16.42
C PRO C 317 31.88 -12.12 -15.06
N SER C 318 31.55 -13.40 -15.03
CA SER C 318 31.38 -14.12 -13.78
C SER C 318 32.29 -15.34 -13.69
N LEU C 319 33.55 -15.12 -13.34
CA LEU C 319 34.53 -16.19 -13.21
C LEU C 319 34.11 -17.26 -12.20
N LEU C 320 33.42 -16.84 -11.15
CA LEU C 320 33.03 -17.75 -10.08
C LEU C 320 31.62 -18.30 -10.29
N GLY C 321 30.85 -17.66 -11.17
CA GLY C 321 29.50 -18.09 -11.44
C GLY C 321 28.48 -17.46 -10.52
N ALA C 322 27.23 -17.87 -10.66
CA ALA C 322 26.12 -17.30 -9.91
C ALA C 322 25.90 -18.01 -8.58
N CYS C 323 25.40 -17.28 -7.60
CA CYS C 323 25.03 -17.87 -6.32
C CYS C 323 23.57 -17.54 -6.03
N PRO C 324 22.66 -18.47 -6.38
CA PRO C 324 21.21 -18.23 -6.31
C PRO C 324 20.73 -18.00 -4.88
N HIS C 325 19.77 -17.09 -4.72
CA HIS C 325 19.20 -16.79 -3.42
C HIS C 325 18.42 -17.99 -2.89
N PRO C 326 18.66 -18.36 -1.61
CA PRO C 326 18.05 -19.52 -0.96
C PRO C 326 16.56 -19.34 -0.74
N ARG C 327 16.07 -18.11 -0.81
CA ARG C 327 14.65 -17.82 -0.54
C ARG C 327 13.91 -17.22 -1.75
N TYR C 328 14.61 -16.46 -2.57
CA TYR C 328 13.99 -15.83 -3.74
C TYR C 328 14.56 -16.39 -5.05
N MET C 329 13.90 -17.44 -5.58
CA MET C 329 14.30 -18.11 -6.83
C MET C 329 14.76 -17.22 -7.97
N ASP C 330 14.07 -16.09 -8.13
CA ASP C 330 14.30 -15.20 -9.27
C ASP C 330 15.58 -14.41 -9.12
N TYR C 331 16.15 -14.43 -7.93
CA TYR C 331 17.34 -13.64 -7.65
C TYR C 331 18.56 -14.53 -7.56
N PHE C 332 19.68 -13.99 -8.03
CA PHE C 332 20.98 -14.61 -7.76
C PHE C 332 22.05 -13.54 -7.78
N ALA C 333 23.19 -13.85 -7.19
CA ALA C 333 24.30 -12.91 -7.13
C ALA C 333 25.46 -13.37 -8.00
N THR C 334 26.15 -12.41 -8.58
CA THR C 334 27.33 -12.72 -9.38
C THR C 334 28.39 -11.64 -9.15
N ALA C 335 29.65 -12.04 -9.15
CA ALA C 335 30.71 -11.09 -8.85
C ALA C 335 31.58 -10.78 -10.07
N HIS C 336 32.03 -9.54 -10.13
CA HIS C 336 33.20 -9.22 -10.93
C HIS C 336 34.36 -9.38 -9.98
N SER C 337 34.85 -10.61 -9.87
CA SER C 337 35.81 -10.99 -8.85
C SER C 337 37.13 -10.21 -8.95
N GLN C 338 37.46 -9.77 -10.16
CA GLN C 338 38.72 -9.08 -10.39
C GLN C 338 38.76 -7.64 -9.85
N HIS C 339 37.65 -6.91 -9.99
CA HIS C 339 37.61 -5.55 -9.49
C HIS C 339 36.84 -5.44 -8.18
N GLY C 340 36.23 -6.54 -7.76
CA GLY C 340 35.58 -6.60 -6.46
C GLY C 340 34.22 -5.95 -6.36
N LEU C 341 33.42 -6.10 -7.41
CA LEU C 341 32.03 -5.65 -7.41
C LEU C 341 31.11 -6.86 -7.44
N ILE C 342 29.91 -6.70 -6.90
CA ILE C 342 28.91 -7.78 -6.97
C ILE C 342 27.56 -7.27 -7.45
N GLN C 343 27.12 -7.81 -8.57
CA GLN C 343 25.81 -7.52 -9.13
C GLN C 343 24.77 -8.50 -8.62
N LEU C 344 23.59 -7.96 -8.34
CA LEU C 344 22.43 -8.75 -7.93
C LEU C 344 21.43 -8.76 -9.06
N ILE C 345 21.07 -9.96 -9.54
CA ILE C 345 20.21 -10.07 -10.70
C ILE C 345 18.87 -10.72 -10.39
N ASN C 346 17.80 -10.11 -10.87
CA ASN C 346 16.46 -10.65 -10.81
C ASN C 346 16.05 -11.21 -12.18
N THR C 347 15.63 -12.47 -12.21
CA THR C 347 15.32 -13.14 -13.46
C THR C 347 14.16 -12.52 -14.26
N TYR C 348 13.15 -12.01 -13.56
CA TYR C 348 12.02 -11.39 -14.24
C TYR C 348 12.21 -9.87 -14.38
N GLU C 349 13.47 -9.45 -14.45
CA GLU C 349 13.82 -8.06 -14.76
C GLU C 349 13.34 -7.00 -13.77
N LYS C 350 13.02 -7.41 -12.55
CA LYS C 350 12.68 -6.45 -11.50
C LYS C 350 13.93 -5.66 -11.12
N ASP C 351 15.08 -6.22 -11.48
CA ASP C 351 16.38 -5.78 -10.97
C ASP C 351 16.80 -4.39 -11.43
N SER C 352 16.88 -4.20 -12.75
CA SER C 352 17.34 -2.95 -13.34
C SER C 352 18.74 -2.54 -12.88
N ASN C 353 19.67 -3.49 -12.94
CA ASN C 353 21.06 -3.29 -12.50
C ASN C 353 21.24 -2.86 -11.03
N SER C 354 21.12 -3.82 -10.12
CA SER C 354 21.39 -3.55 -8.70
C SER C 354 22.78 -4.07 -8.32
N ILE C 355 23.66 -3.15 -7.95
CA ILE C 355 24.99 -3.52 -7.46
C ILE C 355 25.14 -3.08 -6.00
N PRO C 356 24.64 -3.90 -5.08
CA PRO C 356 24.70 -3.58 -3.64
C PRO C 356 26.13 -3.60 -3.10
N ILE C 357 27.01 -4.34 -3.76
CA ILE C 357 28.36 -4.54 -3.25
C ILE C 357 29.44 -4.08 -4.22
N GLN C 358 30.28 -3.17 -3.77
CA GLN C 358 31.51 -2.82 -4.47
C GLN C 358 32.63 -2.69 -3.45
N LEU C 359 33.62 -3.57 -3.51
CA LEU C 359 34.81 -3.43 -2.69
C LEU C 359 35.87 -2.79 -3.55
N GLY C 360 36.96 -2.35 -2.92
CA GLY C 360 38.08 -1.80 -3.66
C GLY C 360 39.17 -2.86 -3.81
N MET C 361 38.74 -4.11 -3.87
CA MET C 361 39.67 -5.24 -3.79
C MET C 361 39.04 -6.47 -4.44
N PRO C 362 39.87 -7.42 -4.90
CA PRO C 362 39.32 -8.59 -5.59
C PRO C 362 38.52 -9.46 -4.66
N ILE C 363 37.51 -10.13 -5.22
CA ILE C 363 36.71 -11.06 -4.45
C ILE C 363 37.10 -12.48 -4.79
N VAL C 364 37.43 -13.25 -3.77
CA VAL C 364 37.87 -14.63 -3.96
C VAL C 364 36.67 -15.55 -4.07
N ASP C 365 35.68 -15.31 -3.23
CA ASP C 365 34.48 -16.14 -3.21
C ASP C 365 33.39 -15.45 -2.41
N PHE C 366 32.16 -15.95 -2.53
CA PHE C 366 31.05 -15.40 -1.77
C PHE C 366 29.88 -16.38 -1.70
N CYS C 367 29.00 -16.16 -0.72
CA CYS C 367 27.85 -17.02 -0.52
C CYS C 367 26.82 -16.37 0.37
N TRP C 368 25.56 -16.74 0.15
CA TRP C 368 24.45 -16.24 0.93
C TRP C 368 24.32 -16.97 2.26
N HIS C 369 24.12 -16.20 3.33
CA HIS C 369 23.65 -16.77 4.56
C HIS C 369 22.23 -17.22 4.28
N GLN C 370 21.79 -18.28 4.97
CA GLN C 370 20.47 -18.86 4.73
C GLN C 370 19.30 -17.88 4.92
N ASP C 371 19.50 -16.86 5.75
CA ASP C 371 18.44 -15.88 6.07
C ASP C 371 18.00 -15.03 4.87
N GLY C 372 18.87 -14.94 3.87
CA GLY C 372 18.53 -14.25 2.64
C GLY C 372 18.76 -12.75 2.60
N SER C 373 19.24 -12.17 3.71
CA SER C 373 19.52 -10.74 3.71
C SER C 373 21.00 -10.45 3.93
N HIS C 374 21.71 -11.44 4.47
CA HIS C 374 23.15 -11.32 4.70
C HIS C 374 23.99 -12.01 3.65
N LEU C 375 25.17 -11.47 3.42
CA LEU C 375 26.10 -12.02 2.46
C LEU C 375 27.45 -12.19 3.14
N ALA C 376 28.06 -13.36 2.99
CA ALA C 376 29.43 -13.54 3.42
C ALA C 376 30.33 -13.59 2.21
N ILE C 377 31.43 -12.84 2.26
CA ILE C 377 32.32 -12.73 1.12
C ILE C 377 33.75 -12.93 1.58
N ALA C 378 34.43 -13.93 1.02
CA ALA C 378 35.85 -14.06 1.30
C ALA C 378 36.64 -13.33 0.22
N THR C 379 37.43 -12.37 0.68
CA THR C 379 38.42 -11.71 -0.15
C THR C 379 39.77 -12.26 0.24
N GLU C 380 40.77 -11.87 -0.52
CA GLU C 380 42.12 -12.42 -0.45
C GLU C 380 42.75 -12.43 0.94
N GLY C 381 42.23 -11.61 1.84
CA GLY C 381 42.73 -11.58 3.20
C GLY C 381 41.66 -11.46 4.26
N SER C 382 40.39 -11.66 3.89
CA SER C 382 39.34 -11.46 4.89
C SER C 382 38.01 -12.08 4.56
N VAL C 383 37.07 -11.97 5.49
CA VAL C 383 35.69 -12.30 5.19
C VAL C 383 34.78 -11.19 5.71
N LEU C 384 33.90 -10.70 4.84
CA LEU C 384 32.96 -9.64 5.20
C LEU C 384 31.55 -10.19 5.33
N LEU C 385 30.82 -9.70 6.32
CA LEU C 385 29.39 -9.97 6.40
C LEU C 385 28.64 -8.66 6.15
N THR C 386 27.88 -8.63 5.07
CA THR C 386 27.16 -7.41 4.66
C THR C 386 25.67 -7.65 4.60
N ARG C 387 24.89 -6.73 5.17
CA ARG C 387 23.45 -6.88 5.18
C ARG C 387 22.75 -5.86 4.29
N LEU C 388 22.03 -6.37 3.30
CA LEU C 388 21.23 -5.55 2.41
C LEU C 388 19.86 -5.38 3.02
N MET C 389 19.50 -4.14 3.35
CA MET C 389 18.32 -3.85 4.15
C MET C 389 17.02 -4.29 3.49
N GLY C 390 16.99 -4.24 2.16
CA GLY C 390 15.81 -4.63 1.40
C GLY C 390 15.32 -6.06 1.53
N PHE C 391 16.21 -6.98 1.88
CA PHE C 391 15.88 -8.42 1.93
C PHE C 391 15.41 -8.88 3.30
N THR C 392 15.60 -8.02 4.29
CA THR C 392 15.07 -8.20 5.63
C THR C 392 13.55 -8.29 5.66
N MET D 4 43.13 -50.65 -64.72
CA MET D 4 43.35 -49.22 -64.87
C MET D 4 43.83 -48.57 -63.58
N ASN D 5 44.46 -47.40 -63.69
CA ASN D 5 44.90 -46.64 -62.52
C ASN D 5 43.77 -45.79 -61.98
N GLU D 6 43.83 -45.47 -60.70
CA GLU D 6 42.75 -44.70 -60.11
C GLU D 6 43.12 -43.24 -60.00
N LEU D 7 42.10 -42.42 -59.87
CA LEU D 7 42.31 -41.03 -59.53
C LEU D 7 41.34 -40.73 -58.39
N LYS D 8 41.58 -39.61 -57.71
CA LYS D 8 40.73 -39.22 -56.60
C LYS D 8 40.46 -37.71 -56.62
N HIS D 9 39.37 -37.31 -55.97
CA HIS D 9 38.91 -35.94 -56.01
C HIS D 9 39.19 -35.20 -54.67
N ALA D 10 39.20 -33.88 -54.71
CA ALA D 10 39.42 -33.04 -53.52
C ALA D 10 38.44 -31.88 -53.52
N VAL D 11 37.35 -32.03 -52.77
CA VAL D 11 36.23 -31.08 -52.82
C VAL D 11 36.43 -29.86 -51.93
N VAL D 12 36.07 -28.70 -52.46
CA VAL D 12 36.20 -27.45 -51.72
C VAL D 12 34.84 -26.79 -51.47
N PRO D 13 34.38 -26.85 -50.21
CA PRO D 13 33.17 -26.17 -49.72
C PRO D 13 33.24 -24.67 -49.99
N ILE D 14 32.20 -24.10 -50.58
CA ILE D 14 32.17 -22.67 -50.85
C ILE D 14 32.21 -21.81 -49.57
N ASP D 15 31.71 -22.36 -48.46
CA ASP D 15 31.72 -21.64 -47.19
C ASP D 15 33.12 -21.52 -46.58
N LEU D 16 33.97 -22.52 -46.81
CA LEU D 16 35.34 -22.46 -46.32
C LEU D 16 36.13 -21.47 -47.18
N GLN D 17 35.73 -21.36 -48.45
CA GLN D 17 36.21 -20.29 -49.31
C GLN D 17 35.87 -18.98 -48.64
N SER D 18 34.59 -18.78 -48.38
CA SER D 18 34.12 -17.55 -47.74
C SER D 18 34.78 -17.34 -46.37
N PHE D 19 35.28 -18.41 -45.76
CA PHE D 19 36.06 -18.27 -44.54
C PHE D 19 37.37 -17.60 -44.90
N CYS D 20 38.14 -18.26 -45.76
CA CYS D 20 39.43 -17.70 -46.13
C CYS D 20 39.32 -16.45 -47.01
N LEU D 21 38.09 -16.01 -47.29
CA LEU D 21 37.85 -14.73 -47.97
C LEU D 21 37.07 -13.82 -47.04
N GLU D 22 37.73 -12.84 -46.44
CA GLU D 22 37.11 -12.02 -45.39
C GLU D 22 35.84 -11.31 -45.84
N GLY D 23 35.92 -10.58 -46.94
CA GLY D 23 34.80 -9.78 -47.40
C GLY D 23 34.24 -10.22 -48.74
N THR D 24 33.02 -9.77 -49.04
CA THR D 24 32.36 -10.10 -50.30
C THR D 24 31.56 -8.90 -50.84
N LEU D 25 32.10 -8.23 -51.86
CA LEU D 25 31.45 -7.06 -52.42
C LEU D 25 30.60 -7.42 -53.62
N ALA D 26 29.54 -6.66 -53.86
CA ALA D 26 28.68 -6.89 -55.01
C ALA D 26 28.57 -5.65 -55.90
N LEU D 27 28.92 -5.81 -57.17
CA LEU D 27 28.83 -4.70 -58.13
C LEU D 27 27.67 -4.86 -59.10
N TRP D 28 27.04 -3.74 -59.42
CA TRP D 28 26.02 -3.69 -60.45
C TRP D 28 26.67 -3.09 -61.70
N VAL D 29 25.94 -3.09 -62.82
CA VAL D 29 26.40 -2.42 -64.05
C VAL D 29 25.20 -1.91 -64.86
N PRO D 30 25.13 -0.57 -65.10
CA PRO D 30 24.04 0.17 -65.74
C PRO D 30 22.99 -0.67 -66.47
N ALA D 31 21.82 -0.78 -65.85
CA ALA D 31 20.77 -1.65 -66.34
C ALA D 31 19.48 -0.88 -66.55
N LEU D 32 19.32 -0.34 -67.75
CA LEU D 32 18.09 0.35 -68.11
C LEU D 32 17.22 -0.59 -68.94
N LEU D 52 5.39 -22.28 -53.37
CA LEU D 52 6.44 -21.89 -54.30
C LEU D 52 7.82 -21.89 -53.64
N PHE D 53 8.02 -22.75 -52.63
CA PHE D 53 9.28 -22.76 -51.90
C PHE D 53 10.35 -23.63 -52.56
N LYS D 54 10.10 -24.95 -52.63
CA LYS D 54 11.05 -25.89 -53.21
C LYS D 54 11.46 -25.51 -54.64
N LYS D 55 10.55 -24.85 -55.35
CA LYS D 55 10.85 -24.32 -56.66
C LYS D 55 12.01 -23.32 -56.58
N GLU D 56 11.82 -22.26 -55.79
CA GLU D 56 12.84 -21.24 -55.62
C GLU D 56 14.13 -21.78 -54.98
N CYS D 57 14.01 -22.88 -54.22
CA CYS D 57 15.16 -23.47 -53.55
C CYS D 57 16.02 -24.24 -54.54
N VAL D 58 15.37 -25.04 -55.37
CA VAL D 58 16.06 -25.76 -56.42
C VAL D 58 16.73 -24.79 -57.38
N ALA D 59 15.98 -23.77 -57.82
CA ALA D 59 16.45 -22.80 -58.80
C ALA D 59 17.26 -21.70 -58.16
N TYR D 60 17.48 -21.80 -56.85
CA TYR D 60 18.26 -20.81 -56.14
C TYR D 60 19.66 -20.79 -56.69
N ASP D 61 20.31 -21.95 -56.68
CA ASP D 61 21.67 -22.04 -57.14
C ASP D 61 21.91 -23.15 -58.12
N ALA D 62 22.92 -22.96 -58.94
CA ALA D 62 23.29 -23.92 -59.96
C ALA D 62 24.66 -23.58 -60.56
N GLY D 63 24.72 -22.47 -61.28
CA GLY D 63 25.87 -22.22 -62.13
C GLY D 63 25.54 -22.78 -63.51
N VAL D 64 25.02 -21.92 -64.38
CA VAL D 64 24.65 -22.36 -65.72
C VAL D 64 25.87 -22.90 -66.44
N TYR D 65 27.02 -22.28 -66.23
CA TYR D 65 28.23 -22.77 -66.85
C TYR D 65 29.32 -22.50 -65.83
N THR D 66 30.54 -22.92 -66.14
CA THR D 66 31.67 -22.65 -65.26
C THR D 66 32.89 -22.27 -66.08
N SER D 67 33.67 -21.31 -65.58
CA SER D 67 34.83 -20.86 -66.34
C SER D 67 35.97 -20.36 -65.48
N ASN D 68 37.14 -20.96 -65.69
CA ASN D 68 38.33 -20.57 -64.97
C ASN D 68 39.45 -20.20 -65.93
N LYS D 69 40.05 -19.04 -65.73
CA LYS D 69 41.22 -18.67 -66.51
C LYS D 69 42.40 -18.35 -65.61
N SER D 70 43.55 -18.16 -66.25
CA SER D 70 44.79 -17.78 -65.59
C SER D 70 45.73 -17.52 -66.74
N LYS D 71 46.78 -16.75 -66.49
CA LYS D 71 47.69 -16.42 -67.56
C LYS D 71 49.13 -16.81 -67.24
N GLY D 72 50.03 -16.46 -68.17
CA GLY D 72 51.44 -16.79 -68.05
C GLY D 72 52.15 -16.03 -66.95
N SER D 73 51.70 -14.82 -66.69
CA SER D 73 52.38 -13.94 -65.74
C SER D 73 52.34 -14.41 -64.29
N GLN D 74 51.20 -14.26 -63.62
CA GLN D 74 51.17 -14.45 -62.18
C GLN D 74 49.95 -15.15 -61.59
N THR D 75 48.78 -14.54 -61.77
CA THR D 75 47.59 -14.90 -60.99
C THR D 75 46.52 -15.80 -61.63
N LEU D 76 45.51 -16.12 -60.80
CA LEU D 76 44.45 -17.06 -61.12
C LEU D 76 43.15 -16.76 -60.34
N ARG D 77 42.01 -16.93 -60.98
CA ARG D 77 40.69 -16.81 -60.34
C ARG D 77 39.67 -17.68 -61.06
N TRP D 78 38.58 -18.03 -60.39
CA TRP D 78 37.46 -18.71 -61.03
C TRP D 78 36.21 -17.87 -61.06
N SER D 79 35.46 -18.00 -62.15
CA SER D 79 34.16 -17.38 -62.24
C SER D 79 33.09 -18.43 -62.09
N ILE D 80 32.00 -18.05 -61.44
CA ILE D 80 30.82 -18.90 -61.29
C ILE D 80 29.64 -18.16 -61.91
N PHE D 81 28.80 -18.91 -62.61
CA PHE D 81 27.63 -18.35 -63.29
C PHE D 81 26.39 -18.52 -62.42
N GLN D 82 25.34 -17.78 -62.74
CA GLN D 82 24.12 -17.88 -61.95
C GLN D 82 22.95 -17.26 -62.67
N ASN D 83 21.76 -17.75 -62.37
CA ASN D 83 20.55 -17.20 -62.90
C ASN D 83 20.44 -15.74 -62.46
N ARG D 84 20.55 -14.85 -63.45
CA ARG D 84 20.51 -13.41 -63.23
C ARG D 84 21.72 -12.90 -62.47
N THR D 85 22.68 -13.78 -62.17
CA THR D 85 23.84 -13.36 -61.38
C THR D 85 25.18 -13.83 -61.99
N LEU D 86 26.24 -13.02 -61.80
CA LEU D 86 27.61 -13.40 -62.17
C LEU D 86 28.53 -13.28 -60.97
N THR D 87 29.49 -14.19 -60.80
CA THR D 87 30.32 -14.19 -59.61
C THR D 87 31.75 -14.60 -59.95
N ILE D 88 32.69 -14.26 -59.08
CA ILE D 88 34.10 -14.53 -59.33
C ILE D 88 34.95 -14.39 -58.06
N PHE D 89 35.93 -15.26 -57.89
CA PHE D 89 36.78 -15.22 -56.72
C PHE D 89 38.18 -15.73 -56.97
N ASP D 90 39.05 -15.54 -55.98
CA ASP D 90 40.47 -15.78 -56.14
C ASP D 90 40.94 -17.10 -55.55
N VAL D 91 41.28 -18.04 -56.43
CA VAL D 91 41.88 -19.30 -56.03
C VAL D 91 43.18 -19.55 -56.78
N SER D 92 44.23 -18.90 -56.33
CA SER D 92 45.51 -19.02 -56.99
C SER D 92 46.52 -19.57 -56.01
N LEU D 93 47.45 -20.38 -56.51
CA LEU D 93 48.53 -20.87 -55.68
C LEU D 93 49.83 -20.23 -56.10
N ASN D 94 50.11 -19.05 -55.54
CA ASN D 94 51.26 -18.26 -55.92
C ASN D 94 52.18 -17.86 -54.76
N SER D 95 53.18 -17.05 -55.08
CA SER D 95 54.14 -16.57 -54.10
C SER D 95 54.52 -15.11 -54.36
N LYS D 96 53.65 -14.19 -53.93
CA LYS D 96 53.89 -12.76 -54.10
C LYS D 96 53.85 -12.06 -52.75
N LYS D 97 53.81 -10.73 -52.78
CA LYS D 97 53.66 -9.96 -51.56
C LYS D 97 52.32 -10.25 -50.90
N GLU D 98 51.24 -10.12 -51.67
CA GLU D 98 49.91 -10.37 -51.13
C GLU D 98 49.03 -11.20 -52.07
N PRO D 99 49.46 -12.45 -52.36
CA PRO D 99 48.63 -13.30 -53.21
C PRO D 99 47.75 -14.16 -52.31
N LEU D 100 47.34 -13.60 -51.19
CA LEU D 100 46.72 -14.38 -50.13
C LEU D 100 45.51 -13.69 -49.54
N SER D 101 45.61 -12.39 -49.28
CA SER D 101 44.47 -11.64 -48.78
C SER D 101 43.47 -11.44 -49.90
N LYS D 102 42.33 -12.11 -49.78
CA LYS D 102 41.38 -12.18 -50.89
C LYS D 102 39.96 -11.84 -50.46
N PHE D 103 39.11 -11.62 -51.46
CA PHE D 103 37.71 -11.32 -51.21
C PHE D 103 36.87 -11.81 -52.40
N ASN D 104 35.63 -12.15 -52.13
CA ASN D 104 34.73 -12.69 -53.15
C ASN D 104 33.92 -11.58 -53.85
N VAL D 105 33.83 -11.65 -55.17
CA VAL D 105 33.14 -10.62 -55.96
C VAL D 105 31.84 -11.10 -56.59
N LYS D 106 30.76 -10.40 -56.30
CA LYS D 106 29.44 -10.65 -56.89
C LYS D 106 29.10 -9.56 -57.90
N ILE D 107 29.16 -9.87 -59.19
CA ILE D 107 28.70 -8.94 -60.21
C ILE D 107 27.25 -9.21 -60.61
N HIS D 108 26.33 -8.37 -60.15
CA HIS D 108 24.92 -8.51 -60.48
C HIS D 108 24.67 -8.03 -61.91
N PHE D 109 23.71 -8.68 -62.57
CA PHE D 109 23.34 -8.37 -63.96
C PHE D 109 21.83 -8.14 -64.16
N PRO D 110 21.46 -7.32 -65.16
CA PRO D 110 20.07 -6.98 -65.47
C PRO D 110 19.27 -8.25 -65.81
N SER D 111 19.95 -9.18 -66.44
CA SER D 111 19.38 -10.46 -66.82
C SER D 111 20.48 -11.49 -66.72
N ASN D 112 20.11 -12.77 -66.79
CA ASN D 112 21.09 -13.82 -66.60
C ASN D 112 22.19 -13.85 -67.63
N VAL D 113 23.22 -14.60 -67.31
CA VAL D 113 24.40 -14.76 -68.14
C VAL D 113 24.14 -15.67 -69.34
N MET D 114 23.03 -15.40 -70.03
CA MET D 114 22.53 -16.22 -71.14
C MET D 114 22.09 -17.59 -70.64
N LYS D 115 21.07 -18.17 -71.27
CA LYS D 115 20.62 -19.51 -70.92
C LYS D 115 21.59 -20.55 -71.46
N ASP D 116 22.59 -20.10 -72.21
CA ASP D 116 23.55 -21.01 -72.84
C ASP D 116 24.98 -20.86 -72.35
N GLY D 117 25.86 -21.72 -72.88
CA GLY D 117 27.23 -21.83 -72.42
C GLY D 117 28.10 -20.64 -72.77
N VAL D 118 27.61 -19.82 -73.67
CA VAL D 118 28.35 -18.67 -74.17
C VAL D 118 28.52 -17.57 -73.15
N ALA D 119 28.80 -16.37 -73.67
CA ALA D 119 28.98 -15.16 -72.89
C ALA D 119 30.37 -15.02 -72.27
N PHE D 120 31.19 -16.07 -72.29
CA PHE D 120 32.41 -16.07 -71.45
C PHE D 120 33.77 -15.81 -72.10
N SER D 121 34.42 -14.72 -71.67
CA SER D 121 35.84 -14.48 -72.03
C SER D 121 36.69 -13.81 -70.96
N PHE D 122 37.93 -14.27 -70.82
CA PHE D 122 38.86 -13.70 -69.86
C PHE D 122 40.24 -13.53 -70.45
N SER D 123 40.71 -12.29 -70.54
CA SER D 123 42.09 -12.08 -70.95
C SER D 123 42.63 -10.92 -70.12
N GLU D 124 43.95 -10.82 -70.01
CA GLU D 124 44.54 -9.68 -69.31
C GLU D 124 45.32 -8.79 -70.26
N HIS D 125 46.17 -7.95 -69.70
CA HIS D 125 46.99 -7.02 -70.47
C HIS D 125 48.25 -6.67 -69.70
N SER D 126 48.06 -5.96 -68.59
CA SER D 126 49.16 -5.58 -67.72
C SER D 126 48.61 -5.30 -66.33
N ASP D 127 48.88 -6.22 -65.40
CA ASP D 127 48.48 -6.09 -63.99
C ASP D 127 46.99 -5.79 -63.77
N THR D 128 46.15 -6.18 -64.73
CA THR D 128 44.71 -5.97 -64.62
C THR D 128 43.98 -7.12 -65.30
N THR D 129 42.70 -7.29 -64.96
CA THR D 129 41.87 -8.36 -65.53
C THR D 129 40.74 -7.85 -66.39
N ILE D 130 40.72 -8.25 -67.65
CA ILE D 130 39.67 -7.82 -68.56
C ILE D 130 38.74 -8.97 -68.96
N ILE D 131 37.45 -8.77 -68.70
CA ILE D 131 36.46 -9.81 -68.92
C ILE D 131 35.35 -9.36 -69.89
N TYR D 132 34.96 -10.28 -70.78
CA TYR D 132 33.91 -10.01 -71.75
C TYR D 132 32.72 -10.93 -71.57
N ALA D 133 31.52 -10.35 -71.60
CA ALA D 133 30.29 -11.10 -71.37
C ALA D 133 29.15 -10.82 -72.34
N ILE D 134 28.12 -11.66 -72.27
CA ILE D 134 26.90 -11.51 -73.05
C ILE D 134 25.66 -11.87 -72.22
N THR D 135 24.74 -10.92 -72.03
CA THR D 135 23.53 -11.21 -71.26
C THR D 135 22.53 -11.99 -72.08
N HIS D 136 21.40 -12.27 -71.46
CA HIS D 136 20.38 -13.14 -72.02
C HIS D 136 19.81 -12.73 -73.37
N ALA D 137 19.54 -11.44 -73.56
CA ALA D 137 18.82 -11.04 -74.76
C ALA D 137 19.66 -10.48 -75.90
N ARG D 138 20.43 -9.42 -75.66
CA ARG D 138 21.13 -8.77 -76.78
C ARG D 138 22.23 -7.73 -76.48
N VAL D 139 23.13 -7.97 -75.52
CA VAL D 139 24.19 -6.99 -75.21
C VAL D 139 25.55 -7.64 -74.86
N LEU D 140 26.63 -6.88 -74.97
CA LEU D 140 27.94 -7.33 -74.50
C LEU D 140 28.40 -6.53 -73.31
N TYR D 141 29.33 -7.08 -72.55
CA TYR D 141 29.87 -6.39 -71.37
C TYR D 141 31.40 -6.46 -71.40
N TYR D 142 32.02 -5.35 -71.01
CA TYR D 142 33.47 -5.26 -70.90
C TYR D 142 33.81 -4.74 -69.51
N ILE D 143 34.53 -5.53 -68.72
CA ILE D 143 34.89 -5.08 -67.38
C ILE D 143 36.39 -5.20 -67.11
N ARG D 144 36.99 -4.15 -66.54
CA ARG D 144 38.40 -4.18 -66.16
C ARG D 144 38.59 -4.03 -64.64
N LEU D 145 39.10 -5.07 -64.00
CA LEU D 145 39.29 -5.07 -62.56
C LEU D 145 40.75 -5.19 -62.17
N SER D 146 41.18 -4.34 -61.26
CA SER D 146 42.55 -4.34 -60.80
C SER D 146 42.88 -5.53 -59.90
N LYS D 147 44.10 -6.05 -60.02
CA LYS D 147 44.58 -7.13 -59.15
C LYS D 147 44.58 -6.65 -57.70
N THR D 148 44.99 -5.40 -57.54
CA THR D 148 45.04 -4.75 -56.24
C THR D 148 43.65 -4.76 -55.65
N TRP D 149 42.67 -4.52 -56.52
CA TRP D 149 41.27 -4.49 -56.14
C TRP D 149 40.90 -5.84 -55.51
N PHE D 150 41.45 -6.93 -56.06
CA PHE D 150 41.29 -8.26 -55.48
C PHE D 150 41.97 -8.41 -54.13
N GLN D 151 43.19 -7.89 -54.02
CA GLN D 151 43.92 -8.05 -52.77
C GLN D 151 43.33 -7.23 -51.64
N LEU D 152 42.85 -6.03 -51.97
CA LEU D 152 42.41 -5.09 -50.94
C LEU D 152 41.10 -5.51 -50.29
N PRO D 153 40.97 -5.21 -49.01
CA PRO D 153 39.69 -5.34 -48.29
C PRO D 153 38.73 -4.21 -48.68
N ASP D 154 39.25 -3.19 -49.35
CA ASP D 154 38.50 -1.96 -49.61
C ASP D 154 37.28 -2.13 -50.49
N ALA D 155 36.22 -1.44 -50.11
CA ALA D 155 34.98 -1.40 -50.86
C ALA D 155 35.10 -0.52 -52.10
N ARG D 156 35.92 0.53 -52.01
CA ARG D 156 35.91 1.56 -53.04
C ARG D 156 36.74 1.29 -54.28
N LEU D 157 36.23 1.79 -55.39
CA LEU D 157 36.90 1.79 -56.69
C LEU D 157 36.67 3.21 -57.19
N ASP D 158 37.68 3.82 -57.79
CA ASP D 158 37.52 5.19 -58.23
C ASP D 158 37.61 5.36 -59.75
N ASP D 159 37.18 4.34 -60.50
CA ASP D 159 37.25 4.38 -61.96
C ASP D 159 36.02 3.86 -62.68
N ASP D 160 36.10 3.89 -64.00
CA ASP D 160 35.10 3.31 -64.86
C ASP D 160 35.57 1.90 -65.17
N TRP D 161 35.16 0.97 -64.34
CA TRP D 161 35.57 -0.43 -64.45
C TRP D 161 34.98 -1.07 -65.69
N CYS D 162 33.88 -0.53 -66.19
CA CYS D 162 33.21 -1.19 -67.29
C CYS D 162 32.59 -0.29 -68.36
N LEU D 163 32.53 -0.84 -69.58
CA LEU D 163 31.80 -0.25 -70.71
C LEU D 163 31.02 -1.33 -71.45
N CYS D 164 29.70 -1.22 -71.40
CA CYS D 164 28.84 -2.12 -72.14
C CYS D 164 28.75 -1.62 -73.57
N TYR D 165 28.63 -2.52 -74.53
CA TYR D 165 28.57 -2.07 -75.91
C TYR D 165 27.90 -3.07 -76.85
N ARG D 166 27.27 -2.56 -77.91
CA ARG D 166 26.65 -3.39 -78.94
C ARG D 166 27.31 -3.14 -80.29
N PRO D 167 28.33 -3.96 -80.62
CA PRO D 167 29.13 -3.89 -81.86
C PRO D 167 28.42 -4.24 -83.18
N ILE D 168 27.73 -5.38 -83.21
CA ILE D 168 27.03 -5.84 -84.41
C ILE D 168 25.60 -6.03 -83.97
N SER D 169 24.67 -6.10 -84.91
CA SER D 169 23.29 -6.29 -84.52
C SER D 169 23.07 -7.75 -84.14
N PHE D 170 23.01 -7.99 -82.83
CA PHE D 170 22.77 -9.33 -82.32
C PHE D 170 21.30 -9.71 -82.43
N LEU D 171 20.43 -8.70 -82.52
CA LEU D 171 18.99 -8.93 -82.67
C LEU D 171 18.83 -9.72 -83.96
N ASN D 172 19.50 -9.25 -84.99
CA ASN D 172 19.49 -9.91 -86.29
C ASN D 172 20.15 -11.27 -86.14
N GLN D 173 21.39 -11.27 -85.67
CA GLN D 173 22.15 -12.49 -85.49
C GLN D 173 22.48 -12.78 -84.04
N LYS D 174 21.80 -13.75 -83.45
CA LYS D 174 22.04 -14.14 -82.06
C LYS D 174 23.39 -14.84 -81.97
N PRO D 175 24.17 -14.52 -80.94
CA PRO D 175 25.46 -15.21 -80.87
C PRO D 175 25.35 -16.64 -80.34
N ASP D 176 26.37 -17.44 -80.64
CA ASP D 176 26.41 -18.84 -80.25
C ASP D 176 27.81 -19.20 -79.77
N LEU D 177 28.78 -18.35 -80.07
CA LEU D 177 30.13 -18.66 -79.61
C LEU D 177 30.97 -17.39 -79.47
N MET D 178 31.53 -17.12 -78.30
CA MET D 178 32.40 -15.96 -78.17
C MET D 178 33.86 -16.40 -78.02
N ALA D 179 34.78 -15.76 -78.76
CA ALA D 179 36.20 -16.13 -78.71
C ALA D 179 37.17 -14.95 -78.64
N ALA D 180 37.89 -14.86 -77.52
CA ALA D 180 38.84 -13.77 -77.27
C ALA D 180 40.10 -13.86 -78.10
N ILE D 181 40.68 -12.72 -78.39
CA ILE D 181 41.95 -12.66 -79.09
C ILE D 181 42.95 -11.70 -78.42
N SER D 182 42.48 -10.52 -78.02
CA SER D 182 43.36 -9.53 -77.39
C SER D 182 42.62 -8.65 -76.39
N THR D 183 43.38 -7.83 -75.67
CA THR D 183 42.79 -6.93 -74.68
C THR D 183 41.80 -5.96 -75.32
N SER D 184 42.15 -5.48 -76.51
CA SER D 184 41.32 -4.52 -77.24
C SER D 184 40.26 -5.25 -78.06
N GLU D 185 40.62 -6.42 -78.58
CA GLU D 185 39.81 -7.10 -79.59
C GLU D 185 39.29 -8.47 -79.18
N ILE D 186 38.15 -8.85 -79.73
CA ILE D 186 37.54 -10.15 -79.44
C ILE D 186 36.53 -10.54 -80.53
N CYS D 187 36.64 -11.76 -81.04
CA CYS D 187 35.75 -12.22 -82.12
C CYS D 187 34.47 -12.92 -81.63
N VAL D 188 33.44 -12.91 -82.48
CA VAL D 188 32.15 -13.55 -82.19
C VAL D 188 31.66 -14.44 -83.34
N SER D 189 31.06 -15.58 -82.99
CA SER D 189 30.47 -16.51 -83.92
C SER D 189 28.96 -16.64 -83.76
N PHE D 190 28.28 -16.56 -84.90
CA PHE D 190 26.82 -16.57 -84.98
C PHE D 190 26.28 -17.90 -85.51
N PHE D 191 25.01 -18.17 -85.21
CA PHE D 191 24.33 -19.36 -85.70
C PHE D 191 24.30 -19.39 -87.21
N ASN D 192 24.15 -18.22 -87.82
CA ASN D 192 24.17 -18.11 -89.28
C ASN D 192 25.50 -18.61 -89.82
N GLY D 193 26.55 -18.41 -89.03
CA GLY D 193 27.86 -18.91 -89.40
C GLY D 193 28.92 -17.85 -89.60
N GLY D 194 28.51 -16.59 -89.64
CA GLY D 194 29.43 -15.50 -89.83
C GLY D 194 30.25 -15.23 -88.59
N LEU D 195 31.46 -14.73 -88.77
CA LEU D 195 32.32 -14.37 -87.66
C LEU D 195 32.64 -12.89 -87.67
N THR D 196 32.17 -12.16 -86.67
CA THR D 196 32.55 -10.77 -86.57
C THR D 196 33.78 -10.66 -85.67
N LYS D 197 34.43 -9.51 -85.72
CA LYS D 197 35.50 -9.20 -84.78
C LYS D 197 35.14 -7.87 -84.17
N ILE D 198 35.52 -7.65 -82.92
CA ILE D 198 35.17 -6.42 -82.22
C ILE D 198 36.35 -5.70 -81.59
N ILE D 199 36.47 -4.41 -81.88
CA ILE D 199 37.51 -3.57 -81.28
C ILE D 199 36.85 -2.53 -80.41
N LEU D 200 37.21 -2.52 -79.14
CA LEU D 200 36.72 -1.50 -78.23
C LEU D 200 37.92 -0.70 -77.76
N ASN D 201 37.65 0.46 -77.19
CA ASN D 201 38.68 1.38 -76.76
C ASN D 201 37.91 2.38 -75.91
N PRO D 202 38.58 3.02 -74.95
CA PRO D 202 37.87 4.05 -74.16
C PRO D 202 37.24 5.12 -75.06
N LYS D 203 35.93 5.29 -74.94
CA LYS D 203 35.17 6.20 -75.81
C LYS D 203 35.27 5.82 -77.29
N ASP D 204 35.32 4.52 -77.58
CA ASP D 204 35.57 4.07 -78.95
C ASP D 204 35.23 2.61 -79.26
N ALA D 205 34.81 2.36 -80.49
CA ALA D 205 34.54 0.99 -80.94
C ALA D 205 34.45 0.88 -82.47
N SER D 206 35.28 0.01 -83.05
CA SER D 206 35.32 -0.23 -84.49
C SER D 206 35.19 -1.74 -84.76
N HIS D 207 34.60 -2.13 -85.88
CA HIS D 207 34.17 -3.53 -86.03
C HIS D 207 34.45 -4.20 -87.37
N TYR D 208 34.54 -5.53 -87.35
CA TYR D 208 34.92 -6.29 -88.55
C TYR D 208 34.04 -7.52 -88.73
N GLU D 209 34.03 -8.08 -89.93
CA GLU D 209 33.24 -9.29 -90.19
C GLU D 209 33.87 -10.25 -91.22
N GLN D 210 33.49 -11.52 -91.13
CA GLN D 210 33.29 -12.38 -92.30
C GLN D 210 31.90 -13.01 -92.15
N HIS D 211 30.88 -12.14 -92.13
CA HIS D 211 29.46 -12.51 -92.01
C HIS D 211 29.03 -13.65 -92.93
N SER D 236 22.54 -23.60 -90.21
CA SER D 236 23.23 -22.80 -91.22
C SER D 236 24.61 -23.39 -91.51
N PRO D 237 24.73 -24.11 -92.63
CA PRO D 237 25.91 -24.91 -93.05
C PRO D 237 27.26 -24.17 -93.15
N ASN D 238 27.47 -23.13 -92.36
CA ASN D 238 28.81 -22.58 -92.15
C ASN D 238 28.94 -22.10 -90.71
N THR D 239 27.91 -22.36 -89.92
CA THR D 239 27.96 -22.16 -88.48
C THR D 239 29.15 -22.93 -87.97
N ILE D 240 29.80 -22.43 -86.94
CA ILE D 240 30.84 -23.22 -86.31
C ILE D 240 30.35 -23.74 -84.97
N ILE D 241 30.75 -24.96 -84.65
CA ILE D 241 30.36 -25.58 -83.39
C ILE D 241 31.18 -25.01 -82.23
N SER D 242 32.51 -25.09 -82.33
CA SER D 242 33.38 -24.58 -81.27
C SER D 242 34.71 -24.03 -81.79
N MET D 243 34.93 -22.74 -81.51
CA MET D 243 36.16 -22.04 -81.87
C MET D 243 37.22 -22.22 -80.81
N ILE D 244 38.48 -22.05 -81.19
CA ILE D 244 39.58 -22.21 -80.26
C ILE D 244 40.68 -21.21 -80.63
N PHE D 245 41.46 -20.81 -79.62
CA PHE D 245 42.49 -19.80 -79.81
C PHE D 245 43.82 -20.17 -79.18
N LEU D 246 44.87 -20.02 -79.99
CA LEU D 246 46.25 -20.19 -79.59
C LEU D 246 47.05 -19.15 -80.34
N SER D 247 48.07 -18.61 -79.73
CA SER D 247 48.84 -17.62 -80.47
C SER D 247 50.25 -18.09 -80.71
N THR D 248 50.67 -17.97 -81.97
CA THR D 248 52.08 -17.97 -82.29
C THR D 248 52.30 -16.47 -82.28
N TYR D 249 51.22 -15.79 -82.69
CA TYR D 249 51.06 -14.35 -82.61
C TYR D 249 49.55 -14.12 -82.65
N ASN D 250 48.91 -14.53 -83.75
CA ASN D 250 47.47 -14.33 -83.94
C ASN D 250 46.77 -15.38 -84.82
N VAL D 251 46.64 -16.62 -84.36
CA VAL D 251 45.98 -17.64 -85.19
C VAL D 251 44.85 -18.39 -84.47
N LEU D 252 43.74 -18.63 -85.17
CA LEU D 252 42.56 -19.31 -84.61
C LEU D 252 42.29 -20.65 -85.31
N VAL D 253 41.58 -21.54 -84.62
CA VAL D 253 41.16 -22.81 -85.24
C VAL D 253 39.67 -23.05 -85.05
N MET D 254 39.01 -23.44 -86.14
CA MET D 254 37.57 -23.59 -86.22
C MET D 254 37.11 -24.91 -86.81
N LEU D 255 35.96 -25.38 -86.32
CA LEU D 255 35.25 -26.53 -86.86
C LEU D 255 33.81 -26.08 -87.15
N SER D 256 33.41 -26.12 -88.42
CA SER D 256 32.12 -25.59 -88.86
C SER D 256 30.99 -26.60 -88.90
N LEU D 257 29.78 -26.12 -89.17
CA LEU D 257 28.61 -26.99 -89.32
C LEU D 257 28.80 -27.83 -90.58
N ASP D 258 29.46 -27.25 -91.57
CA ASP D 258 29.80 -27.93 -92.80
C ASP D 258 30.79 -29.02 -92.47
N TYR D 259 31.30 -28.94 -91.25
CA TYR D 259 32.20 -29.93 -90.69
C TYR D 259 33.54 -29.79 -91.39
N LYS D 260 33.86 -28.55 -91.73
CA LYS D 260 35.13 -28.15 -92.33
C LYS D 260 36.07 -27.58 -91.25
N LEU D 261 37.36 -27.90 -91.35
CA LEU D 261 38.36 -27.38 -90.41
C LEU D 261 38.98 -26.11 -90.97
N LYS D 262 38.41 -24.97 -90.57
CA LYS D 262 38.85 -23.66 -91.03
C LYS D 262 39.90 -23.09 -90.07
N VAL D 263 41.04 -22.66 -90.59
CA VAL D 263 42.07 -22.06 -89.77
C VAL D 263 42.18 -20.59 -90.13
N LEU D 264 42.18 -19.72 -89.11
CA LEU D 264 42.05 -18.27 -89.32
C LEU D 264 43.27 -17.44 -88.90
N ASP D 265 43.63 -16.49 -89.77
CA ASP D 265 44.68 -15.51 -89.50
C ASP D 265 44.01 -14.21 -89.06
N LEU D 266 44.35 -13.69 -87.88
CA LEU D 266 43.68 -12.48 -87.36
C LEU D 266 43.93 -11.20 -88.18
N SER D 267 45.13 -11.06 -88.72
CA SER D 267 45.49 -9.87 -89.48
C SER D 267 44.60 -9.71 -90.70
N THR D 268 44.52 -10.78 -91.50
CA THR D 268 43.75 -10.77 -92.72
C THR D 268 42.23 -10.75 -92.46
N ASN D 269 41.80 -11.37 -91.35
CA ASN D 269 40.38 -11.59 -91.04
C ASN D 269 39.72 -12.46 -92.09
N GLN D 270 40.53 -13.29 -92.75
CA GLN D 270 40.06 -14.22 -93.76
C GLN D 270 40.65 -15.58 -93.42
N CYS D 271 39.98 -16.64 -93.87
CA CYS D 271 40.37 -18.01 -93.59
C CYS D 271 41.70 -18.38 -94.25
N VAL D 272 42.74 -18.59 -93.45
CA VAL D 272 44.07 -18.94 -93.99
C VAL D 272 44.12 -20.37 -94.52
N GLU D 273 43.47 -21.32 -93.83
CA GLU D 273 43.50 -22.71 -94.33
C GLU D 273 42.18 -23.46 -94.20
N THR D 274 42.03 -24.51 -95.00
CA THR D 274 40.82 -25.33 -94.96
C THR D 274 41.09 -26.82 -95.16
N ILE D 275 40.56 -27.65 -94.26
CA ILE D 275 40.70 -29.10 -94.41
C ILE D 275 39.31 -29.73 -94.38
N GLU D 276 39.08 -30.75 -95.21
CA GLU D 276 37.78 -31.42 -95.25
C GLU D 276 37.77 -32.76 -94.54
N LEU D 277 36.97 -32.85 -93.50
CA LEU D 277 36.85 -34.06 -92.71
C LEU D 277 35.50 -34.65 -93.05
N SER D 278 35.46 -35.85 -93.62
CA SER D 278 34.20 -36.37 -94.15
C SER D 278 33.53 -37.47 -93.32
N GLN D 279 32.60 -37.06 -92.46
CA GLN D 279 31.77 -38.01 -91.71
C GLN D 279 30.31 -37.56 -91.76
N THR D 280 29.42 -38.45 -92.20
CA THR D 280 28.01 -38.11 -92.37
C THR D 280 27.20 -38.34 -91.09
N ILE D 281 27.57 -39.37 -90.34
CA ILE D 281 26.86 -39.72 -89.11
C ILE D 281 27.35 -38.89 -87.93
N LEU D 282 28.23 -37.95 -88.21
CA LEU D 282 28.82 -37.12 -87.16
C LEU D 282 28.06 -35.84 -86.82
N PRO D 283 27.70 -35.02 -87.83
CA PRO D 283 26.91 -33.83 -87.47
C PRO D 283 25.49 -34.18 -87.05
N LEU D 284 25.10 -35.44 -87.23
CA LEU D 284 23.79 -35.90 -86.76
C LEU D 284 23.75 -35.83 -85.24
N GLN D 285 24.93 -35.80 -84.64
CA GLN D 285 25.07 -35.70 -83.20
C GLN D 285 25.44 -34.26 -82.81
N SER D 286 24.53 -33.58 -82.14
CA SER D 286 24.73 -32.18 -81.75
C SER D 286 24.71 -32.01 -80.24
N PHE D 287 25.72 -31.32 -79.72
CA PHE D 287 25.85 -31.14 -78.27
C PHE D 287 25.72 -29.68 -77.86
N PRO D 288 24.94 -29.42 -76.79
CA PRO D 288 24.87 -28.09 -76.18
C PRO D 288 26.16 -27.85 -75.39
N TYR D 289 26.53 -26.59 -75.21
CA TYR D 289 27.86 -26.22 -74.73
C TYR D 289 28.96 -27.13 -75.32
N LEU D 290 29.76 -27.75 -74.46
CA LEU D 290 30.86 -28.61 -74.88
C LEU D 290 31.95 -27.85 -75.63
N THR D 291 33.21 -28.19 -75.34
CA THR D 291 34.33 -27.69 -76.11
C THR D 291 34.78 -28.77 -77.11
N SER D 292 34.64 -28.50 -78.41
CA SER D 292 35.02 -29.46 -79.43
C SER D 292 36.53 -29.52 -79.69
N ASP D 293 37.25 -28.47 -79.29
CA ASP D 293 38.70 -28.39 -79.49
C ASP D 293 39.42 -27.75 -78.29
N HIS D 294 40.64 -28.21 -78.02
CA HIS D 294 41.51 -27.55 -77.03
C HIS D 294 42.99 -27.71 -77.35
N THR D 295 43.85 -27.49 -76.35
CA THR D 295 45.25 -27.17 -76.65
C THR D 295 46.32 -27.21 -75.54
N THR D 296 47.55 -27.50 -75.97
CA THR D 296 48.74 -27.50 -75.12
C THR D 296 49.57 -26.21 -75.17
N ASN D 297 50.26 -25.99 -76.30
CA ASN D 297 51.16 -24.85 -76.45
C ASN D 297 51.13 -24.25 -77.85
N SER D 298 51.87 -24.87 -78.77
CA SER D 298 51.91 -24.45 -80.17
C SER D 298 50.97 -25.33 -80.98
N PHE D 299 50.86 -26.58 -80.53
CA PHE D 299 50.03 -27.59 -81.17
C PHE D 299 48.64 -27.62 -80.54
N ILE D 300 47.68 -28.31 -81.16
CA ILE D 300 46.28 -28.30 -80.72
C ILE D 300 45.56 -29.61 -81.04
N ALA D 301 44.62 -30.02 -80.20
CA ALA D 301 43.86 -31.25 -80.47
C ALA D 301 42.34 -31.09 -80.35
N LEU D 302 41.62 -31.99 -81.01
CA LEU D 302 40.17 -32.04 -80.94
C LEU D 302 39.75 -33.44 -81.31
N TYR D 303 38.50 -33.81 -81.03
CA TYR D 303 38.03 -35.13 -81.44
C TYR D 303 36.54 -35.29 -81.61
N TYR D 304 36.15 -36.25 -82.46
CA TYR D 304 34.76 -36.53 -82.75
C TYR D 304 34.31 -37.90 -82.25
N PRO D 305 33.28 -37.92 -81.39
CA PRO D 305 32.72 -39.12 -80.75
C PRO D 305 32.29 -40.23 -81.70
N ASP D 306 31.96 -39.90 -82.95
CA ASP D 306 31.41 -40.85 -83.91
C ASP D 306 30.13 -41.53 -83.40
N ASN D 307 29.34 -40.78 -82.64
CA ASN D 307 28.04 -41.21 -82.11
C ASN D 307 28.09 -42.39 -81.12
N SER D 308 27.10 -43.28 -81.19
CA SER D 308 26.86 -44.31 -80.18
C SER D 308 28.05 -45.19 -79.81
N HIS D 309 29.01 -45.30 -80.73
CA HIS D 309 30.22 -46.08 -80.47
C HIS D 309 30.98 -45.51 -79.29
N GLY D 310 30.85 -44.21 -79.11
CA GLY D 310 31.58 -43.51 -78.06
C GLY D 310 33.06 -43.74 -78.26
N SER D 311 33.50 -43.61 -79.51
CA SER D 311 34.89 -43.85 -79.86
C SER D 311 35.76 -42.64 -79.55
N PHE D 312 35.27 -41.47 -79.98
CA PHE D 312 36.04 -40.22 -79.85
C PHE D 312 37.37 -40.37 -80.60
N SER D 313 38.36 -39.56 -80.21
CA SER D 313 39.66 -39.62 -80.87
C SER D 313 40.67 -38.70 -80.18
N ILE D 314 41.80 -38.51 -80.84
CA ILE D 314 42.68 -37.37 -80.59
C ILE D 314 43.33 -37.03 -81.91
N TYR D 315 42.98 -35.86 -82.45
CA TYR D 315 43.59 -35.38 -83.68
C TYR D 315 44.48 -34.18 -83.40
N LYS D 316 45.58 -34.41 -82.68
CA LYS D 316 46.48 -33.32 -82.31
C LYS D 316 47.22 -32.75 -83.51
N LEU D 317 46.69 -31.66 -84.05
CA LEU D 317 47.27 -31.03 -85.22
C LEU D 317 48.54 -30.27 -84.84
N ASN D 318 49.57 -30.45 -85.67
CA ASN D 318 50.76 -29.62 -85.58
C ASN D 318 50.82 -28.59 -86.69
N ALA D 319 50.84 -27.32 -86.29
CA ALA D 319 50.80 -26.20 -87.21
C ALA D 319 52.18 -25.61 -87.48
N ASN D 320 52.73 -25.96 -88.64
CA ASN D 320 54.03 -25.47 -89.05
C ASN D 320 53.91 -24.14 -89.82
N ALA D 321 54.00 -23.04 -89.09
CA ALA D 321 53.83 -21.72 -89.69
C ALA D 321 55.02 -21.34 -90.58
N HIS D 322 54.77 -21.26 -91.89
CA HIS D 322 55.80 -20.87 -92.83
C HIS D 322 55.63 -19.39 -93.20
N SER D 323 56.71 -18.76 -93.66
CA SER D 323 56.69 -17.33 -93.96
C SER D 323 55.66 -16.97 -95.02
N PHE D 324 55.56 -17.81 -96.04
CA PHE D 324 54.61 -17.61 -97.12
C PHE D 324 53.18 -17.69 -96.59
N LYS D 325 52.91 -18.74 -95.84
CA LYS D 325 51.60 -18.98 -95.27
C LYS D 325 51.74 -20.02 -94.18
N LEU D 326 50.85 -19.97 -93.20
CA LEU D 326 50.88 -20.90 -92.08
C LEU D 326 50.39 -22.29 -92.51
N ASN D 327 51.20 -23.32 -92.25
CA ASN D 327 50.90 -24.67 -92.76
C ASN D 327 50.30 -25.62 -91.71
N VAL D 328 49.52 -26.58 -92.18
CA VAL D 328 48.75 -27.49 -91.32
C VAL D 328 49.16 -28.95 -91.50
N VAL D 329 49.56 -29.61 -90.41
CA VAL D 329 49.90 -31.03 -90.47
C VAL D 329 49.30 -31.84 -89.31
N ILE D 330 48.18 -32.51 -89.55
CA ILE D 330 47.58 -33.40 -88.55
C ILE D 330 48.31 -34.74 -88.57
N GLU D 331 48.54 -35.35 -87.41
CA GLU D 331 49.45 -36.51 -87.35
C GLU D 331 49.01 -37.79 -86.61
N LYS D 332 47.80 -37.83 -86.07
CA LYS D 332 47.37 -39.02 -85.31
C LYS D 332 45.90 -39.39 -85.46
N GLY D 333 45.62 -40.68 -85.48
CA GLY D 333 44.28 -41.18 -85.75
C GLY D 333 43.26 -41.05 -84.64
N ILE D 334 43.00 -42.16 -83.96
CA ILE D 334 41.89 -42.23 -83.01
C ILE D 334 42.33 -42.81 -81.67
N ILE D 335 41.75 -42.29 -80.59
CA ILE D 335 42.01 -42.79 -79.24
C ILE D 335 40.80 -43.51 -78.65
N PRO D 336 40.99 -44.76 -78.18
CA PRO D 336 39.90 -45.59 -77.66
C PRO D 336 39.28 -45.04 -76.38
N PRO D 337 38.11 -45.54 -76.00
CA PRO D 337 37.47 -45.09 -74.76
C PRO D 337 37.60 -46.11 -73.63
N SER D 338 37.08 -45.74 -72.46
CA SER D 338 36.83 -46.68 -71.38
C SER D 338 35.38 -47.13 -71.53
N LEU D 339 35.01 -48.25 -70.91
CA LEU D 339 33.65 -48.75 -71.06
C LEU D 339 32.81 -48.94 -69.79
N PRO D 340 32.94 -48.05 -68.79
CA PRO D 340 32.05 -48.33 -67.66
C PRO D 340 30.67 -47.68 -67.81
N ASP D 341 30.60 -46.55 -68.49
CA ASP D 341 29.32 -45.88 -68.74
C ASP D 341 28.46 -46.72 -69.67
N ASP D 342 27.33 -47.20 -69.15
CA ASP D 342 26.43 -48.00 -69.96
C ASP D 342 25.02 -47.93 -69.42
N GLU D 343 24.21 -48.93 -69.75
CA GLU D 343 22.82 -48.99 -69.29
C GLU D 343 22.02 -47.76 -69.76
N PHE D 344 22.30 -47.35 -71.00
CA PHE D 344 21.67 -46.16 -71.58
C PHE D 344 22.01 -44.87 -70.81
N ILE D 345 22.92 -44.95 -69.84
CA ILE D 345 23.39 -43.76 -69.12
C ILE D 345 24.16 -42.86 -70.08
N PRO D 346 23.65 -41.64 -70.31
CA PRO D 346 24.24 -40.77 -71.33
C PRO D 346 25.61 -40.22 -70.95
N TRP D 347 26.69 -40.83 -71.44
CA TRP D 347 27.99 -40.20 -71.34
C TRP D 347 27.90 -38.91 -72.13
N MET D 348 28.52 -37.85 -71.63
CA MET D 348 28.52 -36.58 -72.35
C MET D 348 29.86 -35.92 -72.17
N LEU D 349 30.51 -35.58 -73.27
CA LEU D 349 31.75 -34.84 -73.17
C LEU D 349 31.44 -33.45 -72.65
N SER D 350 31.83 -33.18 -71.40
CA SER D 350 31.62 -31.88 -70.78
C SER D 350 32.69 -30.89 -71.25
N ASP D 351 33.94 -31.30 -71.09
CA ASP D 351 35.09 -30.46 -71.41
C ASP D 351 36.35 -31.30 -71.32
N PHE D 352 37.31 -31.02 -72.21
CA PHE D 352 38.61 -31.66 -72.17
C PHE D 352 39.69 -30.61 -72.33
N GLN D 353 40.87 -30.90 -71.78
CA GLN D 353 42.02 -30.02 -71.92
C GLN D 353 43.26 -30.84 -72.19
N LEU D 354 43.98 -30.51 -73.26
CA LEU D 354 45.21 -31.22 -73.61
C LEU D 354 46.47 -30.48 -73.18
N ILE D 355 47.33 -31.15 -72.42
CA ILE D 355 48.57 -30.55 -71.98
C ILE D 355 49.70 -31.55 -72.18
N SER D 356 50.77 -31.11 -72.83
CA SER D 356 51.91 -31.96 -73.08
C SER D 356 53.07 -31.53 -72.21
N SER D 357 54.04 -32.42 -72.02
CA SER D 357 55.22 -32.10 -71.23
C SER D 357 56.18 -31.28 -72.07
N GLU D 358 56.31 -30.00 -71.71
CA GLU D 358 57.19 -29.11 -72.44
C GLU D 358 58.65 -29.46 -72.23
N GLY D 359 58.92 -30.29 -71.22
CA GLY D 359 60.26 -30.74 -70.92
C GLY D 359 60.90 -31.46 -72.08
N SER D 360 60.18 -32.43 -72.63
CA SER D 360 60.63 -33.18 -73.79
C SER D 360 59.48 -33.97 -74.36
N GLN D 361 59.42 -34.06 -75.68
CA GLN D 361 58.37 -34.83 -76.33
C GLN D 361 58.52 -36.31 -76.04
N SER D 362 58.13 -36.72 -74.84
CA SER D 362 58.13 -38.12 -74.47
C SER D 362 56.71 -38.56 -74.16
N LYS D 363 55.94 -37.67 -73.56
CA LYS D 363 54.55 -37.97 -73.21
C LYS D 363 53.64 -36.77 -73.47
N PHE D 364 52.35 -37.07 -73.66
CA PHE D 364 51.34 -36.04 -73.80
C PHE D 364 50.17 -36.48 -72.93
N LEU D 365 49.49 -35.54 -72.28
CA LEU D 365 48.39 -35.93 -71.43
C LEU D 365 47.10 -35.19 -71.75
N LEU D 366 46.01 -35.93 -71.92
CA LEU D 366 44.70 -35.33 -72.13
C LEU D 366 43.78 -35.57 -70.95
N ILE D 367 43.26 -34.49 -70.38
CA ILE D 367 42.27 -34.59 -69.30
C ILE D 367 40.87 -34.47 -69.87
N ILE D 368 40.02 -35.45 -69.56
CA ILE D 368 38.67 -35.53 -70.11
C ILE D 368 37.64 -35.66 -69.01
N ALA D 369 36.59 -34.83 -69.10
CA ALA D 369 35.50 -34.88 -68.13
C ALA D 369 34.17 -35.31 -68.77
N TRP D 370 33.56 -36.35 -68.20
CA TRP D 370 32.25 -36.83 -68.64
C TRP D 370 31.21 -36.64 -67.56
N LYS D 371 29.95 -36.45 -67.95
CA LYS D 371 28.87 -36.40 -66.98
C LYS D 371 27.58 -36.97 -67.57
N SER D 372 26.81 -37.62 -66.71
CA SER D 372 25.48 -38.06 -67.05
C SER D 372 24.62 -37.65 -65.90
N ASN D 373 23.67 -36.75 -66.17
CA ASN D 373 22.86 -36.17 -65.13
C ASN D 373 23.77 -35.51 -64.11
N LEU D 374 23.37 -35.58 -62.86
CA LEU D 374 24.16 -35.04 -61.77
C LEU D 374 25.46 -35.82 -61.69
N ASN D 375 25.43 -37.09 -62.09
CA ASN D 375 26.60 -37.96 -61.96
C ASN D 375 27.73 -37.60 -62.91
N THR D 376 28.96 -37.93 -62.51
CA THR D 376 30.13 -37.56 -63.27
C THR D 376 31.21 -38.65 -63.26
N VAL D 377 31.93 -38.76 -64.37
CA VAL D 377 33.09 -39.63 -64.49
C VAL D 377 34.25 -38.77 -64.98
N ILE D 378 35.44 -38.97 -64.42
CA ILE D 378 36.58 -38.17 -64.84
C ILE D 378 37.78 -39.04 -65.19
N GLN D 379 38.45 -38.76 -66.30
CA GLN D 379 39.61 -39.58 -66.63
C GLN D 379 40.73 -38.86 -67.38
N LYS D 380 41.95 -39.37 -67.26
CA LYS D 380 43.08 -38.83 -67.98
C LYS D 380 43.81 -39.90 -68.80
N CYS D 381 44.11 -39.57 -70.06
CA CYS D 381 44.85 -40.45 -70.95
C CYS D 381 46.27 -39.94 -71.18
N ASN D 382 47.26 -40.74 -70.82
CA ASN D 382 48.66 -40.38 -71.04
C ASN D 382 49.31 -41.19 -72.16
N LEU D 383 49.77 -40.49 -73.20
CA LEU D 383 50.40 -41.13 -74.36
C LEU D 383 51.91 -40.96 -74.40
N SER D 384 52.65 -42.07 -74.33
CA SER D 384 54.10 -42.01 -74.33
C SER D 384 54.68 -42.56 -75.63
N LEU D 385 55.04 -41.67 -76.54
CA LEU D 385 55.53 -42.06 -77.86
C LEU D 385 56.72 -41.22 -78.28
N ASP D 386 57.46 -41.74 -79.26
CA ASP D 386 58.62 -41.04 -79.78
C ASP D 386 58.89 -41.40 -81.25
N GLN D 387 58.87 -42.70 -81.54
CA GLN D 387 59.11 -43.19 -82.89
C GLN D 387 57.97 -44.08 -83.31
N ASP D 388 57.37 -44.73 -82.32
CA ASP D 388 56.29 -45.67 -82.55
C ASP D 388 55.11 -45.00 -83.22
N GLU D 389 54.67 -45.56 -84.35
CA GLU D 389 53.40 -45.20 -84.95
C GLU D 389 52.32 -45.93 -84.14
N SER D 390 52.77 -46.78 -83.22
CA SER D 390 51.92 -47.49 -82.28
C SER D 390 51.24 -46.53 -81.31
N PHE D 391 50.43 -47.07 -80.41
CA PHE D 391 49.64 -46.26 -79.49
C PHE D 391 49.90 -46.69 -78.05
N SER D 392 50.84 -46.04 -77.40
CA SER D 392 51.16 -46.36 -76.01
C SER D 392 50.45 -45.41 -75.04
N CYS D 393 49.30 -45.84 -74.51
CA CYS D 393 48.49 -44.97 -73.65
C CYS D 393 48.11 -45.58 -72.32
N VAL D 394 48.67 -45.04 -71.23
CA VAL D 394 48.22 -45.36 -69.89
C VAL D 394 46.91 -44.63 -69.66
N TRP D 395 46.02 -45.22 -68.88
CA TRP D 395 44.74 -44.61 -68.59
C TRP D 395 44.52 -44.53 -67.08
N SER D 396 43.96 -43.42 -66.61
CA SER D 396 43.57 -43.33 -65.21
C SER D 396 42.06 -43.21 -65.11
N HIS D 397 41.47 -43.80 -64.08
CA HIS D 397 40.01 -43.83 -63.91
C HIS D 397 39.58 -43.16 -62.59
N SER D 398 38.34 -42.67 -62.54
CA SER D 398 37.82 -42.00 -61.35
C SER D 398 36.38 -42.38 -61.05
N LEU D 399 36.03 -42.39 -59.77
CA LEU D 399 34.67 -42.69 -59.39
C LEU D 399 34.14 -41.63 -58.47
N ASP D 400 32.96 -41.12 -58.82
CA ASP D 400 32.26 -40.19 -57.96
C ASP D 400 30.96 -40.86 -57.56
N LYS D 407 22.11 -43.46 -41.80
CA LYS D 407 21.00 -44.21 -41.23
C LYS D 407 21.30 -44.99 -39.94
N THR D 408 22.52 -45.52 -39.80
CA THR D 408 22.82 -46.39 -38.65
C THR D 408 23.42 -45.68 -37.44
N PHE D 409 24.23 -44.66 -37.70
CA PHE D 409 24.89 -43.90 -36.64
C PHE D 409 23.90 -43.10 -35.81
N PHE D 410 22.64 -43.13 -36.24
CA PHE D 410 21.61 -42.30 -35.63
C PHE D 410 21.08 -42.93 -34.36
N ASP D 411 21.05 -44.25 -34.34
CA ASP D 411 20.36 -45.00 -33.29
C ASP D 411 20.94 -44.80 -31.88
N VAL D 412 22.26 -44.88 -31.73
CA VAL D 412 22.86 -44.89 -30.40
C VAL D 412 23.60 -43.60 -30.01
N PRO D 413 23.00 -42.80 -29.12
CA PRO D 413 23.67 -41.62 -28.55
C PRO D 413 23.79 -41.79 -27.05
N THR D 414 23.94 -43.01 -26.59
CA THR D 414 23.83 -43.31 -25.17
C THR D 414 25.04 -42.87 -24.33
N ASN D 415 26.24 -42.93 -24.90
CA ASN D 415 27.44 -42.57 -24.14
C ASN D 415 27.76 -41.09 -24.12
N MET D 416 28.29 -40.63 -22.99
CA MET D 416 28.60 -39.21 -22.84
C MET D 416 30.01 -38.89 -23.29
N SER D 417 30.63 -39.84 -23.99
CA SER D 417 31.90 -39.57 -24.66
C SER D 417 31.64 -38.47 -25.68
N SER D 418 30.52 -38.60 -26.39
CA SER D 418 30.01 -37.56 -27.27
C SER D 418 28.50 -37.46 -27.05
N GLY D 419 28.11 -36.93 -25.89
CA GLY D 419 26.75 -37.02 -25.40
C GLY D 419 25.62 -36.30 -26.12
N ASP D 420 24.54 -36.08 -25.37
CA ASP D 420 23.26 -35.57 -25.87
C ASP D 420 22.82 -36.26 -27.15
N ILE D 421 22.24 -35.48 -28.05
CA ILE D 421 21.78 -35.99 -29.33
C ILE D 421 22.15 -35.02 -30.45
N SER D 422 21.51 -33.86 -30.46
CA SER D 422 21.65 -32.87 -31.53
C SER D 422 23.11 -32.51 -31.85
N GLU D 423 23.88 -32.20 -30.81
CA GLU D 423 25.30 -31.85 -30.98
C GLU D 423 26.02 -32.84 -31.86
N ILE D 424 25.74 -34.12 -31.64
CA ILE D 424 26.34 -35.19 -32.42
C ILE D 424 26.00 -35.05 -33.92
N TRP D 425 24.71 -34.84 -34.22
CA TRP D 425 24.27 -34.69 -35.61
C TRP D 425 24.92 -33.49 -36.28
N LEU D 426 24.92 -32.35 -35.58
CA LEU D 426 25.58 -31.16 -36.10
C LEU D 426 27.05 -31.48 -36.39
N GLN D 427 27.67 -32.21 -35.48
CA GLN D 427 29.05 -32.66 -35.66
C GLN D 427 29.18 -33.62 -36.85
N HIS D 428 28.08 -34.26 -37.25
CA HIS D 428 28.07 -35.10 -38.45
C HIS D 428 28.07 -34.21 -39.69
N ILE D 429 27.22 -33.17 -39.67
CA ILE D 429 27.15 -32.22 -40.78
C ILE D 429 28.49 -31.50 -40.96
N PHE D 430 29.19 -31.27 -39.86
CA PHE D 430 30.49 -30.62 -39.91
C PHE D 430 31.58 -31.62 -40.28
N ALA D 431 31.34 -32.89 -39.95
CA ALA D 431 32.27 -33.96 -40.33
C ALA D 431 32.25 -34.14 -41.84
N HIS D 432 31.07 -34.00 -42.43
CA HIS D 432 30.92 -34.02 -43.89
C HIS D 432 31.76 -32.91 -44.53
N ASN D 433 31.49 -31.65 -44.17
CA ASN D 433 32.32 -30.51 -44.59
C ASN D 433 32.54 -30.34 -46.10
N THR D 434 31.46 -30.28 -46.89
CA THR D 434 31.55 -30.16 -48.35
C THR D 434 30.31 -29.57 -49.04
N SER D 435 29.22 -29.45 -48.30
CA SER D 435 27.99 -28.88 -48.84
C SER D 435 27.67 -27.63 -48.04
N ILE D 436 27.20 -26.59 -48.70
CA ILE D 436 27.14 -25.29 -48.06
C ILE D 436 25.75 -24.65 -47.91
N GLU D 437 25.31 -23.96 -48.96
CA GLU D 437 24.15 -23.08 -48.86
C GLU D 437 22.86 -23.90 -48.91
N SER D 438 22.98 -25.13 -49.40
CA SER D 438 21.90 -26.10 -49.35
C SER D 438 21.36 -26.22 -47.92
N ILE D 439 22.28 -26.26 -46.96
CA ILE D 439 21.94 -26.32 -45.54
C ILE D 439 21.11 -25.11 -45.14
N GLN D 440 21.65 -23.92 -45.39
CA GLN D 440 20.94 -22.67 -45.13
C GLN D 440 19.50 -22.73 -45.65
N VAL D 441 19.37 -23.14 -46.92
CA VAL D 441 18.06 -23.31 -47.58
C VAL D 441 17.14 -24.21 -46.78
N ALA D 442 17.61 -25.42 -46.47
CA ALA D 442 16.83 -26.38 -45.67
C ALA D 442 16.38 -25.79 -44.33
N LEU D 443 17.31 -25.11 -43.65
CA LEU D 443 17.06 -24.48 -42.35
C LEU D 443 15.92 -23.46 -42.42
N LEU D 444 16.08 -22.43 -43.24
CA LEU D 444 15.07 -21.39 -43.34
C LEU D 444 13.90 -21.80 -44.25
N SER D 445 13.88 -23.06 -44.65
CA SER D 445 12.70 -23.63 -45.32
C SER D 445 11.86 -24.34 -44.28
N PHE D 446 12.53 -24.90 -43.28
CA PHE D 446 11.83 -25.56 -42.19
C PHE D 446 11.29 -24.58 -41.15
N GLN D 447 11.95 -23.42 -41.04
CA GLN D 447 11.56 -22.41 -40.06
C GLN D 447 10.36 -21.60 -40.54
N ASN D 448 9.98 -21.81 -41.80
CA ASN D 448 8.90 -21.04 -42.42
C ASN D 448 7.54 -21.26 -41.77
N VAL D 453 8.38 -17.48 -49.72
CA VAL D 453 9.82 -17.43 -49.99
C VAL D 453 10.32 -16.01 -50.25
N SER D 454 9.62 -15.29 -51.12
CA SER D 454 10.03 -13.96 -51.58
C SER D 454 10.56 -13.01 -50.50
N LYS D 455 10.00 -13.11 -49.30
CA LYS D 455 10.50 -12.32 -48.17
C LYS D 455 11.48 -13.14 -47.34
N ASN D 456 11.18 -14.43 -47.19
CA ASN D 456 12.04 -15.34 -46.45
C ASN D 456 13.38 -15.55 -47.17
N LYS D 457 13.37 -15.38 -48.48
CA LYS D 457 14.56 -15.51 -49.32
C LYS D 457 15.61 -14.48 -48.89
N LEU D 458 15.16 -13.24 -48.75
CA LEU D 458 16.03 -12.16 -48.29
C LEU D 458 16.55 -12.48 -46.89
N ASP D 459 15.72 -13.13 -46.09
CA ASP D 459 16.11 -13.57 -44.76
C ASP D 459 17.18 -14.67 -44.83
N LYS D 460 17.18 -15.43 -45.92
CA LYS D 460 18.21 -16.44 -46.15
C LYS D 460 19.53 -15.78 -46.49
N PHE D 461 19.47 -14.83 -47.42
CA PHE D 461 20.66 -14.10 -47.85
C PHE D 461 21.27 -13.40 -46.65
N GLY D 462 20.40 -12.94 -45.77
CA GLY D 462 20.80 -12.12 -44.64
C GLY D 462 21.77 -12.74 -43.65
N ALA D 463 21.59 -14.01 -43.33
CA ALA D 463 22.34 -14.65 -42.25
C ALA D 463 23.86 -14.55 -42.38
N LEU D 464 24.39 -15.02 -43.51
CA LEU D 464 25.82 -14.91 -43.81
C LEU D 464 26.75 -15.52 -42.77
N THR D 465 26.77 -14.94 -41.56
CA THR D 465 27.75 -15.27 -40.52
C THR D 465 27.62 -16.70 -40.01
N ILE D 466 28.74 -17.43 -40.01
CA ILE D 466 28.73 -18.89 -39.84
C ILE D 466 28.59 -19.41 -38.42
N SER D 467 29.32 -18.81 -37.49
CA SER D 467 29.33 -19.28 -36.12
C SER D 467 27.93 -19.28 -35.52
N GLU D 468 27.19 -18.21 -35.81
CA GLU D 468 25.85 -18.07 -35.30
C GLU D 468 24.88 -19.00 -36.03
N LEU D 469 25.23 -19.37 -37.26
CA LEU D 469 24.38 -20.24 -38.08
C LEU D 469 23.98 -21.50 -37.32
N LYS D 470 24.96 -22.12 -36.69
CA LYS D 470 24.78 -23.39 -35.98
C LYS D 470 23.81 -23.26 -34.83
N ASN D 471 23.94 -22.13 -34.14
CA ASN D 471 23.03 -21.79 -33.06
C ASN D 471 21.62 -21.63 -33.59
N ALA D 472 21.50 -20.98 -34.74
CA ALA D 472 20.22 -20.82 -35.40
C ALA D 472 19.63 -22.18 -35.82
N VAL D 473 20.51 -23.11 -36.21
CA VAL D 473 20.11 -24.46 -36.61
C VAL D 473 19.42 -25.12 -35.43
N LEU D 474 20.15 -25.21 -34.32
CA LEU D 474 19.57 -25.81 -33.13
C LEU D 474 18.31 -25.11 -32.60
N SER D 475 18.34 -23.78 -32.55
CA SER D 475 17.20 -22.97 -32.09
C SER D 475 15.94 -23.22 -32.92
N SER D 476 16.15 -23.42 -34.22
CA SER D 476 15.04 -23.78 -35.11
C SER D 476 14.57 -25.22 -34.85
N ILE D 477 15.53 -26.12 -34.63
CA ILE D 477 15.20 -27.54 -34.36
C ILE D 477 14.35 -27.77 -33.10
N VAL D 478 14.72 -27.14 -31.98
CA VAL D 478 14.00 -27.36 -30.72
C VAL D 478 12.59 -26.74 -30.72
N SER D 479 12.41 -25.68 -31.50
CA SER D 479 11.12 -24.98 -31.58
C SER D 479 10.12 -25.68 -32.49
N THR D 480 10.46 -26.89 -32.95
CA THR D 480 9.62 -27.63 -33.88
C THR D 480 9.15 -28.97 -33.32
N ILE D 481 9.89 -29.50 -32.36
CA ILE D 481 9.62 -30.83 -31.83
C ILE D 481 9.02 -30.81 -30.44
N GLN D 482 7.71 -30.88 -30.37
CA GLN D 482 6.99 -30.85 -29.10
C GLN D 482 7.35 -32.05 -28.25
N ILE D 483 7.67 -31.79 -26.99
CA ILE D 483 8.00 -32.85 -26.05
C ILE D 483 6.77 -33.30 -25.28
N GLU D 484 6.27 -34.48 -25.61
CA GLU D 484 5.08 -35.03 -24.96
C GLU D 484 5.43 -35.73 -23.65
N PRO D 485 4.74 -35.33 -22.56
CA PRO D 485 4.97 -35.89 -21.21
C PRO D 485 4.58 -37.37 -21.09
N ASN D 486 5.17 -38.06 -20.11
CA ASN D 486 4.93 -39.49 -19.88
C ASN D 486 3.62 -39.75 -19.14
N SER D 487 3.05 -38.68 -18.58
CA SER D 487 1.77 -38.74 -17.86
C SER D 487 1.81 -39.61 -16.60
N ASP D 488 3.01 -39.87 -16.09
CA ASP D 488 3.15 -40.58 -14.83
C ASP D 488 2.86 -39.64 -13.65
N LEU D 489 3.71 -38.63 -13.47
CA LEU D 489 3.46 -37.56 -12.48
C LEU D 489 4.32 -36.34 -12.79
N THR D 490 3.79 -35.46 -13.63
CA THR D 490 4.51 -34.27 -14.09
C THR D 490 5.88 -34.62 -14.66
N GLY D 491 5.98 -35.81 -15.26
CA GLY D 491 7.22 -36.27 -15.86
C GLY D 491 7.11 -36.23 -17.38
N TYR D 492 8.22 -36.45 -18.06
CA TYR D 492 8.21 -36.36 -19.52
C TYR D 492 8.77 -37.61 -20.20
N ASP D 493 8.25 -37.89 -21.40
CA ASP D 493 8.64 -39.09 -22.14
C ASP D 493 9.80 -38.80 -23.09
N TYR D 494 11.02 -38.99 -22.59
CA TYR D 494 12.23 -38.77 -23.39
C TYR D 494 12.34 -39.80 -24.52
N TYR D 495 11.68 -40.94 -24.35
CA TYR D 495 11.71 -42.01 -25.33
C TYR D 495 11.01 -41.62 -26.64
N GLU D 496 10.17 -40.60 -26.56
CA GLU D 496 9.51 -40.09 -27.75
C GLU D 496 10.38 -39.01 -28.39
N TYR D 497 11.03 -38.22 -27.55
CA TYR D 497 12.00 -37.21 -27.96
C TYR D 497 13.12 -37.92 -28.73
N LYS D 498 13.35 -39.16 -28.34
CA LYS D 498 14.26 -40.08 -29.01
C LYS D 498 13.99 -40.19 -30.52
N ARG D 499 12.95 -40.93 -30.89
CA ARG D 499 12.56 -41.09 -32.29
C ARG D 499 12.35 -39.75 -32.99
N LEU D 500 11.65 -38.85 -32.31
CA LEU D 500 11.35 -37.51 -32.82
C LEU D 500 12.59 -36.83 -33.35
N LEU D 501 13.59 -36.69 -32.48
CA LEU D 501 14.85 -36.04 -32.84
C LEU D 501 15.61 -36.80 -33.93
N TYR D 502 15.74 -38.12 -33.76
CA TYR D 502 16.52 -38.92 -34.71
C TYR D 502 15.99 -38.75 -36.13
N ASN D 503 14.73 -39.08 -36.31
CA ASN D 503 14.12 -38.96 -37.63
C ASN D 503 13.96 -37.52 -38.09
N GLU D 504 13.96 -36.57 -37.16
CA GLU D 504 13.94 -35.16 -37.52
C GLU D 504 15.22 -34.78 -38.26
N TRP D 505 16.36 -34.89 -37.57
CA TRP D 505 17.63 -34.54 -38.19
C TRP D 505 17.97 -35.48 -39.35
N GLU D 506 17.41 -36.68 -39.32
CA GLU D 506 17.54 -37.60 -40.43
C GLU D 506 16.86 -37.03 -41.67
N ARG D 507 15.60 -36.63 -41.53
CA ARG D 507 14.84 -36.01 -42.61
C ARG D 507 15.55 -34.75 -43.12
N PHE D 508 16.01 -33.93 -42.17
CA PHE D 508 16.76 -32.71 -42.52
C PHE D 508 17.96 -33.03 -43.40
N ALA D 509 18.89 -33.83 -42.87
CA ALA D 509 20.11 -34.19 -43.60
C ALA D 509 19.83 -34.96 -44.89
N LYS D 510 18.65 -35.56 -44.99
CA LYS D 510 18.21 -36.22 -46.21
C LYS D 510 17.83 -35.18 -47.27
N LEU D 511 17.17 -34.12 -46.83
CA LEU D 511 16.88 -32.98 -47.72
C LEU D 511 18.18 -32.25 -48.07
N VAL D 512 19.15 -32.32 -47.16
CA VAL D 512 20.48 -31.79 -47.40
C VAL D 512 21.15 -32.54 -48.54
N ALA D 513 21.21 -33.86 -48.41
CA ALA D 513 21.75 -34.70 -49.48
C ALA D 513 20.97 -34.52 -50.79
N TYR D 514 19.67 -34.20 -50.69
CA TYR D 514 18.86 -33.92 -51.88
C TYR D 514 19.17 -32.56 -52.51
N LEU D 515 19.65 -31.60 -51.71
CA LEU D 515 20.05 -30.31 -52.24
C LEU D 515 21.51 -30.37 -52.69
N ASP D 516 22.09 -31.56 -52.59
CA ASP D 516 23.37 -31.86 -53.23
C ASP D 516 23.28 -33.15 -54.05
N HIS D 517 22.05 -33.61 -54.28
CA HIS D 517 21.77 -34.60 -55.33
C HIS D 517 21.10 -33.79 -56.42
N PHE D 518 21.09 -32.48 -56.21
CA PHE D 518 20.55 -31.51 -57.16
C PHE D 518 21.58 -30.42 -57.45
N GLY D 519 22.53 -30.25 -56.54
CA GLY D 519 23.52 -29.20 -56.65
C GLY D 519 24.89 -29.64 -57.16
N ASP D 520 25.44 -30.70 -56.57
CA ASP D 520 26.77 -31.21 -56.92
C ASP D 520 26.82 -31.63 -58.40
N GLU D 521 27.39 -30.77 -59.24
CA GLU D 521 27.37 -30.97 -60.69
C GLU D 521 28.65 -30.45 -61.33
N ILE D 522 29.13 -31.10 -62.38
CA ILE D 522 30.35 -30.66 -63.05
C ILE D 522 30.08 -30.15 -64.47
N LEU D 523 30.94 -29.26 -64.96
CA LEU D 523 30.70 -28.58 -66.22
C LEU D 523 31.94 -28.36 -67.08
N SER D 524 33.08 -28.05 -66.47
CA SER D 524 34.30 -27.76 -67.23
C SER D 524 35.61 -28.08 -66.52
N ILE D 525 36.71 -28.06 -67.29
CA ILE D 525 38.05 -28.19 -66.75
C ILE D 525 39.02 -27.24 -67.46
N ASN D 526 39.89 -26.62 -66.69
CA ASN D 526 40.81 -25.63 -67.24
C ASN D 526 42.20 -25.75 -66.62
N PHE D 527 43.20 -26.09 -67.45
CA PHE D 527 44.56 -26.22 -66.95
C PHE D 527 45.30 -24.88 -66.85
N ASP D 528 46.26 -24.80 -65.92
CA ASP D 528 47.02 -23.58 -65.71
C ASP D 528 48.51 -23.86 -65.86
N PRO D 529 49.20 -23.06 -66.69
CA PRO D 529 50.62 -23.21 -67.01
C PRO D 529 51.54 -22.78 -65.86
N SER D 530 51.18 -21.69 -65.19
CA SER D 530 52.00 -21.14 -64.13
C SER D 530 52.06 -22.10 -62.97
N ASN D 531 50.97 -22.81 -62.73
CA ASN D 531 50.94 -23.76 -61.63
C ASN D 531 51.18 -25.18 -62.13
N ALA D 532 50.89 -25.42 -63.41
CA ALA D 532 50.92 -26.77 -64.00
C ALA D 532 50.17 -27.80 -63.14
N VAL D 533 48.87 -27.57 -62.94
CA VAL D 533 48.01 -28.39 -62.06
C VAL D 533 46.67 -28.85 -62.71
N THR D 534 46.18 -30.01 -62.29
CA THR D 534 44.95 -30.60 -62.85
C THR D 534 43.68 -29.99 -62.26
N TYR D 535 43.40 -28.75 -62.64
CA TYR D 535 42.23 -28.05 -62.13
C TYR D 535 40.95 -28.75 -62.58
N ILE D 536 39.85 -28.41 -61.92
CA ILE D 536 38.57 -29.04 -62.20
C ILE D 536 37.45 -28.10 -61.75
N ASN D 537 36.34 -28.09 -62.49
CA ASN D 537 35.23 -27.22 -62.16
C ASN D 537 33.93 -27.96 -61.90
N TYR D 538 33.52 -28.01 -60.63
CA TYR D 538 32.18 -28.48 -60.30
C TYR D 538 31.34 -27.26 -59.96
N ALA D 539 30.03 -27.37 -60.14
CA ALA D 539 29.11 -26.27 -59.86
C ALA D 539 29.12 -25.89 -58.38
N ASN D 540 29.48 -24.64 -58.09
CA ASN D 540 29.46 -24.12 -56.72
C ASN D 540 30.32 -24.92 -55.74
N LYS D 541 31.21 -25.74 -56.28
CA LYS D 541 32.10 -26.57 -55.46
C LYS D 541 33.39 -26.85 -56.22
N VAL D 542 34.37 -25.95 -56.12
CA VAL D 542 35.66 -26.18 -56.74
C VAL D 542 36.32 -27.43 -56.19
N ALA D 543 37.12 -28.08 -57.02
CA ALA D 543 37.75 -29.32 -56.61
C ALA D 543 39.11 -29.52 -57.25
N PHE D 544 39.78 -30.61 -56.88
CA PHE D 544 41.08 -30.91 -57.45
C PHE D 544 41.31 -32.39 -57.72
N ILE D 545 42.15 -32.68 -58.71
CA ILE D 545 42.47 -34.06 -59.11
C ILE D 545 43.80 -34.53 -58.51
N ARG D 546 43.81 -35.70 -57.88
CA ARG D 546 45.05 -36.22 -57.29
C ARG D 546 45.22 -37.75 -57.41
N ASP D 547 46.48 -38.17 -57.54
CA ASP D 547 46.83 -39.58 -57.65
C ASP D 547 46.57 -40.33 -56.35
N PRO D 548 46.32 -41.64 -56.42
CA PRO D 548 46.09 -42.40 -55.19
C PRO D 548 47.33 -42.46 -54.30
N TYR D 549 47.13 -42.30 -53.00
CA TYR D 549 48.19 -42.48 -52.01
C TYR D 549 48.14 -43.92 -51.47
N LEU D 550 49.22 -44.36 -50.86
CA LEU D 550 49.34 -45.75 -50.41
C LEU D 550 48.18 -46.18 -49.51
N ILE D 551 47.82 -45.31 -48.56
CA ILE D 551 46.74 -45.55 -47.60
C ILE D 551 45.41 -45.75 -48.30
N GLU D 552 45.16 -44.95 -49.33
CA GLU D 552 43.94 -45.06 -50.12
C GLU D 552 43.86 -46.39 -50.86
N SER D 553 44.94 -46.72 -51.58
CA SER D 553 45.00 -47.95 -52.35
C SER D 553 44.80 -49.16 -51.46
N PHE D 554 45.28 -49.07 -50.22
CA PHE D 554 45.10 -50.18 -49.28
C PHE D 554 43.84 -50.07 -48.43
N ASP D 555 43.11 -48.97 -48.55
CA ASP D 555 41.84 -48.80 -47.85
C ASP D 555 40.69 -49.15 -48.79
N GLU D 556 41.02 -49.27 -50.07
CA GLU D 556 40.06 -49.73 -51.08
C GLU D 556 39.75 -51.20 -50.88
N GLU D 557 40.59 -51.87 -50.07
CA GLU D 557 40.56 -53.32 -49.90
C GLU D 557 40.57 -54.07 -51.23
N PRO D 558 41.63 -53.89 -52.04
CA PRO D 558 41.66 -54.51 -53.36
C PRO D 558 42.30 -55.90 -53.31
N GLY D 576 52.69 -59.62 -45.84
CA GLY D 576 51.82 -59.43 -44.70
C GLY D 576 50.74 -58.42 -44.98
N TYR D 577 50.03 -58.60 -46.10
CA TYR D 577 49.04 -57.65 -46.58
C TYR D 577 47.62 -58.17 -46.43
N GLN D 578 47.46 -59.48 -46.60
CA GLN D 578 46.16 -60.14 -46.46
C GLN D 578 45.64 -59.96 -45.03
N ILE D 579 46.57 -59.87 -44.09
CA ILE D 579 46.26 -59.65 -42.68
C ILE D 579 45.69 -58.25 -42.47
N LEU D 580 46.30 -57.30 -43.15
CA LEU D 580 45.86 -55.92 -43.10
C LEU D 580 44.48 -55.73 -43.75
N ASP D 581 44.22 -56.47 -44.83
CA ASP D 581 42.96 -56.38 -45.58
C ASP D 581 41.81 -57.07 -44.86
N LEU D 582 41.95 -58.39 -44.67
CA LEU D 582 40.98 -59.16 -43.89
C LEU D 582 40.77 -58.46 -42.56
N GLY D 583 41.85 -57.95 -42.01
CA GLY D 583 41.79 -57.16 -40.82
C GLY D 583 40.93 -55.91 -40.96
N ARG D 584 41.07 -55.19 -42.06
CA ARG D 584 40.26 -53.99 -42.27
C ARG D 584 38.80 -54.38 -42.27
N SER D 585 38.51 -55.54 -42.87
CA SER D 585 37.18 -56.10 -42.78
C SER D 585 36.82 -56.32 -41.31
N LEU D 586 37.78 -56.82 -40.53
CA LEU D 586 37.55 -57.14 -39.13
C LEU D 586 37.33 -55.90 -38.26
N HIS D 587 37.78 -54.75 -38.74
CA HIS D 587 37.57 -53.52 -37.99
C HIS D 587 36.31 -52.79 -38.44
N SER D 588 35.99 -52.91 -39.73
CA SER D 588 34.71 -52.42 -40.22
C SER D 588 33.58 -53.23 -39.60
N CYS D 589 33.94 -54.37 -39.00
CA CYS D 589 33.01 -55.23 -38.25
C CYS D 589 32.53 -54.58 -36.95
N MET D 590 33.25 -53.56 -36.47
CA MET D 590 32.92 -52.94 -35.18
C MET D 590 31.82 -51.89 -35.25
N SER D 591 30.98 -51.86 -34.21
CA SER D 591 29.83 -50.97 -34.19
C SER D 591 30.24 -49.53 -33.91
N PHE D 592 29.23 -48.67 -33.77
CA PHE D 592 29.44 -47.24 -33.66
C PHE D 592 29.65 -46.84 -32.22
N SER D 593 28.80 -47.36 -31.36
CA SER D 593 28.96 -47.17 -29.93
C SER D 593 30.27 -47.81 -29.49
N THR D 594 30.63 -48.92 -30.13
CA THR D 594 31.90 -49.59 -29.87
C THR D 594 33.09 -48.67 -30.17
N LEU D 595 33.05 -48.02 -31.32
CA LEU D 595 34.11 -47.08 -31.68
C LEU D 595 34.04 -45.79 -30.88
N SER D 596 32.89 -45.54 -30.28
CA SER D 596 32.74 -44.44 -29.34
C SER D 596 33.54 -44.77 -28.08
N GLU D 597 33.40 -46.02 -27.63
CA GLU D 597 34.17 -46.51 -26.49
C GLU D 597 35.68 -46.51 -26.77
N ILE D 598 36.07 -47.02 -27.94
CA ILE D 598 37.47 -47.09 -28.35
C ILE D 598 38.08 -45.68 -28.43
N ARG D 599 37.34 -44.75 -29.02
CA ARG D 599 37.79 -43.36 -29.10
C ARG D 599 37.93 -42.69 -27.73
N TYR D 600 36.92 -42.81 -26.87
CA TYR D 600 37.00 -42.23 -25.53
C TYR D 600 38.10 -42.88 -24.68
N SER D 601 38.38 -44.15 -24.93
CA SER D 601 39.42 -44.87 -24.20
C SER D 601 40.82 -44.46 -24.67
N LEU D 602 40.98 -44.31 -25.98
CA LEU D 602 42.26 -43.88 -26.53
C LEU D 602 42.47 -42.40 -26.29
N ARG D 603 41.36 -41.69 -26.14
CA ARG D 603 41.36 -40.31 -25.67
C ARG D 603 41.87 -40.29 -24.23
N GLU D 604 41.72 -41.44 -23.56
CA GLU D 604 42.22 -41.62 -22.20
C GLU D 604 43.57 -42.34 -22.23
N LEU D 605 44.09 -42.58 -23.43
CA LEU D 605 45.40 -43.22 -23.62
C LEU D 605 46.45 -42.24 -24.12
N VAL D 606 46.21 -40.95 -23.86
CA VAL D 606 47.11 -39.90 -24.31
C VAL D 606 47.98 -39.40 -23.16
N GLN D 607 47.34 -39.00 -22.06
CA GLN D 607 48.04 -38.41 -20.92
C GLN D 607 48.23 -39.41 -19.78
N ASP D 608 47.17 -40.16 -19.47
CA ASP D 608 47.15 -41.02 -18.28
C ASP D 608 47.88 -42.34 -18.46
N LEU D 609 47.85 -42.87 -19.69
CA LEU D 609 48.49 -44.16 -19.99
C LEU D 609 49.96 -44.29 -19.57
N PRO D 610 50.77 -43.22 -19.70
CA PRO D 610 52.17 -43.29 -19.24
C PRO D 610 52.39 -43.70 -17.78
N SER D 611 51.32 -43.95 -17.01
CA SER D 611 51.46 -44.21 -15.58
C SER D 611 51.50 -45.71 -15.21
N TYR D 612 50.69 -46.52 -15.87
CA TYR D 612 50.57 -47.94 -15.55
C TYR D 612 51.82 -48.72 -15.96
N SER D 613 51.84 -50.02 -15.66
CA SER D 613 52.90 -50.88 -16.14
C SER D 613 52.78 -51.01 -17.66
N LEU D 614 53.87 -50.70 -18.36
CA LEU D 614 53.85 -50.51 -19.81
C LEU D 614 53.21 -51.65 -20.61
N PHE D 615 53.62 -52.89 -20.33
CA PHE D 615 53.34 -53.99 -21.24
C PHE D 615 52.32 -55.01 -20.74
N ASP D 616 51.44 -54.59 -19.83
CA ASP D 616 50.41 -55.47 -19.31
C ASP D 616 49.02 -55.08 -19.80
N THR D 617 48.88 -53.83 -20.22
CA THR D 617 47.60 -53.33 -20.72
C THR D 617 47.25 -53.97 -22.06
N LEU D 618 48.22 -54.66 -22.65
CA LEU D 618 48.04 -55.37 -23.90
C LEU D 618 46.85 -56.32 -23.83
N TRP D 619 46.91 -57.25 -22.90
CA TRP D 619 45.83 -58.21 -22.70
C TRP D 619 44.54 -57.51 -22.28
N VAL D 620 44.69 -56.41 -21.54
CA VAL D 620 43.56 -55.63 -21.02
C VAL D 620 42.74 -55.03 -22.15
N PHE D 621 43.40 -54.65 -23.25
CA PHE D 621 42.70 -54.05 -24.37
C PHE D 621 41.80 -55.05 -25.09
N TYR D 622 42.29 -56.28 -25.25
CA TYR D 622 41.46 -57.35 -25.79
C TYR D 622 40.37 -57.69 -24.78
N ASP D 623 40.69 -57.50 -23.50
CA ASP D 623 39.71 -57.71 -22.43
C ASP D 623 38.60 -56.66 -22.54
N LYS D 624 38.90 -55.57 -23.24
CA LYS D 624 37.89 -54.55 -23.57
C LYS D 624 37.31 -54.82 -24.94
N HIS D 625 37.78 -55.88 -25.59
CA HIS D 625 37.30 -56.25 -26.92
C HIS D 625 36.45 -57.51 -26.94
N ILE D 626 36.26 -58.13 -25.78
CA ILE D 626 35.34 -59.27 -25.65
C ILE D 626 33.91 -58.74 -25.53
N TYR D 627 33.78 -57.50 -25.07
CA TYR D 627 32.47 -56.84 -24.95
C TYR D 627 31.70 -56.72 -26.27
N PRO D 628 32.36 -56.30 -27.36
CA PRO D 628 31.64 -56.36 -28.64
C PRO D 628 31.36 -57.81 -29.08
N ASN D 629 30.82 -58.00 -30.28
CA ASN D 629 30.50 -59.33 -30.79
C ASN D 629 31.68 -60.28 -30.71
N VAL D 630 32.55 -60.21 -31.70
CA VAL D 630 33.80 -60.97 -31.71
C VAL D 630 33.57 -62.43 -31.34
N ASP D 631 32.81 -63.12 -32.18
CA ASP D 631 32.49 -64.54 -31.96
C ASP D 631 33.77 -65.33 -31.83
N PRO D 632 33.87 -66.20 -30.81
CA PRO D 632 35.01 -67.11 -30.64
C PRO D 632 35.34 -67.85 -31.93
N ASP D 633 34.33 -68.07 -32.77
CA ASP D 633 34.52 -68.63 -34.10
C ASP D 633 35.41 -67.70 -34.95
N TYR D 634 35.10 -66.41 -34.94
CA TYR D 634 35.90 -65.42 -35.66
C TYR D 634 37.33 -65.35 -35.12
N ILE D 635 37.42 -65.20 -33.79
CA ILE D 635 38.71 -65.13 -33.10
C ILE D 635 39.58 -66.30 -33.51
N SER D 636 39.12 -67.51 -33.24
CA SER D 636 39.87 -68.72 -33.57
C SER D 636 40.16 -68.84 -35.06
N THR D 637 39.21 -68.38 -35.89
CA THR D 637 39.40 -68.38 -37.34
C THR D 637 40.62 -67.56 -37.69
N LEU D 638 40.83 -66.49 -36.93
CA LEU D 638 42.02 -65.68 -37.13
C LEU D 638 43.26 -66.31 -36.48
N ILE D 639 43.08 -66.84 -35.27
CA ILE D 639 44.16 -67.47 -34.51
C ILE D 639 44.86 -68.54 -35.33
N ASP D 640 44.07 -69.33 -36.06
CA ASP D 640 44.60 -70.37 -36.93
C ASP D 640 45.53 -69.79 -37.98
N THR D 641 45.20 -68.59 -38.46
CA THR D 641 46.06 -67.89 -39.39
C THR D 641 47.34 -67.43 -38.66
N LEU D 642 47.17 -66.99 -37.42
CA LEU D 642 48.29 -66.47 -36.63
C LEU D 642 49.37 -67.50 -36.33
N VAL D 643 48.94 -68.72 -36.00
CA VAL D 643 49.90 -69.78 -35.72
C VAL D 643 50.63 -70.18 -36.99
N SER D 644 49.97 -69.98 -38.13
CA SER D 644 50.56 -70.29 -39.43
C SER D 644 51.46 -69.16 -39.94
N LEU D 645 51.66 -68.15 -39.09
CA LEU D 645 52.54 -67.04 -39.43
C LEU D 645 54.00 -67.43 -39.23
N GLU D 646 54.76 -67.48 -40.33
CA GLU D 646 56.16 -67.92 -40.33
C GLU D 646 57.00 -67.14 -39.32
N ASN D 647 56.98 -65.82 -39.43
CA ASN D 647 57.62 -64.94 -38.45
C ASN D 647 57.14 -63.50 -38.63
N PRO D 648 55.95 -63.19 -38.10
CA PRO D 648 55.17 -61.97 -38.33
C PRO D 648 55.88 -60.62 -38.11
N MET D 649 56.45 -60.42 -36.92
CA MET D 649 56.95 -59.10 -36.52
C MET D 649 58.02 -58.53 -37.46
N ARG D 650 58.99 -59.37 -37.83
CA ARG D 650 60.10 -58.93 -38.68
C ARG D 650 59.65 -58.46 -40.06
N ASP D 651 58.55 -59.02 -40.56
CA ASP D 651 57.97 -58.57 -41.83
C ASP D 651 57.15 -57.30 -41.65
N ILE D 652 56.19 -57.34 -40.72
CA ILE D 652 55.32 -56.20 -40.49
C ILE D 652 56.08 -54.91 -40.19
N ASP D 653 57.05 -54.96 -39.27
CA ASP D 653 57.74 -53.75 -38.84
C ASP D 653 58.50 -53.03 -39.97
N SER D 654 59.23 -53.80 -40.77
CA SER D 654 59.98 -53.23 -41.88
C SER D 654 59.06 -52.80 -43.01
N LEU D 655 58.20 -53.73 -43.45
CA LEU D 655 57.25 -53.47 -44.52
C LEU D 655 56.39 -52.23 -44.23
N ILE D 656 56.17 -51.93 -42.94
CA ILE D 656 55.45 -50.72 -42.54
C ILE D 656 56.40 -49.52 -42.38
N GLN D 657 57.65 -49.79 -42.02
CA GLN D 657 58.66 -48.72 -41.92
C GLN D 657 58.94 -48.08 -43.27
N ARG D 658 58.75 -48.83 -44.34
CA ARG D 658 59.05 -48.34 -45.69
C ARG D 658 58.09 -47.28 -46.21
N LEU D 659 56.95 -47.09 -45.55
CA LEU D 659 55.92 -46.19 -46.06
C LEU D 659 56.35 -44.72 -45.97
N ARG D 660 57.41 -44.47 -45.21
CA ARG D 660 57.89 -43.12 -44.97
C ARG D 660 58.61 -42.55 -46.18
N ASN D 666 61.41 -28.28 -47.75
CA ASN D 666 60.46 -27.86 -46.73
C ASN D 666 60.38 -26.35 -46.66
N HIS D 667 61.28 -25.67 -47.37
CA HIS D 667 61.30 -24.22 -47.36
C HIS D 667 60.09 -23.64 -48.11
N SER D 668 59.53 -22.58 -47.54
CA SER D 668 58.26 -22.06 -48.02
C SER D 668 58.35 -20.64 -48.53
N ALA D 669 57.56 -20.35 -49.54
CA ALA D 669 57.35 -18.98 -49.98
C ALA D 669 56.06 -18.50 -49.35
N GLN D 670 55.77 -17.21 -49.51
CA GLN D 670 54.54 -16.65 -48.98
C GLN D 670 53.35 -17.30 -49.69
N SER D 671 52.43 -17.85 -48.89
CA SER D 671 51.39 -18.75 -49.41
C SER D 671 49.98 -18.15 -49.41
N PRO D 672 49.15 -18.56 -50.38
CA PRO D 672 47.75 -18.17 -50.48
C PRO D 672 46.84 -19.03 -49.61
N SER D 673 45.54 -18.91 -49.81
CA SER D 673 44.57 -19.58 -48.94
C SER D 673 44.14 -20.95 -49.43
N LEU D 674 44.16 -21.16 -50.74
CA LEU D 674 43.74 -22.45 -51.27
C LEU D 674 44.65 -23.58 -50.78
N PHE D 675 45.94 -23.27 -50.62
CA PHE D 675 46.90 -24.20 -50.05
C PHE D 675 46.37 -24.75 -48.76
N LEU D 676 46.30 -23.86 -47.77
CA LEU D 676 45.80 -24.20 -46.45
C LEU D 676 44.49 -24.97 -46.51
N CYS D 677 43.40 -24.33 -46.94
CA CYS D 677 42.07 -24.95 -46.81
C CYS D 677 41.87 -26.27 -47.60
N ALA D 678 42.34 -26.31 -48.85
CA ALA D 678 42.23 -27.54 -49.63
C ALA D 678 43.05 -28.66 -48.99
N SER D 679 44.28 -28.33 -48.58
CA SER D 679 45.10 -29.29 -47.85
C SER D 679 44.42 -29.74 -46.56
N VAL D 680 43.58 -28.87 -46.00
CA VAL D 680 42.82 -29.16 -44.79
C VAL D 680 41.77 -30.24 -45.04
N ALA D 681 40.89 -30.01 -46.01
CA ALA D 681 39.88 -31.02 -46.35
C ALA D 681 40.52 -32.36 -46.76
N ARG D 682 41.44 -32.29 -47.72
CA ARG D 682 42.13 -33.48 -48.22
C ARG D 682 42.86 -34.29 -47.13
N VAL D 683 43.76 -33.64 -46.40
CA VAL D 683 44.48 -34.33 -45.31
C VAL D 683 43.55 -34.74 -44.16
N LEU D 684 42.37 -34.11 -44.05
CA LEU D 684 41.32 -34.57 -43.11
C LEU D 684 40.87 -35.96 -43.53
N ASP D 685 40.58 -36.11 -44.82
CA ASP D 685 40.28 -37.44 -45.37
C ASP D 685 41.42 -38.43 -45.06
N SER D 686 42.64 -38.02 -45.40
CA SER D 686 43.83 -38.84 -45.16
C SER D 686 44.01 -39.30 -43.72
N ILE D 687 43.64 -38.44 -42.78
CA ILE D 687 43.86 -38.67 -41.35
C ILE D 687 42.71 -39.47 -40.73
N LEU D 688 41.49 -39.29 -41.24
CA LEU D 688 40.39 -40.15 -40.82
C LEU D 688 40.66 -41.58 -41.29
N LYS D 689 41.13 -41.73 -42.53
CA LYS D 689 41.49 -43.05 -43.04
C LYS D 689 42.71 -43.63 -42.32
N LYS D 690 43.62 -42.74 -41.95
CA LYS D 690 44.77 -43.11 -41.12
C LYS D 690 44.29 -43.68 -39.78
N PHE D 691 43.30 -43.01 -39.19
CA PHE D 691 42.64 -43.45 -37.96
C PHE D 691 42.08 -44.86 -38.14
N GLN D 692 41.35 -45.06 -39.24
CA GLN D 692 40.84 -46.39 -39.59
C GLN D 692 41.96 -47.44 -39.57
N VAL D 693 42.94 -47.27 -40.45
CA VAL D 693 44.01 -48.26 -40.62
C VAL D 693 44.82 -48.55 -39.33
N SER D 694 45.11 -47.50 -38.57
CA SER D 694 45.88 -47.70 -37.33
C SER D 694 45.06 -48.43 -36.27
N ILE D 695 43.82 -47.96 -36.04
CA ILE D 695 42.89 -48.63 -35.11
C ILE D 695 42.78 -50.11 -35.47
N GLU D 696 42.67 -50.37 -36.77
CA GLU D 696 42.76 -51.72 -37.31
C GLU D 696 43.99 -52.44 -36.76
N GLY D 697 45.17 -51.96 -37.14
CA GLY D 697 46.44 -52.59 -36.76
C GLY D 697 46.58 -52.92 -35.29
N PHE D 698 46.11 -52.02 -34.43
CA PHE D 698 46.13 -52.28 -32.99
C PHE D 698 45.15 -53.35 -32.55
N ILE D 699 43.88 -53.16 -32.94
CA ILE D 699 42.82 -54.09 -32.57
C ILE D 699 43.20 -55.52 -32.97
N PHE D 700 43.88 -55.66 -34.11
CA PHE D 700 44.46 -56.95 -34.46
C PHE D 700 45.53 -57.30 -33.43
N LEU D 701 46.56 -56.45 -33.38
CA LEU D 701 47.74 -56.65 -32.51
C LEU D 701 47.44 -57.19 -31.12
N LEU D 702 46.22 -56.96 -30.62
CA LEU D 702 45.81 -57.52 -29.33
C LEU D 702 44.67 -58.55 -29.36
N SER D 703 43.95 -58.65 -30.48
CA SER D 703 43.00 -59.76 -30.66
C SER D 703 43.74 -61.06 -30.95
N LEU D 704 45.01 -60.90 -31.33
CA LEU D 704 45.87 -62.05 -31.55
C LEU D 704 46.47 -62.42 -30.21
N ILE D 705 47.31 -61.52 -29.72
CA ILE D 705 48.03 -61.69 -28.47
C ILE D 705 47.07 -61.56 -27.28
N THR D 706 46.21 -62.56 -27.14
CA THR D 706 45.28 -62.64 -26.01
C THR D 706 45.31 -64.02 -25.34
N SER D 707 44.72 -65.01 -26.00
CA SER D 707 44.69 -66.38 -25.48
C SER D 707 46.07 -67.01 -25.57
N GLN D 708 46.37 -67.91 -24.63
CA GLN D 708 47.68 -68.58 -24.53
C GLN D 708 48.80 -67.58 -24.22
N GLN D 709 48.71 -66.93 -23.06
CA GLN D 709 49.63 -65.85 -22.68
C GLN D 709 51.09 -66.28 -22.53
N ASP D 710 51.29 -67.52 -22.09
CA ASP D 710 52.64 -68.02 -21.84
C ASP D 710 53.44 -68.22 -23.13
N TYR D 711 52.75 -68.66 -24.18
CA TYR D 711 53.40 -68.88 -25.47
C TYR D 711 53.73 -67.55 -26.17
N GLU D 712 53.01 -66.50 -25.79
CA GLU D 712 53.28 -65.16 -26.28
C GLU D 712 54.60 -64.67 -25.71
N LEU D 713 54.84 -65.02 -24.45
CA LEU D 713 56.06 -64.62 -23.76
C LEU D 713 57.16 -65.65 -23.95
N GLN D 714 56.86 -66.71 -24.70
CA GLN D 714 57.84 -67.74 -25.02
C GLN D 714 58.91 -67.21 -25.97
N SER D 715 58.65 -66.03 -26.54
CA SER D 715 59.59 -65.35 -27.43
C SER D 715 59.98 -66.17 -28.66
N LYS D 716 59.11 -67.08 -29.08
CA LYS D 716 59.28 -67.71 -30.38
C LYS D 716 58.87 -66.70 -31.43
N PHE D 717 57.74 -66.06 -31.19
CA PHE D 717 57.39 -64.84 -31.91
C PHE D 717 58.35 -63.76 -31.41
N ALA D 718 58.76 -62.86 -32.30
CA ALA D 718 59.79 -61.88 -31.96
C ALA D 718 59.35 -60.83 -30.93
N GLY D 719 58.06 -60.84 -30.58
CA GLY D 719 57.53 -59.84 -29.67
C GLY D 719 57.19 -58.57 -30.42
N CYS D 720 56.44 -57.67 -29.80
CA CYS D 720 55.99 -56.48 -30.52
C CYS D 720 55.55 -55.34 -29.60
N ASP D 721 56.20 -55.19 -28.46
CA ASP D 721 55.79 -54.17 -27.50
C ASP D 721 56.29 -52.75 -27.85
N LYS D 722 57.58 -52.63 -28.20
CA LYS D 722 58.18 -51.33 -28.51
C LYS D 722 57.51 -50.63 -29.70
N LEU D 723 57.31 -51.38 -30.77
CA LEU D 723 56.66 -50.86 -31.97
C LEU D 723 55.18 -50.57 -31.74
N PHE D 724 54.58 -51.32 -30.81
CA PHE D 724 53.21 -51.05 -30.35
C PHE D 724 53.18 -49.66 -29.73
N LEU D 725 54.16 -49.37 -28.88
CA LEU D 725 54.31 -48.06 -28.26
C LEU D 725 54.43 -46.95 -29.30
N SER D 726 55.40 -47.10 -30.21
CA SER D 726 55.61 -46.13 -31.28
C SER D 726 54.34 -45.89 -32.12
N LEU D 727 53.63 -46.97 -32.43
CA LEU D 727 52.36 -46.87 -33.16
C LEU D 727 51.31 -46.10 -32.35
N LEU D 728 51.34 -46.26 -31.02
CA LEU D 728 50.41 -45.52 -30.16
C LEU D 728 50.74 -44.02 -30.18
N GLU D 729 52.04 -43.72 -30.23
CA GLU D 729 52.51 -42.36 -30.48
C GLU D 729 51.84 -41.81 -31.75
N ASP D 730 51.94 -42.61 -32.82
CA ASP D 730 51.25 -42.31 -34.07
C ASP D 730 49.76 -41.96 -33.91
N TRP D 731 49.00 -42.83 -33.22
CA TRP D 731 47.57 -42.54 -33.02
C TRP D 731 47.32 -41.26 -32.26
N ARG D 732 48.11 -41.05 -31.20
CA ARG D 732 47.98 -39.85 -30.39
C ARG D 732 48.03 -38.62 -31.29
N LEU D 733 49.09 -38.52 -32.09
CA LEU D 733 49.21 -37.38 -33.01
C LEU D 733 48.07 -37.29 -34.04
N VAL D 734 47.80 -38.40 -34.72
CA VAL D 734 46.77 -38.44 -35.78
C VAL D 734 45.40 -37.99 -35.27
N SER D 735 44.93 -38.60 -34.20
CA SER D 735 43.64 -38.24 -33.61
C SER D 735 43.69 -36.79 -33.11
N PHE D 736 44.85 -36.38 -32.61
CA PHE D 736 45.04 -35.00 -32.19
C PHE D 736 44.72 -34.04 -33.34
N LEU D 737 45.17 -34.39 -34.52
CA LEU D 737 44.86 -33.59 -35.71
C LEU D 737 43.39 -33.70 -36.14
N LEU D 738 42.85 -34.92 -36.04
CA LEU D 738 41.44 -35.17 -36.36
C LEU D 738 40.53 -34.27 -35.54
N GLU D 739 40.95 -33.91 -34.33
CA GLU D 739 40.22 -32.91 -33.54
C GLU D 739 40.70 -31.50 -33.90
N ASN D 740 41.92 -31.39 -34.41
CA ASN D 740 42.43 -30.10 -34.86
C ASN D 740 41.65 -29.46 -36.01
N SER D 741 41.04 -30.27 -36.89
CA SER D 741 40.28 -29.67 -38.00
C SER D 741 38.85 -29.24 -37.68
N ALA D 742 38.52 -29.15 -36.39
CA ALA D 742 37.14 -28.90 -35.97
C ALA D 742 36.95 -27.70 -35.05
N LEU D 743 37.92 -26.79 -35.01
CA LEU D 743 37.81 -25.60 -34.17
C LEU D 743 38.31 -24.34 -34.90
N LEU D 744 37.42 -23.73 -35.67
CA LEU D 744 37.76 -22.64 -36.59
C LEU D 744 37.93 -21.29 -35.90
N LEU D 745 38.12 -21.32 -34.59
CA LEU D 745 38.13 -20.10 -33.77
C LEU D 745 39.21 -19.08 -34.14
N GLU D 746 38.78 -17.88 -34.48
CA GLU D 746 39.68 -16.78 -34.78
C GLU D 746 39.04 -15.48 -34.35
N LYS D 747 39.85 -14.42 -34.26
CA LYS D 747 39.31 -13.08 -34.05
C LYS D 747 40.35 -12.00 -34.33
N PHE D 748 39.95 -10.98 -35.08
CA PHE D 748 40.84 -9.87 -35.38
C PHE D 748 40.45 -8.60 -34.65
N ASN D 761 52.62 -11.36 -45.30
CA ASN D 761 53.27 -12.67 -45.24
C ASN D 761 52.33 -13.76 -44.78
N THR D 762 52.88 -14.93 -44.47
CA THR D 762 52.09 -16.05 -44.00
C THR D 762 51.50 -15.73 -42.64
N MET D 763 52.04 -14.69 -42.00
CA MET D 763 51.52 -14.22 -40.73
C MET D 763 50.10 -13.70 -40.94
N GLU D 764 49.78 -13.38 -42.18
CA GLU D 764 48.45 -12.89 -42.51
C GLU D 764 47.59 -14.02 -43.05
N ALA D 765 48.24 -15.10 -43.46
CA ALA D 765 47.52 -16.34 -43.75
C ALA D 765 47.01 -16.82 -42.41
N LEU D 766 47.77 -16.48 -41.37
CA LEU D 766 47.35 -16.71 -40.01
C LEU D 766 46.20 -15.78 -39.62
N ALA D 767 45.77 -14.93 -40.55
CA ALA D 767 44.61 -14.06 -40.32
C ALA D 767 43.36 -14.48 -41.10
N SER D 768 43.48 -15.56 -41.89
CA SER D 768 42.32 -16.18 -42.55
C SER D 768 41.66 -17.21 -41.61
N VAL D 769 40.40 -16.94 -41.25
CA VAL D 769 39.70 -17.56 -40.12
C VAL D 769 39.83 -19.07 -39.89
N ASN D 770 39.72 -19.86 -40.97
CA ASN D 770 39.58 -21.31 -40.86
C ASN D 770 40.57 -22.02 -39.92
N THR D 771 40.19 -23.21 -39.48
CA THR D 771 40.95 -23.92 -38.47
C THR D 771 42.15 -24.65 -39.02
N ALA D 772 43.07 -24.98 -38.11
CA ALA D 772 44.18 -25.89 -38.40
C ALA D 772 45.09 -25.44 -39.52
N LEU D 773 44.69 -24.39 -40.23
CA LEU D 773 45.42 -23.86 -41.36
C LEU D 773 46.85 -23.60 -40.95
N GLN D 774 46.98 -23.07 -39.74
CA GLN D 774 48.29 -22.68 -39.21
C GLN D 774 49.34 -23.77 -39.30
N PHE D 775 48.91 -25.01 -39.11
CA PHE D 775 49.78 -26.16 -39.25
C PHE D 775 50.34 -26.23 -40.66
N PHE D 776 49.43 -26.16 -41.64
CA PHE D 776 49.80 -26.19 -43.06
C PHE D 776 50.71 -25.04 -43.43
N SER D 777 50.40 -23.84 -42.93
CA SER D 777 51.24 -22.68 -43.19
C SER D 777 52.63 -22.92 -42.60
N ALA D 778 52.66 -23.55 -41.44
CA ALA D 778 53.89 -23.85 -40.74
C ALA D 778 54.77 -24.79 -41.56
N LEU D 779 54.14 -25.72 -42.27
CA LEU D 779 54.94 -26.64 -43.08
C LEU D 779 54.66 -26.56 -44.60
N ASN D 780 54.97 -25.42 -45.22
CA ASN D 780 54.75 -25.22 -46.66
C ASN D 780 55.96 -25.50 -47.56
N ILE D 790 57.38 -31.81 -59.31
CA ILE D 790 56.16 -32.18 -58.63
C ILE D 790 55.38 -30.93 -58.21
N SER D 791 54.05 -31.00 -58.36
CA SER D 791 53.16 -29.91 -57.99
C SER D 791 53.43 -29.41 -56.57
N PRO D 792 53.23 -28.11 -56.34
CA PRO D 792 53.52 -27.54 -55.02
C PRO D 792 52.66 -28.16 -53.93
N LEU D 793 51.45 -28.59 -54.30
CA LEU D 793 50.54 -29.21 -53.35
C LEU D 793 51.13 -30.48 -52.72
N HIS D 794 51.40 -31.47 -53.57
CA HIS D 794 51.88 -32.78 -53.13
C HIS D 794 53.15 -32.63 -52.29
N ALA D 795 54.10 -31.84 -52.77
CA ALA D 795 55.36 -31.63 -52.06
C ALA D 795 55.17 -30.93 -50.72
N THR D 796 54.44 -29.82 -50.74
CA THR D 796 54.25 -29.03 -49.54
C THR D 796 53.52 -29.79 -48.42
N VAL D 797 52.46 -30.53 -48.75
CA VAL D 797 51.81 -31.33 -47.71
C VAL D 797 52.66 -32.56 -47.32
N ILE D 798 53.40 -33.08 -48.29
CA ILE D 798 54.37 -34.15 -48.03
C ILE D 798 55.32 -33.70 -46.92
N SER D 799 55.69 -32.43 -46.92
CA SER D 799 56.52 -31.88 -45.84
C SER D 799 55.84 -32.03 -44.48
N SER D 800 54.56 -31.67 -44.43
CA SER D 800 53.79 -31.73 -43.19
C SER D 800 53.74 -33.15 -42.66
N LEU D 801 53.17 -34.04 -43.46
CA LEU D 801 53.04 -35.45 -43.08
C LEU D 801 54.41 -36.08 -42.75
N SER D 802 55.45 -35.56 -43.39
CA SER D 802 56.81 -36.01 -43.11
C SER D 802 57.18 -35.63 -41.68
N ALA D 803 57.08 -34.34 -41.37
CA ALA D 803 57.30 -33.84 -40.02
C ALA D 803 56.50 -34.65 -38.99
N ILE D 804 55.28 -35.03 -39.34
CA ILE D 804 54.41 -35.86 -38.50
C ILE D 804 55.00 -37.24 -38.22
N PHE D 805 55.35 -37.95 -39.29
CA PHE D 805 55.93 -39.31 -39.18
C PHE D 805 57.20 -39.34 -38.33
N ILE D 806 57.94 -38.23 -38.31
CA ILE D 806 59.18 -38.15 -37.56
C ILE D 806 58.94 -38.32 -36.06
N ARG D 807 59.56 -39.34 -35.48
CA ARG D 807 59.37 -39.65 -34.08
C ARG D 807 60.53 -39.13 -33.23
N ASP D 808 61.47 -40.02 -32.92
CA ASP D 808 62.57 -39.68 -32.02
C ASP D 808 63.69 -38.85 -32.66
N ASP D 809 63.53 -38.50 -33.94
CA ASP D 809 64.52 -37.68 -34.63
C ASP D 809 64.30 -36.20 -34.36
N THR D 810 63.04 -35.79 -34.32
CA THR D 810 62.68 -34.41 -34.04
C THR D 810 62.87 -34.06 -32.56
N GLU D 811 62.67 -35.05 -31.69
CA GLU D 811 62.89 -34.91 -30.25
C GLU D 811 61.97 -33.90 -29.56
N ASN D 812 60.84 -33.60 -30.20
CA ASN D 812 59.81 -32.75 -29.63
C ASN D 812 58.45 -33.14 -30.19
N ASP D 813 57.45 -33.26 -29.32
CA ASP D 813 56.11 -33.64 -29.77
C ASP D 813 55.50 -32.58 -30.68
N LEU D 814 54.96 -33.02 -31.82
CA LEU D 814 54.37 -32.12 -32.81
C LEU D 814 53.20 -31.33 -32.24
N VAL D 815 52.43 -31.97 -31.37
CA VAL D 815 51.33 -31.30 -30.67
C VAL D 815 51.84 -30.11 -29.85
N THR D 816 52.91 -30.34 -29.11
CA THR D 816 53.53 -29.32 -28.27
C THR D 816 53.95 -28.09 -29.08
N GLU D 817 54.70 -28.32 -30.15
CA GLU D 817 55.13 -27.22 -31.02
C GLU D 817 53.94 -26.51 -31.65
N LEU D 818 52.97 -27.29 -32.10
CA LEU D 818 51.74 -26.77 -32.68
C LEU D 818 51.16 -25.74 -31.74
N VAL D 819 50.70 -26.18 -30.58
CA VAL D 819 50.12 -25.27 -29.61
C VAL D 819 51.08 -24.12 -29.29
N GLU D 820 52.38 -24.44 -29.26
CA GLU D 820 53.43 -23.46 -28.97
C GLU D 820 53.32 -22.23 -29.86
N LYS D 821 53.10 -22.45 -31.15
CA LYS D 821 53.01 -21.31 -32.05
C LYS D 821 51.60 -20.81 -32.25
N LEU D 822 50.65 -21.73 -32.25
CA LEU D 822 49.29 -21.39 -32.60
C LEU D 822 48.67 -20.56 -31.49
N PHE D 823 49.05 -20.84 -30.25
CA PHE D 823 48.53 -20.09 -29.12
C PHE D 823 48.86 -18.62 -29.26
N LEU D 824 50.05 -18.37 -29.79
CA LEU D 824 50.61 -17.03 -29.88
C LEU D 824 49.68 -16.07 -30.61
N PHE D 825 48.91 -16.58 -31.56
CA PHE D 825 48.11 -15.72 -32.41
C PHE D 825 46.63 -15.60 -32.00
N LYS D 826 45.85 -16.67 -32.19
CA LYS D 826 44.44 -16.67 -31.77
C LYS D 826 44.02 -18.02 -31.20
N GLN D 827 42.76 -18.37 -31.45
CA GLN D 827 42.16 -19.64 -31.00
C GLN D 827 42.50 -19.95 -29.56
N TYR D 828 42.46 -18.92 -28.73
CA TYR D 828 42.83 -19.05 -27.33
C TYR D 828 41.87 -19.98 -26.59
N ASN D 829 40.67 -20.17 -27.14
CA ASN D 829 39.63 -20.96 -26.47
C ASN D 829 39.67 -22.47 -26.71
N ALA D 830 39.90 -22.88 -27.95
CA ALA D 830 39.90 -24.30 -28.29
C ALA D 830 41.16 -24.99 -27.79
N CYS D 831 42.17 -24.20 -27.47
CA CYS D 831 43.41 -24.78 -26.98
C CYS D 831 43.33 -25.07 -25.49
N MET D 832 42.16 -24.84 -24.89
CA MET D 832 41.93 -25.28 -23.52
C MET D 832 41.57 -26.77 -23.55
N GLN D 833 40.66 -27.14 -24.45
CA GLN D 833 40.33 -28.54 -24.64
C GLN D 833 41.52 -29.23 -25.28
N LEU D 834 42.24 -28.51 -26.12
CA LEU D 834 43.41 -29.10 -26.78
C LEU D 834 44.66 -29.18 -25.90
N ILE D 835 44.72 -28.35 -24.84
CA ILE D 835 45.83 -28.45 -23.89
C ILE D 835 45.47 -29.41 -22.76
N GLY D 836 44.18 -29.60 -22.55
CA GLY D 836 43.71 -30.61 -21.63
C GLY D 836 43.91 -31.95 -22.29
N TRP D 837 43.96 -31.92 -23.63
CA TRP D 837 44.17 -33.14 -24.40
C TRP D 837 45.64 -33.51 -24.60
N LEU D 838 46.51 -32.50 -24.74
CA LEU D 838 47.91 -32.74 -25.07
C LEU D 838 48.69 -33.47 -23.96
N ASN D 839 49.65 -34.30 -24.37
CA ASN D 839 50.39 -35.15 -23.43
C ASN D 839 51.39 -34.39 -22.55
N SER D 840 51.64 -34.92 -21.35
CA SER D 840 52.47 -34.26 -20.35
C SER D 840 53.93 -34.11 -20.77
N ASP D 841 54.37 -32.86 -20.86
CA ASP D 841 55.74 -32.50 -21.21
C ASP D 841 56.01 -31.07 -20.74
N PRO D 842 57.28 -30.72 -20.47
CA PRO D 842 57.65 -29.40 -19.95
C PRO D 842 57.05 -28.26 -20.77
N ILE D 843 57.22 -28.37 -22.08
CA ILE D 843 56.62 -27.48 -23.05
C ILE D 843 55.13 -27.46 -22.77
N ALA D 844 54.52 -28.62 -22.90
CA ALA D 844 53.10 -28.83 -22.68
C ALA D 844 52.66 -28.29 -21.33
N VAL D 845 53.53 -28.41 -20.34
CA VAL D 845 53.22 -27.91 -19.01
C VAL D 845 53.12 -26.39 -19.02
N TYR D 846 54.12 -25.72 -19.58
CA TYR D 846 54.08 -24.26 -19.60
C TYR D 846 52.89 -23.77 -20.40
N LEU D 847 52.56 -24.50 -21.46
CA LEU D 847 51.41 -24.14 -22.27
C LEU D 847 50.12 -24.27 -21.46
N LYS D 848 49.97 -25.40 -20.76
CA LYS D 848 48.85 -25.60 -19.84
C LYS D 848 48.76 -24.42 -18.87
N ALA D 849 49.91 -23.96 -18.39
CA ALA D 849 49.98 -22.87 -17.42
C ALA D 849 49.47 -21.53 -17.96
N LEU D 850 50.10 -21.03 -19.03
CA LEU D 850 49.67 -19.76 -19.60
C LEU D 850 48.23 -19.81 -20.14
N ILE D 851 47.80 -20.98 -20.60
CA ILE D 851 46.43 -21.15 -21.10
C ILE D 851 45.39 -21.11 -20.00
N TYR D 852 45.63 -21.85 -18.92
CA TYR D 852 44.78 -21.76 -17.74
C TYR D 852 44.87 -20.34 -17.15
N LEU D 853 45.94 -19.63 -17.49
CA LEU D 853 46.13 -18.25 -17.05
C LEU D 853 45.22 -17.26 -17.79
N LYS D 854 45.19 -17.34 -19.11
CA LYS D 854 44.41 -16.39 -19.90
C LYS D 854 42.91 -16.60 -19.67
N SER D 855 42.52 -17.84 -19.42
CA SER D 855 41.13 -18.17 -19.09
C SER D 855 40.81 -17.65 -17.69
N LYS D 856 41.85 -17.27 -16.97
CA LYS D 856 41.74 -16.65 -15.65
C LYS D 856 41.17 -17.56 -14.56
N GLU D 857 41.39 -18.87 -14.71
CA GLU D 857 41.17 -19.81 -13.62
C GLU D 857 42.50 -20.03 -12.90
N ALA D 858 42.81 -19.11 -11.99
CA ALA D 858 44.15 -18.98 -11.41
C ALA D 858 44.71 -20.24 -10.76
N VAL D 859 43.88 -20.93 -9.99
CA VAL D 859 44.33 -22.04 -9.16
C VAL D 859 45.16 -23.10 -9.90
N LYS D 860 44.54 -23.75 -10.89
CA LYS D 860 45.20 -24.83 -11.61
C LYS D 860 46.45 -24.37 -12.34
N ALA D 861 46.39 -23.18 -12.92
CA ALA D 861 47.54 -22.59 -13.60
C ALA D 861 48.69 -22.40 -12.62
N VAL D 862 48.34 -21.92 -11.43
CA VAL D 862 49.31 -21.71 -10.36
C VAL D 862 49.91 -23.03 -9.91
N ARG D 863 49.12 -24.09 -9.96
CA ARG D 863 49.59 -25.42 -9.58
C ARG D 863 50.57 -25.98 -10.60
N CYS D 864 50.24 -25.84 -11.88
CA CYS D 864 51.15 -26.24 -12.94
C CYS D 864 52.42 -25.41 -12.84
N PHE D 865 52.25 -24.15 -12.45
CA PHE D 865 53.36 -23.23 -12.26
C PHE D 865 54.31 -23.75 -11.19
N LYS D 866 53.75 -24.09 -10.04
CA LYS D 866 54.52 -24.57 -8.91
C LYS D 866 55.22 -25.89 -9.21
N THR D 867 54.48 -26.82 -9.80
CA THR D 867 54.99 -28.18 -10.02
C THR D 867 56.08 -28.29 -11.09
N THR D 868 56.45 -27.17 -11.70
CA THR D 868 57.46 -27.16 -12.77
C THR D 868 58.31 -25.87 -12.80
N SER D 869 59.24 -25.81 -13.75
CA SER D 869 60.15 -24.66 -13.89
C SER D 869 60.58 -24.39 -15.33
N LEU D 898 64.36 -19.38 -11.40
CA LEU D 898 63.01 -19.53 -10.89
C LEU D 898 62.45 -18.22 -10.32
N SER D 899 63.35 -17.36 -9.85
CA SER D 899 62.95 -16.10 -9.22
C SER D 899 62.41 -15.07 -10.21
N CYS D 900 63.10 -14.92 -11.34
CA CYS D 900 62.64 -14.04 -12.42
C CYS D 900 61.35 -14.58 -13.01
N TYR D 901 61.20 -15.90 -12.93
CA TYR D 901 60.01 -16.62 -13.38
C TYR D 901 58.80 -16.24 -12.51
N TYR D 902 59.00 -16.27 -11.20
CA TYR D 902 57.96 -15.87 -10.26
C TYR D 902 57.73 -14.36 -10.28
N LEU D 903 58.73 -13.61 -10.77
CA LEU D 903 58.59 -12.17 -10.90
C LEU D 903 57.73 -11.83 -12.10
N HIS D 904 57.94 -12.58 -13.19
CA HIS D 904 57.13 -12.45 -14.40
C HIS D 904 55.71 -12.88 -14.06
N LEU D 905 55.59 -13.88 -13.18
CA LEU D 905 54.28 -14.29 -12.69
C LEU D 905 53.63 -13.18 -11.88
N SER D 906 54.45 -12.49 -11.09
CA SER D 906 53.99 -11.37 -10.28
C SER D 906 53.41 -10.26 -11.17
N LYS D 907 54.23 -9.79 -12.10
CA LYS D 907 53.79 -8.76 -13.05
C LYS D 907 52.59 -9.20 -13.91
N LYS D 908 52.52 -10.49 -14.27
CA LYS D 908 51.40 -10.98 -15.07
C LYS D 908 50.10 -11.00 -14.26
N LEU D 909 50.21 -11.39 -12.99
CA LEU D 909 49.08 -11.32 -12.08
C LEU D 909 48.66 -9.87 -11.90
N PHE D 910 49.63 -8.96 -12.09
CA PHE D 910 49.32 -7.53 -12.11
C PHE D 910 48.61 -7.17 -13.41
N GLU D 911 48.91 -7.90 -14.49
CA GLU D 911 48.24 -7.65 -15.78
C GLU D 911 46.78 -8.05 -15.67
N GLU D 912 46.52 -9.15 -14.95
CA GLU D 912 45.15 -9.51 -14.62
C GLU D 912 44.65 -8.50 -13.59
N SER D 913 45.60 -7.99 -12.81
CA SER D 913 45.37 -7.12 -11.65
C SER D 913 44.85 -7.90 -10.42
N ALA D 914 44.63 -9.20 -10.59
CA ALA D 914 44.36 -10.08 -9.46
C ALA D 914 45.63 -10.07 -8.62
N TYR D 915 45.53 -9.54 -7.40
CA TYR D 915 46.76 -9.08 -6.75
C TYR D 915 47.17 -9.62 -5.37
N ILE D 916 46.55 -10.69 -4.88
CA ILE D 916 47.14 -11.36 -3.73
C ILE D 916 47.94 -12.55 -4.22
N ASP D 917 47.58 -13.05 -5.39
CA ASP D 917 48.30 -14.16 -5.97
C ASP D 917 49.64 -13.58 -6.37
N ALA D 918 49.63 -12.30 -6.69
CA ALA D 918 50.87 -11.58 -6.97
C ALA D 918 51.57 -11.23 -5.66
N LEU D 919 50.79 -11.02 -4.60
CA LEU D 919 51.36 -10.83 -3.27
C LEU D 919 52.11 -12.10 -2.92
N GLU D 920 51.58 -13.23 -3.37
CA GLU D 920 52.19 -14.53 -3.15
C GLU D 920 53.46 -14.70 -3.97
N PHE D 921 53.29 -14.74 -5.27
CA PHE D 921 54.39 -15.00 -6.19
C PHE D 921 55.51 -13.96 -6.05
N SER D 922 55.17 -12.79 -5.50
CA SER D 922 56.19 -11.78 -5.20
C SER D 922 57.02 -12.23 -4.02
N LEU D 923 56.40 -12.96 -3.10
CA LEU D 923 57.11 -13.55 -1.96
C LEU D 923 57.96 -14.72 -2.45
N LEU D 924 57.40 -15.52 -3.35
CA LEU D 924 58.15 -16.64 -3.92
C LEU D 924 59.36 -16.16 -4.71
N ALA D 925 59.26 -14.96 -5.27
CA ALA D 925 60.34 -14.39 -6.08
C ALA D 925 61.49 -13.80 -5.25
N ASP D 926 61.16 -13.21 -4.10
CA ASP D 926 62.20 -12.66 -3.22
C ASP D 926 63.10 -13.75 -2.64
N THR D 931 71.06 -14.49 -4.75
CA THR D 931 72.03 -13.81 -5.59
C THR D 931 72.43 -12.46 -4.98
N ASP D 932 71.49 -11.85 -4.26
CA ASP D 932 71.72 -10.61 -3.52
C ASP D 932 71.97 -9.41 -4.42
N ASP D 933 71.03 -9.15 -5.32
CA ASP D 933 71.09 -7.96 -6.17
C ASP D 933 70.28 -6.84 -5.53
N GLU D 934 70.83 -5.64 -5.53
CA GLU D 934 70.16 -4.48 -4.94
C GLU D 934 68.86 -4.17 -5.65
N ASP D 935 68.99 -3.65 -6.87
CA ASP D 935 67.85 -3.21 -7.65
C ASP D 935 66.77 -4.29 -7.82
N LEU D 936 67.20 -5.55 -7.99
CA LEU D 936 66.27 -6.65 -8.14
C LEU D 936 65.41 -6.79 -6.90
N SER D 937 66.03 -7.07 -5.77
CA SER D 937 65.34 -7.15 -4.49
C SER D 937 64.42 -5.94 -4.25
N ILE D 938 64.92 -4.75 -4.59
CA ILE D 938 64.12 -3.52 -4.52
C ILE D 938 62.83 -3.68 -5.32
N ALA D 939 62.95 -4.24 -6.51
CA ALA D 939 61.83 -4.41 -7.42
C ALA D 939 60.84 -5.49 -6.95
N ILE D 940 61.34 -6.60 -6.42
CA ILE D 940 60.47 -7.66 -5.94
C ILE D 940 59.69 -7.15 -4.72
N THR D 941 60.39 -6.40 -3.87
CA THR D 941 59.78 -5.81 -2.69
C THR D 941 58.78 -4.72 -3.03
N HIS D 942 59.02 -4.00 -4.13
CA HIS D 942 58.11 -2.94 -4.57
C HIS D 942 56.87 -3.49 -5.28
N GLU D 943 57.04 -4.57 -6.04
CA GLU D 943 55.90 -5.25 -6.67
C GLU D 943 55.04 -5.82 -5.55
N THR D 944 55.69 -6.54 -4.63
CA THR D 944 55.01 -7.01 -3.43
C THR D 944 54.30 -5.83 -2.76
N LEU D 945 54.95 -4.66 -2.75
CA LEU D 945 54.38 -3.44 -2.19
C LEU D 945 53.06 -3.05 -2.83
N LYS D 946 53.03 -3.01 -4.16
CA LYS D 946 51.81 -2.65 -4.87
C LYS D 946 50.71 -3.68 -4.59
N THR D 947 51.08 -4.95 -4.66
CA THR D 947 50.13 -6.04 -4.41
C THR D 947 49.59 -6.00 -2.99
N ALA D 948 50.35 -5.37 -2.11
CA ALA D 948 50.06 -5.35 -0.70
C ALA D 948 49.20 -4.15 -0.32
N CYS D 949 49.59 -2.98 -0.82
CA CYS D 949 48.79 -1.76 -0.67
C CYS D 949 47.43 -2.04 -1.25
N ALA D 950 47.44 -2.74 -2.38
CA ALA D 950 46.21 -3.17 -3.03
C ALA D 950 45.47 -4.17 -2.15
N ALA D 951 46.17 -5.21 -1.70
CA ALA D 951 45.54 -6.22 -0.84
C ALA D 951 45.24 -5.66 0.55
N GLY D 952 46.06 -4.70 0.98
CA GLY D 952 45.89 -4.10 2.29
C GLY D 952 45.82 -5.14 3.38
N LYS D 953 44.69 -5.14 4.07
CA LYS D 953 44.39 -6.16 5.08
C LYS D 953 45.46 -6.36 6.12
N PHE D 954 46.38 -7.25 5.81
CA PHE D 954 47.12 -7.98 6.82
C PHE D 954 48.14 -7.20 7.65
N ASP D 955 49.42 -7.38 7.36
CA ASP D 955 50.48 -6.67 8.09
C ASP D 955 51.79 -7.01 7.40
N ALA D 956 51.80 -8.17 6.74
CA ALA D 956 52.94 -8.58 5.93
C ALA D 956 53.20 -7.48 4.92
N ALA D 957 52.11 -6.96 4.38
CA ALA D 957 52.09 -5.77 3.54
C ALA D 957 52.97 -4.66 4.12
N HIS D 958 52.61 -4.23 5.32
CA HIS D 958 53.21 -3.06 5.94
C HIS D 958 54.58 -3.37 6.51
N VAL D 959 54.81 -4.63 6.85
CA VAL D 959 56.15 -5.08 7.20
C VAL D 959 57.07 -4.84 6.02
N ALA D 960 56.65 -5.31 4.85
CA ALA D 960 57.41 -5.09 3.62
C ALA D 960 57.57 -3.60 3.34
N LEU D 961 56.52 -2.83 3.61
CA LEU D 961 56.58 -1.37 3.47
C LEU D 961 57.72 -0.79 4.31
N MET D 962 57.81 -1.25 5.55
CA MET D 962 58.86 -0.79 6.44
C MET D 962 60.24 -1.26 5.98
N VAL D 963 60.31 -2.44 5.37
CA VAL D 963 61.56 -2.93 4.80
C VAL D 963 61.99 -1.99 3.67
N LEU D 964 61.00 -1.47 2.94
CA LEU D 964 61.28 -0.50 1.90
C LEU D 964 61.22 0.93 2.43
N SER D 965 61.22 1.07 3.76
CA SER D 965 61.32 2.38 4.38
C SER D 965 62.68 2.55 5.05
N THR D 966 63.24 1.45 5.51
CA THR D 966 64.53 1.47 6.19
C THR D 966 65.70 1.35 5.21
N THR D 967 65.66 0.33 4.35
CA THR D 967 66.76 0.08 3.41
C THR D 967 66.95 1.13 2.29
N PRO D 968 65.86 1.59 1.64
CA PRO D 968 66.08 2.61 0.62
C PRO D 968 65.73 4.03 1.06
N LEU D 969 66.22 5.02 0.32
CA LEU D 969 65.98 6.43 0.64
C LEU D 969 64.62 6.91 0.11
N LYS D 970 63.88 6.00 -0.50
CA LYS D 970 62.64 6.34 -1.18
C LYS D 970 61.47 6.54 -0.23
N LYS D 971 61.45 7.65 0.49
CA LYS D 971 60.37 7.91 1.45
C LYS D 971 59.07 8.44 0.82
N SER D 972 59.18 9.37 -0.12
CA SER D 972 58.00 9.95 -0.76
C SER D 972 57.21 8.88 -1.50
N CYS D 973 57.94 7.90 -2.03
CA CYS D 973 57.32 6.75 -2.67
C CYS D 973 56.36 6.09 -1.70
N LEU D 974 56.87 5.69 -0.54
CA LEU D 974 56.07 5.04 0.48
C LEU D 974 54.93 5.95 0.91
N LEU D 975 55.18 7.25 0.93
CA LEU D 975 54.13 8.22 1.23
C LEU D 975 52.98 8.04 0.27
N ASP D 976 53.33 7.83 -0.99
CA ASP D 976 52.31 7.67 -2.03
C ASP D 976 51.66 6.28 -2.00
N PHE D 977 52.46 5.26 -1.69
CA PHE D 977 51.95 3.89 -1.54
C PHE D 977 50.85 3.91 -0.50
N VAL D 978 51.16 4.53 0.63
CA VAL D 978 50.21 4.62 1.72
C VAL D 978 49.07 5.57 1.37
N ASN D 979 49.34 6.58 0.53
CA ASN D 979 48.26 7.42 0.03
C ASN D 979 47.20 6.56 -0.62
N GLN D 980 47.65 5.69 -1.52
CA GLN D 980 46.76 4.73 -2.16
C GLN D 980 46.08 3.87 -1.09
N LEU D 981 46.87 3.36 -0.15
CA LEU D 981 46.33 2.57 0.96
C LEU D 981 45.09 3.22 1.58
N THR D 982 45.26 4.42 2.11
CA THR D 982 44.16 5.16 2.74
C THR D 982 43.01 5.36 1.77
N LYS D 983 43.35 5.62 0.51
CA LYS D 983 42.33 5.79 -0.51
C LYS D 983 41.42 4.56 -0.59
N GLN D 984 41.99 3.36 -0.53
CA GLN D 984 41.18 2.16 -0.63
C GLN D 984 40.95 1.47 0.71
N GLY D 985 42.06 1.09 1.34
CA GLY D 985 42.03 0.30 2.56
C GLY D 985 41.05 0.81 3.58
N LYS D 986 40.57 -0.09 4.42
CA LYS D 986 39.46 0.17 5.34
C LYS D 986 39.59 1.47 6.17
N ILE D 987 40.76 2.11 6.08
CA ILE D 987 41.09 3.38 6.76
C ILE D 987 41.58 3.22 8.20
N ASN D 988 40.67 2.88 9.12
CA ASN D 988 41.00 2.73 10.53
C ASN D 988 41.98 1.59 10.77
N GLN D 989 41.79 0.48 10.05
CA GLN D 989 42.71 -0.64 10.08
C GLN D 989 44.09 -0.15 9.69
N LEU D 990 44.13 0.57 8.58
CA LEU D 990 45.37 1.12 8.07
C LEU D 990 46.01 2.03 9.11
N LEU D 991 45.19 2.81 9.81
CA LEU D 991 45.69 3.62 10.90
C LEU D 991 46.35 2.72 11.94
N ASN D 992 45.73 1.57 12.18
CA ASN D 992 46.29 0.57 13.09
C ASN D 992 47.49 -0.16 12.50
N TYR D 993 47.83 0.16 11.25
CA TYR D 993 49.05 -0.37 10.64
C TYR D 993 50.13 0.71 10.48
N SER D 994 49.75 1.95 10.74
CA SER D 994 50.71 3.05 10.79
C SER D 994 51.26 3.13 12.20
N MET D 995 50.76 2.26 13.06
CA MET D 995 51.16 2.21 14.46
C MET D 995 52.25 1.18 14.79
N PRO D 996 52.18 -0.05 14.22
CA PRO D 996 53.26 -0.99 14.58
C PRO D 996 54.62 -0.61 14.01
N THR D 997 54.64 0.33 13.08
CA THR D 997 55.89 0.81 12.51
C THR D 997 56.55 1.85 13.40
N LEU D 998 57.82 2.15 13.12
CA LEU D 998 58.53 3.20 13.83
C LEU D 998 57.80 4.50 13.64
N ARG D 999 57.52 5.19 14.74
CA ARG D 999 56.96 6.53 14.63
C ARG D 999 57.99 7.47 14.00
N GLN D 1000 59.26 7.21 14.26
CA GLN D 1000 60.34 8.15 13.89
C GLN D 1000 60.27 8.80 12.49
N ASP D 1001 60.16 8.01 11.43
CA ASP D 1001 60.04 8.58 10.08
C ASP D 1001 58.59 8.85 9.74
N VAL D 1002 57.76 7.87 10.03
CA VAL D 1002 56.32 7.92 9.81
C VAL D 1002 55.68 9.22 10.32
N ASP D 1003 56.33 9.85 11.31
CA ASP D 1003 55.89 11.12 11.87
C ASP D 1003 55.93 12.21 10.83
N ASN D 1004 57.14 12.53 10.40
CA ASN D 1004 57.36 13.53 9.37
C ASN D 1004 56.58 13.17 8.12
N LEU D 1005 56.49 11.89 7.81
CA LEU D 1005 55.74 11.45 6.65
C LEU D 1005 54.25 11.80 6.76
N LEU D 1006 53.65 11.50 7.92
CA LEU D 1006 52.25 11.80 8.16
C LEU D 1006 52.02 13.30 8.09
N GLU D 1007 52.96 14.05 8.65
CA GLU D 1007 52.91 15.51 8.58
C GLU D 1007 52.86 15.95 7.13
N ARG D 1008 53.85 15.52 6.35
CA ARG D 1008 53.96 15.88 4.94
C ARG D 1008 52.68 15.55 4.17
N LYS D 1009 52.15 14.37 4.39
CA LYS D 1009 50.93 13.95 3.71
C LYS D 1009 49.76 14.85 4.10
N ALA D 1010 49.64 15.16 5.38
CA ALA D 1010 48.56 16.00 5.87
C ALA D 1010 48.65 17.42 5.30
N PHE D 1011 49.87 17.93 5.23
CA PHE D 1011 50.15 19.22 4.63
C PHE D 1011 49.73 19.18 3.17
N GLN D 1012 49.93 18.02 2.55
CA GLN D 1012 49.44 17.79 1.20
C GLN D 1012 47.91 17.67 1.19
N MET D 1013 47.32 17.46 2.37
CA MET D 1013 45.86 17.28 2.48
C MET D 1013 45.11 18.54 2.88
N ILE D 1014 45.84 19.61 3.21
CA ILE D 1014 45.17 20.85 3.61
C ILE D 1014 45.02 21.86 2.47
N ASN D 1015 45.71 21.63 1.37
CA ASN D 1015 45.49 22.44 0.17
C ASN D 1015 44.52 21.77 -0.76
N VAL D 1016 43.47 21.20 -0.19
CA VAL D 1016 42.42 20.54 -0.95
C VAL D 1016 41.13 20.66 -0.16
N GLU D 1017 40.00 20.39 -0.80
CA GLU D 1017 38.73 20.40 -0.10
C GLU D 1017 38.11 19.02 -0.07
N SER D 1018 37.68 18.60 1.12
CA SER D 1018 37.01 17.31 1.25
C SER D 1018 36.02 17.35 2.40
N GLN D 1019 35.14 16.35 2.41
CA GLN D 1019 34.21 16.17 3.51
C GLN D 1019 34.66 15.11 4.52
N PRO D 1020 35.25 14.00 4.04
CA PRO D 1020 35.84 13.12 5.05
C PRO D 1020 37.24 13.57 5.47
N CYS D 1021 37.63 14.76 5.04
CA CYS D 1021 38.91 15.34 5.46
C CYS D 1021 38.86 15.67 6.95
N TRP D 1022 37.66 15.85 7.49
CA TRP D 1022 37.46 16.15 8.90
C TRP D 1022 37.96 15.01 9.78
N TYR D 1023 37.51 13.80 9.45
CA TYR D 1023 37.97 12.59 10.12
C TYR D 1023 39.50 12.52 10.04
N ASN D 1024 40.04 12.77 8.84
CA ASN D 1024 41.48 12.78 8.61
C ASN D 1024 42.20 13.78 9.51
N ILE D 1025 41.56 14.92 9.71
CA ILE D 1025 42.05 15.98 10.57
C ILE D 1025 42.11 15.48 12.00
N LEU D 1026 41.08 14.75 12.40
CA LEU D 1026 41.01 14.19 13.75
C LEU D 1026 42.10 13.14 13.96
N PHE D 1027 42.38 12.38 12.91
CA PHE D 1027 43.44 11.38 12.97
C PHE D 1027 44.79 12.07 13.07
N SER D 1028 44.91 13.22 12.42
CA SER D 1028 46.11 14.02 12.53
C SER D 1028 46.23 14.62 13.93
N TRP D 1029 45.08 14.86 14.57
CA TRP D 1029 45.07 15.38 15.93
C TRP D 1029 45.59 14.34 16.88
N ARG D 1030 44.98 13.15 16.83
CA ARG D 1030 45.40 12.03 17.65
C ARG D 1030 46.88 11.86 17.45
N TYR D 1031 47.25 11.95 16.18
CA TYR D 1031 48.64 11.75 15.82
C TYR D 1031 49.56 12.79 16.43
N LYS D 1032 49.10 14.02 16.55
CA LYS D 1032 49.92 15.04 17.19
C LYS D 1032 50.00 14.76 18.69
N HIS D 1033 48.87 14.37 19.28
CA HIS D 1033 48.80 13.98 20.68
C HIS D 1033 49.84 12.89 20.99
N GLN D 1034 50.12 12.07 19.99
CA GLN D 1034 51.22 11.11 20.06
C GLN D 1034 52.57 11.83 20.05
N ASN D 1035 52.73 12.80 19.16
CA ASN D 1035 53.96 13.56 19.03
C ASN D 1035 54.06 14.67 20.08
N TYR D 1036 54.49 15.86 19.66
CA TYR D 1036 54.62 17.00 20.57
C TYR D 1036 53.26 17.66 20.88
N ARG D 1037 52.18 17.11 20.33
CA ARG D 1037 50.81 17.55 20.60
C ARG D 1037 50.46 18.99 20.18
N ASP D 1038 51.42 19.89 20.30
CA ASP D 1038 51.17 21.32 20.11
C ASP D 1038 50.69 21.67 18.70
N ALA D 1039 50.98 20.80 17.73
CA ALA D 1039 50.60 21.06 16.35
C ALA D 1039 49.10 20.90 16.14
N ALA D 1040 48.51 19.93 16.84
CA ALA D 1040 47.09 19.61 16.75
C ALA D 1040 46.17 20.83 16.74
N ALA D 1041 46.20 21.59 17.84
CA ALA D 1041 45.36 22.77 18.00
C ALA D 1041 45.62 23.81 16.89
N ILE D 1042 46.89 23.98 16.54
CA ILE D 1042 47.28 24.87 15.45
C ILE D 1042 46.54 24.48 14.17
N ILE D 1043 46.51 23.19 13.89
CA ILE D 1043 45.81 22.66 12.74
C ILE D 1043 44.33 22.98 12.83
N TYR D 1044 43.74 22.77 14.00
CA TYR D 1044 42.34 23.14 14.21
C TYR D 1044 42.05 24.59 13.88
N GLU D 1045 42.96 25.47 14.28
CA GLU D 1045 42.82 26.88 13.99
C GLU D 1045 42.95 27.12 12.48
N LYS D 1046 43.83 26.37 11.84
CA LYS D 1046 44.02 26.51 10.40
C LYS D 1046 42.75 26.14 9.64
N LEU D 1047 42.11 25.06 10.06
CA LEU D 1047 40.89 24.63 9.41
C LEU D 1047 39.74 25.55 9.80
N SER D 1048 39.87 26.20 10.95
CA SER D 1048 38.91 27.22 11.34
C SER D 1048 39.01 28.38 10.35
N ARG D 1049 40.24 28.71 9.98
CA ARG D 1049 40.48 29.71 8.94
C ARG D 1049 39.84 29.26 7.63
N TYR D 1050 40.08 28.01 7.26
CA TYR D 1050 39.54 27.45 6.02
C TYR D 1050 38.01 27.55 5.95
N ILE D 1051 37.33 27.27 7.06
CA ILE D 1051 35.87 27.39 7.10
C ILE D 1051 35.44 28.83 7.01
N SER D 1052 36.03 29.68 7.85
CA SER D 1052 35.64 31.08 7.93
C SER D 1052 35.76 31.80 6.58
N THR D 1053 36.54 31.23 5.67
CA THR D 1053 36.66 31.77 4.34
C THR D 1053 35.42 31.46 3.49
N THR D 1054 34.74 30.36 3.82
CA THR D 1054 33.59 29.91 3.02
C THR D 1054 32.43 30.91 3.03
N GLU D 1055 31.77 31.03 4.18
CA GLU D 1055 30.69 31.99 4.39
C GLU D 1055 29.69 32.10 3.24
N GLY D 1058 25.29 30.62 8.56
CA GLY D 1058 24.51 31.06 9.70
C GLY D 1058 24.57 30.11 10.89
N LYS D 1059 23.39 29.76 11.42
CA LYS D 1059 23.28 28.97 12.66
C LYS D 1059 23.93 27.59 12.60
N LYS D 1060 23.81 26.91 11.46
CA LYS D 1060 24.44 25.60 11.30
C LYS D 1060 25.95 25.75 11.38
N GLU D 1061 26.49 26.59 10.50
CA GLU D 1061 27.89 27.00 10.55
C GLU D 1061 28.27 27.29 11.99
N ARG D 1062 27.52 28.22 12.59
CA ARG D 1062 27.74 28.64 13.97
C ARG D 1062 27.90 27.48 14.95
N THR D 1063 27.01 26.50 14.87
CA THR D 1063 27.06 25.34 15.76
C THR D 1063 28.29 24.47 15.50
N PHE D 1064 28.65 24.29 14.24
CA PHE D 1064 29.89 23.58 13.93
C PHE D 1064 31.05 24.30 14.60
N ILE D 1065 31.15 25.60 14.33
CA ILE D 1065 32.20 26.44 14.89
C ILE D 1065 32.23 26.34 16.41
N ILE D 1066 31.05 26.24 17.01
CA ILE D 1066 30.92 25.98 18.44
C ILE D 1066 31.73 24.74 18.76
N GLU D 1067 31.31 23.62 18.19
CA GLU D 1067 31.96 22.32 18.43
C GLU D 1067 33.48 22.43 18.34
N HIS D 1068 33.93 23.18 17.35
CA HIS D 1068 35.34 23.38 17.12
C HIS D 1068 36.00 24.13 18.29
N TYR D 1069 35.34 25.19 18.75
CA TYR D 1069 35.80 25.93 19.91
C TYR D 1069 35.97 24.99 21.09
N LEU D 1070 34.98 24.13 21.28
CA LEU D 1070 35.00 23.19 22.40
C LEU D 1070 36.25 22.33 22.31
N ILE D 1071 36.47 21.78 21.13
CA ILE D 1071 37.64 20.92 20.94
C ILE D 1071 38.94 21.67 21.24
N VAL D 1072 39.01 22.93 20.81
CA VAL D 1072 40.17 23.75 21.12
C VAL D 1072 40.38 23.84 22.63
N LEU D 1073 39.31 24.23 23.34
CA LEU D 1073 39.34 24.32 24.81
C LEU D 1073 39.87 23.03 25.44
N ASN D 1074 39.49 21.91 24.85
CA ASN D 1074 39.93 20.62 25.35
C ASN D 1074 41.42 20.35 25.10
N THR D 1075 41.90 20.70 23.91
CA THR D 1075 43.32 20.60 23.62
C THR D 1075 44.11 21.46 24.58
N LEU D 1076 43.50 22.58 24.96
CA LEU D 1076 44.10 23.48 25.94
C LEU D 1076 44.18 22.80 27.30
N GLU D 1077 43.07 22.22 27.73
CA GLU D 1077 43.02 21.52 29.00
C GLU D 1077 43.98 20.34 29.01
N LEU D 1078 44.40 19.90 27.81
CA LEU D 1078 45.44 18.88 27.70
C LEU D 1078 46.82 19.46 27.96
N LEU D 1079 47.09 20.63 27.38
CA LEU D 1079 48.43 21.21 27.43
C LEU D 1079 48.47 22.42 28.37
N PRO D 1080 49.06 22.24 29.57
CA PRO D 1080 48.99 23.22 30.65
C PRO D 1080 50.17 24.22 30.72
N LYS D 1081 50.46 24.90 29.63
CA LYS D 1081 51.60 25.83 29.60
C LYS D 1081 51.43 26.91 28.55
N GLU D 1082 52.49 27.13 27.78
CA GLU D 1082 52.47 28.02 26.64
C GLU D 1082 52.63 27.20 25.37
N ASP D 1083 51.58 27.18 24.57
CA ASP D 1083 51.54 26.36 23.36
C ASP D 1083 52.28 27.01 22.20
N GLN D 1104 50.52 31.50 18.32
CA GLN D 1104 50.44 32.08 19.66
C GLN D 1104 49.85 31.10 20.67
N LYS D 1105 49.17 31.63 21.69
CA LYS D 1105 48.62 30.79 22.76
C LYS D 1105 47.23 31.22 23.23
N LEU D 1106 47.09 31.33 24.55
CA LEU D 1106 45.77 31.41 25.20
C LEU D 1106 44.93 32.66 24.91
N LEU D 1107 45.59 33.76 24.55
CA LEU D 1107 44.91 35.02 24.30
C LEU D 1107 43.95 34.97 23.09
N THR D 1108 44.46 34.52 21.95
CA THR D 1108 43.65 34.41 20.75
C THR D 1108 42.56 33.35 20.92
N LEU D 1109 42.73 32.49 21.91
CA LEU D 1109 41.74 31.48 22.24
C LEU D 1109 40.63 32.15 23.05
N ASP D 1110 41.02 33.10 23.89
CA ASP D 1110 40.03 33.97 24.50
C ASP D 1110 39.26 34.68 23.39
N ALA D 1111 39.97 35.06 22.33
CA ALA D 1111 39.34 35.68 21.18
C ALA D 1111 38.33 34.75 20.49
N ILE D 1112 38.69 33.48 20.33
CA ILE D 1112 37.78 32.55 19.69
C ILE D 1112 36.53 32.27 20.55
N VAL D 1113 36.72 32.20 21.87
CA VAL D 1113 35.58 32.04 22.76
C VAL D 1113 34.69 33.28 22.69
N ALA D 1114 35.32 34.44 22.51
CA ALA D 1114 34.59 35.69 22.36
C ALA D 1114 33.70 35.65 21.11
N GLU D 1115 34.32 35.34 19.96
CA GLU D 1115 33.57 35.23 18.70
C GLU D 1115 32.42 34.25 18.85
N TYR D 1116 32.68 33.16 19.55
CA TYR D 1116 31.66 32.19 19.91
C TYR D 1116 30.47 32.90 20.54
N HIS D 1117 30.73 33.54 21.67
CA HIS D 1117 29.69 34.27 22.39
C HIS D 1117 28.93 35.24 21.48
N LEU D 1118 29.66 35.86 20.56
CA LEU D 1118 29.05 36.75 19.58
C LEU D 1118 27.99 36.03 18.76
N GLN D 1119 28.39 34.91 18.15
CA GLN D 1119 27.46 34.10 17.38
C GLN D 1119 26.22 33.80 18.20
N LEU D 1120 26.44 33.46 19.46
CA LEU D 1120 25.35 33.18 20.37
C LEU D 1120 24.36 34.33 20.41
N LYS D 1121 24.84 35.50 20.83
CA LYS D 1121 23.99 36.68 20.95
C LYS D 1121 23.22 36.94 19.66
N ASP D 1122 23.89 36.74 18.53
CA ASP D 1122 23.25 36.84 17.22
C ASP D 1122 22.02 35.96 17.15
N VAL D 1123 22.20 34.68 17.47
CA VAL D 1123 21.08 33.75 17.44
C VAL D 1123 19.97 34.16 18.42
N ALA D 1124 20.36 34.71 19.57
CA ALA D 1124 19.39 35.17 20.56
C ALA D 1124 18.49 36.25 19.98
N VAL D 1125 19.12 37.21 19.31
CA VAL D 1125 18.38 38.26 18.63
C VAL D 1125 17.53 37.66 17.50
N GLN D 1126 17.97 36.51 16.98
CA GLN D 1126 17.15 35.81 16.00
C GLN D 1126 15.93 35.13 16.65
N VAL D 1127 16.00 34.86 17.95
CA VAL D 1127 14.89 34.21 18.65
C VAL D 1127 13.90 35.23 19.25
N THR D 1128 14.38 36.42 19.56
CA THR D 1128 13.46 37.47 20.02
C THR D 1128 12.58 38.01 18.90
N ALA D 1129 13.09 38.00 17.67
CA ALA D 1129 12.33 38.50 16.53
C ALA D 1129 11.20 37.52 16.22
N GLU D 1130 11.32 36.32 16.77
CA GLU D 1130 10.34 35.27 16.51
C GLU D 1130 9.22 35.31 17.56
N SER E 9 -6.38 10.90 78.99
CA SER E 9 -5.86 11.28 80.30
C SER E 9 -5.22 12.65 80.16
N LEU E 10 -4.88 12.98 78.92
CA LEU E 10 -4.14 14.19 78.61
C LEU E 10 -5.00 15.46 78.71
N GLU E 11 -6.11 15.49 77.97
CA GLU E 11 -6.92 16.70 77.86
C GLU E 11 -7.51 17.16 79.18
N SER E 12 -7.99 16.21 79.97
CA SER E 12 -8.52 16.50 81.28
C SER E 12 -7.45 17.19 82.11
N PHE E 13 -6.21 16.74 81.93
CA PHE E 13 -5.09 17.30 82.67
C PHE E 13 -4.87 18.75 82.27
N LEU E 14 -4.79 18.98 80.97
CA LEU E 14 -4.52 20.33 80.50
C LEU E 14 -5.59 21.27 80.98
N ASN E 15 -6.82 20.79 80.88
CA ASN E 15 -7.96 21.53 81.36
C ASN E 15 -7.84 21.86 82.85
N HIS E 16 -7.56 20.85 83.68
CA HIS E 16 -7.47 21.04 85.13
C HIS E 16 -6.36 22.01 85.52
N VAL E 17 -5.25 21.93 84.79
CA VAL E 17 -4.14 22.85 85.00
C VAL E 17 -4.59 24.25 84.62
N GLN E 18 -5.32 24.34 83.52
CA GLN E 18 -5.81 25.62 83.06
C GLN E 18 -6.83 26.21 84.05
N LYS E 19 -7.41 25.38 84.90
CA LYS E 19 -8.35 25.87 85.92
C LYS E 19 -7.72 26.97 86.78
N ARG E 20 -6.45 26.75 87.14
CA ARG E 20 -5.70 27.75 87.87
C ARG E 20 -5.39 28.96 87.01
N ASP E 21 -5.18 28.72 85.72
CA ASP E 21 -4.73 29.77 84.82
C ASP E 21 -5.48 29.76 83.50
N PRO E 22 -6.78 30.08 83.54
CA PRO E 22 -7.64 29.97 82.36
C PRO E 22 -7.21 30.89 81.23
N ASN E 23 -6.70 32.06 81.59
CA ASN E 23 -6.36 33.08 80.60
C ASN E 23 -4.88 33.16 80.32
N GLN E 24 -4.11 32.44 81.12
CA GLN E 24 -2.71 32.24 80.79
C GLN E 24 -2.69 31.35 79.57
N THR E 25 -3.08 31.97 78.47
CA THR E 25 -3.21 31.32 77.20
C THR E 25 -1.85 30.73 76.81
N GLU E 26 -0.81 31.52 77.01
CA GLU E 26 0.51 31.18 76.54
C GLU E 26 1.19 30.13 77.43
N PHE E 27 0.96 30.24 78.73
CA PHE E 27 1.41 29.20 79.65
C PHE E 27 0.75 27.89 79.24
N ALA E 28 -0.50 27.97 78.80
CA ALA E 28 -1.21 26.80 78.33
C ALA E 28 -0.54 26.25 77.09
N GLN E 29 -0.04 27.16 76.24
CA GLN E 29 0.74 26.75 75.08
C GLN E 29 1.86 25.85 75.58
N ALA E 30 2.69 26.39 76.47
CA ALA E 30 3.84 25.65 76.99
C ALA E 30 3.43 24.26 77.50
N VAL E 31 2.45 24.25 78.39
CA VAL E 31 2.02 23.03 79.05
C VAL E 31 1.61 22.01 78.01
N ARG E 32 0.72 22.41 77.12
CA ARG E 32 0.25 21.54 76.05
C ARG E 32 1.39 20.96 75.23
N GLU E 33 2.34 21.81 74.85
CA GLU E 33 3.44 21.36 74.02
C GLU E 33 4.25 20.27 74.72
N VAL E 34 4.89 20.66 75.82
CA VAL E 34 5.79 19.74 76.51
C VAL E 34 5.09 18.46 76.91
N MET E 35 3.96 18.60 77.59
CA MET E 35 3.26 17.42 78.05
C MET E 35 2.75 16.54 76.90
N THR E 36 2.30 17.15 75.81
CA THR E 36 1.89 16.38 74.63
C THR E 36 3.06 15.52 74.18
N THR E 37 4.25 16.09 74.26
CA THR E 37 5.43 15.33 73.93
C THR E 37 5.65 14.18 74.92
N LEU E 38 5.38 14.43 76.20
CA LEU E 38 5.72 13.45 77.24
C LEU E 38 4.77 12.26 77.39
N TRP E 39 3.47 12.53 77.29
CA TRP E 39 2.41 11.58 77.64
C TRP E 39 2.64 10.11 77.27
N PRO E 40 3.00 9.82 76.00
CA PRO E 40 3.14 8.40 75.62
C PRO E 40 4.17 7.71 76.48
N PHE E 41 5.26 8.41 76.71
CA PHE E 41 6.29 7.86 77.55
C PHE E 41 5.76 7.64 78.97
N LEU E 42 5.04 8.63 79.48
CA LEU E 42 4.55 8.64 80.86
C LEU E 42 3.80 7.37 81.23
N GLU E 43 2.98 6.89 80.30
CA GLU E 43 2.17 5.71 80.55
C GLU E 43 3.01 4.43 80.52
N GLN E 44 4.26 4.55 80.08
CA GLN E 44 5.17 3.40 80.02
C GLN E 44 5.95 3.24 81.31
N ASN E 45 6.13 4.34 82.01
CA ASN E 45 6.94 4.34 83.21
C ASN E 45 6.28 5.09 84.36
N PRO E 46 5.42 4.37 85.11
CA PRO E 46 4.50 4.86 86.14
C PRO E 46 5.14 5.72 87.23
N LYS E 47 6.41 5.43 87.54
CA LYS E 47 7.12 6.12 88.60
C LYS E 47 7.03 7.62 88.44
N TYR E 48 7.10 8.03 87.20
CA TYR E 48 7.25 9.42 86.90
C TYR E 48 5.91 10.12 86.83
N ARG E 49 4.84 9.38 87.08
CA ARG E 49 3.55 10.00 87.29
C ARG E 49 3.37 10.17 88.79
N GLN E 50 4.22 9.50 89.56
CA GLN E 50 4.01 9.41 91.00
C GLN E 50 4.21 10.72 91.75
N MET E 51 3.69 10.75 92.97
CA MET E 51 3.80 11.90 93.86
C MET E 51 3.34 13.17 93.17
N SER E 52 2.30 13.04 92.34
CA SER E 52 1.71 14.13 91.59
C SER E 52 2.77 14.98 90.91
N LEU E 53 3.85 14.33 90.51
CA LEU E 53 5.03 15.04 90.07
C LEU E 53 4.74 16.04 88.98
N LEU E 54 3.92 15.64 88.02
CA LEU E 54 3.61 16.49 86.90
C LEU E 54 3.04 17.81 87.39
N GLU E 55 2.11 17.75 88.33
CA GLU E 55 1.55 18.97 88.92
C GLU E 55 2.70 19.78 89.50
N ARG E 56 3.53 19.10 90.30
CA ARG E 56 4.72 19.71 90.88
C ARG E 56 5.57 20.39 89.82
N LEU E 57 5.60 19.81 88.63
CA LEU E 57 6.41 20.36 87.56
C LEU E 57 5.83 21.64 86.99
N VAL E 58 4.51 21.76 86.92
CA VAL E 58 3.88 22.89 86.25
C VAL E 58 3.58 24.02 87.20
N GLU E 59 3.76 23.75 88.48
CA GLU E 59 3.55 24.78 89.46
C GLU E 59 4.90 25.38 89.83
N PRO E 60 5.08 26.66 89.50
CA PRO E 60 6.31 27.39 89.81
C PRO E 60 6.59 27.51 91.33
N GLU E 61 7.85 27.35 91.73
CA GLU E 61 8.22 27.35 93.15
C GLU E 61 7.92 28.66 93.86
N ARG E 62 8.10 29.76 93.15
CA ARG E 62 7.86 31.10 93.66
C ARG E 62 7.75 32.01 92.44
N VAL E 63 6.94 33.06 92.50
CA VAL E 63 6.79 33.97 91.36
C VAL E 63 6.59 35.38 91.86
N ILE E 64 7.33 36.32 91.32
CA ILE E 64 7.19 37.69 91.79
C ILE E 64 6.74 38.67 90.75
N GLN E 65 5.62 39.32 91.01
CA GLN E 65 5.25 40.53 90.28
C GLN E 65 5.56 41.65 91.24
N PHE E 66 6.00 42.79 90.74
CA PHE E 66 6.37 43.87 91.62
C PHE E 66 6.40 45.24 90.96
N ARG E 67 6.30 46.26 91.81
CA ARG E 67 6.20 47.65 91.40
C ARG E 67 7.55 48.24 91.05
N VAL E 68 7.57 48.95 89.92
CA VAL E 68 8.73 49.73 89.53
C VAL E 68 8.36 51.17 89.24
N VAL E 69 8.74 52.06 90.15
CA VAL E 69 8.52 53.49 89.96
C VAL E 69 9.83 54.08 89.47
N TRP E 70 9.79 54.79 88.35
CA TRP E 70 11.01 55.32 87.77
C TRP E 70 10.83 56.70 87.16
N VAL E 71 11.95 57.37 86.85
CA VAL E 71 11.90 58.76 86.42
C VAL E 71 12.47 58.93 85.02
N ASP E 72 11.64 59.43 84.11
CA ASP E 72 12.10 59.63 82.74
C ASP E 72 12.92 60.91 82.59
N ASP E 73 13.39 61.15 81.36
CA ASP E 73 14.21 62.32 81.09
C ASP E 73 13.42 63.63 81.10
N ARG E 74 12.10 63.54 81.03
CA ARG E 74 11.26 64.72 81.06
C ARG E 74 10.82 65.05 82.46
N ASN E 75 11.48 64.43 83.44
CA ASN E 75 11.15 64.59 84.85
C ASN E 75 9.74 64.11 85.17
N GLN E 76 9.18 63.29 84.29
CA GLN E 76 7.87 62.69 84.53
C GLN E 76 8.02 61.30 85.13
N VAL E 77 7.26 61.04 86.19
CA VAL E 77 7.32 59.75 86.84
C VAL E 77 6.55 58.71 86.03
N GLN E 78 7.25 57.65 85.65
CA GLN E 78 6.66 56.57 84.88
C GLN E 78 6.58 55.33 85.74
N VAL E 79 5.49 54.58 85.56
CA VAL E 79 5.24 53.40 86.35
C VAL E 79 5.20 52.14 85.49
N ASN E 80 5.94 51.13 85.92
CA ASN E 80 5.97 49.87 85.22
C ASN E 80 5.91 48.65 86.13
N ARG E 81 5.46 47.54 85.57
CA ARG E 81 5.30 46.33 86.33
C ARG E 81 6.40 45.36 85.93
N ALA E 82 6.97 44.68 86.91
CA ALA E 82 8.05 43.77 86.61
C ALA E 82 7.90 42.44 87.33
N TRP E 83 8.72 41.47 86.95
CA TRP E 83 8.60 40.14 87.53
C TRP E 83 9.90 39.38 87.60
N ARG E 84 9.95 38.47 88.57
CA ARG E 84 10.84 37.33 88.49
C ARG E 84 10.16 36.08 88.98
N VAL E 85 9.83 35.23 88.03
CA VAL E 85 9.31 33.93 88.28
C VAL E 85 10.43 32.96 88.51
N GLN E 86 10.49 32.45 89.72
CA GLN E 86 11.42 31.41 90.07
C GLN E 86 10.70 30.06 90.04
N PHE E 87 10.75 29.37 88.91
CA PHE E 87 9.96 28.15 88.73
C PHE E 87 10.50 26.94 89.47
N SER E 88 11.80 26.66 89.31
CA SER E 88 12.39 25.50 89.95
C SER E 88 13.79 25.77 90.43
N SER E 89 14.06 25.43 91.68
CA SER E 89 15.40 25.53 92.25
C SER E 89 15.87 24.13 92.52
N ALA E 90 15.21 23.18 91.89
CA ALA E 90 15.45 21.76 92.13
C ALA E 90 16.88 21.31 91.85
N ILE E 91 17.45 21.79 90.75
CA ILE E 91 18.78 21.35 90.32
C ILE E 91 19.87 22.34 90.71
N GLY E 92 19.56 23.63 90.62
CA GLY E 92 20.45 24.69 91.05
C GLY E 92 19.70 26.00 91.21
N PRO E 93 20.40 27.15 91.24
CA PRO E 93 19.69 28.44 91.31
C PRO E 93 18.86 28.65 90.05
N TYR E 94 17.75 29.35 90.19
CA TYR E 94 16.86 29.61 89.07
C TYR E 94 17.69 30.25 87.97
N LYS E 95 17.59 29.70 86.76
CA LYS E 95 18.31 30.25 85.62
C LYS E 95 17.37 30.67 84.50
N GLY E 96 17.66 31.81 83.90
CA GLY E 96 16.82 32.36 82.84
C GLY E 96 16.89 33.88 82.86
N GLY E 97 16.60 34.51 81.73
CA GLY E 97 16.79 35.94 81.62
C GLY E 97 15.66 36.85 82.05
N MET E 98 15.89 38.14 81.82
CA MET E 98 14.89 39.16 82.03
C MET E 98 14.50 39.71 80.67
N ARG E 99 13.24 40.05 80.49
CA ARG E 99 12.84 40.66 79.24
C ARG E 99 12.10 41.95 79.49
N PHE E 100 12.64 43.05 79.00
CA PHE E 100 11.92 44.30 79.11
C PHE E 100 11.15 44.54 77.81
N HIS E 101 9.83 44.40 77.86
CA HIS E 101 8.99 44.50 76.65
C HIS E 101 7.52 44.80 77.01
N PRO E 102 6.89 45.71 76.26
CA PRO E 102 5.49 46.11 76.55
C PRO E 102 4.54 44.92 76.53
N SER E 103 4.98 43.83 75.92
CA SER E 103 4.17 42.64 75.83
C SER E 103 4.47 41.66 76.95
N VAL E 104 5.43 41.97 77.80
CA VAL E 104 5.78 41.04 78.87
C VAL E 104 4.63 40.81 79.84
N ASN E 105 4.37 39.56 80.19
CA ASN E 105 3.32 39.27 81.16
C ASN E 105 3.54 38.01 81.95
N LEU E 106 2.68 37.81 82.94
CA LEU E 106 2.69 36.62 83.75
C LEU E 106 2.62 35.36 82.90
N SER E 107 1.69 35.29 81.96
CA SER E 107 1.55 34.10 81.12
C SER E 107 2.83 33.82 80.36
N ILE E 108 3.38 34.88 79.77
CA ILE E 108 4.54 34.75 78.92
C ILE E 108 5.69 34.30 79.76
N LEU E 109 5.83 34.96 80.89
CA LEU E 109 6.95 34.67 81.74
C LEU E 109 6.85 33.24 82.27
N LYS E 110 5.63 32.78 82.52
CA LYS E 110 5.43 31.44 83.04
C LYS E 110 5.78 30.42 81.96
N PHE E 111 5.42 30.76 80.73
CA PHE E 111 5.71 29.90 79.60
C PHE E 111 7.23 29.78 79.42
N LEU E 112 7.87 30.93 79.28
CA LEU E 112 9.30 30.98 79.03
C LEU E 112 10.07 30.31 80.13
N GLY E 113 9.68 30.59 81.37
CA GLY E 113 10.36 30.05 82.53
C GLY E 113 10.21 28.55 82.53
N PHE E 114 8.99 28.10 82.32
CA PHE E 114 8.72 26.68 82.28
C PHE E 114 9.70 26.03 81.33
N GLU E 115 9.73 26.51 80.09
CA GLU E 115 10.62 25.91 79.11
C GLU E 115 12.09 26.01 79.46
N GLN E 116 12.50 27.15 80.03
CA GLN E 116 13.91 27.39 80.33
C GLN E 116 14.36 26.47 81.44
N THR E 117 13.41 25.99 82.24
CA THR E 117 13.76 25.05 83.28
C THR E 117 14.31 23.84 82.58
N PHE E 118 13.63 23.48 81.51
CA PHE E 118 13.96 22.26 80.81
C PHE E 118 15.18 22.47 79.97
N LYS E 119 15.32 23.69 79.46
CA LYS E 119 16.45 24.04 78.65
C LYS E 119 17.67 23.89 79.52
N ASN E 120 17.62 24.56 80.66
CA ASN E 120 18.70 24.49 81.63
C ASN E 120 18.93 23.07 82.06
N ALA E 121 17.85 22.31 82.13
CA ALA E 121 17.93 20.92 82.51
C ALA E 121 18.77 20.14 81.51
N LEU E 122 18.67 20.52 80.24
CA LEU E 122 19.30 19.75 79.17
C LEU E 122 20.82 19.81 79.22
N THR E 123 21.35 20.87 79.81
CA THR E 123 22.76 21.17 79.71
C THR E 123 23.62 20.27 80.57
N THR E 124 22.95 19.51 81.45
CA THR E 124 23.62 18.65 82.41
C THR E 124 24.40 19.46 83.42
N LEU E 125 23.96 20.70 83.62
CA LEU E 125 24.64 21.59 84.55
C LEU E 125 23.78 21.84 85.79
N PRO E 126 24.38 22.35 86.88
CA PRO E 126 23.57 22.47 88.09
C PRO E 126 22.70 23.73 88.13
N MET E 127 21.60 23.74 87.38
CA MET E 127 20.73 24.92 87.38
C MET E 127 19.26 24.60 87.52
N GLY E 128 18.58 25.40 88.33
CA GLY E 128 17.14 25.34 88.40
C GLY E 128 16.60 26.26 87.34
N GLY E 129 15.28 26.45 87.31
CA GLY E 129 14.67 27.26 86.27
C GLY E 129 13.95 28.50 86.75
N GLY E 130 14.21 29.61 86.07
CA GLY E 130 13.54 30.87 86.36
C GLY E 130 13.50 31.79 85.15
N LYS E 131 12.70 32.84 85.23
CA LYS E 131 12.62 33.83 84.16
C LYS E 131 11.91 35.03 84.70
N GLY E 132 12.24 36.21 84.19
CA GLY E 132 11.57 37.42 84.60
C GLY E 132 11.65 38.49 83.54
N GLY E 133 11.26 39.70 83.91
CA GLY E 133 11.23 40.82 82.97
C GLY E 133 10.42 41.99 83.47
N SER E 134 9.83 42.74 82.56
CA SER E 134 9.06 43.93 82.87
C SER E 134 8.37 44.44 81.62
N ASP E 135 7.34 45.26 81.80
CA ASP E 135 6.65 45.82 80.64
C ASP E 135 7.35 47.07 80.12
N PHE E 136 8.57 47.29 80.59
CA PHE E 136 9.41 48.42 80.20
C PHE E 136 9.85 48.32 78.74
N ASP E 137 9.86 49.45 78.02
CA ASP E 137 10.14 49.43 76.58
C ASP E 137 11.48 50.06 76.18
N PRO E 138 12.40 49.25 75.59
CA PRO E 138 13.73 49.67 75.14
C PRO E 138 13.67 50.64 73.97
N LYS E 139 12.56 50.55 73.27
CA LYS E 139 12.31 51.37 72.10
C LYS E 139 12.35 52.87 72.41
N GLY E 140 13.37 53.55 71.89
CA GLY E 140 13.44 54.99 71.89
C GLY E 140 13.84 55.66 73.19
N LYS E 141 14.29 54.86 74.15
CA LYS E 141 14.63 55.39 75.46
C LYS E 141 16.13 55.72 75.57
N SER E 142 16.46 56.62 76.50
CA SER E 142 17.83 57.06 76.68
C SER E 142 18.57 56.17 77.66
N GLU E 143 19.89 56.29 77.64
CA GLU E 143 20.75 55.48 78.47
C GLU E 143 20.44 55.70 79.94
N GLY E 144 20.35 56.97 80.33
CA GLY E 144 20.16 57.34 81.71
C GLY E 144 18.86 56.77 82.25
N GLU E 145 17.80 56.95 81.46
CA GLU E 145 16.50 56.42 81.83
C GLU E 145 16.61 54.90 82.07
N VAL E 146 17.47 54.24 81.31
CA VAL E 146 17.66 52.81 81.46
C VAL E 146 18.39 52.50 82.73
N MET E 147 19.42 53.27 83.03
CA MET E 147 20.17 53.07 84.24
C MET E 147 19.26 53.19 85.44
N ARG E 148 18.57 54.32 85.56
CA ARG E 148 17.67 54.55 86.68
C ARG E 148 16.58 53.49 86.73
N PHE E 149 16.13 53.05 85.56
CA PHE E 149 15.08 52.04 85.50
C PHE E 149 15.54 50.71 86.10
N CYS E 150 16.62 50.19 85.55
CA CYS E 150 17.24 48.99 86.07
C CYS E 150 17.49 49.16 87.58
N GLN E 151 17.93 50.34 87.97
CA GLN E 151 18.14 50.69 89.39
C GLN E 151 16.91 50.38 90.23
N ALA E 152 15.78 51.05 89.96
CA ALA E 152 14.56 50.85 90.75
C ALA E 152 14.10 49.39 90.75
N LEU E 153 14.02 48.82 89.56
CA LEU E 153 13.63 47.42 89.39
C LEU E 153 14.42 46.60 90.37
N MET E 154 15.71 46.90 90.44
CA MET E 154 16.60 46.18 91.32
C MET E 154 16.43 46.61 92.76
N THR E 155 15.89 47.79 92.98
CA THR E 155 15.74 48.29 94.33
C THR E 155 14.70 47.41 94.95
N GLU E 156 13.86 46.84 94.10
CA GLU E 156 12.98 45.81 94.60
C GLU E 156 13.64 44.42 94.54
N LEU E 157 14.33 44.13 93.45
CA LEU E 157 14.74 42.77 93.14
C LEU E 157 15.90 42.22 93.96
N TYR E 158 16.81 43.08 94.38
CA TYR E 158 18.09 42.63 94.94
C TYR E 158 17.95 41.63 96.08
N ARG E 159 17.06 41.91 97.02
CA ARG E 159 16.95 41.09 98.23
C ARG E 159 16.52 39.65 97.93
N HIS E 160 16.10 39.39 96.69
CA HIS E 160 15.56 38.07 96.34
C HIS E 160 16.47 37.26 95.44
N LEU E 161 17.68 37.75 95.22
CA LEU E 161 18.59 37.05 94.35
C LEU E 161 19.83 36.54 95.04
N GLY E 162 20.42 35.50 94.46
CA GLY E 162 21.60 34.88 95.05
C GLY E 162 22.19 33.82 94.14
N ALA E 163 23.47 33.54 94.35
CA ALA E 163 24.22 32.65 93.49
C ALA E 163 23.75 31.21 93.61
N ASP E 164 23.26 30.84 94.79
CA ASP E 164 22.68 29.53 94.97
C ASP E 164 21.19 29.71 95.17
N THR E 165 20.71 30.89 94.83
CA THR E 165 19.30 31.17 94.90
C THR E 165 18.79 31.45 93.52
N ASP E 166 19.27 32.53 92.91
CA ASP E 166 18.80 32.89 91.60
C ASP E 166 19.84 33.66 90.81
N VAL E 167 20.14 33.16 89.62
CA VAL E 167 21.14 33.77 88.75
C VAL E 167 20.60 33.95 87.32
N PRO E 168 20.24 35.19 86.95
CA PRO E 168 19.73 35.48 85.61
C PRO E 168 20.75 35.75 84.51
N ALA E 169 20.21 36.13 83.35
CA ALA E 169 21.00 36.44 82.16
C ALA E 169 20.24 37.40 81.25
N GLY E 170 20.70 37.51 80.01
CA GLY E 170 20.13 38.44 79.05
C GLY E 170 19.03 37.86 78.18
N ASP E 171 18.28 38.75 77.55
CA ASP E 171 17.14 38.37 76.72
C ASP E 171 16.61 39.60 75.98
N ILE E 172 15.41 39.49 75.41
CA ILE E 172 14.83 40.59 74.65
C ILE E 172 14.63 41.82 75.53
N GLY E 173 15.08 42.96 75.04
CA GLY E 173 14.93 44.19 75.79
C GLY E 173 15.85 44.21 76.98
N VAL E 174 16.69 43.18 77.09
CA VAL E 174 17.68 43.12 78.16
C VAL E 174 19.04 42.61 77.62
N GLY E 175 20.00 43.52 77.42
CA GLY E 175 21.31 43.20 76.88
C GLY E 175 22.48 43.37 77.85
N GLY E 176 23.69 43.58 77.33
CA GLY E 176 24.89 43.56 78.17
C GLY E 176 25.11 44.77 79.04
N ARG E 177 24.77 45.93 78.49
CA ARG E 177 24.82 47.16 79.25
C ARG E 177 24.04 47.04 80.56
N GLU E 178 22.78 46.65 80.46
CA GLU E 178 21.85 46.62 81.59
C GLU E 178 22.32 45.60 82.59
N VAL E 179 22.99 44.58 82.10
CA VAL E 179 23.60 43.58 82.94
C VAL E 179 24.71 44.26 83.72
N GLY E 180 25.46 45.11 83.03
CA GLY E 180 26.49 45.87 83.68
C GLY E 180 25.89 46.64 84.83
N PHE E 181 24.83 47.38 84.55
CA PHE E 181 24.15 48.18 85.56
C PHE E 181 23.72 47.32 86.73
N MET E 182 22.92 46.30 86.43
CA MET E 182 22.27 45.53 87.47
C MET E 182 23.27 44.72 88.31
N ALA E 183 24.24 44.11 87.65
CA ALA E 183 25.31 43.43 88.37
C ALA E 183 26.05 44.42 89.26
N GLY E 184 26.29 45.61 88.71
CA GLY E 184 27.01 46.64 89.43
C GLY E 184 26.29 47.06 90.68
N MET E 185 24.98 47.22 90.56
CA MET E 185 24.18 47.71 91.65
C MET E 185 23.96 46.63 92.66
N MET E 186 23.80 45.40 92.20
CA MET E 186 23.60 44.31 93.12
C MET E 186 24.86 44.19 93.95
N LYS E 187 26.01 44.28 93.29
CA LYS E 187 27.29 44.27 93.98
C LYS E 187 27.38 45.42 94.97
N LYS E 188 26.85 46.57 94.60
CA LYS E 188 26.90 47.74 95.45
C LYS E 188 26.04 47.51 96.69
N LEU E 189 24.82 47.06 96.46
CA LEU E 189 23.80 46.91 97.50
C LEU E 189 24.19 45.82 98.46
N SER E 190 24.60 44.71 97.89
CA SER E 190 24.95 43.55 98.66
C SER E 190 26.35 43.73 99.19
N ASN E 191 27.07 44.68 98.61
CA ASN E 191 28.49 44.86 98.90
C ASN E 191 29.21 43.55 98.62
N ASN E 192 28.71 42.82 97.63
CA ASN E 192 29.15 41.46 97.35
C ASN E 192 29.27 41.22 95.85
N THR E 193 30.39 40.62 95.42
CA THR E 193 30.74 40.54 94.00
C THR E 193 30.50 39.20 93.36
N ALA E 194 29.88 38.30 94.11
CA ALA E 194 29.57 36.99 93.59
C ALA E 194 28.76 37.17 92.33
N CYS E 195 28.83 36.17 91.47
CA CYS E 195 28.04 36.21 90.27
C CYS E 195 26.56 36.04 90.59
N VAL E 196 25.78 37.08 90.33
CA VAL E 196 24.33 36.94 90.45
C VAL E 196 23.70 37.00 89.07
N PHE E 197 24.38 37.65 88.13
CA PHE E 197 23.92 37.66 86.76
C PHE E 197 24.92 36.95 85.87
N THR E 198 24.42 36.29 84.83
CA THR E 198 25.31 35.70 83.83
C THR E 198 25.27 36.52 82.55
N GLY E 199 26.32 36.37 81.75
CA GLY E 199 26.52 37.20 80.59
C GLY E 199 27.34 38.43 80.91
N LYS E 200 28.22 38.33 81.91
CA LYS E 200 28.99 39.51 82.34
C LYS E 200 30.07 39.91 81.35
N GLY E 201 30.61 41.10 81.54
CA GLY E 201 31.70 41.60 80.73
C GLY E 201 33.00 41.13 81.36
N LEU E 202 33.99 40.88 80.52
CA LEU E 202 35.24 40.29 80.96
C LEU E 202 35.99 41.10 82.01
N SER E 203 35.84 42.41 81.99
CA SER E 203 36.56 43.25 82.94
C SER E 203 36.00 43.14 84.34
N PHE E 204 34.82 42.54 84.47
CA PHE E 204 34.17 42.35 85.77
C PHE E 204 33.54 40.96 85.93
N GLY E 205 34.22 39.94 85.42
CA GLY E 205 33.81 38.57 85.63
C GLY E 205 33.16 37.91 84.43
N GLY E 206 33.20 38.57 83.28
CA GLY E 206 32.60 38.02 82.09
C GLY E 206 33.39 36.87 81.53
N SER E 207 32.84 36.23 80.52
CA SER E 207 33.47 35.04 80.00
C SER E 207 33.72 35.12 78.50
N LEU E 208 34.83 34.50 78.08
CA LEU E 208 35.16 34.35 76.68
C LEU E 208 34.14 33.45 76.00
N ILE E 209 34.06 33.53 74.68
CA ILE E 209 33.25 32.59 73.90
C ILE E 209 31.76 32.76 74.11
N ARG E 210 31.41 33.47 75.17
CA ARG E 210 30.03 33.76 75.47
C ARG E 210 29.28 34.26 74.23
N PRO E 211 29.90 35.13 73.42
CA PRO E 211 29.17 35.48 72.19
C PRO E 211 29.02 34.31 71.23
N GLU E 212 30.03 33.45 71.17
CA GLU E 212 30.11 32.45 70.13
C GLU E 212 29.25 31.26 70.46
N ALA E 213 28.90 31.15 71.73
CA ALA E 213 28.36 29.93 72.31
C ALA E 213 27.23 29.26 71.53
N THR E 214 26.21 30.03 71.18
CA THR E 214 25.01 29.44 70.59
C THR E 214 25.28 28.92 69.20
N GLY E 215 25.98 29.71 68.40
CA GLY E 215 26.26 29.36 67.02
C GLY E 215 27.13 28.12 66.99
N TYR E 216 28.27 28.23 67.66
CA TYR E 216 29.17 27.11 67.81
C TYR E 216 28.37 25.90 68.20
N GLY E 217 27.52 26.09 69.20
CA GLY E 217 26.75 25.00 69.78
C GLY E 217 25.86 24.36 68.75
N LEU E 218 25.26 25.18 67.90
CA LEU E 218 24.40 24.67 66.85
C LEU E 218 25.20 23.83 65.89
N VAL E 219 26.37 24.33 65.48
CA VAL E 219 27.17 23.62 64.50
C VAL E 219 27.63 22.31 65.06
N TYR E 220 28.08 22.36 66.29
CA TYR E 220 28.54 21.18 67.00
C TYR E 220 27.43 20.14 67.09
N PHE E 221 26.28 20.56 67.60
CA PHE E 221 25.14 19.67 67.78
C PHE E 221 24.78 19.01 66.43
N THR E 222 24.85 19.81 65.38
CA THR E 222 24.53 19.32 64.06
C THR E 222 25.56 18.30 63.64
N GLU E 223 26.83 18.61 63.91
CA GLU E 223 27.91 17.69 63.68
C GLU E 223 27.59 16.37 64.36
N ALA E 224 26.99 16.42 65.54
CA ALA E 224 26.64 15.21 66.27
C ALA E 224 25.58 14.42 65.51
N MET E 225 24.48 15.09 65.19
CA MET E 225 23.39 14.40 64.52
C MET E 225 23.88 13.79 63.21
N LEU E 226 24.79 14.49 62.54
CA LEU E 226 25.30 14.03 61.26
C LEU E 226 26.19 12.81 61.47
N LYS E 227 27.04 12.89 62.46
CA LYS E 227 28.05 11.88 62.72
C LYS E 227 27.42 10.57 63.15
N ARG E 228 26.33 10.66 63.93
CA ARG E 228 25.65 9.45 64.40
C ARG E 228 25.19 8.62 63.23
N HIS E 229 24.65 9.29 62.24
CA HIS E 229 24.04 8.60 61.11
C HIS E 229 24.98 8.61 59.90
N GLY E 230 26.28 8.46 60.17
CA GLY E 230 27.28 8.29 59.13
C GLY E 230 27.38 9.42 58.12
N MET E 231 27.26 10.65 58.59
CA MET E 231 27.29 11.81 57.71
C MET E 231 28.14 12.91 58.31
N GLY E 232 28.26 14.03 57.61
CA GLY E 232 29.09 15.13 58.07
C GLY E 232 28.87 16.49 57.42
N PHE E 233 29.31 17.53 58.12
CA PHE E 233 29.29 18.91 57.64
C PHE E 233 30.26 19.07 56.47
N GLU E 234 31.20 18.14 56.36
CA GLU E 234 32.33 18.28 55.45
C GLU E 234 31.93 18.52 53.99
N GLY E 235 32.31 19.68 53.49
CA GLY E 235 32.15 20.02 52.09
C GLY E 235 30.71 20.12 51.62
N MET E 236 29.81 20.40 52.57
CA MET E 236 28.39 20.45 52.24
C MET E 236 27.92 21.87 51.95
N ARG E 237 26.89 22.00 51.13
CA ARG E 237 26.22 23.29 50.91
C ARG E 237 25.34 23.56 52.12
N VAL E 238 25.43 24.76 52.66
CA VAL E 238 24.68 25.07 53.86
C VAL E 238 23.89 26.35 53.74
N SER E 239 22.64 26.29 54.17
CA SER E 239 21.80 27.47 54.11
C SER E 239 21.52 28.03 55.50
N VAL E 240 21.82 29.32 55.66
CA VAL E 240 21.70 30.01 56.94
C VAL E 240 20.71 31.16 56.84
N SER E 241 19.85 31.28 57.85
CA SER E 241 18.95 32.41 57.92
C SER E 241 19.33 33.32 59.08
N GLY E 242 19.03 34.61 58.94
CA GLY E 242 19.31 35.57 59.99
C GLY E 242 20.71 36.15 59.90
N SER E 243 20.95 37.21 60.65
CA SER E 243 22.24 37.89 60.69
C SER E 243 22.54 38.35 62.09
N GLY E 244 21.87 37.73 63.06
CA GLY E 244 22.07 38.09 64.45
C GLY E 244 23.27 37.38 65.03
N ASN E 245 23.41 37.51 66.35
CA ASN E 245 24.49 36.89 67.09
C ASN E 245 24.84 35.47 66.66
N VAL E 246 23.81 34.62 66.59
CA VAL E 246 24.01 33.21 66.29
C VAL E 246 24.64 32.97 64.92
N ALA E 247 24.03 33.57 63.90
CA ALA E 247 24.31 33.25 62.50
C ALA E 247 25.77 33.43 62.12
N GLN E 248 26.33 34.54 62.57
CA GLN E 248 27.66 34.93 62.22
C GLN E 248 28.63 33.82 62.61
N TYR E 249 28.65 33.54 63.90
CA TYR E 249 29.59 32.58 64.45
C TYR E 249 29.23 31.19 63.99
N ALA E 250 27.98 31.03 63.59
CA ALA E 250 27.58 29.79 62.97
C ALA E 250 28.39 29.65 61.71
N ILE E 251 28.49 30.73 60.97
CA ILE E 251 29.24 30.68 59.74
C ILE E 251 30.68 30.39 60.03
N GLU E 252 31.25 31.11 60.99
CA GLU E 252 32.65 30.85 61.37
C GLU E 252 32.86 29.36 61.62
N LYS E 253 32.13 28.82 62.60
CA LYS E 253 32.30 27.42 63.00
C LYS E 253 32.05 26.48 61.83
N ALA E 254 31.18 26.91 60.95
CA ALA E 254 30.87 26.15 59.76
C ALA E 254 32.14 25.99 58.94
N MET E 255 32.76 27.10 58.59
CA MET E 255 33.99 27.03 57.83
C MET E 255 35.08 26.24 58.55
N GLU E 256 35.12 26.37 59.88
CA GLU E 256 36.08 25.62 60.67
C GLU E 256 35.90 24.10 60.48
N PHE E 257 34.65 23.67 60.33
CA PHE E 257 34.36 22.26 60.08
C PHE E 257 34.57 21.89 58.62
N GLY E 258 35.00 22.87 57.81
CA GLY E 258 35.26 22.64 56.41
C GLY E 258 34.01 22.71 55.56
N ALA E 259 32.96 23.30 56.13
CA ALA E 259 31.71 23.40 55.41
C ALA E 259 31.75 24.53 54.39
N ARG E 260 30.76 24.53 53.51
CA ARG E 260 30.57 25.59 52.53
C ARG E 260 29.24 26.30 52.80
N VAL E 261 29.33 27.57 53.19
CA VAL E 261 28.15 28.34 53.59
C VAL E 261 27.64 29.17 52.43
N ILE E 262 26.49 28.82 51.88
CA ILE E 262 26.06 29.48 50.65
C ILE E 262 25.08 30.63 50.89
N THR E 263 24.69 30.86 52.13
CA THR E 263 23.73 31.92 52.44
C THR E 263 24.05 32.68 53.72
N ALA E 264 23.50 33.90 53.77
CA ALA E 264 23.34 34.65 55.02
C ALA E 264 22.12 35.52 54.77
N SER E 265 21.50 36.08 55.81
CA SER E 265 20.27 36.83 55.55
C SER E 265 19.96 37.89 56.58
N ASP E 266 19.17 38.87 56.21
CA ASP E 266 18.60 39.76 57.20
C ASP E 266 17.09 39.81 57.03
N SER E 267 16.44 40.61 57.86
CA SER E 267 14.98 40.70 57.85
C SER E 267 14.43 41.24 56.52
N SER E 268 15.32 41.70 55.65
CA SER E 268 14.91 42.24 54.35
C SER E 268 15.15 41.25 53.23
N GLY E 269 16.27 40.54 53.29
CA GLY E 269 16.56 39.59 52.25
C GLY E 269 17.79 38.74 52.50
N THR E 270 18.28 38.09 51.45
CA THR E 270 19.31 37.09 51.65
C THR E 270 20.50 37.23 50.68
N VAL E 271 21.72 37.05 51.18
CA VAL E 271 22.88 36.98 50.29
C VAL E 271 23.26 35.54 50.04
N VAL E 272 23.63 35.27 48.79
CA VAL E 272 24.04 33.96 48.38
C VAL E 272 25.33 34.04 47.60
N ASP E 273 26.24 33.13 47.90
CA ASP E 273 27.45 33.02 47.13
C ASP E 273 27.86 31.58 47.16
N GLU E 274 27.44 30.82 46.15
CA GLU E 274 27.68 29.39 46.13
C GLU E 274 29.15 29.05 45.96
N SER E 275 29.98 30.06 45.67
CA SER E 275 31.42 29.85 45.66
C SER E 275 31.88 29.74 47.12
N GLY E 276 31.13 30.39 48.01
CA GLY E 276 31.33 30.24 49.45
C GLY E 276 31.71 31.51 50.20
N PHE E 277 31.19 31.63 51.43
CA PHE E 277 31.60 32.68 52.36
C PHE E 277 33.06 32.47 52.78
N THR E 278 33.72 33.54 53.24
CA THR E 278 35.07 33.43 53.74
C THR E 278 35.26 34.24 55.00
N LYS E 279 36.41 34.05 55.64
CA LYS E 279 36.72 34.73 56.86
C LYS E 279 36.68 36.22 56.64
N GLU E 280 37.14 36.66 55.48
CA GLU E 280 37.21 38.08 55.18
C GLU E 280 35.80 38.55 54.89
N LYS E 281 35.07 37.71 54.19
CA LYS E 281 33.70 37.99 53.86
C LYS E 281 32.87 38.04 55.11
N LEU E 282 33.08 37.04 55.97
CA LEU E 282 32.38 37.01 57.24
C LEU E 282 32.71 38.27 58.01
N ALA E 283 33.99 38.60 58.09
CA ALA E 283 34.45 39.74 58.88
C ALA E 283 33.80 41.03 58.42
N ARG E 284 33.88 41.30 57.13
CA ARG E 284 33.26 42.49 56.56
C ARG E 284 31.77 42.52 56.89
N LEU E 285 31.13 41.36 56.71
CA LEU E 285 29.72 41.23 56.98
C LEU E 285 29.40 41.62 58.41
N ILE E 286 30.21 41.15 59.34
CA ILE E 286 30.07 41.45 60.76
C ILE E 286 30.19 42.94 60.93
N GLU E 287 31.18 43.52 60.25
CA GLU E 287 31.40 44.96 60.33
C GLU E 287 30.11 45.70 60.05
N ILE E 288 29.57 45.51 58.85
CA ILE E 288 28.37 46.27 58.48
C ILE E 288 27.16 45.93 59.36
N LYS E 289 27.05 44.66 59.74
CA LYS E 289 25.85 44.20 60.41
C LYS E 289 25.78 44.61 61.88
N SER E 290 26.93 44.63 62.54
CA SER E 290 27.01 45.00 63.94
C SER E 290 26.69 46.47 64.06
N SER E 291 26.97 47.20 62.99
CA SER E 291 26.68 48.61 62.94
C SER E 291 25.20 48.83 62.76
N ARG E 292 24.64 49.64 63.67
CA ARG E 292 23.30 50.20 63.58
C ARG E 292 22.33 49.53 62.62
N ASP E 293 22.15 50.14 61.45
CA ASP E 293 21.29 49.58 60.42
C ASP E 293 22.09 48.53 59.67
N GLY E 294 22.77 48.96 58.60
CA GLY E 294 23.68 48.09 57.85
C GLY E 294 23.04 46.90 57.16
N ARG E 295 23.15 46.82 55.85
CA ARG E 295 22.45 45.79 55.11
C ARG E 295 23.30 44.67 54.52
N VAL E 296 22.79 43.46 54.69
CA VAL E 296 23.31 42.28 54.00
C VAL E 296 23.31 42.57 52.50
N ALA E 297 22.30 43.32 52.05
CA ALA E 297 22.21 43.74 50.64
C ALA E 297 23.43 44.54 50.21
N ASP E 298 23.84 45.48 51.04
CA ASP E 298 24.99 46.32 50.75
C ASP E 298 26.25 45.47 50.72
N TYR E 299 26.23 44.41 51.51
CA TYR E 299 27.33 43.47 51.59
C TYR E 299 27.44 42.64 50.32
N ALA E 300 26.30 42.13 49.86
CA ALA E 300 26.22 41.38 48.62
C ALA E 300 26.69 42.28 47.50
N LYS E 301 26.28 43.53 47.57
CA LYS E 301 26.69 44.54 46.62
C LYS E 301 28.19 44.74 46.71
N GLU E 302 28.73 44.54 47.90
CA GLU E 302 30.13 44.84 48.17
C GLU E 302 31.08 43.76 47.63
N PHE E 303 30.74 42.50 47.85
CA PHE E 303 31.58 41.39 47.35
C PHE E 303 31.10 40.88 45.99
N GLY E 304 30.27 41.66 45.32
CA GLY E 304 29.70 41.28 44.04
C GLY E 304 28.86 40.03 44.15
N LEU E 305 28.05 39.98 45.20
CA LEU E 305 27.26 38.78 45.47
C LEU E 305 25.78 38.99 45.22
N VAL E 306 25.10 37.89 44.95
CA VAL E 306 23.69 37.94 44.66
C VAL E 306 22.93 38.34 45.90
N TYR E 307 21.97 39.24 45.75
CA TYR E 307 21.09 39.54 46.84
C TYR E 307 19.64 39.30 46.47
N LEU E 308 18.86 38.84 47.45
CA LEU E 308 17.46 38.52 47.27
C LEU E 308 16.60 39.43 48.13
N GLU E 309 15.88 40.33 47.48
CA GLU E 309 15.06 41.33 48.16
C GLU E 309 13.70 40.81 48.59
N GLY E 310 13.45 40.86 49.89
CA GLY E 310 12.18 40.44 50.43
C GLY E 310 12.08 38.93 50.56
N GLN E 311 13.21 38.25 50.38
CA GLN E 311 13.14 36.81 50.19
C GLN E 311 14.04 35.98 51.12
N GLN E 312 13.72 34.70 51.18
CA GLN E 312 14.36 33.75 52.09
C GLN E 312 15.26 32.80 51.30
N PRO E 313 16.18 32.10 51.99
CA PRO E 313 17.20 31.31 51.27
C PRO E 313 16.71 30.02 50.63
N TRP E 314 15.45 29.66 50.84
CA TRP E 314 15.04 28.27 50.72
C TRP E 314 14.97 27.65 49.32
N SER E 315 14.96 28.47 48.28
CA SER E 315 14.86 27.93 46.95
C SER E 315 16.18 27.34 46.51
N VAL E 316 17.24 27.67 47.23
CA VAL E 316 18.57 27.22 46.84
C VAL E 316 18.91 25.84 47.38
N PRO E 317 19.27 24.92 46.47
CA PRO E 317 19.66 23.55 46.79
C PRO E 317 20.78 23.53 47.80
N VAL E 318 20.59 22.74 48.85
CA VAL E 318 21.47 22.73 49.98
C VAL E 318 21.32 21.41 50.72
N ASP E 319 22.34 21.00 51.46
CA ASP E 319 22.30 19.73 52.16
C ASP E 319 21.78 19.91 53.57
N ILE E 320 22.10 21.05 54.19
CA ILE E 320 21.67 21.33 55.54
C ILE E 320 21.07 22.73 55.69
N ALA E 321 19.88 22.78 56.28
CA ALA E 321 19.19 24.05 56.52
C ALA E 321 19.14 24.41 57.99
N LEU E 322 19.58 25.62 58.30
CA LEU E 322 19.59 26.08 59.69
C LEU E 322 18.86 27.40 59.83
N PRO E 323 17.58 27.32 60.18
CA PRO E 323 16.76 28.51 60.48
C PRO E 323 17.22 29.13 61.78
N CYS E 324 17.73 30.35 61.72
CA CYS E 324 18.36 30.96 62.89
C CYS E 324 18.09 32.46 63.02
N ALA E 325 16.91 32.89 62.58
CA ALA E 325 16.53 34.30 62.67
C ALA E 325 15.42 34.53 63.70
N THR E 326 14.20 34.07 63.40
CA THR E 326 13.06 34.26 64.29
C THR E 326 12.10 33.08 64.29
N GLN E 327 11.15 33.12 65.20
CA GLN E 327 10.17 32.06 65.34
C GLN E 327 9.29 32.00 64.10
N ASN E 328 8.88 30.78 63.73
CA ASN E 328 7.96 30.55 62.62
C ASN E 328 8.42 31.15 61.29
N GLU E 329 9.73 31.24 61.11
CA GLU E 329 10.27 31.73 59.86
C GLU E 329 10.30 30.62 58.82
N LEU E 330 9.81 29.43 59.18
CA LEU E 330 9.92 28.27 58.30
C LEU E 330 8.67 27.38 58.31
N ASP E 331 7.93 27.37 57.21
CA ASP E 331 6.67 26.59 57.15
C ASP E 331 6.68 25.38 56.22
N VAL E 332 5.47 24.93 55.93
CA VAL E 332 5.24 23.70 55.18
C VAL E 332 5.82 23.73 53.78
N ASP E 333 5.41 24.71 52.98
CA ASP E 333 5.86 24.84 51.59
C ASP E 333 7.38 24.81 51.51
N ALA E 334 8.02 25.54 52.41
CA ALA E 334 9.47 25.63 52.43
C ALA E 334 10.09 24.31 52.83
N ALA E 335 9.57 23.71 53.89
CA ALA E 335 9.96 22.37 54.28
C ALA E 335 9.97 21.47 53.06
N HIS E 336 8.89 21.51 52.30
CA HIS E 336 8.75 20.75 51.07
C HIS E 336 9.83 21.03 50.00
N GLN E 337 10.00 22.29 49.59
CA GLN E 337 10.98 22.61 48.53
C GLN E 337 12.39 22.21 48.97
N LEU E 338 12.64 22.34 50.28
CA LEU E 338 13.85 21.83 50.89
C LEU E 338 13.96 20.35 50.61
N ILE E 339 12.88 19.63 50.89
CA ILE E 339 12.81 18.19 50.69
C ILE E 339 13.17 17.81 49.25
N ALA E 340 12.60 18.54 48.29
CA ALA E 340 12.87 18.29 46.89
C ALA E 340 14.34 18.51 46.61
N ASN E 341 14.96 19.40 47.39
CA ASN E 341 16.33 19.79 47.14
C ASN E 341 17.40 18.87 47.71
N GLY E 342 16.98 17.72 48.23
CA GLY E 342 17.92 16.71 48.70
C GLY E 342 18.53 16.99 50.06
N VAL E 343 17.85 17.81 50.86
CA VAL E 343 18.32 18.14 52.19
C VAL E 343 18.38 16.88 53.04
N LYS E 344 19.32 16.82 53.96
CA LYS E 344 19.48 15.62 54.76
C LYS E 344 19.42 15.97 56.23
N ALA E 345 19.49 17.25 56.54
CA ALA E 345 19.44 17.70 57.93
C ALA E 345 19.03 19.16 58.11
N VAL E 346 18.26 19.41 59.17
CA VAL E 346 17.79 20.74 59.53
C VAL E 346 17.91 20.98 61.03
N ALA E 347 18.50 22.10 61.41
CA ALA E 347 18.65 22.39 62.83
C ALA E 347 18.30 23.83 63.19
N GLU E 348 17.69 24.01 64.35
CA GLU E 348 17.17 25.32 64.75
C GLU E 348 18.18 26.15 65.53
N GLY E 349 18.54 27.29 64.96
CA GLY E 349 19.37 28.24 65.67
C GLY E 349 18.51 29.13 66.55
N ALA E 350 17.40 29.60 66.00
CA ALA E 350 16.47 30.42 66.77
C ALA E 350 15.59 29.54 67.65
N ASN E 351 14.72 30.17 68.41
CA ASN E 351 13.77 29.45 69.26
C ASN E 351 12.51 29.12 68.47
N MET E 352 12.31 27.84 68.20
CA MET E 352 11.16 27.35 67.42
C MET E 352 10.93 28.06 66.08
N PRO E 353 11.97 28.21 65.25
CA PRO E 353 11.73 28.87 63.97
C PRO E 353 10.90 27.99 63.03
N THR E 354 10.86 26.70 63.31
CA THR E 354 10.19 25.72 62.46
C THR E 354 8.80 25.42 62.99
N THR E 355 7.82 25.40 62.08
CA THR E 355 6.45 25.07 62.46
C THR E 355 6.33 23.61 62.86
N ILE E 356 5.27 23.32 63.60
CA ILE E 356 4.96 21.98 64.04
C ILE E 356 4.70 21.09 62.84
N GLU E 357 3.93 21.60 61.89
CA GLU E 357 3.59 20.84 60.71
C GLU E 357 4.87 20.41 60.00
N ALA E 358 5.77 21.37 59.82
CA ALA E 358 7.03 21.12 59.15
C ALA E 358 7.81 20.10 59.96
N THR E 359 7.74 20.23 61.27
CA THR E 359 8.37 19.28 62.16
C THR E 359 7.90 17.87 61.79
N GLU E 360 6.58 17.69 61.76
CA GLU E 360 5.97 16.43 61.38
C GLU E 360 6.50 15.91 60.07
N LEU E 361 6.50 16.76 59.05
CA LEU E 361 6.94 16.37 57.72
C LEU E 361 8.35 15.83 57.78
N PHE E 362 9.25 16.66 58.32
CA PHE E 362 10.67 16.36 58.39
C PHE E 362 10.90 15.01 59.06
N GLN E 363 10.23 14.80 60.18
CA GLN E 363 10.34 13.52 60.87
C GLN E 363 9.84 12.39 59.96
N GLN E 364 8.74 12.65 59.26
CA GLN E 364 8.14 11.67 58.37
C GLN E 364 9.03 11.42 57.17
N ALA E 365 9.76 12.45 56.75
CA ALA E 365 10.51 12.36 55.51
C ALA E 365 11.86 11.69 55.70
N GLY E 366 12.17 11.30 56.94
CA GLY E 366 13.47 10.72 57.23
C GLY E 366 14.50 11.83 57.26
N VAL E 367 14.02 13.06 57.46
CA VAL E 367 14.92 14.20 57.56
C VAL E 367 15.38 14.34 58.99
N LEU E 368 16.69 14.48 59.14
CA LEU E 368 17.27 14.74 60.44
C LEU E 368 16.83 16.11 60.95
N PHE E 369 16.35 16.17 62.18
CA PHE E 369 15.93 17.44 62.74
C PHE E 369 16.43 17.66 64.15
N ALA E 370 17.10 18.79 64.35
CA ALA E 370 17.59 19.17 65.66
C ALA E 370 16.83 20.39 66.15
N PRO E 371 16.06 20.22 67.23
CA PRO E 371 15.23 21.27 67.81
C PRO E 371 16.08 22.33 68.51
N GLY E 372 15.59 23.56 68.52
CA GLY E 372 16.27 24.65 69.20
C GLY E 372 16.52 24.30 70.65
N LYS E 373 15.52 23.68 71.26
CA LYS E 373 15.59 23.25 72.67
C LYS E 373 16.95 22.67 73.06
N ALA E 374 17.61 22.01 72.10
CA ALA E 374 18.89 21.40 72.35
C ALA E 374 19.96 22.11 71.57
N ALA E 375 19.67 22.29 70.29
CA ALA E 375 20.66 22.81 69.37
C ALA E 375 21.16 24.18 69.78
N ASN E 376 20.23 25.05 70.22
CA ASN E 376 20.64 26.41 70.57
C ASN E 376 21.05 26.55 72.02
N ALA E 377 21.29 25.41 72.67
CA ALA E 377 21.63 25.42 74.09
C ALA E 377 23.02 26.01 74.36
N GLY E 378 23.77 26.33 73.31
CA GLY E 378 25.12 26.84 73.46
C GLY E 378 25.27 28.00 74.42
N GLY E 379 24.54 29.08 74.17
CA GLY E 379 24.61 30.28 74.97
C GLY E 379 24.41 30.08 76.45
N VAL E 380 23.29 29.47 76.82
CA VAL E 380 22.95 29.28 78.23
C VAL E 380 23.92 28.29 78.88
N ALA E 381 24.37 27.31 78.11
CA ALA E 381 25.29 26.32 78.64
C ALA E 381 26.55 27.05 79.03
N THR E 382 26.95 27.93 78.14
CA THR E 382 28.07 28.78 78.42
C THR E 382 27.77 29.70 79.59
N SER E 383 26.50 30.00 79.84
CA SER E 383 26.19 30.79 81.02
C SER E 383 26.50 29.96 82.25
N GLY E 384 26.23 28.66 82.17
CA GLY E 384 26.60 27.74 83.22
C GLY E 384 28.11 27.78 83.36
N LEU E 385 28.79 27.97 82.24
CA LEU E 385 30.24 28.05 82.24
C LEU E 385 30.67 29.27 83.02
N GLU E 386 29.91 30.34 82.85
CA GLU E 386 30.17 31.56 83.58
C GLU E 386 29.99 31.31 85.07
N MET E 387 28.97 30.52 85.43
CA MET E 387 28.76 30.12 86.81
C MET E 387 30.02 29.51 87.37
N ALA E 388 30.50 28.49 86.66
CA ALA E 388 31.73 27.80 87.04
C ALA E 388 32.88 28.77 87.25
N GLN E 389 33.10 29.63 86.25
CA GLN E 389 34.21 30.57 86.30
C GLN E 389 34.16 31.51 87.51
N ASN E 390 33.03 32.20 87.68
CA ASN E 390 32.87 33.14 88.78
C ASN E 390 33.01 32.46 90.12
N ALA E 391 32.48 31.24 90.21
CA ALA E 391 32.66 30.44 91.40
C ALA E 391 34.16 30.19 91.64
N ALA E 392 34.93 30.02 90.57
CA ALA E 392 36.36 29.71 90.69
C ALA E 392 37.25 30.92 90.94
N ARG E 393 36.68 32.11 90.78
CA ARG E 393 37.43 33.37 90.89
C ARG E 393 38.63 33.37 89.95
N LEU E 394 38.51 32.61 88.87
CA LEU E 394 39.56 32.49 87.87
C LEU E 394 38.98 32.51 86.46
N GLY E 395 39.70 33.11 85.53
CA GLY E 395 39.25 33.22 84.15
C GLY E 395 39.74 32.07 83.28
N TRP E 396 38.88 31.61 82.38
CA TRP E 396 39.19 30.47 81.53
C TRP E 396 39.64 30.90 80.14
N LYS E 397 40.51 30.10 79.54
CA LYS E 397 40.88 30.29 78.15
C LYS E 397 39.71 29.95 77.27
N ALA E 398 39.67 30.54 76.08
CA ALA E 398 38.60 30.28 75.13
C ALA E 398 38.52 28.80 74.77
N GLU E 399 39.68 28.13 74.75
CA GLU E 399 39.73 26.72 74.38
C GLU E 399 39.06 25.86 75.43
N LYS E 400 39.23 26.27 76.68
CA LYS E 400 38.63 25.55 77.78
C LYS E 400 37.12 25.62 77.65
N VAL E 401 36.62 26.82 77.35
CA VAL E 401 35.20 27.04 77.19
C VAL E 401 34.67 26.20 76.03
N ASP E 402 35.36 26.27 74.89
CA ASP E 402 34.91 25.56 73.70
C ASP E 402 34.87 24.07 73.93
N ALA E 403 35.92 23.55 74.54
CA ALA E 403 36.01 22.14 74.81
C ALA E 403 34.91 21.70 75.76
N ARG E 404 34.77 22.42 76.87
CA ARG E 404 33.76 22.11 77.88
C ARG E 404 32.39 22.06 77.26
N LEU E 405 32.01 23.16 76.61
CA LEU E 405 30.72 23.31 75.96
C LEU E 405 30.52 22.16 74.97
N HIS E 406 31.57 21.90 74.21
CA HIS E 406 31.57 20.85 73.20
C HIS E 406 31.17 19.55 73.87
N HIS E 407 31.79 19.27 75.00
CA HIS E 407 31.50 18.06 75.76
C HIS E 407 30.05 18.03 76.19
N ILE E 408 29.54 19.17 76.65
CA ILE E 408 28.15 19.25 77.04
C ILE E 408 27.27 18.86 75.89
N MET E 409 27.60 19.32 74.70
CA MET E 409 26.80 18.95 73.54
C MET E 409 26.94 17.45 73.23
N LEU E 410 28.09 16.88 73.54
CA LEU E 410 28.24 15.43 73.35
C LEU E 410 27.34 14.66 74.28
N ASP E 411 27.22 15.16 75.50
CA ASP E 411 26.41 14.53 76.52
C ASP E 411 24.95 14.71 76.22
N ILE E 412 24.61 15.88 75.70
CA ILE E 412 23.24 16.21 75.35
C ILE E 412 22.87 15.27 74.22
N HIS E 413 23.81 15.04 73.32
CA HIS E 413 23.52 14.21 72.18
C HIS E 413 23.32 12.77 72.59
N HIS E 414 24.27 12.29 73.39
CA HIS E 414 24.19 10.96 73.96
C HIS E 414 22.82 10.78 74.60
N ALA E 415 22.39 11.81 75.33
CA ALA E 415 21.10 11.79 76.01
C ALA E 415 19.97 11.67 75.02
N CYS E 416 20.11 12.36 73.90
CA CYS E 416 19.07 12.35 72.89
C CYS E 416 18.91 10.95 72.37
N VAL E 417 20.04 10.29 72.10
CA VAL E 417 19.98 8.97 71.52
C VAL E 417 19.42 7.95 72.50
N GLU E 418 19.66 8.16 73.80
CA GLU E 418 19.06 7.24 74.78
C GLU E 418 17.55 7.28 74.65
N HIS E 419 17.02 8.48 74.43
CA HIS E 419 15.58 8.69 74.40
C HIS E 419 15.12 8.86 72.97
N GLY E 420 15.98 8.54 72.03
CA GLY E 420 15.70 8.83 70.64
C GLY E 420 14.92 7.79 69.90
N GLY E 421 14.68 6.65 70.53
CA GLY E 421 13.96 5.57 69.88
C GLY E 421 14.92 4.64 69.14
N GLU E 422 14.36 3.61 68.52
CA GLU E 422 15.17 2.55 67.90
C GLU E 422 15.18 2.67 66.39
N GLY E 423 14.52 3.71 65.88
CA GLY E 423 14.51 3.97 64.46
C GLY E 423 15.88 4.29 63.93
N GLU E 424 16.03 4.23 62.62
CA GLU E 424 17.31 4.49 61.97
C GLU E 424 17.74 5.93 62.19
N GLN E 425 16.76 6.78 62.51
CA GLN E 425 17.04 8.17 62.86
C GLN E 425 16.47 8.49 64.22
N THR E 426 17.22 9.25 65.00
CA THR E 426 16.79 9.65 66.33
C THR E 426 15.69 10.71 66.28
N ASN E 427 14.64 10.54 67.09
CA ASN E 427 13.63 11.58 67.24
C ASN E 427 14.04 12.53 68.34
N TYR E 428 14.45 13.71 67.92
CA TYR E 428 15.12 14.60 68.84
C TYR E 428 14.17 15.39 69.72
N VAL E 429 12.95 15.60 69.24
CA VAL E 429 11.95 16.30 70.05
C VAL E 429 11.69 15.47 71.31
N GLN E 430 11.19 14.25 71.09
CA GLN E 430 10.94 13.30 72.17
C GLN E 430 12.20 13.14 73.02
N GLY E 431 13.31 12.85 72.36
CA GLY E 431 14.56 12.58 73.05
C GLY E 431 14.95 13.67 74.02
N ALA E 432 14.89 14.91 73.57
CA ALA E 432 15.34 16.02 74.38
C ALA E 432 14.38 16.25 75.51
N ASN E 433 13.13 16.55 75.12
CA ASN E 433 12.11 16.86 76.11
C ASN E 433 12.18 15.86 77.23
N ILE E 434 12.19 14.60 76.85
CA ILE E 434 12.23 13.54 77.82
C ILE E 434 13.53 13.57 78.58
N ALA E 435 14.61 13.96 77.91
CA ALA E 435 15.89 13.96 78.58
C ALA E 435 15.80 14.91 79.75
N GLY E 436 15.66 16.19 79.43
CA GLY E 436 15.58 17.23 80.44
C GLY E 436 14.56 16.88 81.51
N PHE E 437 13.39 16.45 81.06
CA PHE E 437 12.31 16.18 81.98
C PHE E 437 12.70 15.10 82.95
N VAL E 438 13.35 14.06 82.44
CA VAL E 438 13.72 12.94 83.26
C VAL E 438 14.70 13.41 84.31
N LYS E 439 15.63 14.27 83.92
CA LYS E 439 16.59 14.75 84.91
C LYS E 439 15.93 15.53 86.03
N VAL E 440 15.13 16.52 85.66
CA VAL E 440 14.42 17.35 86.63
C VAL E 440 13.61 16.47 87.55
N ALA E 441 12.84 15.58 86.94
CA ALA E 441 11.97 14.67 87.66
C ALA E 441 12.76 13.86 88.66
N ASP E 442 13.91 13.34 88.23
CA ASP E 442 14.76 12.54 89.09
C ASP E 442 15.09 13.36 90.30
N ALA E 443 15.47 14.60 90.05
CA ALA E 443 15.78 15.49 91.16
C ALA E 443 14.57 15.62 92.10
N MET E 444 13.41 15.94 91.53
CA MET E 444 12.23 16.23 92.33
C MET E 444 11.83 15.05 93.20
N LEU E 445 11.85 13.86 92.60
CA LEU E 445 11.48 12.66 93.32
C LEU E 445 12.49 12.42 94.41
N ALA E 446 13.74 12.75 94.09
CA ALA E 446 14.83 12.57 95.04
C ALA E 446 14.65 13.40 96.30
N GLN E 447 14.12 14.62 96.17
CA GLN E 447 14.05 15.55 97.30
C GLN E 447 12.65 15.64 97.96
N GLY E 448 11.77 14.71 97.59
CA GLY E 448 10.50 14.58 98.29
C GLY E 448 9.52 15.73 98.16
N VAL E 449 8.71 15.91 99.18
CA VAL E 449 7.56 16.80 99.11
C VAL E 449 7.88 18.15 99.74
N ILE E 450 7.94 19.19 98.91
CA ILE E 450 8.29 20.50 99.42
C ILE E 450 7.33 21.62 98.98
#